data_6ZFX
#
_entry.id   6ZFX
#
_cell.length_a   1.00
_cell.length_b   1.00
_cell.length_c   1.00
_cell.angle_alpha   90.00
_cell.angle_beta   90.00
_cell.angle_gamma   90.00
#
_symmetry.space_group_name_H-M   'P 1'
#
loop_
_entity.id
_entity.type
_entity.pdbx_description
1 polymer 'NAD(+) hydrolase SARM1'
2 non-polymer (~{E})-4-methylnon-4-enedial
#
_entity_poly.entity_id   1
_entity_poly.type   'polypeptide(L)'
_entity_poly.pdbx_seq_one_letter_code
;MSYHHHHHHDYDIPTTENLYFQGAMGSERLAVPGPDGGGGTGPWWAAGGRGPREVSPGAGTEVQDALERALPELQQALSA
LKQAGGARAVGAGLAEVFQLVEEAWLLPAVGREVAQGLCDAIRLDGGLDLLLRLLQAPELETRVQAARLLEQILVAENRD
RVARIGLGVILNLAKEREPVELARSVAGILEHMFKHSEETCQRLVAAGGLDAVLYWCRRTDPALLRHCALALGNCALHGG
QAVQRRMVEKRAAEWLFPLAFSKEDELLRLHACLAVAVLATNKEVEREVERSGTLALVEPLVASLDPGRFARCLVDASDT
SQGRGPDDLQRLVPLLDSNRLEAQCIGAFYLCAEAAIKSLQGKTKVFSDIGAIQSLKRLVSYSTNGTKSALAKRALRLLG
EEVPRPILPSVPSWKEAEVQTWLQQIGFSKYCESFREQQVDGDLLLRLTEEELQTDLGMKSGITRKRFFRELTELKTFAN
YSTCDRSNLADWLGSLDPRFRQYTYGLVSCGLDRSLLHRVSEQQLLEDCGIHLGVHRARILTAAREMLHSPLPCTGGKPS
GDTPDVFISYRRNSGSQLASLLKVHLQLHGFSVFIDVEKLEAGKFEDKLIQSVMGARNFVLVLSPGALDKCMQDHDCKDW
VHKQIVTALSCGKNIVPIIDGFEWPEPQVLPEDMQAVLTFNGIKWSHEYQEATIEKIIRFLQGRSSRDSSAGSDTSLEGA
APMGPT
;
_entity_poly.pdbx_strand_id   A,B,C,D,E,F,G,H
#
loop_
_chem_comp.id
_chem_comp.type
_chem_comp.name
_chem_comp.formula
S1N non-polymer (~{E})-4-methylnon-4-enedial 'C10 H16 O2'
#
# COMPACT_ATOMS: atom_id res chain seq x y z
N GLY A 58 74.93 25.20 13.66
CA GLY A 58 75.85 24.20 14.26
C GLY A 58 76.11 23.02 13.31
N ALA A 59 75.02 22.44 12.80
CA ALA A 59 75.09 21.34 11.84
C ALA A 59 75.47 21.89 10.47
N GLY A 60 74.70 22.88 10.00
CA GLY A 60 74.91 23.53 8.71
C GLY A 60 76.35 24.02 8.54
N THR A 61 76.89 24.64 9.60
CA THR A 61 78.24 25.18 9.61
C THR A 61 79.26 24.11 9.19
N GLU A 62 79.01 22.86 9.63
CA GLU A 62 79.86 21.72 9.37
C GLU A 62 79.60 21.18 7.96
N VAL A 63 78.31 21.16 7.55
CA VAL A 63 77.89 20.74 6.22
C VAL A 63 78.54 21.66 5.19
N GLN A 64 78.42 22.98 5.42
CA GLN A 64 79.06 24.01 4.61
C GLN A 64 80.57 23.76 4.56
N ASP A 65 81.19 23.61 5.75
CA ASP A 65 82.59 23.32 5.94
C ASP A 65 83.00 22.12 5.08
N ALA A 66 82.20 21.05 5.16
CA ALA A 66 82.39 19.84 4.37
C ALA A 66 82.41 20.18 2.87
N LEU A 67 81.33 20.80 2.37
CA LEU A 67 81.15 21.12 0.97
C LEU A 67 82.31 21.96 0.43
N GLU A 68 82.90 22.79 1.31
CA GLU A 68 84.03 23.64 1.00
C GLU A 68 85.27 22.80 0.69
N ARG A 69 85.36 21.62 1.29
CA ARG A 69 86.43 20.71 0.94
C ARG A 69 85.95 19.74 -0.13
N ALA A 70 84.74 19.19 0.07
CA ALA A 70 84.18 18.05 -0.66
C ALA A 70 83.88 18.38 -2.12
N LEU A 71 83.31 19.56 -2.39
CA LEU A 71 82.96 19.94 -3.75
C LEU A 71 84.21 20.07 -4.63
N PRO A 72 85.26 20.84 -4.23
CA PRO A 72 86.55 20.83 -4.94
C PRO A 72 87.23 19.46 -5.01
N GLU A 73 86.94 18.60 -4.03
CA GLU A 73 87.42 17.22 -3.99
C GLU A 73 86.67 16.39 -5.02
N LEU A 74 85.37 16.68 -5.19
CA LEU A 74 84.55 16.11 -6.24
C LEU A 74 85.04 16.60 -7.60
N GLN A 75 85.60 17.81 -7.63
CA GLN A 75 86.19 18.40 -8.83
C GLN A 75 87.56 17.79 -9.08
N GLN A 76 88.30 17.51 -8.00
CA GLN A 76 89.56 16.77 -8.04
C GLN A 76 89.29 15.39 -8.63
N ALA A 77 88.14 14.83 -8.27
CA ALA A 77 87.64 13.58 -8.84
C ALA A 77 87.17 13.81 -10.27
N LEU A 78 86.52 14.97 -10.54
CA LEU A 78 85.94 15.21 -11.86
C LEU A 78 87.04 15.27 -12.93
N SER A 79 88.22 15.76 -12.53
CA SER A 79 89.42 15.75 -13.35
C SER A 79 89.77 14.32 -13.73
N ALA A 80 89.80 13.43 -12.72
CA ALA A 80 90.12 12.02 -12.88
C ALA A 80 88.99 11.29 -13.60
N LEU A 81 87.74 11.71 -13.34
CA LEU A 81 86.53 11.14 -13.91
C LEU A 81 86.59 11.15 -15.43
N LYS A 82 87.45 12.01 -15.99
CA LYS A 82 87.59 12.22 -17.42
C LYS A 82 88.26 11.00 -18.08
N GLN A 83 89.17 10.34 -17.35
CA GLN A 83 89.93 9.21 -17.87
C GLN A 83 89.33 7.89 -17.41
N ALA A 84 90.04 6.79 -17.69
CA ALA A 84 89.63 5.44 -17.38
C ALA A 84 90.43 4.90 -16.20
N GLY A 85 90.08 3.68 -15.75
CA GLY A 85 90.69 3.03 -14.62
C GLY A 85 91.71 1.98 -15.03
N GLY A 86 91.99 1.84 -16.33
CA GLY A 86 93.06 0.99 -16.83
C GLY A 86 94.40 1.29 -16.17
N ALA A 87 94.78 2.57 -16.13
CA ALA A 87 95.99 3.05 -15.49
C ALA A 87 95.69 3.66 -14.12
N ARG A 88 94.50 3.34 -13.59
CA ARG A 88 94.02 3.86 -12.31
C ARG A 88 93.99 5.39 -12.28
N ALA A 89 93.80 5.99 -13.46
CA ALA A 89 93.60 7.43 -13.56
C ALA A 89 92.28 7.81 -12.88
N VAL A 90 91.19 7.13 -13.25
CA VAL A 90 89.93 7.25 -12.52
C VAL A 90 89.97 6.35 -11.29
N GLY A 91 90.70 5.25 -11.39
CA GLY A 91 90.80 4.28 -10.30
C GLY A 91 91.15 4.91 -8.96
N ALA A 92 92.24 5.69 -8.93
CA ALA A 92 92.62 6.46 -7.76
C ALA A 92 91.52 7.47 -7.41
N GLY A 93 91.10 8.26 -8.41
CA GLY A 93 90.04 9.25 -8.28
C GLY A 93 88.77 8.68 -7.63
N LEU A 94 88.38 7.48 -8.06
CA LEU A 94 87.24 6.75 -7.53
C LEU A 94 87.50 6.38 -6.07
N ALA A 95 88.63 5.69 -5.83
CA ALA A 95 89.08 5.32 -4.49
C ALA A 95 89.09 6.53 -3.57
N GLU A 96 89.44 7.70 -4.12
CA GLU A 96 89.44 8.96 -3.40
C GLU A 96 88.02 9.37 -3.05
N VAL A 97 87.21 9.68 -4.07
CA VAL A 97 85.89 10.28 -3.88
C VAL A 97 84.92 9.32 -3.18
N PHE A 98 85.04 8.02 -3.48
CA PHE A 98 84.27 6.99 -2.78
C PHE A 98 84.54 7.08 -1.27
N GLN A 99 85.83 7.15 -0.91
CA GLN A 99 86.24 7.23 0.49
C GLN A 99 86.02 8.64 1.03
N LEU A 100 85.97 9.64 0.15
CA LEU A 100 85.71 11.01 0.55
C LEU A 100 84.25 11.18 0.98
N VAL A 101 83.33 10.52 0.25
CA VAL A 101 81.92 10.52 0.61
C VAL A 101 81.67 9.46 1.68
N GLU A 102 82.67 8.58 1.92
CA GLU A 102 82.61 7.63 3.02
C GLU A 102 83.08 8.31 4.30
N GLU A 103 84.06 9.22 4.17
CA GLU A 103 84.47 10.10 5.24
C GLU A 103 83.34 11.07 5.55
N ALA A 104 82.59 11.45 4.51
CA ALA A 104 81.43 12.31 4.63
C ALA A 104 80.17 11.50 4.95
N TRP A 105 80.26 10.17 4.87
CA TRP A 105 79.18 9.28 5.29
C TRP A 105 79.13 9.18 6.81
N LEU A 106 80.23 9.56 7.46
CA LEU A 106 80.34 9.67 8.91
C LEU A 106 79.56 10.89 9.40
N LEU A 107 79.26 11.82 8.47
CA LEU A 107 78.64 13.10 8.79
C LEU A 107 77.16 12.95 9.14
N PRO A 108 76.32 12.18 8.39
CA PRO A 108 74.97 11.82 8.85
C PRO A 108 74.89 11.37 10.31
N ALA A 109 75.94 10.65 10.77
CA ALA A 109 76.07 10.24 12.15
C ALA A 109 76.50 11.42 13.02
N VAL A 110 77.54 12.15 12.56
CA VAL A 110 78.06 13.34 13.23
C VAL A 110 76.91 14.33 13.46
N GLY A 111 76.16 14.61 12.39
CA GLY A 111 74.97 15.45 12.45
C GLY A 111 73.69 14.62 12.42
N ARG A 112 72.84 14.92 11.44
CA ARG A 112 71.65 14.13 11.13
C ARG A 112 71.35 14.22 9.63
N GLU A 113 71.86 13.21 8.90
CA GLU A 113 71.62 12.97 7.48
C GLU A 113 72.24 14.09 6.62
N VAL A 114 73.55 14.29 6.80
CA VAL A 114 74.34 15.22 5.99
C VAL A 114 74.44 14.66 4.57
N ALA A 115 74.09 13.37 4.42
CA ALA A 115 74.04 12.61 3.17
C ALA A 115 73.58 13.49 2.00
N GLN A 116 72.51 14.26 2.22
CA GLN A 116 71.88 15.09 1.19
C GLN A 116 72.92 16.03 0.56
N GLY A 117 73.58 16.84 1.40
CA GLY A 117 74.57 17.82 0.98
C GLY A 117 75.57 17.26 -0.04
N LEU A 118 76.33 16.24 0.39
CA LEU A 118 77.37 15.61 -0.42
C LEU A 118 76.78 15.03 -1.71
N CYS A 119 75.59 14.44 -1.61
CA CYS A 119 74.90 13.76 -2.70
C CYS A 119 74.49 14.76 -3.79
N ASP A 120 73.84 15.85 -3.36
CA ASP A 120 73.34 16.89 -4.24
C ASP A 120 74.47 17.43 -5.11
N ALA A 121 75.66 17.57 -4.51
CA ALA A 121 76.87 17.97 -5.22
C ALA A 121 77.12 17.04 -6.41
N ILE A 122 77.11 15.72 -6.16
CA ILE A 122 77.45 14.79 -7.23
C ILE A 122 76.34 14.74 -8.29
N ARG A 123 75.10 15.07 -7.89
CA ARG A 123 73.88 14.94 -8.69
C ARG A 123 73.71 16.09 -9.69
N LEU A 124 73.43 17.29 -9.17
CA LEU A 124 73.00 18.44 -9.97
C LEU A 124 73.98 18.70 -11.11
N ASP A 125 75.26 18.84 -10.78
CA ASP A 125 76.29 19.15 -11.77
C ASP A 125 77.45 18.16 -11.64
N GLY A 126 77.42 17.31 -10.61
CA GLY A 126 78.53 16.37 -10.41
C GLY A 126 78.52 15.28 -11.47
N GLY A 127 79.60 14.50 -11.51
CA GLY A 127 79.77 13.44 -12.49
C GLY A 127 78.88 12.23 -12.23
N LEU A 128 77.66 12.47 -11.74
CA LEU A 128 76.69 11.41 -11.47
C LEU A 128 76.52 10.57 -12.74
N ASP A 129 76.24 11.25 -13.86
CA ASP A 129 76.04 10.62 -15.15
C ASP A 129 77.36 10.04 -15.67
N LEU A 130 78.49 10.66 -15.27
CA LEU A 130 79.81 10.21 -15.67
C LEU A 130 80.15 8.88 -14.99
N LEU A 131 79.63 8.69 -13.77
CA LEU A 131 79.79 7.46 -13.02
C LEU A 131 78.90 6.35 -13.60
N LEU A 132 77.75 6.76 -14.13
CA LEU A 132 76.84 5.85 -14.80
C LEU A 132 77.49 5.37 -16.11
N ARG A 133 78.21 6.26 -16.78
CA ARG A 133 78.96 5.94 -17.98
C ARG A 133 80.23 5.16 -17.63
N LEU A 134 80.74 5.37 -16.41
CA LEU A 134 81.89 4.65 -15.88
C LEU A 134 81.55 3.17 -15.69
N LEU A 135 80.30 2.90 -15.28
CA LEU A 135 79.79 1.54 -15.17
C LEU A 135 79.87 0.87 -16.55
N GLN A 136 79.37 1.57 -17.58
CA GLN A 136 79.36 1.11 -18.97
C GLN A 136 80.80 0.88 -19.45
N ALA A 137 81.72 1.76 -19.02
CA ALA A 137 83.13 1.70 -19.38
C ALA A 137 83.70 0.32 -19.02
N PRO A 138 84.40 -0.35 -19.97
CA PRO A 138 84.86 -1.73 -19.77
C PRO A 138 86.00 -1.91 -18.76
N GLU A 139 86.17 -0.90 -17.89
CA GLU A 139 87.10 -0.94 -16.78
C GLU A 139 86.39 -1.56 -15.57
N LEU A 140 86.16 -2.88 -15.67
CA LEU A 140 85.40 -3.65 -14.68
C LEU A 140 85.95 -3.44 -13.28
N GLU A 141 87.29 -3.40 -13.18
CA GLU A 141 88.02 -3.23 -11.94
C GLU A 141 87.54 -1.96 -11.23
N THR A 142 87.29 -0.89 -12.01
CA THR A 142 86.92 0.40 -11.45
C THR A 142 85.41 0.63 -11.61
N ARG A 143 84.73 -0.20 -12.42
CA ARG A 143 83.29 -0.05 -12.57
C ARG A 143 82.57 -0.49 -11.30
N VAL A 144 83.17 -1.42 -10.55
CA VAL A 144 82.70 -1.80 -9.24
C VAL A 144 82.96 -0.66 -8.24
N GLN A 145 84.07 0.07 -8.44
CA GLN A 145 84.41 1.20 -7.58
C GLN A 145 83.38 2.32 -7.76
N ALA A 146 82.99 2.55 -9.02
CA ALA A 146 81.92 3.48 -9.36
C ALA A 146 80.63 3.04 -8.68
N ALA A 147 80.29 1.76 -8.83
CA ALA A 147 79.10 1.14 -8.25
C ALA A 147 79.10 1.33 -6.73
N ARG A 148 80.23 1.04 -6.09
CA ARG A 148 80.42 1.22 -4.66
C ARG A 148 80.05 2.65 -4.27
N LEU A 149 80.57 3.61 -5.04
CA LEU A 149 80.35 5.03 -4.82
C LEU A 149 78.89 5.39 -5.08
N LEU A 150 78.33 4.89 -6.19
CA LEU A 150 76.95 5.16 -6.56
C LEU A 150 76.00 4.65 -5.48
N GLU A 151 76.28 3.44 -4.97
CA GLU A 151 75.50 2.83 -3.90
C GLU A 151 75.45 3.76 -2.69
N GLN A 152 76.61 4.37 -2.37
CA GLN A 152 76.71 5.34 -1.28
C GLN A 152 75.83 6.55 -1.62
N ILE A 153 76.24 7.31 -2.65
CA ILE A 153 75.56 8.55 -3.03
C ILE A 153 74.25 8.23 -3.74
N LEU A 154 73.21 7.91 -2.95
CA LEU A 154 71.95 7.47 -3.53
C LEU A 154 70.78 7.85 -2.62
N VAL A 155 70.67 9.15 -2.32
CA VAL A 155 69.51 9.69 -1.64
C VAL A 155 68.37 9.85 -2.66
N ALA A 156 67.16 10.14 -2.16
CA ALA A 156 65.93 10.26 -2.94
C ALA A 156 66.15 11.08 -4.20
N GLU A 157 66.91 12.17 -4.07
CA GLU A 157 67.30 13.05 -5.16
C GLU A 157 67.93 12.23 -6.29
N ASN A 158 69.05 11.57 -5.99
CA ASN A 158 69.82 10.78 -6.94
C ASN A 158 68.95 9.66 -7.51
N ARG A 159 68.13 9.05 -6.64
CA ARG A 159 67.31 7.89 -7.00
C ARG A 159 66.38 8.24 -8.16
N ASP A 160 65.64 9.36 -8.01
CA ASP A 160 64.71 9.82 -9.03
C ASP A 160 65.46 10.06 -10.34
N ARG A 161 66.58 10.79 -10.25
CA ARG A 161 67.38 11.14 -11.41
C ARG A 161 67.87 9.88 -12.12
N VAL A 162 68.40 8.90 -11.36
CA VAL A 162 68.96 7.70 -11.97
C VAL A 162 67.84 6.78 -12.43
N ALA A 163 66.60 6.99 -11.94
CA ALA A 163 65.44 6.27 -12.42
C ALA A 163 65.15 6.65 -13.87
N ARG A 164 65.56 7.86 -14.26
CA ARG A 164 65.33 8.35 -15.60
C ARG A 164 66.44 7.86 -16.53
N ILE A 165 67.69 7.88 -16.04
CA ILE A 165 68.83 7.55 -16.89
C ILE A 165 69.47 6.25 -16.42
N GLY A 166 70.03 6.27 -15.21
CA GLY A 166 70.85 5.20 -14.67
C GLY A 166 70.17 3.83 -14.74
N LEU A 167 68.84 3.82 -14.60
CA LEU A 167 68.01 2.63 -14.54
C LEU A 167 68.45 1.62 -15.60
N GLY A 168 68.49 2.07 -16.86
CA GLY A 168 68.89 1.25 -17.99
C GLY A 168 70.27 0.63 -17.81
N VAL A 169 71.24 1.47 -17.44
CA VAL A 169 72.64 1.08 -17.31
C VAL A 169 72.81 0.17 -16.08
N ILE A 170 72.03 0.44 -15.03
CA ILE A 170 72.03 -0.33 -13.80
C ILE A 170 71.68 -1.78 -14.12
N LEU A 171 70.62 -1.97 -14.92
CA LEU A 171 70.12 -3.28 -15.31
C LEU A 171 71.07 -3.95 -16.29
N ASN A 172 71.66 -3.14 -17.18
CA ASN A 172 72.65 -3.59 -18.15
C ASN A 172 73.87 -4.16 -17.43
N LEU A 173 74.11 -3.65 -16.21
CA LEU A 173 75.23 -4.03 -15.36
C LEU A 173 74.80 -5.15 -14.42
N ALA A 174 73.49 -5.28 -14.20
CA ALA A 174 72.92 -6.31 -13.35
C ALA A 174 73.06 -7.68 -13.98
N LYS A 175 72.98 -7.74 -15.32
CA LYS A 175 73.11 -8.98 -16.08
C LYS A 175 74.48 -9.61 -15.85
N GLU A 176 75.45 -8.78 -15.39
CA GLU A 176 76.74 -9.27 -14.92
C GLU A 176 76.57 -9.78 -13.49
N ARG A 177 76.95 -11.04 -13.28
CA ARG A 177 76.55 -11.77 -12.09
C ARG A 177 77.77 -12.28 -11.31
N GLU A 178 78.66 -13.00 -12.00
CA GLU A 178 79.75 -13.76 -11.39
C GLU A 178 80.58 -12.91 -10.43
N PRO A 179 81.12 -11.72 -10.82
CA PRO A 179 81.90 -10.90 -9.88
C PRO A 179 81.10 -10.54 -8.62
N VAL A 180 81.52 -11.13 -7.49
CA VAL A 180 80.77 -11.14 -6.25
C VAL A 180 80.70 -9.73 -5.68
N GLU A 181 81.87 -9.08 -5.58
CA GLU A 181 82.02 -7.73 -5.03
C GLU A 181 81.14 -6.77 -5.81
N LEU A 182 81.17 -6.90 -7.15
CA LEU A 182 80.31 -6.14 -8.03
C LEU A 182 78.85 -6.38 -7.67
N ALA A 183 78.45 -7.67 -7.68
CA ALA A 183 77.09 -8.13 -7.43
C ALA A 183 76.56 -7.53 -6.13
N ARG A 184 77.38 -7.59 -5.07
CA ARG A 184 77.07 -7.00 -3.77
C ARG A 184 76.60 -5.55 -3.96
N SER A 185 77.38 -4.77 -4.72
CA SER A 185 77.12 -3.35 -4.93
C SER A 185 75.95 -3.14 -5.90
N VAL A 186 75.73 -4.12 -6.81
CA VAL A 186 74.67 -4.05 -7.80
C VAL A 186 73.32 -4.36 -7.13
N ALA A 187 73.26 -5.50 -6.43
CA ALA A 187 72.12 -5.83 -5.59
C ALA A 187 71.82 -4.65 -4.65
N GLY A 188 72.91 -3.98 -4.23
CA GLY A 188 72.88 -2.79 -3.39
C GLY A 188 72.09 -1.65 -4.02
N ILE A 189 72.41 -1.30 -5.27
CA ILE A 189 71.77 -0.18 -5.96
C ILE A 189 70.33 -0.53 -6.29
N LEU A 190 70.09 -1.81 -6.61
CA LEU A 190 68.77 -2.40 -6.87
C LEU A 190 67.87 -2.27 -5.65
N GLU A 191 68.46 -2.48 -4.47
CA GLU A 191 67.77 -2.40 -3.18
C GLU A 191 67.22 -0.99 -2.98
N HIS A 192 68.06 0.03 -3.26
CA HIS A 192 67.64 1.42 -3.16
C HIS A 192 66.65 1.76 -4.27
N MET A 193 66.89 1.18 -5.46
CA MET A 193 66.10 1.44 -6.64
C MET A 193 64.66 0.98 -6.43
N PHE A 194 64.52 -0.25 -5.90
CA PHE A 194 63.22 -0.88 -5.71
C PHE A 194 62.32 -0.02 -4.84
N LYS A 195 62.92 0.72 -3.90
CA LYS A 195 62.15 1.46 -2.91
C LYS A 195 61.86 2.87 -3.42
N HIS A 196 61.77 3.02 -4.76
CA HIS A 196 61.62 4.35 -5.35
C HIS A 196 60.16 4.67 -5.68
N SER A 197 59.55 3.83 -6.52
CA SER A 197 58.22 4.12 -7.06
C SER A 197 57.55 2.85 -7.53
N GLU A 198 56.22 2.89 -7.66
CA GLU A 198 55.42 1.77 -8.13
C GLU A 198 56.02 1.25 -9.44
N GLU A 199 56.23 2.18 -10.37
CA GLU A 199 56.64 1.95 -11.76
C GLU A 199 58.11 1.54 -11.82
N THR A 200 58.91 1.96 -10.84
CA THR A 200 60.32 1.61 -10.79
C THR A 200 60.48 0.12 -10.49
N CYS A 201 59.71 -0.39 -9.52
CA CYS A 201 59.62 -1.83 -9.29
C CYS A 201 59.12 -2.50 -10.56
N GLN A 202 57.93 -2.07 -11.03
CA GLN A 202 57.23 -2.66 -12.16
C GLN A 202 58.20 -2.85 -13.32
N ARG A 203 59.18 -1.95 -13.39
CA ARG A 203 60.24 -1.96 -14.38
C ARG A 203 61.21 -3.10 -14.07
N LEU A 204 61.91 -2.95 -12.94
CA LEU A 204 63.05 -3.79 -12.57
C LEU A 204 62.63 -5.25 -12.55
N VAL A 205 61.50 -5.52 -11.89
CA VAL A 205 60.88 -6.85 -11.81
C VAL A 205 60.86 -7.49 -13.20
N ALA A 206 60.18 -6.81 -14.14
CA ALA A 206 59.92 -7.33 -15.47
C ALA A 206 61.21 -7.42 -16.29
N ALA A 207 62.19 -6.57 -15.95
CA ALA A 207 63.40 -6.42 -16.74
C ALA A 207 64.50 -7.38 -16.30
N GLY A 208 64.23 -8.15 -15.23
CA GLY A 208 65.19 -9.11 -14.71
C GLY A 208 66.04 -8.56 -13.56
N GLY A 209 65.60 -7.41 -13.02
CA GLY A 209 66.11 -6.85 -11.78
C GLY A 209 65.81 -7.77 -10.59
N LEU A 210 64.56 -8.26 -10.53
CA LEU A 210 64.15 -9.27 -9.57
C LEU A 210 64.96 -10.55 -9.81
N ASP A 211 65.08 -10.93 -11.08
CA ASP A 211 65.76 -12.16 -11.46
C ASP A 211 67.25 -12.10 -11.10
N ALA A 212 67.79 -10.88 -10.97
CA ALA A 212 69.15 -10.66 -10.52
C ALA A 212 69.29 -10.98 -9.02
N VAL A 213 68.41 -10.36 -8.20
CA VAL A 213 68.46 -10.50 -6.76
C VAL A 213 68.09 -11.92 -6.34
N LEU A 214 67.25 -12.59 -7.14
CA LEU A 214 66.88 -13.96 -6.88
C LEU A 214 68.02 -14.92 -7.22
N TYR A 215 68.76 -14.64 -8.31
CA TYR A 215 69.90 -15.46 -8.66
C TYR A 215 71.08 -15.20 -7.71
N TRP A 216 71.04 -14.07 -7.00
CA TRP A 216 72.08 -13.72 -6.05
C TRP A 216 71.70 -14.14 -4.63
N CYS A 217 70.48 -14.69 -4.50
CA CYS A 217 69.91 -15.21 -3.28
C CYS A 217 70.34 -16.67 -3.08
N ARG A 218 70.99 -17.25 -4.11
CA ARG A 218 71.51 -18.60 -4.03
C ARG A 218 73.04 -18.55 -3.91
N ARG A 219 73.55 -17.41 -3.44
CA ARG A 219 74.98 -17.23 -3.22
C ARG A 219 75.25 -17.20 -1.71
N THR A 220 76.53 -17.01 -1.35
CA THR A 220 77.03 -17.11 0.01
C THR A 220 77.92 -15.90 0.34
N ASP A 221 77.28 -14.78 0.70
CA ASP A 221 77.96 -13.54 1.05
C ASP A 221 77.03 -12.66 1.87
N PRO A 222 77.37 -12.33 3.14
CA PRO A 222 76.48 -11.58 4.03
C PRO A 222 75.84 -10.37 3.38
N ALA A 223 76.68 -9.45 2.88
CA ALA A 223 76.25 -8.18 2.28
C ALA A 223 75.37 -8.44 1.05
N LEU A 224 75.81 -9.32 0.15
CA LEU A 224 75.01 -9.73 -0.99
C LEU A 224 73.63 -10.20 -0.52
N LEU A 225 73.63 -11.14 0.44
CA LEU A 225 72.41 -11.76 0.93
C LEU A 225 71.53 -10.74 1.64
N ARG A 226 72.14 -9.94 2.52
CA ARG A 226 71.43 -8.88 3.25
C ARG A 226 70.72 -7.98 2.25
N HIS A 227 71.47 -7.55 1.22
CA HIS A 227 70.97 -6.69 0.17
C HIS A 227 69.78 -7.34 -0.55
N CYS A 228 69.97 -8.58 -1.00
CA CYS A 228 68.93 -9.30 -1.72
C CYS A 228 67.63 -9.31 -0.91
N ALA A 229 67.77 -9.62 0.40
CA ALA A 229 66.66 -9.70 1.33
C ALA A 229 65.94 -8.35 1.42
N LEU A 230 66.73 -7.29 1.59
CA LEU A 230 66.20 -5.93 1.72
C LEU A 230 65.47 -5.53 0.44
N ALA A 231 66.02 -5.95 -0.71
CA ALA A 231 65.47 -5.68 -2.03
C ALA A 231 64.07 -6.27 -2.15
N LEU A 232 63.98 -7.62 -2.13
CA LEU A 232 62.73 -8.38 -2.19
C LEU A 232 61.73 -7.82 -1.17
N GLY A 233 62.27 -7.25 -0.07
CA GLY A 233 61.50 -6.53 0.92
C GLY A 233 60.81 -5.32 0.32
N ASN A 234 61.64 -4.37 -0.13
CA ASN A 234 61.26 -3.11 -0.76
C ASN A 234 60.37 -3.37 -1.97
N CYS A 235 60.74 -4.39 -2.75
CA CYS A 235 60.06 -4.77 -3.98
C CYS A 235 58.63 -5.21 -3.70
N ALA A 236 58.46 -5.95 -2.59
CA ALA A 236 57.17 -6.45 -2.16
C ALA A 236 56.33 -5.30 -1.62
N LEU A 237 57.00 -4.37 -0.93
CA LEU A 237 56.32 -3.30 -0.22
C LEU A 237 55.89 -2.21 -1.21
N HIS A 238 56.86 -1.68 -1.96
CA HIS A 238 56.71 -0.47 -2.78
C HIS A 238 55.99 -0.76 -4.10
N GLY A 239 56.28 -1.92 -4.70
CA GLY A 239 55.60 -2.42 -5.89
C GLY A 239 54.11 -2.68 -5.65
N GLY A 240 53.35 -2.77 -6.73
CA GLY A 240 51.91 -2.98 -6.68
C GLY A 240 51.55 -4.46 -6.55
N GLN A 241 50.23 -4.72 -6.57
CA GLN A 241 49.63 -6.04 -6.72
C GLN A 241 50.43 -6.84 -7.76
N ALA A 242 50.63 -6.23 -8.92
CA ALA A 242 51.18 -6.84 -10.11
C ALA A 242 52.59 -7.36 -9.83
N VAL A 243 53.45 -6.47 -9.34
CA VAL A 243 54.84 -6.71 -8.97
C VAL A 243 54.91 -7.95 -8.07
N GLN A 244 54.07 -7.96 -7.04
CA GLN A 244 53.99 -8.97 -5.99
C GLN A 244 53.66 -10.32 -6.58
N ARG A 245 52.54 -10.41 -7.31
CA ARG A 245 52.15 -11.63 -8.00
C ARG A 245 53.34 -12.21 -8.76
N ARG A 246 54.05 -11.33 -9.48
CA ARG A 246 55.14 -11.75 -10.33
C ARG A 246 56.25 -12.38 -9.47
N MET A 247 56.56 -11.78 -8.31
CA MET A 247 57.59 -12.28 -7.41
C MET A 247 57.31 -13.71 -6.97
N VAL A 248 56.09 -13.95 -6.50
CA VAL A 248 55.64 -15.22 -5.95
C VAL A 248 55.64 -16.26 -7.06
N GLU A 249 55.34 -15.83 -8.29
CA GLU A 249 55.27 -16.69 -9.47
C GLU A 249 56.68 -16.87 -10.05
N LYS A 250 57.63 -16.06 -9.58
CA LYS A 250 59.04 -16.22 -9.93
C LYS A 250 59.72 -17.18 -8.95
N ARG A 251 58.92 -17.67 -7.98
CA ARG A 251 59.28 -18.54 -6.85
C ARG A 251 60.20 -17.77 -5.89
N ALA A 252 59.76 -16.58 -5.48
CA ALA A 252 60.54 -15.71 -4.62
C ALA A 252 60.36 -16.08 -3.14
N ALA A 253 59.17 -16.60 -2.79
CA ALA A 253 58.84 -16.99 -1.43
C ALA A 253 59.76 -18.13 -0.97
N GLU A 254 59.93 -19.13 -1.85
CA GLU A 254 60.72 -20.33 -1.60
C GLU A 254 62.21 -20.00 -1.63
N TRP A 255 62.54 -18.83 -2.17
CA TRP A 255 63.94 -18.44 -2.32
C TRP A 255 64.41 -17.62 -1.13
N LEU A 256 63.46 -17.13 -0.34
CA LEU A 256 63.77 -16.40 0.90
C LEU A 256 64.09 -17.40 2.01
N PHE A 257 63.76 -18.68 1.80
CA PHE A 257 63.97 -19.73 2.79
C PHE A 257 65.43 -19.76 3.24
N PRO A 258 66.45 -19.93 2.35
CA PRO A 258 67.85 -19.84 2.75
C PRO A 258 68.17 -18.69 3.70
N LEU A 259 67.69 -17.48 3.38
CA LEU A 259 67.96 -16.31 4.19
C LEU A 259 67.32 -16.42 5.58
N ALA A 260 66.06 -16.87 5.65
CA ALA A 260 65.36 -16.94 6.92
C ALA A 260 65.82 -18.16 7.73
N PHE A 261 66.49 -19.10 7.07
CA PHE A 261 66.95 -20.32 7.72
C PHE A 261 68.47 -20.32 7.83
N SER A 262 68.97 -19.39 8.64
CA SER A 262 70.41 -19.23 8.84
C SER A 262 70.65 -18.55 10.19
N LYS A 263 70.66 -19.37 11.25
CA LYS A 263 70.85 -18.94 12.62
C LYS A 263 72.09 -18.05 12.75
N GLU A 264 73.04 -18.25 11.83
CA GLU A 264 74.30 -17.52 11.73
C GLU A 264 74.08 -16.01 11.75
N ASP A 265 73.14 -15.53 10.92
CA ASP A 265 72.84 -14.11 10.80
C ASP A 265 71.40 -13.85 11.25
N GLU A 266 71.26 -13.02 12.29
CA GLU A 266 69.97 -12.76 12.93
C GLU A 266 69.23 -11.64 12.20
N LEU A 267 69.99 -10.62 11.77
CA LEU A 267 69.43 -9.45 11.11
C LEU A 267 68.96 -9.80 9.69
N LEU A 268 69.76 -10.61 8.98
CA LEU A 268 69.39 -11.14 7.68
C LEU A 268 68.01 -11.78 7.76
N ARG A 269 67.83 -12.67 8.76
CA ARG A 269 66.61 -13.41 9.01
C ARG A 269 65.44 -12.45 9.17
N LEU A 270 65.56 -11.50 10.11
CA LEU A 270 64.51 -10.52 10.40
C LEU A 270 64.05 -9.81 9.12
N HIS A 271 65.01 -9.45 8.26
CA HIS A 271 64.77 -8.75 7.01
C HIS A 271 64.05 -9.66 6.02
N ALA A 272 64.59 -10.89 5.90
CA ALA A 272 64.06 -11.96 5.05
C ALA A 272 62.62 -12.26 5.43
N CYS A 273 62.34 -12.22 6.74
CA CYS A 273 61.01 -12.57 7.20
C CYS A 273 60.05 -11.39 7.08
N LEU A 274 60.55 -10.16 7.27
CA LEU A 274 59.70 -9.00 7.03
C LEU A 274 59.16 -9.03 5.60
N ALA A 275 60.01 -9.50 4.68
CA ALA A 275 59.68 -9.61 3.27
C ALA A 275 58.55 -10.63 3.03
N VAL A 276 58.80 -11.91 3.39
CA VAL A 276 57.84 -13.00 3.18
C VAL A 276 56.53 -12.72 3.93
N ALA A 277 56.62 -12.01 5.05
CA ALA A 277 55.46 -11.67 5.85
C ALA A 277 54.56 -10.70 5.07
N VAL A 278 55.16 -9.74 4.36
CA VAL A 278 54.36 -8.75 3.64
C VAL A 278 53.71 -9.41 2.43
N LEU A 279 54.38 -10.40 1.84
CA LEU A 279 53.80 -11.11 0.70
C LEU A 279 52.53 -11.87 1.09
N ALA A 280 52.47 -12.34 2.34
CA ALA A 280 51.37 -13.16 2.82
C ALA A 280 50.15 -12.31 3.17
N THR A 281 50.35 -11.00 3.27
CA THR A 281 49.24 -10.09 3.50
C THR A 281 48.38 -9.96 2.24
N ASN A 282 49.00 -10.12 1.05
CA ASN A 282 48.39 -10.16 -0.27
C ASN A 282 47.54 -11.43 -0.38
N LYS A 283 46.23 -11.28 -0.13
CA LYS A 283 45.32 -12.40 0.08
C LYS A 283 45.33 -13.31 -1.14
N GLU A 284 45.30 -12.69 -2.33
CA GLU A 284 45.42 -13.29 -3.65
C GLU A 284 46.64 -14.23 -3.78
N VAL A 285 47.75 -13.93 -3.10
CA VAL A 285 48.90 -14.83 -3.27
C VAL A 285 49.22 -15.51 -1.95
N GLU A 286 48.30 -15.41 -0.97
CA GLU A 286 48.57 -15.85 0.39
C GLU A 286 49.07 -17.30 0.39
N ARG A 287 48.30 -18.17 -0.28
CA ARG A 287 48.43 -19.62 -0.20
C ARG A 287 49.79 -20.07 -0.71
N GLU A 288 50.23 -19.45 -1.82
CA GLU A 288 51.48 -19.78 -2.48
C GLU A 288 52.66 -19.49 -1.56
N VAL A 289 52.53 -18.45 -0.72
CA VAL A 289 53.56 -18.05 0.22
C VAL A 289 53.54 -19.02 1.39
N GLU A 290 52.34 -19.48 1.74
CA GLU A 290 52.10 -20.37 2.87
C GLU A 290 52.73 -21.74 2.60
N ARG A 291 52.47 -22.27 1.39
CA ARG A 291 52.93 -23.58 0.99
C ARG A 291 54.43 -23.57 0.70
N SER A 292 55.03 -22.38 0.62
CA SER A 292 56.46 -22.25 0.37
C SER A 292 57.27 -22.82 1.52
N GLY A 293 56.70 -22.72 2.74
CA GLY A 293 57.31 -23.24 3.96
C GLY A 293 57.96 -22.14 4.80
N THR A 294 58.37 -21.05 4.14
CA THR A 294 59.07 -19.94 4.78
C THR A 294 58.12 -19.17 5.68
N LEU A 295 56.82 -19.44 5.58
CA LEU A 295 55.92 -18.63 6.40
C LEU A 295 55.82 -19.16 7.82
N ALA A 296 56.02 -20.47 8.00
CA ALA A 296 56.01 -21.10 9.32
C ALA A 296 57.24 -20.67 10.13
N LEU A 297 58.26 -20.21 9.41
CA LEU A 297 59.61 -19.99 9.93
C LEU A 297 59.72 -18.63 10.60
N VAL A 298 58.62 -17.86 10.63
CA VAL A 298 58.65 -16.46 11.04
C VAL A 298 58.55 -16.34 12.55
N GLU A 299 57.51 -16.97 13.12
CA GLU A 299 57.06 -16.78 14.50
C GLU A 299 58.17 -17.11 15.52
N PRO A 300 58.83 -18.30 15.47
CA PRO A 300 60.03 -18.57 16.28
C PRO A 300 61.04 -17.43 16.34
N LEU A 301 61.30 -16.80 15.19
CA LEU A 301 62.34 -15.79 15.06
C LEU A 301 61.99 -14.54 15.89
N VAL A 302 60.72 -14.11 15.82
CA VAL A 302 60.31 -12.90 16.53
C VAL A 302 60.42 -13.12 18.04
N ALA A 303 60.33 -14.38 18.47
CA ALA A 303 60.46 -14.73 19.88
C ALA A 303 61.91 -14.59 20.34
N SER A 304 62.84 -15.09 19.52
CA SER A 304 64.27 -15.13 19.83
C SER A 304 64.79 -13.73 20.16
N LEU A 305 64.65 -12.80 19.20
CA LEU A 305 65.24 -11.47 19.28
C LEU A 305 64.46 -10.60 20.26
N ASP A 306 65.08 -9.47 20.66
CA ASP A 306 64.44 -8.46 21.48
C ASP A 306 64.31 -7.16 20.70
N PRO A 307 63.09 -6.57 20.58
CA PRO A 307 62.88 -5.28 19.90
C PRO A 307 63.84 -4.18 20.32
N GLY A 308 64.11 -4.06 21.63
CA GLY A 308 65.07 -3.14 22.18
C GLY A 308 66.46 -3.31 21.55
N ARG A 309 66.93 -4.56 21.53
CA ARG A 309 68.24 -4.93 20.99
C ARG A 309 68.35 -4.50 19.52
N PHE A 310 67.30 -4.75 18.74
CA PHE A 310 67.35 -4.39 17.32
C PHE A 310 66.98 -2.93 17.09
N ALA A 311 66.42 -2.27 18.12
CA ALA A 311 66.15 -0.84 18.09
C ALA A 311 67.47 -0.07 18.03
N ARG A 312 68.47 -0.53 18.80
CA ARG A 312 69.80 0.05 18.83
C ARG A 312 70.44 -0.10 17.45
N CYS A 313 70.23 -1.28 16.84
CA CYS A 313 70.75 -1.63 15.53
C CYS A 313 69.95 -0.94 14.43
N LEU A 314 68.88 -0.23 14.81
CA LEU A 314 68.03 0.50 13.88
C LEU A 314 68.33 2.00 13.95
N VAL A 315 68.96 2.45 15.05
CA VAL A 315 69.49 3.80 15.18
C VAL A 315 70.50 4.06 14.05
N ASP A 316 71.39 3.09 13.84
CA ASP A 316 72.47 3.19 12.87
C ASP A 316 72.13 2.38 11.61
N ALA A 317 70.89 2.51 11.14
CA ALA A 317 70.46 1.93 9.87
C ALA A 317 70.84 2.85 8.71
N SER A 318 71.27 4.08 9.05
CA SER A 318 71.69 5.12 8.12
C SER A 318 70.59 5.48 7.12
N ASP A 319 69.33 5.11 7.48
CA ASP A 319 68.14 5.32 6.67
C ASP A 319 68.35 4.77 5.25
N THR A 320 69.27 3.80 5.13
CA THR A 320 69.63 3.15 3.88
C THR A 320 69.07 1.71 3.88
N SER A 321 69.11 1.06 5.05
CA SER A 321 68.53 -0.25 5.24
C SER A 321 67.05 -0.12 5.60
N GLN A 322 66.77 0.21 6.86
CA GLN A 322 65.43 0.42 7.36
C GLN A 322 65.48 1.44 8.51
N GLY A 323 65.70 2.71 8.14
CA GLY A 323 65.78 3.81 9.09
C GLY A 323 64.40 4.22 9.59
N ARG A 324 64.36 4.65 10.85
CA ARG A 324 63.15 5.13 11.53
C ARG A 324 62.55 6.29 10.76
N GLY A 325 61.22 6.23 10.56
CA GLY A 325 60.51 7.27 9.82
C GLY A 325 59.01 6.99 9.74
N PRO A 326 58.16 8.07 9.72
CA PRO A 326 56.71 7.94 9.56
C PRO A 326 56.22 7.12 8.38
N ASP A 327 57.07 6.98 7.34
CA ASP A 327 56.80 6.15 6.18
C ASP A 327 56.69 4.69 6.60
N ASP A 328 57.77 4.15 7.19
CA ASP A 328 57.88 2.76 7.56
C ASP A 328 56.75 2.36 8.51
N LEU A 329 56.40 3.27 9.43
CA LEU A 329 55.35 3.03 10.39
C LEU A 329 54.01 2.84 9.70
N GLN A 330 53.69 3.69 8.73
CA GLN A 330 52.42 3.61 8.02
C GLN A 330 52.38 2.40 7.08
N ARG A 331 53.55 1.77 6.87
CA ARG A 331 53.67 0.60 6.02
C ARG A 331 53.82 -0.67 6.86
N LEU A 332 53.96 -0.52 8.17
CA LEU A 332 53.91 -1.68 9.06
C LEU A 332 52.49 -1.92 9.50
N VAL A 333 51.72 -0.83 9.72
CA VAL A 333 50.38 -0.94 10.27
C VAL A 333 49.53 -1.98 9.52
N PRO A 334 49.51 -2.03 8.16
CA PRO A 334 48.98 -3.16 7.40
C PRO A 334 49.21 -4.57 7.95
N LEU A 335 50.48 -4.90 8.25
CA LEU A 335 50.87 -6.15 8.87
C LEU A 335 50.14 -6.35 10.20
N LEU A 336 50.29 -5.39 11.13
CA LEU A 336 49.68 -5.46 12.45
C LEU A 336 48.18 -5.68 12.32
N ASP A 337 47.66 -5.43 11.12
CA ASP A 337 46.23 -5.37 10.92
C ASP A 337 45.77 -6.47 9.95
N SER A 338 46.58 -7.52 9.79
CA SER A 338 46.30 -8.57 8.80
C SER A 338 45.54 -9.74 9.41
N ASN A 339 45.37 -10.80 8.61
CA ASN A 339 44.83 -12.09 9.05
C ASN A 339 45.96 -12.93 9.61
N ARG A 340 47.04 -13.04 8.83
CA ARG A 340 48.19 -13.87 9.14
C ARG A 340 48.81 -13.40 10.45
N LEU A 341 49.07 -14.34 11.35
CA LEU A 341 49.68 -13.99 12.62
C LEU A 341 51.20 -14.00 12.49
N GLU A 342 51.71 -14.53 11.36
CA GLU A 342 53.12 -14.47 11.03
C GLU A 342 53.49 -13.05 10.63
N ALA A 343 52.49 -12.31 10.16
CA ALA A 343 52.60 -10.92 9.74
C ALA A 343 52.41 -10.00 10.94
N GLN A 344 51.40 -10.31 11.77
CA GLN A 344 51.06 -9.57 12.98
C GLN A 344 52.16 -9.70 14.03
N CYS A 345 53.01 -10.74 13.90
CA CYS A 345 54.20 -10.89 14.73
C CYS A 345 55.31 -9.98 14.24
N ILE A 346 55.70 -10.13 12.96
CA ILE A 346 56.71 -9.27 12.34
C ILE A 346 56.26 -7.80 12.43
N GLY A 347 54.96 -7.56 12.22
CA GLY A 347 54.28 -6.30 12.51
C GLY A 347 54.68 -5.72 13.87
N ALA A 348 54.20 -6.35 14.94
CA ALA A 348 54.45 -5.89 16.30
C ALA A 348 55.95 -5.77 16.59
N PHE A 349 56.76 -6.78 16.20
CA PHE A 349 58.17 -6.78 16.52
C PHE A 349 58.83 -5.46 16.12
N TYR A 350 58.61 -5.07 14.86
CA TYR A 350 59.18 -3.89 14.23
C TYR A 350 58.60 -2.61 14.84
N LEU A 351 57.26 -2.53 14.91
CA LEU A 351 56.59 -1.36 15.43
C LEU A 351 56.97 -1.12 16.90
N CYS A 352 57.40 -2.19 17.58
CA CYS A 352 57.92 -2.17 18.95
C CYS A 352 59.36 -1.67 18.99
N ALA A 353 60.20 -2.07 18.01
CA ALA A 353 61.57 -1.58 17.86
C ALA A 353 61.59 -0.05 17.68
N GLU A 354 60.57 0.46 16.99
CA GLU A 354 60.42 1.89 16.76
C GLU A 354 59.79 2.57 17.99
N ALA A 355 58.86 1.86 18.68
CA ALA A 355 58.24 2.39 19.89
C ALA A 355 59.31 2.71 20.93
N ALA A 356 60.49 2.07 20.80
CA ALA A 356 61.65 2.35 21.63
C ALA A 356 62.30 3.68 21.23
N ILE A 357 62.87 3.72 20.01
CA ILE A 357 63.60 4.88 19.49
C ILE A 357 62.74 6.14 19.55
N LYS A 358 61.49 6.06 19.09
CA LYS A 358 60.66 7.24 18.89
C LYS A 358 60.27 7.88 20.23
N SER A 359 60.17 7.07 21.29
CA SER A 359 59.94 7.56 22.63
C SER A 359 61.21 8.19 23.22
N LEU A 360 62.38 7.66 22.82
CA LEU A 360 63.68 8.20 23.21
C LEU A 360 63.92 9.56 22.55
N GLN A 361 63.34 9.75 21.35
CA GLN A 361 63.44 11.00 20.62
C GLN A 361 62.30 11.94 20.99
N GLY A 362 61.42 11.48 21.90
CA GLY A 362 60.25 12.22 22.35
C GLY A 362 59.34 12.66 21.21
N LYS A 363 59.06 11.73 20.29
CA LYS A 363 58.14 11.95 19.17
C LYS A 363 57.20 10.75 19.04
N THR A 364 56.29 10.66 20.02
CA THR A 364 55.36 9.54 20.15
C THR A 364 54.14 9.79 19.26
N LYS A 365 53.87 11.07 18.99
CA LYS A 365 52.69 11.55 18.28
C LYS A 365 52.53 10.86 16.92
N VAL A 366 53.65 10.35 16.39
CA VAL A 366 53.73 9.65 15.11
C VAL A 366 52.76 8.47 15.11
N PHE A 367 52.96 7.55 16.05
CA PHE A 367 52.24 6.28 16.13
C PHE A 367 50.74 6.52 16.19
N SER A 368 50.34 7.48 17.05
CA SER A 368 48.93 7.79 17.28
C SER A 368 48.26 8.12 15.95
N ASP A 369 48.95 8.93 15.13
CA ASP A 369 48.48 9.46 13.85
C ASP A 369 48.61 8.41 12.75
N ILE A 370 49.58 7.49 12.90
CA ILE A 370 49.82 6.45 11.90
C ILE A 370 48.71 5.41 11.98
N GLY A 371 48.01 5.40 13.13
CA GLY A 371 46.90 4.50 13.43
C GLY A 371 47.39 3.15 13.94
N ALA A 372 48.46 3.20 14.76
CA ALA A 372 49.23 2.06 15.24
C ALA A 372 48.75 1.66 16.62
N ILE A 373 48.43 2.66 17.46
CA ILE A 373 48.05 2.41 18.84
C ILE A 373 46.77 1.57 18.90
N GLN A 374 45.71 1.98 18.19
CA GLN A 374 44.47 1.21 18.28
C GLN A 374 44.66 -0.21 17.72
N SER A 375 45.46 -0.34 16.65
CA SER A 375 45.78 -1.62 16.05
C SER A 375 46.47 -2.56 17.05
N LEU A 376 47.44 -2.01 17.80
CA LEU A 376 48.18 -2.73 18.83
C LEU A 376 47.24 -3.19 19.94
N LYS A 377 46.30 -2.33 20.30
CA LYS A 377 45.34 -2.66 21.34
C LYS A 377 44.56 -3.91 20.96
N ARG A 378 44.12 -4.01 19.69
CA ARG A 378 43.39 -5.19 19.24
C ARG A 378 44.23 -6.46 19.31
N LEU A 379 45.55 -6.35 19.06
CA LEU A 379 46.45 -7.49 19.11
C LEU A 379 46.63 -7.97 20.53
N VAL A 380 46.12 -7.19 21.49
CA VAL A 380 46.34 -7.52 22.88
C VAL A 380 45.00 -7.79 23.54
N SER A 381 43.91 -7.51 22.81
CA SER A 381 42.56 -7.70 23.29
C SER A 381 42.07 -9.08 22.89
N TYR A 382 42.12 -9.34 21.58
CA TYR A 382 41.67 -10.61 21.04
C TYR A 382 42.87 -11.46 20.66
N SER A 383 43.75 -11.71 21.63
CA SER A 383 44.97 -12.46 21.35
C SER A 383 44.85 -13.88 21.86
N THR A 384 45.70 -14.73 21.29
CA THR A 384 45.75 -16.14 21.58
C THR A 384 47.21 -16.51 21.77
N ASN A 385 48.03 -16.11 20.77
CA ASN A 385 49.48 -16.29 20.75
C ASN A 385 50.13 -15.42 21.83
N GLY A 386 51.09 -16.03 22.54
CA GLY A 386 51.86 -15.40 23.59
C GLY A 386 52.76 -14.29 23.05
N THR A 387 53.51 -14.60 21.99
CA THR A 387 54.54 -13.74 21.41
C THR A 387 53.91 -12.44 20.90
N LYS A 388 53.06 -12.56 19.88
CA LYS A 388 52.33 -11.45 19.27
C LYS A 388 51.65 -10.58 20.34
N SER A 389 51.48 -11.10 21.56
CA SER A 389 50.77 -10.36 22.60
C SER A 389 51.76 -9.73 23.57
N ALA A 390 52.82 -10.46 23.90
CA ALA A 390 53.95 -9.92 24.63
C ALA A 390 54.43 -8.63 23.95
N LEU A 391 54.71 -8.75 22.63
CA LEU A 391 55.21 -7.68 21.80
C LEU A 391 54.27 -6.48 21.86
N ALA A 392 52.96 -6.74 21.75
CA ALA A 392 51.93 -5.72 21.75
C ALA A 392 51.93 -4.96 23.07
N LYS A 393 51.98 -5.71 24.18
CA LYS A 393 52.02 -5.14 25.51
C LYS A 393 53.23 -4.23 25.62
N ARG A 394 54.40 -4.75 25.23
CA ARG A 394 55.65 -4.01 25.31
C ARG A 394 55.51 -2.68 24.58
N ALA A 395 55.10 -2.76 23.31
CA ALA A 395 54.99 -1.58 22.46
C ALA A 395 54.10 -0.54 23.12
N LEU A 396 52.93 -0.93 23.61
CA LEU A 396 51.98 0.04 24.17
C LEU A 396 52.59 0.71 25.40
N ARG A 397 53.36 -0.05 26.19
CA ARG A 397 54.06 0.46 27.36
C ARG A 397 55.17 1.42 26.94
N LEU A 398 55.88 1.07 25.87
CA LEU A 398 56.99 1.87 25.36
C LEU A 398 56.49 3.22 24.84
N LEU A 399 55.27 3.24 24.32
CA LEU A 399 54.61 4.48 23.91
C LEU A 399 54.00 5.16 25.13
N GLY A 400 53.76 4.38 26.19
CA GLY A 400 53.32 4.91 27.48
C GLY A 400 51.82 4.72 27.71
N GLU A 401 51.08 4.66 26.59
CA GLU A 401 49.66 4.37 26.57
C GLU A 401 49.41 3.07 27.33
N GLU A 402 48.39 3.08 28.20
CA GLU A 402 48.04 1.95 29.06
C GLU A 402 47.85 0.70 28.22
N VAL A 403 48.26 -0.45 28.75
CA VAL A 403 48.10 -1.68 28.00
C VAL A 403 46.78 -2.34 28.40
N PRO A 404 45.85 -2.56 27.43
CA PRO A 404 44.60 -3.26 27.69
C PRO A 404 44.81 -4.71 28.09
N ARG A 405 44.06 -5.13 29.12
CA ARG A 405 43.99 -6.52 29.53
C ARG A 405 43.25 -7.29 28.43
N PRO A 406 43.61 -8.56 28.14
CA PRO A 406 42.88 -9.35 27.15
C PRO A 406 41.43 -9.55 27.60
N ILE A 407 40.57 -9.77 26.62
CA ILE A 407 39.14 -9.99 26.80
C ILE A 407 38.94 -11.48 27.07
N LEU A 408 38.09 -11.82 28.06
CA LEU A 408 37.59 -13.18 28.22
C LEU A 408 36.71 -13.54 27.02
N PRO A 409 36.90 -14.68 26.34
CA PRO A 409 36.30 -14.86 25.02
C PRO A 409 34.88 -15.40 25.13
N SER A 410 34.52 -15.90 26.32
CA SER A 410 33.20 -16.46 26.52
C SER A 410 32.16 -15.35 26.60
N VAL A 411 31.79 -14.79 25.46
CA VAL A 411 31.10 -13.54 25.55
C VAL A 411 29.77 -13.78 26.23
N PRO A 412 29.01 -14.81 25.87
CA PRO A 412 27.59 -14.81 26.20
C PRO A 412 27.43 -14.98 27.70
N SER A 413 28.50 -15.43 28.35
CA SER A 413 28.41 -15.40 29.79
C SER A 413 29.07 -14.18 30.42
N TRP A 414 28.97 -12.98 29.80
CA TRP A 414 29.67 -11.81 30.32
C TRP A 414 28.68 -11.02 31.13
N LYS A 415 29.16 -10.40 32.22
CA LYS A 415 28.28 -9.55 32.99
C LYS A 415 28.38 -8.10 32.51
N GLU A 416 27.60 -7.21 33.09
CA GLU A 416 27.71 -5.82 32.70
C GLU A 416 29.13 -5.30 32.88
N ALA A 417 29.87 -5.79 33.87
CA ALA A 417 31.25 -5.35 34.00
C ALA A 417 32.12 -5.60 32.76
N GLU A 418 32.04 -6.80 32.17
CA GLU A 418 32.88 -7.08 31.01
C GLU A 418 32.35 -6.33 29.82
N VAL A 419 31.09 -5.94 29.82
CA VAL A 419 30.75 -5.20 28.65
C VAL A 419 31.37 -3.83 28.77
N GLN A 420 31.51 -3.35 29.99
CA GLN A 420 32.08 -2.02 30.01
C GLN A 420 33.55 -2.14 29.68
N THR A 421 34.14 -3.28 29.97
CA THR A 421 35.56 -3.20 29.69
C THR A 421 35.82 -3.17 28.19
N TRP A 422 35.08 -3.95 27.44
CA TRP A 422 35.29 -4.02 26.01
C TRP A 422 34.83 -2.71 25.39
N LEU A 423 33.70 -2.16 25.82
CA LEU A 423 33.40 -0.82 25.32
C LEU A 423 34.59 0.13 25.46
N GLN A 424 35.48 -0.09 26.42
CA GLN A 424 36.57 0.86 26.54
C GLN A 424 37.77 0.48 25.67
N GLN A 425 37.80 -0.73 25.18
CA GLN A 425 39.06 -1.11 24.58
C GLN A 425 38.88 -1.05 23.07
N ILE A 426 37.69 -0.63 22.67
CA ILE A 426 37.43 -0.52 21.25
C ILE A 426 37.12 0.95 21.06
N GLY A 427 37.48 1.68 22.12
CA GLY A 427 37.16 3.08 22.33
C GLY A 427 35.76 3.49 21.86
N PHE A 428 34.78 3.01 22.58
CA PHE A 428 33.55 3.74 22.55
C PHE A 428 33.17 4.20 23.94
N SER A 429 34.11 4.80 24.65
CA SER A 429 33.81 5.19 26.02
C SER A 429 32.66 6.20 26.11
N LYS A 430 32.49 7.05 25.11
CA LYS A 430 31.35 7.96 25.14
C LYS A 430 30.11 7.19 25.56
N TYR A 431 30.10 5.89 25.30
CA TYR A 431 28.82 5.23 25.39
C TYR A 431 28.72 4.36 26.61
N CYS A 432 29.81 4.25 27.37
CA CYS A 432 29.80 3.33 28.47
C CYS A 432 28.63 3.67 29.39
N GLU A 433 28.42 4.96 29.62
CA GLU A 433 27.38 5.28 30.57
C GLU A 433 26.05 4.71 30.10
N SER A 434 25.63 5.02 28.87
CA SER A 434 24.35 4.48 28.43
C SER A 434 24.33 2.96 28.51
N PHE A 435 25.44 2.31 28.22
CA PHE A 435 25.39 0.87 28.34
C PHE A 435 25.18 0.46 29.78
N ARG A 436 25.75 1.17 30.78
CA ARG A 436 25.47 0.76 32.16
C ARG A 436 24.04 1.08 32.58
N GLU A 437 23.51 2.18 32.08
CA GLU A 437 22.22 2.57 32.57
C GLU A 437 21.23 1.56 32.00
N GLN A 438 21.48 1.02 30.82
CA GLN A 438 20.50 0.06 30.37
C GLN A 438 20.90 -1.37 30.69
N GLN A 439 21.88 -1.50 31.58
CA GLN A 439 22.49 -2.76 32.01
C GLN A 439 22.56 -3.82 30.92
N VAL A 440 23.11 -3.48 29.76
CA VAL A 440 23.47 -4.45 28.75
C VAL A 440 24.56 -5.35 29.31
N ASP A 441 24.34 -6.66 29.22
CA ASP A 441 25.37 -7.64 29.56
C ASP A 441 25.68 -8.45 28.32
N GLY A 442 26.42 -9.56 28.53
CA GLY A 442 26.83 -10.46 27.47
C GLY A 442 25.73 -10.85 26.47
N ASP A 443 24.61 -11.37 26.99
CA ASP A 443 23.64 -11.90 26.06
C ASP A 443 23.08 -10.75 25.25
N LEU A 444 22.87 -9.61 25.88
CA LEU A 444 22.16 -8.60 25.15
C LEU A 444 23.06 -8.00 24.09
N LEU A 445 24.34 -7.91 24.45
CA LEU A 445 25.31 -7.31 23.57
C LEU A 445 25.26 -8.07 22.28
N LEU A 446 25.45 -9.40 22.33
CA LEU A 446 25.46 -10.25 21.15
C LEU A 446 24.19 -10.15 20.36
N ARG A 447 23.17 -9.46 20.86
CA ARG A 447 21.91 -9.51 20.14
C ARG A 447 21.45 -8.12 19.75
N LEU A 448 22.34 -7.11 19.82
CA LEU A 448 21.88 -5.74 19.68
C LEU A 448 21.44 -5.53 18.26
N THR A 449 20.38 -4.74 18.09
CA THR A 449 19.95 -4.44 16.73
C THR A 449 20.35 -3.01 16.45
N GLU A 450 20.22 -2.57 15.18
CA GLU A 450 20.47 -1.18 14.87
C GLU A 450 19.53 -0.27 15.67
N GLU A 451 18.27 -0.66 15.73
CA GLU A 451 17.24 0.14 16.37
C GLU A 451 17.57 0.39 17.85
N GLU A 452 17.95 -0.68 18.56
CA GLU A 452 18.23 -0.54 19.98
C GLU A 452 19.42 0.37 20.16
N LEU A 453 20.35 0.26 19.21
CA LEU A 453 21.60 0.97 19.32
C LEU A 453 21.29 2.44 19.14
N GLN A 454 20.43 2.73 18.17
CA GLN A 454 20.07 4.09 17.86
C GLN A 454 19.28 4.70 19.01
N THR A 455 18.14 4.06 19.29
CA THR A 455 17.14 4.63 20.16
C THR A 455 17.55 4.54 21.62
N ASP A 456 17.89 3.33 22.06
CA ASP A 456 17.86 3.03 23.47
C ASP A 456 19.23 3.35 24.04
N LEU A 457 20.22 3.08 23.22
CA LEU A 457 21.57 3.26 23.67
C LEU A 457 22.08 4.62 23.24
N GLY A 458 21.36 5.25 22.30
CA GLY A 458 21.62 6.64 21.95
C GLY A 458 22.87 6.92 21.10
N MET A 459 23.15 6.04 20.14
CA MET A 459 24.15 6.24 19.11
C MET A 459 23.47 6.86 17.88
N LYS A 460 23.43 8.19 17.86
CA LYS A 460 22.74 8.95 16.81
C LYS A 460 23.23 8.52 15.42
N SER A 461 24.54 8.63 15.15
CA SER A 461 25.16 8.57 13.82
C SER A 461 25.12 7.19 13.15
N GLY A 462 24.48 7.11 11.99
CA GLY A 462 24.65 5.92 11.18
C GLY A 462 26.10 5.49 11.01
N ILE A 463 27.01 6.44 10.81
CA ILE A 463 28.36 6.02 10.55
C ILE A 463 28.89 5.44 11.84
N THR A 464 28.48 6.02 12.95
CA THR A 464 28.99 5.44 14.17
C THR A 464 28.40 4.08 14.45
N ARG A 465 27.09 3.96 14.33
CA ARG A 465 26.55 2.61 14.40
C ARG A 465 27.39 1.64 13.58
N LYS A 466 27.62 1.98 12.32
CA LYS A 466 28.43 1.15 11.47
C LYS A 466 29.81 0.91 12.09
N ARG A 467 30.46 1.86 12.75
CA ARG A 467 31.76 1.42 13.20
C ARG A 467 31.57 0.50 14.39
N PHE A 468 30.47 0.69 15.13
CA PHE A 468 30.22 -0.12 16.31
C PHE A 468 30.09 -1.57 15.84
N PHE A 469 29.13 -1.76 14.93
CA PHE A 469 28.85 -3.10 14.50
C PHE A 469 30.09 -3.78 13.97
N ARG A 470 30.93 -3.03 13.29
CA ARG A 470 32.13 -3.63 12.79
C ARG A 470 32.94 -4.16 13.96
N GLU A 471 32.91 -3.48 15.11
CA GLU A 471 33.77 -3.93 16.19
C GLU A 471 33.13 -5.13 16.85
N LEU A 472 31.80 -5.12 16.81
CA LEU A 472 31.05 -6.18 17.43
C LEU A 472 31.27 -7.49 16.68
N THR A 473 31.09 -7.44 15.38
CA THR A 473 31.36 -8.57 14.53
C THR A 473 32.75 -9.13 14.79
N GLU A 474 33.76 -8.29 14.99
CA GLU A 474 35.00 -8.93 15.34
C GLU A 474 34.86 -9.73 16.65
N LEU A 475 34.11 -9.21 17.63
CA LEU A 475 33.98 -9.92 18.89
C LEU A 475 33.31 -11.25 18.64
N LYS A 476 32.12 -11.19 18.03
CA LYS A 476 31.27 -12.34 17.81
C LYS A 476 32.08 -13.42 17.14
N THR A 477 33.07 -13.03 16.35
CA THR A 477 33.86 -14.03 15.68
C THR A 477 34.93 -14.62 16.59
N PHE A 478 35.34 -13.91 17.63
CA PHE A 478 36.38 -14.48 18.45
C PHE A 478 35.70 -15.29 19.55
N ALA A 479 34.42 -15.06 19.77
CA ALA A 479 33.72 -15.61 20.94
C ALA A 479 33.91 -17.11 21.15
N ASN A 480 33.92 -17.53 22.41
CA ASN A 480 33.83 -18.94 22.70
C ASN A 480 32.38 -19.29 23.01
N TYR A 481 31.73 -20.00 22.12
CA TYR A 481 30.32 -20.18 22.41
C TYR A 481 29.96 -21.52 23.08
N SER A 482 30.86 -22.08 23.88
CA SER A 482 30.73 -23.47 24.29
C SER A 482 29.52 -23.71 25.18
N THR A 483 29.31 -22.79 26.11
CA THR A 483 28.20 -22.87 27.01
C THR A 483 26.88 -22.85 26.24
N CYS A 484 26.84 -22.37 25.01
CA CYS A 484 25.49 -22.27 24.49
C CYS A 484 25.29 -23.11 23.23
N ASP A 485 26.30 -23.86 22.80
CA ASP A 485 26.21 -24.45 21.47
C ASP A 485 26.50 -25.95 21.52
N ARG A 486 25.44 -26.76 21.54
CA ARG A 486 25.68 -28.15 21.87
C ARG A 486 26.17 -28.93 20.65
N SER A 487 26.05 -28.34 19.45
CA SER A 487 26.20 -29.12 18.23
C SER A 487 27.37 -28.61 17.42
N ASN A 488 28.20 -27.79 18.06
CA ASN A 488 29.30 -27.07 17.44
C ASN A 488 28.87 -26.44 16.12
N LEU A 489 27.74 -25.76 16.14
CA LEU A 489 27.31 -25.05 14.97
C LEU A 489 28.35 -23.99 14.61
N ALA A 490 29.04 -23.51 15.63
CA ALA A 490 30.11 -22.55 15.37
C ALA A 490 31.08 -23.13 14.36
N ASP A 491 31.50 -24.37 14.54
CA ASP A 491 32.56 -24.82 13.64
C ASP A 491 31.99 -25.11 12.27
N TRP A 492 30.75 -25.54 12.24
CA TRP A 492 30.17 -25.76 10.93
C TRP A 492 30.11 -24.43 10.19
N LEU A 493 29.47 -23.44 10.80
CA LEU A 493 29.36 -22.20 10.06
C LEU A 493 30.76 -21.74 9.69
N GLY A 494 31.70 -21.99 10.58
CA GLY A 494 33.05 -21.54 10.35
C GLY A 494 33.71 -22.28 9.20
N SER A 495 33.20 -23.45 8.88
CA SER A 495 33.79 -24.09 7.73
C SER A 495 33.30 -23.49 6.43
N LEU A 496 32.00 -23.30 6.24
CA LEU A 496 31.59 -22.56 5.07
C LEU A 496 32.55 -21.43 4.75
N ASP A 497 32.87 -20.62 5.76
CA ASP A 497 33.56 -19.36 5.57
C ASP A 497 33.80 -18.75 6.93
N PRO A 498 35.05 -18.54 7.35
CA PRO A 498 35.37 -17.98 8.67
C PRO A 498 34.62 -16.72 9.07
N ARG A 499 34.08 -16.02 8.10
CA ARG A 499 33.35 -14.84 8.44
C ARG A 499 31.94 -15.19 8.90
N PHE A 500 31.60 -16.48 8.96
CA PHE A 500 30.21 -16.81 9.17
C PHE A 500 30.03 -17.15 10.62
N ARG A 501 31.16 -17.44 11.23
CA ARG A 501 31.16 -17.89 12.58
C ARG A 501 30.45 -16.88 13.44
N GLN A 502 30.35 -15.65 12.94
CA GLN A 502 29.77 -14.56 13.70
C GLN A 502 28.27 -14.81 13.85
N TYR A 503 27.69 -15.65 13.00
CA TYR A 503 26.27 -15.84 13.18
C TYR A 503 25.96 -16.93 14.20
N THR A 504 26.97 -17.45 14.87
CA THR A 504 26.64 -18.57 15.72
C THR A 504 25.53 -18.25 16.68
N TYR A 505 25.76 -17.24 17.52
CA TYR A 505 24.83 -17.04 18.62
C TYR A 505 23.41 -16.80 18.09
N GLY A 506 23.30 -15.99 17.05
CA GLY A 506 21.98 -15.81 16.49
C GLY A 506 21.27 -17.09 16.07
N LEU A 507 22.02 -18.11 15.67
CA LEU A 507 21.38 -19.33 15.26
C LEU A 507 21.13 -20.18 16.48
N VAL A 508 22.06 -20.20 17.45
CA VAL A 508 21.75 -21.10 18.55
C VAL A 508 20.67 -20.53 19.46
N SER A 509 20.25 -19.30 19.21
CA SER A 509 19.23 -18.72 20.04
C SER A 509 17.85 -19.07 19.51
N CYS A 510 17.66 -19.05 18.19
CA CYS A 510 16.47 -19.63 17.59
C CYS A 510 16.47 -21.15 17.76
N GLY A 511 17.46 -21.65 18.49
CA GLY A 511 17.39 -23.04 18.88
C GLY A 511 17.86 -24.03 17.81
N LEU A 512 17.92 -23.62 16.53
CA LEU A 512 18.54 -24.45 15.51
C LEU A 512 19.81 -25.09 16.05
N ASP A 513 20.00 -26.34 15.66
CA ASP A 513 21.24 -27.03 15.91
C ASP A 513 21.57 -27.68 14.58
N ARG A 514 22.64 -28.47 14.56
CA ARG A 514 23.09 -29.09 13.32
C ARG A 514 21.98 -29.94 12.72
N SER A 515 21.31 -30.76 13.53
CA SER A 515 20.28 -31.62 13.01
C SER A 515 19.09 -30.84 12.44
N LEU A 516 18.85 -29.61 12.87
CA LEU A 516 17.60 -29.00 12.43
C LEU A 516 17.88 -28.14 11.22
N LEU A 517 19.15 -28.04 10.88
CA LEU A 517 19.53 -26.90 10.07
C LEU A 517 18.98 -27.11 8.68
N HIS A 518 18.91 -28.40 8.28
CA HIS A 518 18.46 -28.80 6.96
C HIS A 518 17.05 -28.34 6.62
N ARG A 519 16.35 -27.70 7.56
CA ARG A 519 14.93 -27.45 7.39
C ARG A 519 14.60 -25.96 7.40
N VAL A 520 15.59 -25.09 7.63
CA VAL A 520 15.32 -23.69 7.89
C VAL A 520 15.00 -23.01 6.56
N SER A 521 14.29 -21.88 6.60
CA SER A 521 13.96 -21.17 5.38
C SER A 521 14.80 -19.91 5.30
N GLU A 522 14.88 -19.31 4.11
CA GLU A 522 15.52 -18.01 3.93
C GLU A 522 14.88 -17.01 4.88
N GLN A 523 13.57 -17.10 5.05
CA GLN A 523 12.91 -16.09 5.85
C GLN A 523 13.36 -16.19 7.30
N GLN A 524 13.27 -17.40 7.87
CA GLN A 524 13.78 -17.62 9.20
C GLN A 524 15.18 -17.02 9.37
N LEU A 525 16.13 -17.43 8.51
CA LEU A 525 17.49 -16.94 8.68
C LEU A 525 17.49 -15.43 8.78
N LEU A 526 16.59 -14.79 8.04
CA LEU A 526 16.64 -13.35 7.99
C LEU A 526 16.08 -12.78 9.29
N GLU A 527 14.85 -13.18 9.64
CA GLU A 527 14.14 -12.51 10.73
C GLU A 527 14.60 -13.08 12.06
N ASP A 528 14.37 -14.38 12.25
CA ASP A 528 14.75 -15.04 13.47
C ASP A 528 16.22 -14.78 13.78
N CYS A 529 17.13 -15.23 12.90
CA CYS A 529 18.51 -15.38 13.35
C CYS A 529 19.32 -14.13 13.03
N GLY A 530 18.65 -13.19 12.36
CA GLY A 530 19.21 -11.88 12.06
C GLY A 530 20.42 -11.92 11.14
N ILE A 531 20.48 -12.88 10.22
CA ILE A 531 21.49 -12.78 9.18
C ILE A 531 20.97 -11.81 8.12
N HIS A 532 21.73 -10.74 7.86
CA HIS A 532 21.16 -9.60 7.15
C HIS A 532 21.50 -9.61 5.68
N LEU A 533 22.75 -9.98 5.37
CA LEU A 533 23.25 -10.08 4.02
C LEU A 533 22.64 -11.27 3.29
N GLY A 534 21.73 -11.00 2.34
CA GLY A 534 21.20 -12.02 1.47
C GLY A 534 22.25 -13.02 0.98
N VAL A 535 23.44 -12.52 0.67
CA VAL A 535 24.40 -13.36 -0.02
C VAL A 535 24.77 -14.42 0.98
N HIS A 536 24.91 -13.97 2.22
CA HIS A 536 25.38 -14.83 3.28
C HIS A 536 24.30 -15.84 3.58
N ARG A 537 23.02 -15.38 3.63
CA ARG A 537 21.91 -16.29 3.91
C ARG A 537 22.01 -17.45 2.95
N ALA A 538 21.82 -17.08 1.69
CA ALA A 538 21.94 -17.98 0.59
C ALA A 538 23.12 -18.95 0.75
N ARG A 539 24.32 -18.52 1.11
CA ARG A 539 25.32 -19.58 1.18
C ARG A 539 25.04 -20.53 2.34
N ILE A 540 24.52 -20.03 3.47
CA ILE A 540 24.38 -20.86 4.66
C ILE A 540 23.32 -21.89 4.31
N LEU A 541 22.26 -21.35 3.71
CA LEU A 541 21.05 -22.10 3.46
C LEU A 541 21.34 -23.28 2.55
N THR A 542 21.96 -22.99 1.42
CA THR A 542 22.55 -23.99 0.56
C THR A 542 23.40 -25.03 1.29
N ALA A 543 24.30 -24.61 2.15
CA ALA A 543 25.12 -25.66 2.67
C ALA A 543 24.31 -26.46 3.67
N ALA A 544 23.26 -25.84 4.19
CA ALA A 544 22.37 -26.56 5.06
C ALA A 544 21.75 -27.72 4.30
N ARG A 545 21.28 -27.44 3.09
CA ARG A 545 20.51 -28.42 2.35
C ARG A 545 21.42 -29.55 1.86
N GLU A 546 22.73 -29.33 1.82
CA GLU A 546 23.67 -30.40 1.54
C GLU A 546 23.91 -31.23 2.79
N MET A 547 23.48 -30.70 3.95
CA MET A 547 23.55 -31.40 5.22
C MET A 547 22.28 -32.23 5.43
N LEU A 548 21.36 -32.17 4.47
CA LEU A 548 20.15 -32.98 4.53
C LEU A 548 20.55 -34.45 4.49
N HIS A 549 21.44 -34.79 3.54
CA HIS A 549 21.97 -36.13 3.36
C HIS A 549 23.25 -36.31 4.17
N SER A 550 23.78 -35.21 4.73
CA SER A 550 24.96 -35.24 5.58
C SER A 550 24.68 -34.65 6.96
N PRO A 551 23.79 -35.23 7.81
CA PRO A 551 23.43 -34.63 9.09
C PRO A 551 24.55 -34.78 10.14
N ASP A 562 17.89 -53.17 35.34
CA ASP A 562 18.25 -54.19 36.38
C ASP A 562 19.38 -55.08 35.88
N THR A 563 19.78 -54.90 34.61
CA THR A 563 20.75 -55.76 33.95
C THR A 563 21.98 -54.96 33.49
N PRO A 564 22.96 -54.67 34.38
CA PRO A 564 24.31 -54.32 33.96
C PRO A 564 25.08 -55.59 33.59
N ASP A 565 26.12 -55.42 32.76
CA ASP A 565 26.99 -56.52 32.38
C ASP A 565 27.65 -57.11 33.62
N VAL A 566 28.17 -56.22 34.49
CA VAL A 566 28.94 -56.59 35.67
C VAL A 566 28.34 -55.88 36.89
N PHE A 567 28.55 -56.47 38.07
CA PHE A 567 28.36 -55.81 39.35
C PHE A 567 29.59 -56.02 40.23
N ILE A 568 30.05 -54.93 40.85
CA ILE A 568 31.14 -54.95 41.80
C ILE A 568 30.59 -54.75 43.22
N SER A 569 30.74 -55.78 44.05
CA SER A 569 30.37 -55.77 45.46
C SER A 569 31.64 -55.76 46.32
N TYR A 570 31.63 -54.94 47.38
CA TYR A 570 32.82 -54.62 48.14
C TYR A 570 32.45 -53.80 49.38
N ARG A 571 33.40 -53.73 50.32
CA ARG A 571 33.30 -52.92 51.53
C ARG A 571 33.66 -51.47 51.21
N ARG A 572 32.72 -50.55 51.46
CA ARG A 572 32.92 -49.14 51.14
C ARG A 572 34.10 -48.57 51.93
N ASN A 573 34.42 -49.20 53.07
CA ASN A 573 35.47 -48.73 53.95
C ASN A 573 36.85 -49.17 53.46
N SER A 574 36.92 -50.32 52.76
CA SER A 574 38.20 -50.92 52.43
C SER A 574 38.44 -51.05 50.93
N GLY A 575 37.43 -51.57 50.20
CA GLY A 575 37.56 -51.91 48.79
C GLY A 575 36.99 -50.85 47.86
N SER A 576 36.63 -49.68 48.42
CA SER A 576 36.05 -48.56 47.69
C SER A 576 36.94 -48.15 46.52
N GLN A 577 38.26 -48.17 46.76
CA GLN A 577 39.28 -47.79 45.79
C GLN A 577 39.20 -48.72 44.58
N LEU A 578 39.46 -50.02 44.83
CA LEU A 578 39.54 -51.04 43.78
C LEU A 578 38.25 -51.04 42.96
N ALA A 579 37.09 -50.91 43.65
CA ALA A 579 35.76 -50.92 43.08
C ALA A 579 35.68 -49.97 41.88
N SER A 580 35.88 -48.67 42.15
CA SER A 580 35.85 -47.61 41.15
C SER A 580 36.80 -47.93 40.01
N LEU A 581 38.07 -48.17 40.36
CA LEU A 581 39.17 -48.46 39.46
C LEU A 581 38.77 -49.50 38.41
N LEU A 582 38.21 -50.63 38.88
CA LEU A 582 37.73 -51.71 38.04
C LEU A 582 36.64 -51.22 37.10
N LYS A 583 35.59 -50.59 37.66
CA LYS A 583 34.46 -50.06 36.91
C LYS A 583 34.96 -49.26 35.71
N VAL A 584 35.81 -48.26 35.98
CA VAL A 584 36.43 -47.40 34.96
C VAL A 584 37.01 -48.28 33.86
N HIS A 585 38.00 -49.11 34.26
CA HIS A 585 38.74 -49.98 33.37
C HIS A 585 37.81 -50.83 32.51
N LEU A 586 36.79 -51.41 33.15
CA LEU A 586 35.87 -52.29 32.47
C LEU A 586 34.95 -51.50 31.54
N GLN A 587 34.61 -50.26 31.92
CA GLN A 587 33.74 -49.41 31.13
C GLN A 587 34.44 -48.98 29.84
N LEU A 588 35.74 -48.66 29.97
CA LEU A 588 36.61 -48.43 28.82
C LEU A 588 36.55 -49.62 27.87
N HIS A 589 36.51 -50.83 28.45
CA HIS A 589 36.61 -52.08 27.71
C HIS A 589 35.24 -52.63 27.30
N GLY A 590 34.20 -51.80 27.45
CA GLY A 590 32.90 -52.06 26.85
C GLY A 590 31.97 -52.90 27.73
N PHE A 591 32.24 -52.95 29.04
CA PHE A 591 31.31 -53.50 30.02
C PHE A 591 30.61 -52.35 30.75
N SER A 592 29.28 -52.39 30.75
CA SER A 592 28.46 -51.58 31.64
C SER A 592 28.50 -52.20 33.03
N VAL A 593 28.97 -51.41 34.00
CA VAL A 593 29.20 -51.94 35.34
C VAL A 593 28.23 -51.26 36.32
N PHE A 594 28.05 -51.91 37.47
CA PHE A 594 27.30 -51.39 38.60
C PHE A 594 28.15 -51.53 39.86
N ILE A 595 27.95 -50.59 40.80
CA ILE A 595 28.77 -50.48 41.99
C ILE A 595 27.87 -50.59 43.21
N ASP A 596 28.46 -51.13 44.29
CA ASP A 596 27.81 -51.36 45.57
C ASP A 596 27.72 -50.05 46.34
N VAL A 597 26.84 -49.14 45.89
CA VAL A 597 26.59 -47.89 46.59
C VAL A 597 25.86 -48.24 47.89
N GLU A 598 26.66 -48.49 48.94
CA GLU A 598 26.17 -48.89 50.25
C GLU A 598 25.86 -47.63 51.07
N LYS A 599 24.59 -47.22 51.03
CA LYS A 599 24.10 -46.04 51.75
C LYS A 599 22.61 -46.18 52.03
N LEU A 600 21.97 -47.16 51.38
CA LEU A 600 20.51 -47.25 51.27
C LEU A 600 19.99 -48.54 51.90
N GLU A 601 18.92 -48.39 52.70
CA GLU A 601 18.33 -49.48 53.48
C GLU A 601 16.83 -49.59 53.19
N ALA A 602 16.26 -48.52 52.63
CA ALA A 602 14.82 -48.39 52.42
C ALA A 602 14.39 -49.05 51.11
N GLY A 603 13.08 -49.28 50.97
CA GLY A 603 12.48 -49.90 49.81
C GLY A 603 12.56 -51.43 49.87
N LYS A 604 11.87 -51.99 50.87
CA LYS A 604 11.81 -53.42 51.16
C LYS A 604 13.22 -53.99 51.27
N PHE A 605 13.92 -53.61 52.34
CA PHE A 605 15.31 -53.97 52.62
C PHE A 605 16.15 -53.94 51.34
N GLU A 606 16.11 -52.80 50.63
CA GLU A 606 16.82 -52.56 49.38
C GLU A 606 16.69 -53.75 48.42
N ASP A 607 15.47 -53.98 47.91
CA ASP A 607 15.27 -55.03 46.91
C ASP A 607 15.79 -54.58 45.55
N LYS A 608 15.82 -53.25 45.33
CA LYS A 608 16.31 -52.65 44.10
C LYS A 608 17.81 -52.91 43.95
N LEU A 609 18.53 -52.92 45.08
CA LEU A 609 19.95 -53.25 45.15
C LEU A 609 20.20 -54.59 44.46
N ILE A 610 19.39 -55.59 44.80
CA ILE A 610 19.63 -56.93 44.29
C ILE A 610 19.03 -57.14 42.91
N GLN A 611 17.98 -56.38 42.55
CA GLN A 611 17.49 -56.45 41.17
C GLN A 611 18.68 -56.28 40.22
N SER A 612 19.58 -55.36 40.58
CA SER A 612 20.80 -55.11 39.81
C SER A 612 21.73 -56.33 39.82
N VAL A 613 21.96 -56.92 41.01
CA VAL A 613 22.90 -58.03 41.16
C VAL A 613 22.36 -59.28 40.47
N MET A 614 21.11 -59.64 40.79
CA MET A 614 20.39 -60.78 40.21
C MET A 614 20.39 -60.69 38.68
N GLY A 615 20.39 -59.45 38.16
CA GLY A 615 20.42 -59.19 36.73
C GLY A 615 21.84 -59.09 36.17
N ALA A 616 22.80 -58.70 37.03
CA ALA A 616 24.20 -58.55 36.63
C ALA A 616 24.78 -59.91 36.27
N ARG A 617 24.99 -60.13 34.96
CA ARG A 617 25.49 -61.40 34.45
C ARG A 617 26.78 -61.79 35.18
N ASN A 618 27.74 -60.84 35.18
CA ASN A 618 29.02 -61.01 35.83
C ASN A 618 28.99 -60.33 37.19
N PHE A 619 29.64 -60.98 38.16
CA PHE A 619 29.75 -60.48 39.52
C PHE A 619 31.22 -60.43 39.92
N VAL A 620 31.77 -59.22 39.99
CA VAL A 620 33.09 -59.01 40.58
C VAL A 620 32.90 -58.80 42.08
N LEU A 621 33.65 -59.59 42.86
CA LEU A 621 33.75 -59.40 44.30
C LEU A 621 35.16 -58.89 44.61
N VAL A 622 35.21 -57.70 45.20
CA VAL A 622 36.48 -57.12 45.64
C VAL A 622 36.81 -57.69 47.02
N LEU A 623 37.81 -58.56 47.04
CA LEU A 623 38.27 -59.18 48.26
C LEU A 623 39.55 -58.49 48.72
N SER A 624 39.33 -57.44 49.51
CA SER A 624 40.33 -56.75 50.32
C SER A 624 40.60 -57.58 51.58
N PRO A 625 41.66 -57.29 52.37
CA PRO A 625 41.89 -58.00 53.64
C PRO A 625 40.68 -57.87 54.56
N GLY A 626 39.92 -58.97 54.67
CA GLY A 626 38.71 -59.03 55.47
C GLY A 626 37.60 -58.16 54.89
N ALA A 627 37.09 -58.56 53.72
CA ALA A 627 35.98 -57.88 53.06
C ALA A 627 34.64 -58.55 53.39
N LEU A 628 34.69 -59.62 54.20
CA LEU A 628 33.53 -60.48 54.45
C LEU A 628 33.10 -60.42 55.91
N ASP A 629 33.39 -59.31 56.60
CA ASP A 629 33.17 -59.17 58.03
C ASP A 629 31.69 -59.25 58.37
N LYS A 630 30.88 -58.35 57.79
CA LYS A 630 29.46 -58.26 58.06
C LYS A 630 28.72 -59.44 57.43
N CYS A 631 29.31 -60.00 56.35
CA CYS A 631 28.80 -61.19 55.68
C CYS A 631 28.94 -62.40 56.61
N MET A 632 30.06 -62.45 57.35
CA MET A 632 30.34 -63.50 58.31
C MET A 632 29.18 -63.63 59.29
N GLN A 633 28.52 -64.80 59.23
CA GLN A 633 27.41 -65.21 60.07
C GLN A 633 26.26 -64.19 60.00
N ASP A 634 25.96 -63.71 58.78
CA ASP A 634 24.84 -62.80 58.56
C ASP A 634 23.60 -63.61 58.20
N HIS A 635 22.90 -64.06 59.25
CA HIS A 635 21.79 -65.00 59.13
C HIS A 635 20.50 -64.27 58.78
N ASP A 636 20.45 -62.97 59.09
CA ASP A 636 19.31 -62.13 58.74
C ASP A 636 19.39 -61.70 57.28
N CYS A 637 20.53 -62.01 56.63
CA CYS A 637 20.83 -61.63 55.25
C CYS A 637 20.51 -60.15 55.05
N LYS A 638 21.17 -59.31 55.86
CA LYS A 638 20.88 -57.89 55.92
C LYS A 638 22.04 -57.04 55.41
N ASP A 639 23.28 -57.53 55.61
CA ASP A 639 24.47 -56.89 55.04
C ASP A 639 24.41 -57.02 53.52
N TRP A 640 24.51 -55.87 52.83
CA TRP A 640 24.38 -55.72 51.38
C TRP A 640 25.35 -56.62 50.61
N VAL A 641 26.58 -56.77 51.13
CA VAL A 641 27.61 -57.59 50.51
C VAL A 641 27.16 -59.04 50.59
N HIS A 642 26.83 -59.50 51.82
CA HIS A 642 26.34 -60.85 52.07
C HIS A 642 25.20 -61.20 51.10
N LYS A 643 24.10 -60.46 51.24
CA LYS A 643 22.94 -60.42 50.36
C LYS A 643 23.32 -60.66 48.90
N GLN A 644 24.16 -59.78 48.34
CA GLN A 644 24.55 -59.79 46.93
C GLN A 644 25.19 -61.12 46.56
N ILE A 645 26.19 -61.54 47.35
CA ILE A 645 26.89 -62.81 47.17
C ILE A 645 25.85 -63.91 46.95
N VAL A 646 24.91 -64.01 47.89
CA VAL A 646 23.85 -65.01 47.94
C VAL A 646 23.04 -64.97 46.65
N THR A 647 22.56 -63.77 46.27
CA THR A 647 21.62 -63.58 45.16
C THR A 647 22.30 -63.87 43.83
N ALA A 648 23.59 -63.50 43.71
CA ALA A 648 24.42 -63.84 42.57
C ALA A 648 24.55 -65.37 42.45
N LEU A 649 25.01 -66.01 43.54
CA LEU A 649 25.09 -67.46 43.67
C LEU A 649 23.75 -68.11 43.31
N SER A 650 22.65 -67.54 43.82
CA SER A 650 21.29 -67.98 43.55
C SER A 650 21.02 -68.01 42.05
N CYS A 651 21.33 -66.91 41.37
CA CYS A 651 21.05 -66.73 39.95
C CYS A 651 22.10 -67.45 39.10
N GLY A 652 23.09 -68.05 39.75
CA GLY A 652 24.21 -68.73 39.10
C GLY A 652 25.02 -67.76 38.24
N LYS A 653 25.49 -66.69 38.87
CA LYS A 653 26.17 -65.61 38.15
C LYS A 653 27.68 -65.84 38.16
N ASN A 654 28.33 -65.32 37.11
CA ASN A 654 29.76 -65.44 36.89
C ASN A 654 30.51 -64.62 37.93
N ILE A 655 31.01 -65.32 38.95
CA ILE A 655 31.67 -64.67 40.09
C ILE A 655 33.19 -64.72 39.89
N VAL A 656 33.79 -63.53 39.86
CA VAL A 656 35.23 -63.35 39.75
C VAL A 656 35.71 -62.55 40.96
N PRO A 657 36.23 -63.25 42.00
CA PRO A 657 36.90 -62.58 43.13
C PRO A 657 38.21 -61.91 42.69
N ILE A 658 38.41 -60.67 43.16
CA ILE A 658 39.64 -59.94 42.87
C ILE A 658 40.42 -59.78 44.18
N ILE A 659 41.63 -60.36 44.17
CA ILE A 659 42.40 -60.63 45.38
C ILE A 659 43.46 -59.55 45.53
N ASP A 660 43.31 -58.76 46.61
CA ASP A 660 44.19 -57.66 46.95
C ASP A 660 44.35 -57.63 48.47
N GLY A 661 45.05 -58.64 48.99
CA GLY A 661 45.37 -58.75 50.41
C GLY A 661 44.42 -59.67 51.17
N PHE A 662 43.49 -60.32 50.45
CA PHE A 662 42.51 -61.20 51.06
C PHE A 662 43.16 -62.49 51.54
N GLU A 663 42.96 -62.78 52.84
CA GLU A 663 43.23 -64.08 53.42
C GLU A 663 41.92 -64.87 53.45
N TRP A 664 41.96 -66.07 52.86
CA TRP A 664 40.80 -66.92 52.67
C TRP A 664 40.38 -67.55 54.00
N PRO A 665 39.12 -67.31 54.46
CA PRO A 665 38.63 -67.84 55.74
C PRO A 665 38.12 -69.28 55.64
N GLU A 666 37.67 -69.81 56.78
CA GLU A 666 36.88 -71.03 56.81
C GLU A 666 35.50 -70.75 56.23
N PRO A 667 35.00 -71.59 55.29
CA PRO A 667 33.63 -71.44 54.76
C PRO A 667 32.57 -71.46 55.84
N GLN A 668 32.83 -72.24 56.91
CA GLN A 668 31.92 -72.41 58.05
C GLN A 668 31.66 -71.09 58.77
N VAL A 669 32.60 -70.14 58.67
CA VAL A 669 32.45 -68.82 59.29
C VAL A 669 31.47 -67.96 58.47
N LEU A 670 31.26 -68.33 57.21
CA LEU A 670 30.24 -67.72 56.36
C LEU A 670 28.93 -68.50 56.49
N PRO A 671 27.76 -67.85 56.30
CA PRO A 671 26.50 -68.57 56.11
C PRO A 671 26.59 -69.42 54.84
N GLU A 672 25.93 -70.59 54.88
CA GLU A 672 26.02 -71.64 53.88
C GLU A 672 25.64 -71.10 52.49
N ASP A 673 24.68 -70.17 52.48
CA ASP A 673 24.14 -69.55 51.28
C ASP A 673 25.21 -68.80 50.49
N MET A 674 26.38 -68.57 51.11
CA MET A 674 27.40 -67.72 50.52
C MET A 674 28.81 -68.33 50.65
N GLN A 675 28.91 -69.49 51.31
CA GLN A 675 30.17 -70.17 51.58
C GLN A 675 30.91 -70.51 50.28
N ALA A 676 30.15 -70.87 49.24
CA ALA A 676 30.66 -71.38 47.98
C ALA A 676 31.34 -70.29 47.15
N VAL A 677 31.20 -69.03 47.57
CA VAL A 677 31.84 -67.91 46.88
C VAL A 677 33.36 -68.00 47.01
N LEU A 678 33.84 -68.72 48.04
CA LEU A 678 35.25 -68.97 48.27
C LEU A 678 35.79 -70.00 47.27
N THR A 679 34.87 -70.67 46.55
CA THR A 679 35.22 -71.77 45.66
C THR A 679 35.27 -71.28 44.21
N PHE A 680 35.29 -69.95 44.03
CA PHE A 680 35.52 -69.32 42.74
C PHE A 680 36.98 -68.86 42.65
N ASN A 681 37.61 -69.19 41.51
CA ASN A 681 39.02 -68.89 41.24
C ASN A 681 39.15 -67.39 40.99
N GLY A 682 39.98 -66.74 41.82
CA GLY A 682 40.13 -65.29 41.83
C GLY A 682 41.39 -64.81 41.11
N ILE A 683 41.45 -63.49 40.86
CA ILE A 683 42.56 -62.89 40.15
C ILE A 683 43.31 -61.93 41.09
N LYS A 684 44.63 -62.12 41.14
CA LYS A 684 45.56 -61.28 41.88
C LYS A 684 45.57 -59.88 41.29
N TRP A 685 45.22 -58.89 42.15
CA TRP A 685 45.29 -57.49 41.77
C TRP A 685 46.71 -56.97 41.91
N SER A 686 47.14 -56.22 40.89
CA SER A 686 48.38 -55.46 40.90
C SER A 686 48.12 -54.07 40.32
N HIS A 687 48.44 -53.04 41.10
CA HIS A 687 48.38 -51.65 40.68
C HIS A 687 49.48 -51.35 39.67
N GLU A 688 50.60 -52.08 39.82
CA GLU A 688 51.81 -51.90 39.04
C GLU A 688 51.58 -52.27 37.57
N TYR A 689 51.07 -53.49 37.34
CA TYR A 689 50.66 -53.91 36.01
C TYR A 689 49.14 -53.98 35.94
N GLN A 690 48.52 -52.81 36.13
CA GLN A 690 47.07 -52.64 36.23
C GLN A 690 46.37 -53.20 35.00
N GLU A 691 46.84 -52.80 33.81
CA GLU A 691 46.22 -53.08 32.53
C GLU A 691 46.23 -54.58 32.26
N ALA A 692 47.36 -55.25 32.56
CA ALA A 692 47.54 -56.68 32.37
C ALA A 692 46.53 -57.45 33.20
N THR A 693 46.36 -57.03 34.46
CA THR A 693 45.42 -57.60 35.41
C THR A 693 44.00 -57.46 34.87
N ILE A 694 43.71 -56.30 34.28
CA ILE A 694 42.41 -55.92 33.74
C ILE A 694 42.00 -56.87 32.61
N GLU A 695 42.94 -57.17 31.72
CA GLU A 695 42.73 -58.02 30.56
C GLU A 695 42.33 -59.43 30.99
N LYS A 696 43.01 -59.94 32.04
CA LYS A 696 42.74 -61.24 32.62
C LYS A 696 41.34 -61.26 33.24
N ILE A 697 40.96 -60.17 33.92
CA ILE A 697 39.67 -60.07 34.59
C ILE A 697 38.55 -60.11 33.54
N ILE A 698 38.75 -59.36 32.44
CA ILE A 698 37.86 -59.30 31.30
C ILE A 698 37.68 -60.70 30.70
N ARG A 699 38.79 -61.45 30.63
CA ARG A 699 38.81 -62.83 30.12
C ARG A 699 37.89 -63.72 30.94
N PHE A 700 37.82 -63.44 32.25
CA PHE A 700 37.07 -64.24 33.20
C PHE A 700 35.59 -63.85 33.17
N LEU A 701 35.30 -62.65 32.68
CA LEU A 701 33.94 -62.15 32.52
C LEU A 701 33.29 -62.79 31.30
N GLN A 702 31.96 -62.99 31.40
CA GLN A 702 31.18 -63.74 30.43
C GLN A 702 29.98 -62.90 29.97
N GLY B 58 51.88 55.38 -26.01
CA GLY B 58 53.28 54.90 -26.25
C GLY B 58 53.34 53.89 -27.40
N ALA B 59 52.48 52.87 -27.32
CA ALA B 59 52.37 51.85 -28.35
C ALA B 59 51.62 52.41 -29.55
N GLY B 60 50.41 52.95 -29.28
CA GLY B 60 49.56 53.55 -30.30
C GLY B 60 50.29 54.59 -31.14
N THR B 61 51.07 55.45 -30.48
CA THR B 61 51.85 56.50 -31.12
C THR B 61 52.71 55.94 -32.24
N GLU B 62 53.25 54.73 -32.01
CA GLU B 62 54.13 54.04 -32.93
C GLU B 62 53.31 53.36 -34.02
N VAL B 63 52.17 52.77 -33.63
CA VAL B 63 51.24 52.12 -34.55
C VAL B 63 50.73 53.17 -35.55
N GLN B 64 50.30 54.32 -35.02
CA GLN B 64 49.89 55.47 -35.81
C GLN B 64 51.02 55.87 -36.76
N ASP B 65 52.22 56.08 -36.19
CA ASP B 65 53.44 56.43 -36.89
C ASP B 65 53.67 55.46 -38.05
N ALA B 66 53.54 54.16 -37.76
CA ALA B 66 53.66 53.09 -38.75
C ALA B 66 52.67 53.32 -39.89
N LEU B 67 51.37 53.39 -39.55
CA LEU B 67 50.28 53.51 -40.51
C LEU B 67 50.47 54.73 -41.42
N GLU B 68 51.09 55.78 -40.87
CA GLU B 68 51.40 57.01 -41.58
C GLU B 68 52.40 56.76 -42.71
N ARG B 69 53.27 55.77 -42.52
CA ARG B 69 54.17 55.38 -43.59
C ARG B 69 53.55 54.23 -44.37
N ALA B 70 53.02 53.23 -43.64
CA ALA B 70 52.61 51.92 -44.15
C ALA B 70 51.41 51.99 -45.08
N LEU B 71 50.39 52.80 -44.73
CA LEU B 71 49.19 52.91 -45.55
C LEU B 71 49.51 53.50 -46.92
N PRO B 72 50.21 54.67 -47.04
CA PRO B 72 50.69 55.16 -48.33
C PRO B 72 51.66 54.21 -49.05
N GLU B 73 52.35 53.37 -48.28
CA GLU B 73 53.24 52.33 -48.81
C GLU B 73 52.41 51.19 -49.38
N LEU B 74 51.27 50.90 -48.74
CA LEU B 74 50.28 49.96 -49.22
C LEU B 74 49.64 50.52 -50.50
N GLN B 75 49.55 51.86 -50.58
CA GLN B 75 49.03 52.56 -51.75
C GLN B 75 50.09 52.57 -52.85
N GLN B 76 51.37 52.71 -52.46
CA GLN B 76 52.51 52.57 -53.35
C GLN B 76 52.49 51.17 -53.97
N ALA B 77 52.10 50.19 -53.14
CA ALA B 77 51.87 48.82 -53.57
C ALA B 77 50.59 48.73 -54.40
N LEU B 78 49.54 49.49 -54.02
CA LEU B 78 48.25 49.36 -54.71
C LEU B 78 48.38 49.82 -56.16
N SER B 79 49.26 50.80 -56.39
CA SER B 79 49.63 51.24 -57.74
C SER B 79 50.20 50.06 -58.53
N ALA B 80 51.17 49.34 -57.92
CA ALA B 80 51.82 48.20 -58.52
C ALA B 80 50.87 47.01 -58.61
N LEU B 81 49.98 46.88 -57.61
CA LEU B 81 48.99 45.81 -57.50
C LEU B 81 48.13 45.73 -58.77
N LYS B 82 48.08 46.85 -59.51
CA LYS B 82 47.26 46.99 -60.70
C LYS B 82 47.80 46.14 -61.85
N GLN B 83 49.13 45.97 -61.91
CA GLN B 83 49.77 45.25 -63.00
C GLN B 83 50.13 43.83 -62.55
N ALA B 84 50.88 43.13 -63.41
CA ALA B 84 51.30 41.75 -63.20
C ALA B 84 52.77 41.67 -62.82
N GLY B 85 53.25 40.45 -62.52
CA GLY B 85 54.61 40.22 -62.07
C GLY B 85 55.51 39.66 -63.18
N GLY B 86 54.98 39.57 -64.40
CA GLY B 86 55.73 39.22 -65.59
C GLY B 86 56.97 40.11 -65.76
N ALA B 87 56.74 41.43 -65.68
CA ALA B 87 57.80 42.43 -65.77
C ALA B 87 58.15 42.97 -64.39
N ARG B 88 57.83 42.20 -63.35
CA ARG B 88 58.05 42.52 -61.94
C ARG B 88 57.44 43.88 -61.58
N ALA B 89 56.36 44.26 -62.29
CA ALA B 89 55.62 45.47 -61.97
C ALA B 89 54.96 45.30 -60.60
N VAL B 90 54.21 44.21 -60.42
CA VAL B 90 53.71 43.82 -59.11
C VAL B 90 54.80 43.11 -58.32
N GLY B 91 55.69 42.40 -59.04
CA GLY B 91 56.80 41.66 -58.47
C GLY B 91 57.58 42.46 -57.43
N ALA B 92 58.06 43.63 -57.85
CA ALA B 92 58.74 44.58 -56.96
C ALA B 92 57.79 45.03 -55.87
N GLY B 93 56.59 45.49 -56.28
CA GLY B 93 55.54 45.95 -55.37
C GLY B 93 55.24 44.95 -54.26
N LEU B 94 55.17 43.66 -54.63
CA LEU B 94 54.94 42.55 -53.70
C LEU B 94 56.13 42.43 -52.76
N ALA B 95 57.33 42.30 -53.34
CA ALA B 95 58.59 42.24 -52.61
C ALA B 95 58.69 43.40 -51.61
N GLU B 96 58.17 44.57 -52.01
CA GLU B 96 58.13 45.76 -51.18
C GLU B 96 57.17 45.55 -50.01
N VAL B 97 55.86 45.41 -50.31
CA VAL B 97 54.82 45.42 -49.30
C VAL B 97 54.91 44.18 -48.39
N PHE B 98 55.31 43.02 -48.96
CA PHE B 98 55.56 41.82 -48.18
C PHE B 98 56.62 42.11 -47.11
N GLN B 99 57.72 42.75 -47.53
CA GLN B 99 58.82 43.08 -46.63
C GLN B 99 58.46 44.30 -45.77
N LEU B 100 57.51 45.12 -46.24
CA LEU B 100 57.06 46.28 -45.50
C LEU B 100 56.22 45.84 -44.30
N VAL B 101 55.37 44.82 -44.51
CA VAL B 101 54.59 44.24 -43.42
C VAL B 101 55.45 43.24 -42.64
N GLU B 102 56.63 42.89 -43.19
CA GLU B 102 57.60 42.07 -42.48
C GLU B 102 58.45 42.96 -41.57
N GLU B 103 58.71 44.19 -42.03
CA GLU B 103 59.33 45.23 -41.23
C GLU B 103 58.34 45.66 -40.15
N ALA B 104 57.04 45.61 -40.48
CA ALA B 104 55.96 45.90 -39.55
C ALA B 104 55.57 44.66 -38.75
N TRP B 105 56.09 43.49 -39.15
CA TRP B 105 55.89 42.25 -38.39
C TRP B 105 56.80 42.24 -37.17
N LEU B 106 57.83 43.10 -37.19
CA LEU B 106 58.72 43.33 -36.06
C LEU B 106 58.01 44.14 -34.98
N LEU B 107 56.90 44.79 -35.36
CA LEU B 107 56.17 45.70 -34.49
C LEU B 107 55.38 44.96 -33.41
N PRO B 108 54.62 43.87 -33.70
CA PRO B 108 54.08 43.00 -32.65
C PRO B 108 55.06 42.66 -31.53
N ALA B 109 56.34 42.47 -31.89
CA ALA B 109 57.42 42.25 -30.95
C ALA B 109 57.79 43.56 -30.26
N VAL B 110 57.99 44.62 -31.05
CA VAL B 110 58.31 45.96 -30.56
C VAL B 110 57.26 46.38 -29.53
N GLY B 111 55.98 46.25 -29.90
CA GLY B 111 54.86 46.51 -29.01
C GLY B 111 54.25 45.22 -28.49
N ARG B 112 52.94 45.05 -28.74
CA ARG B 112 52.21 43.82 -28.47
C ARG B 112 51.08 43.68 -29.49
N GLU B 113 51.37 42.94 -30.56
CA GLU B 113 50.45 42.53 -31.62
C GLU B 113 49.96 43.74 -32.42
N VAL B 114 50.92 44.50 -32.98
CA VAL B 114 50.65 45.62 -33.88
C VAL B 114 50.09 45.06 -35.19
N ALA B 115 50.23 43.74 -35.38
CA ALA B 115 49.72 42.96 -36.50
C ALA B 115 48.38 43.48 -37.00
N GLN B 116 47.46 43.74 -36.06
CA GLN B 116 46.09 44.15 -36.37
C GLN B 116 46.10 45.40 -37.25
N GLY B 117 46.76 46.46 -36.79
CA GLY B 117 46.85 47.74 -37.48
C GLY B 117 47.16 47.59 -38.97
N LEU B 118 48.34 47.03 -39.27
CA LEU B 118 48.83 46.84 -40.63
C LEU B 118 47.87 45.99 -41.45
N CYS B 119 47.29 44.95 -40.82
CA CYS B 119 46.42 43.98 -41.45
C CYS B 119 45.11 44.64 -41.89
N ASP B 120 44.48 45.36 -40.95
CA ASP B 120 43.21 46.05 -41.16
C ASP B 120 43.30 46.96 -42.37
N ALA B 121 44.44 47.63 -42.54
CA ALA B 121 44.74 48.46 -43.71
C ALA B 121 44.55 47.64 -44.99
N ILE B 122 45.18 46.46 -45.06
CA ILE B 122 45.14 45.69 -46.29
C ILE B 122 43.74 45.12 -46.53
N ARG B 123 42.98 44.90 -45.45
CA ARG B 123 41.68 44.23 -45.43
C ARG B 123 40.53 45.13 -45.91
N LEU B 124 40.19 46.14 -45.08
CA LEU B 124 38.98 46.93 -45.22
C LEU B 124 38.89 47.51 -46.64
N ASP B 125 39.95 48.20 -47.07
CA ASP B 125 39.98 48.85 -48.37
C ASP B 125 41.24 48.46 -49.13
N GLY B 126 42.16 47.75 -48.47
CA GLY B 126 43.41 47.39 -49.12
C GLY B 126 43.20 46.32 -50.19
N GLY B 127 44.23 46.07 -51.00
CA GLY B 127 44.15 45.13 -52.10
C GLY B 127 44.14 43.67 -51.63
N LEU B 128 43.47 43.41 -50.50
CA LEU B 128 43.33 42.05 -49.97
C LEU B 128 42.78 41.13 -51.05
N ASP B 129 41.67 41.56 -51.65
CA ASP B 129 40.99 40.82 -52.71
C ASP B 129 41.83 40.83 -53.99
N LEU B 130 42.63 41.89 -54.17
CA LEU B 130 43.50 42.02 -55.33
C LEU B 130 44.65 41.01 -55.25
N LEU B 131 45.08 40.69 -54.02
CA LEU B 131 46.11 39.69 -53.77
C LEU B 131 45.54 38.28 -53.96
N LEU B 132 44.25 38.13 -53.65
CA LEU B 132 43.55 36.88 -53.87
C LEU B 132 43.42 36.63 -55.37
N ARG B 133 43.19 37.71 -56.14
CA ARG B 133 43.12 37.65 -57.59
C ARG B 133 44.53 37.51 -58.18
N LEU B 134 45.54 37.99 -57.44
CA LEU B 134 46.95 37.87 -57.83
C LEU B 134 47.36 36.40 -57.77
N LEU B 135 46.82 35.65 -56.81
CA LEU B 135 47.03 34.21 -56.71
C LEU B 135 46.53 33.55 -58.00
N GLN B 136 45.29 33.90 -58.40
CA GLN B 136 44.63 33.39 -59.60
C GLN B 136 45.45 33.76 -60.84
N ALA B 137 46.04 34.98 -60.83
CA ALA B 137 46.85 35.49 -61.92
C ALA B 137 47.98 34.51 -62.24
N PRO B 138 48.17 34.14 -63.54
CA PRO B 138 49.14 33.11 -63.92
C PRO B 138 50.61 33.49 -63.78
N GLU B 139 50.87 34.53 -62.98
CA GLU B 139 52.21 34.96 -62.62
C GLU B 139 52.66 34.18 -61.39
N LEU B 140 52.92 32.87 -61.60
CA LEU B 140 53.26 31.92 -60.54
C LEU B 140 54.42 32.44 -59.69
N GLU B 141 55.41 33.05 -60.36
CA GLU B 141 56.60 33.59 -59.74
C GLU B 141 56.21 34.58 -58.64
N THR B 142 55.17 35.39 -58.90
CA THR B 142 54.75 36.43 -57.98
C THR B 142 53.50 35.98 -57.20
N ARG B 143 52.84 34.91 -57.64
CA ARG B 143 51.67 34.42 -56.93
C ARG B 143 52.08 33.80 -55.60
N VAL B 144 53.31 33.26 -55.54
CA VAL B 144 53.90 32.80 -54.28
C VAL B 144 54.25 34.00 -53.40
N GLN B 145 54.64 35.12 -54.03
CA GLN B 145 54.98 36.34 -53.30
C GLN B 145 53.72 36.90 -52.64
N ALA B 146 52.60 36.87 -53.38
CA ALA B 146 51.29 37.24 -52.85
C ALA B 146 50.93 36.34 -51.67
N ALA B 147 51.09 35.02 -51.87
CA ALA B 147 50.83 34.00 -50.87
C ALA B 147 51.65 34.26 -49.61
N ARG B 148 52.96 34.52 -49.79
CA ARG B 148 53.88 34.86 -48.72
C ARG B 148 53.30 36.02 -47.90
N LEU B 149 52.84 37.06 -48.61
CA LEU B 149 52.30 38.26 -48.02
C LEU B 149 50.96 37.96 -47.33
N LEU B 150 50.10 37.19 -48.00
CA LEU B 150 48.80 36.82 -47.47
C LEU B 150 48.96 36.03 -46.17
N GLU B 151 49.91 35.08 -46.17
CA GLU B 151 50.24 34.28 -45.00
C GLU B 151 50.56 35.18 -43.82
N GLN B 152 51.35 36.24 -44.08
CA GLN B 152 51.70 37.23 -43.08
C GLN B 152 50.43 37.94 -42.61
N ILE B 153 49.81 38.72 -43.50
CA ILE B 153 48.65 39.53 -43.17
C ILE B 153 47.41 38.63 -43.06
N LEU B 154 47.26 37.96 -41.92
CA LEU B 154 46.19 36.99 -41.75
C LEU B 154 45.75 36.90 -40.29
N VAL B 155 45.37 38.05 -39.73
CA VAL B 155 44.74 38.09 -38.42
C VAL B 155 43.27 37.69 -38.56
N ALA B 156 42.60 37.47 -37.41
CA ALA B 156 41.22 37.00 -37.32
C ALA B 156 40.31 37.75 -38.28
N GLU B 157 40.53 39.08 -38.39
CA GLU B 157 39.81 39.96 -39.30
C GLU B 157 39.90 39.41 -40.73
N ASN B 158 41.12 39.32 -41.25
CA ASN B 158 41.40 38.86 -42.61
C ASN B 158 40.85 37.44 -42.80
N ARG B 159 41.02 36.60 -41.77
CA ARG B 159 40.66 35.19 -41.84
C ARG B 159 39.18 35.04 -42.17
N ASP B 160 38.32 35.74 -41.41
CA ASP B 160 36.88 35.70 -41.60
C ASP B 160 36.55 36.14 -43.02
N ARG B 161 37.12 37.28 -43.43
CA ARG B 161 36.87 37.87 -44.75
C ARG B 161 37.27 36.89 -45.84
N VAL B 162 38.45 36.27 -45.73
CA VAL B 162 38.94 35.39 -46.79
C VAL B 162 38.22 34.05 -46.71
N ALA B 163 37.55 33.76 -45.58
CA ALA B 163 36.71 32.58 -45.46
C ALA B 163 35.50 32.71 -46.38
N ARG B 164 35.11 33.95 -46.67
CA ARG B 164 33.95 34.21 -47.51
C ARG B 164 34.38 34.17 -48.98
N ILE B 165 35.55 34.75 -49.29
CA ILE B 165 35.98 34.89 -50.68
C ILE B 165 37.20 34.01 -50.93
N GLY B 166 38.31 34.35 -50.27
CA GLY B 166 39.62 33.76 -50.52
C GLY B 166 39.61 32.23 -50.48
N LEU B 167 38.75 31.67 -49.62
CA LEU B 167 38.64 30.25 -49.36
C LEU B 167 38.70 29.45 -50.66
N GLY B 168 37.82 29.79 -51.60
CA GLY B 168 37.73 29.14 -52.90
C GLY B 168 39.05 29.18 -53.66
N VAL B 169 39.65 30.38 -53.74
CA VAL B 169 40.86 30.62 -54.50
C VAL B 169 42.05 29.96 -53.80
N ILE B 170 42.03 29.94 -52.46
CA ILE B 170 43.05 29.32 -51.63
C ILE B 170 43.15 27.84 -52.00
N LEU B 171 41.99 27.16 -52.07
CA LEU B 171 41.90 25.74 -52.37
C LEU B 171 42.24 25.48 -53.84
N ASN B 172 41.83 26.41 -54.72
CA ASN B 172 42.11 26.35 -56.14
C ASN B 172 43.62 26.41 -56.37
N LEU B 173 44.33 27.05 -55.42
CA LEU B 173 45.77 27.24 -55.45
C LEU B 173 46.46 26.10 -54.69
N ALA B 174 45.70 25.44 -53.81
CA ALA B 174 46.19 24.32 -53.01
C ALA B 174 46.44 23.10 -53.88
N LYS B 175 45.60 22.93 -54.92
CA LYS B 175 45.69 21.82 -55.86
C LYS B 175 47.05 21.84 -56.57
N GLU B 176 47.70 23.03 -56.58
CA GLU B 176 49.07 23.16 -57.03
C GLU B 176 50.00 22.72 -55.89
N ARG B 177 50.87 21.75 -56.20
CA ARG B 177 51.57 21.01 -55.17
C ARG B 177 53.09 21.10 -55.34
N GLU B 178 53.58 20.79 -56.55
CA GLU B 178 55.00 20.61 -56.82
C GLU B 178 55.85 21.79 -56.35
N PRO B 179 55.55 23.07 -56.71
CA PRO B 179 56.35 24.20 -56.24
C PRO B 179 56.41 24.27 -54.71
N VAL B 180 57.60 23.98 -54.16
CA VAL B 180 57.81 23.73 -52.74
C VAL B 180 57.57 25.02 -51.96
N GLU B 181 58.22 26.11 -52.41
CA GLU B 181 58.14 27.42 -51.77
C GLU B 181 56.69 27.87 -51.70
N LEU B 182 55.96 27.68 -52.82
CA LEU B 182 54.53 27.95 -52.88
C LEU B 182 53.81 27.13 -51.83
N ALA B 183 54.00 25.80 -51.87
CA ALA B 183 53.37 24.83 -51.00
C ALA B 183 53.53 25.22 -49.53
N ARG B 184 54.77 25.58 -49.15
CA ARG B 184 55.10 26.07 -47.82
C ARG B 184 54.11 27.17 -47.40
N SER B 185 53.92 28.16 -48.29
CA SER B 185 53.08 29.32 -48.02
C SER B 185 51.59 28.95 -48.10
N VAL B 186 51.26 27.91 -48.90
CA VAL B 186 49.89 27.46 -49.08
C VAL B 186 49.45 26.65 -47.87
N ALA B 187 50.24 25.64 -47.49
CA ALA B 187 50.07 24.92 -46.25
C ALA B 187 49.98 25.91 -45.10
N GLY B 188 50.75 27.00 -45.22
CA GLY B 188 50.78 28.12 -44.29
C GLY B 188 49.41 28.78 -44.11
N ILE B 189 48.76 29.15 -45.22
CA ILE B 189 47.48 29.85 -45.19
C ILE B 189 46.39 28.90 -44.71
N LEU B 190 46.50 27.62 -45.09
CA LEU B 190 45.64 26.52 -44.69
C LEU B 190 45.68 26.33 -43.17
N GLU B 191 46.89 26.46 -42.59
CA GLU B 191 47.13 26.33 -41.17
C GLU B 191 46.33 27.39 -40.41
N HIS B 192 46.37 28.64 -40.89
CA HIS B 192 45.62 29.73 -40.29
C HIS B 192 44.12 29.54 -40.55
N MET B 193 43.81 29.04 -41.75
CA MET B 193 42.44 28.87 -42.21
C MET B 193 41.72 27.86 -41.32
N PHE B 194 42.39 26.72 -41.07
CA PHE B 194 41.82 25.62 -40.32
C PHE B 194 41.38 26.05 -38.93
N LYS B 195 42.09 27.04 -38.37
CA LYS B 195 41.85 27.45 -36.99
C LYS B 195 40.81 28.58 -36.95
N HIS B 196 39.90 28.59 -37.93
CA HIS B 196 38.94 29.68 -38.04
C HIS B 196 37.58 29.33 -37.43
N SER B 197 36.96 28.26 -37.93
CA SER B 197 35.59 27.93 -37.55
C SER B 197 35.31 26.46 -37.82
N GLU B 198 34.28 25.93 -37.16
CA GLU B 198 33.85 24.55 -37.32
C GLU B 198 33.68 24.24 -38.80
N GLU B 199 32.93 25.12 -39.48
CA GLU B 199 32.49 24.99 -40.87
C GLU B 199 33.64 25.23 -41.84
N THR B 200 34.63 26.02 -41.41
CA THR B 200 35.80 26.31 -42.24
C THR B 200 36.65 25.05 -42.40
N CYS B 201 36.87 24.32 -41.30
CA CYS B 201 37.48 23.00 -41.35
C CYS B 201 36.62 22.10 -42.23
N GLN B 202 35.35 21.95 -41.85
CA GLN B 202 34.39 21.04 -42.48
C GLN B 202 34.45 21.21 -43.99
N ARG B 203 34.77 22.44 -44.41
CA ARG B 203 34.94 22.82 -45.81
C ARG B 203 36.24 22.22 -46.34
N LEU B 204 37.37 22.72 -45.80
CA LEU B 204 38.70 22.47 -46.31
C LEU B 204 38.96 20.98 -46.37
N VAL B 205 38.65 20.29 -45.26
CA VAL B 205 38.76 18.84 -45.12
C VAL B 205 38.15 18.16 -46.35
N ALA B 206 36.87 18.42 -46.58
CA ALA B 206 36.08 17.75 -47.62
C ALA B 206 36.54 18.18 -49.01
N ALA B 207 37.12 19.37 -49.11
CA ALA B 207 37.44 19.97 -50.39
C ALA B 207 38.85 19.59 -50.86
N GLY B 208 39.59 18.86 -50.01
CA GLY B 208 40.94 18.43 -50.33
C GLY B 208 42.02 19.36 -49.77
N GLY B 209 41.60 20.24 -48.86
CA GLY B 209 42.50 21.04 -48.03
C GLY B 209 43.33 20.17 -47.10
N LEU B 210 42.66 19.20 -46.45
CA LEU B 210 43.33 18.18 -45.67
C LEU B 210 44.23 17.35 -46.57
N ASP B 211 43.72 16.97 -47.74
CA ASP B 211 44.43 16.13 -48.68
C ASP B 211 45.67 16.83 -49.22
N ALA B 212 45.68 18.17 -49.17
CA ALA B 212 46.84 18.98 -49.53
C ALA B 212 47.94 18.84 -48.47
N VAL B 213 47.57 19.08 -47.19
CA VAL B 213 48.53 19.07 -46.08
C VAL B 213 49.05 17.65 -45.84
N LEU B 214 48.23 16.64 -46.14
CA LEU B 214 48.63 15.26 -46.01
C LEU B 214 49.59 14.86 -47.12
N TYR B 215 49.36 15.36 -48.35
CA TYR B 215 50.28 15.07 -49.46
C TYR B 215 51.58 15.87 -49.30
N TRP B 216 51.55 16.93 -48.48
CA TRP B 216 52.73 17.74 -48.23
C TRP B 216 53.46 17.29 -46.96
N CYS B 217 52.88 16.29 -46.29
CA CYS B 217 53.41 15.65 -45.10
C CYS B 217 54.37 14.53 -45.48
N ARG B 218 54.43 14.21 -46.79
CA ARG B 218 55.36 13.22 -47.30
C ARG B 218 56.50 13.92 -48.05
N ARG B 219 56.70 15.20 -47.73
CA ARG B 219 57.79 15.98 -48.31
C ARG B 219 58.86 16.21 -47.25
N THR B 220 59.91 16.95 -47.65
CA THR B 220 61.12 17.16 -46.85
C THR B 220 61.50 18.65 -46.85
N ASP B 221 60.84 19.42 -45.97
CA ASP B 221 61.06 20.85 -45.82
C ASP B 221 60.56 21.29 -44.45
N PRO B 222 61.44 21.82 -43.56
CA PRO B 222 61.06 22.18 -42.19
C PRO B 222 59.75 22.96 -42.10
N ALA B 223 59.71 24.12 -42.78
CA ALA B 223 58.58 25.03 -42.77
C ALA B 223 57.31 24.36 -43.30
N LEU B 224 57.42 23.69 -44.45
CA LEU B 224 56.32 22.91 -45.01
C LEU B 224 55.81 21.93 -43.94
N LEU B 225 56.73 21.15 -43.37
CA LEU B 225 56.38 20.09 -42.42
C LEU B 225 55.80 20.69 -41.15
N ARG B 226 56.46 21.74 -40.62
CA ARG B 226 55.99 22.43 -39.42
C ARG B 226 54.55 22.88 -39.63
N HIS B 227 54.31 23.51 -40.79
CA HIS B 227 53.00 24.01 -41.16
C HIS B 227 51.98 22.88 -41.21
N CYS B 228 52.31 21.81 -41.93
CA CYS B 228 51.41 20.67 -42.07
C CYS B 228 50.99 20.17 -40.69
N ALA B 229 51.97 20.03 -39.79
CA ALA B 229 51.76 19.55 -38.44
C ALA B 229 50.80 20.47 -37.68
N LEU B 230 51.06 21.78 -37.77
CA LEU B 230 50.26 22.79 -37.09
C LEU B 230 48.83 22.75 -37.62
N ALA B 231 48.68 22.54 -38.94
CA ALA B 231 47.41 22.46 -39.63
C ALA B 231 46.56 21.33 -39.06
N LEU B 232 47.03 20.07 -39.27
CA LEU B 232 46.38 18.86 -38.77
C LEU B 232 46.08 19.00 -37.28
N GLY B 233 46.89 19.81 -36.59
CA GLY B 233 46.67 20.20 -35.21
C GLY B 233 45.37 20.96 -35.06
N ASN B 234 45.34 22.14 -35.68
CA ASN B 234 44.22 23.09 -35.72
C ASN B 234 42.95 22.40 -36.23
N CYS B 235 43.14 21.58 -37.28
CA CYS B 235 42.08 20.87 -37.96
C CYS B 235 41.39 19.88 -37.03
N ALA B 236 42.20 19.20 -36.19
CA ALA B 236 41.73 18.23 -35.21
C ALA B 236 41.03 18.97 -34.08
N LEU B 237 41.56 20.12 -33.71
CA LEU B 237 41.10 20.86 -32.55
C LEU B 237 39.79 21.58 -32.87
N HIS B 238 39.83 22.44 -33.91
CA HIS B 238 38.79 23.41 -34.23
C HIS B 238 37.60 22.76 -34.93
N GLY B 239 37.89 21.79 -35.81
CA GLY B 239 36.88 20.98 -36.49
C GLY B 239 36.07 20.12 -35.51
N GLY B 240 34.91 19.66 -35.98
CA GLY B 240 34.00 18.86 -35.17
C GLY B 240 34.37 17.38 -35.16
N GLN B 241 33.53 16.58 -34.49
CA GLN B 241 33.51 15.13 -34.55
C GLN B 241 33.76 14.67 -35.99
N ALA B 242 32.97 15.25 -36.91
CA ALA B 242 32.89 14.83 -38.30
C ALA B 242 34.24 14.98 -38.99
N VAL B 243 34.82 16.18 -38.89
CA VAL B 243 36.11 16.58 -39.41
C VAL B 243 37.17 15.55 -38.99
N GLN B 244 37.19 15.25 -37.68
CA GLN B 244 38.14 14.38 -37.02
C GLN B 244 38.06 12.96 -37.59
N ARG B 245 36.86 12.37 -37.56
CA ARG B 245 36.62 11.06 -38.14
C ARG B 245 37.23 10.99 -39.54
N ARG B 246 36.98 12.04 -40.34
CA ARG B 246 37.42 12.07 -41.72
C ARG B 246 38.95 12.02 -41.78
N MET B 247 39.63 12.77 -40.90
CA MET B 247 41.09 12.81 -40.87
C MET B 247 41.68 11.43 -40.65
N VAL B 248 41.19 10.73 -39.64
CA VAL B 248 41.67 9.42 -39.21
C VAL B 248 41.40 8.40 -40.31
N GLU B 249 40.29 8.60 -41.04
CA GLU B 249 39.87 7.72 -42.12
C GLU B 249 40.59 8.11 -43.41
N LYS B 250 41.24 9.28 -43.40
CA LYS B 250 42.09 9.71 -44.52
C LYS B 250 43.51 9.19 -44.31
N ARG B 251 43.72 8.47 -43.18
CA ARG B 251 44.97 7.92 -42.66
C ARG B 251 45.91 9.06 -42.25
N ALA B 252 45.39 9.97 -41.43
CA ALA B 252 46.14 11.14 -41.00
C ALA B 252 47.02 10.83 -39.79
N ALA B 253 46.58 9.88 -38.96
CA ALA B 253 47.31 9.48 -37.76
C ALA B 253 48.66 8.86 -38.14
N GLU B 254 48.63 7.97 -39.15
CA GLU B 254 49.79 7.24 -39.64
C GLU B 254 50.71 8.17 -40.43
N TRP B 255 50.18 9.34 -40.82
CA TRP B 255 50.94 10.26 -41.64
C TRP B 255 51.67 11.28 -40.78
N LEU B 256 51.28 11.38 -39.51
CA LEU B 256 51.97 12.24 -38.54
C LEU B 256 53.23 11.55 -38.05
N PHE B 257 53.35 10.23 -38.29
CA PHE B 257 54.49 9.44 -37.83
C PHE B 257 55.81 10.06 -38.30
N PRO B 258 56.06 10.28 -39.62
CA PRO B 258 57.26 10.98 -40.07
C PRO B 258 57.62 12.22 -39.25
N LEU B 259 56.63 13.08 -38.99
CA LEU B 259 56.87 14.31 -38.25
C LEU B 259 57.29 14.03 -36.80
N ALA B 260 56.60 13.10 -36.13
CA ALA B 260 56.88 12.81 -34.72
C ALA B 260 58.15 11.96 -34.59
N PHE B 261 58.59 11.35 -35.69
CA PHE B 261 59.75 10.48 -35.68
C PHE B 261 60.90 11.13 -36.45
N SER B 262 61.40 12.24 -35.89
CA SER B 262 62.48 13.01 -36.51
C SER B 262 63.20 13.81 -35.42
N LYS B 263 64.15 13.15 -34.76
CA LYS B 263 64.94 13.70 -33.66
C LYS B 263 65.55 15.03 -34.07
N GLU B 264 65.75 15.20 -35.40
CA GLU B 264 66.31 16.38 -36.04
C GLU B 264 65.61 17.65 -35.58
N ASP B 265 64.27 17.64 -35.61
CA ASP B 265 63.45 18.79 -35.25
C ASP B 265 62.60 18.45 -34.03
N GLU B 266 62.80 19.20 -32.94
CA GLU B 266 62.17 18.93 -31.65
C GLU B 266 60.80 19.59 -31.58
N LEU B 267 60.69 20.80 -32.15
CA LEU B 267 59.47 21.57 -32.12
C LEU B 267 58.42 20.97 -33.06
N LEU B 268 58.87 20.54 -34.25
CA LEU B 268 58.03 19.82 -35.19
C LEU B 268 57.33 18.65 -34.48
N ARG B 269 58.14 17.84 -33.77
CA ARG B 269 57.70 16.67 -33.03
C ARG B 269 56.59 17.05 -32.04
N LEU B 270 56.89 18.02 -31.17
CA LEU B 270 55.96 18.48 -30.15
C LEU B 270 54.60 18.84 -30.75
N HIS B 271 54.62 19.52 -31.91
CA HIS B 271 53.45 19.98 -32.64
C HIS B 271 52.69 18.79 -33.22
N ALA B 272 53.46 17.88 -33.86
CA ALA B 272 52.99 16.65 -34.46
C ALA B 272 52.30 15.79 -33.41
N CYS B 273 52.87 15.79 -32.20
CA CYS B 273 52.33 14.95 -31.15
C CYS B 273 51.13 15.59 -30.47
N LEU B 274 51.14 16.92 -30.34
CA LEU B 274 49.95 17.61 -29.82
C LEU B 274 48.73 17.25 -30.66
N ALA B 275 48.96 17.12 -31.97
CA ALA B 275 47.93 16.80 -32.95
C ALA B 275 47.37 15.39 -32.71
N VAL B 276 48.23 14.36 -32.83
CA VAL B 276 47.85 12.95 -32.68
C VAL B 276 47.25 12.70 -31.29
N ALA B 277 47.72 13.45 -30.29
CA ALA B 277 47.24 13.32 -28.92
C ALA B 277 45.77 13.76 -28.84
N VAL B 278 45.42 14.84 -29.55
CA VAL B 278 44.06 15.34 -29.47
C VAL B 278 43.12 14.39 -30.21
N LEU B 279 43.62 13.74 -31.26
CA LEU B 279 42.79 12.79 -32.01
C LEU B 279 42.41 11.59 -31.14
N ALA B 280 43.28 11.22 -30.20
CA ALA B 280 43.10 10.03 -29.37
C ALA B 280 42.12 10.31 -28.22
N THR B 281 41.83 11.59 -27.98
CA THR B 281 40.83 11.96 -26.98
C THR B 281 39.43 11.63 -27.48
N ASN B 282 39.23 11.68 -28.82
CA ASN B 282 38.00 11.30 -29.53
C ASN B 282 37.82 9.78 -29.41
N LYS B 283 36.98 9.38 -28.44
CA LYS B 283 36.88 7.99 -27.99
C LYS B 283 36.50 7.10 -29.17
N GLU B 284 35.54 7.57 -29.97
CA GLU B 284 35.07 6.99 -31.22
C GLU B 284 36.20 6.65 -32.20
N VAL B 285 37.29 7.43 -32.22
CA VAL B 285 38.34 7.09 -33.18
C VAL B 285 39.61 6.70 -32.45
N GLU B 286 39.50 6.47 -31.13
CA GLU B 286 40.67 6.27 -30.28
C GLU B 286 41.56 5.17 -30.87
N ARG B 287 40.94 4.01 -31.14
CA ARG B 287 41.63 2.77 -31.44
C ARG B 287 42.46 2.91 -32.72
N GLU B 288 41.88 3.56 -33.72
CA GLU B 288 42.50 3.75 -35.03
C GLU B 288 43.79 4.57 -34.89
N VAL B 289 43.78 5.52 -33.95
CA VAL B 289 44.93 6.39 -33.69
C VAL B 289 45.98 5.57 -32.94
N GLU B 290 45.51 4.66 -32.07
CA GLU B 290 46.36 3.84 -31.22
C GLU B 290 47.15 2.85 -32.07
N ARG B 291 46.45 2.20 -33.00
CA ARG B 291 47.03 1.16 -33.85
C ARG B 291 47.92 1.80 -34.93
N SER B 292 47.84 3.12 -35.09
CA SER B 292 48.66 3.83 -36.06
C SER B 292 50.14 3.73 -35.72
N GLY B 293 50.43 3.67 -34.40
CA GLY B 293 51.77 3.53 -33.88
C GLY B 293 52.32 4.84 -33.33
N THR B 294 51.81 5.96 -33.88
CA THR B 294 52.27 7.30 -33.53
C THR B 294 51.85 7.65 -32.10
N LEU B 295 50.96 6.86 -31.52
CA LEU B 295 50.51 7.26 -30.19
C LEU B 295 51.49 6.82 -29.10
N ALA B 296 52.23 5.73 -29.33
CA ALA B 296 53.25 5.25 -28.40
C ALA B 296 54.43 6.21 -28.36
N LEU B 297 54.56 7.02 -29.42
CA LEU B 297 55.75 7.81 -29.71
C LEU B 297 55.70 9.14 -28.96
N VAL B 298 54.66 9.38 -28.16
CA VAL B 298 54.39 10.68 -27.56
C VAL B 298 55.18 10.83 -26.26
N GLU B 299 55.02 9.86 -25.35
CA GLU B 299 55.45 9.93 -23.95
C GLU B 299 56.97 10.17 -23.84
N PRO B 300 57.86 9.37 -24.48
CA PRO B 300 59.29 9.69 -24.57
C PRO B 300 59.61 11.15 -24.86
N LEU B 301 58.88 11.76 -25.80
CA LEU B 301 59.16 13.10 -26.27
C LEU B 301 58.93 14.13 -25.16
N VAL B 302 57.83 13.98 -24.41
CA VAL B 302 57.52 14.94 -23.35
C VAL B 302 58.58 14.89 -22.26
N ALA B 303 59.25 13.73 -22.12
CA ALA B 303 60.31 13.56 -21.14
C ALA B 303 61.55 14.34 -21.56
N SER B 304 61.91 14.23 -22.84
CA SER B 304 63.13 14.82 -23.41
C SER B 304 63.17 16.33 -23.15
N LEU B 305 62.15 17.05 -23.64
CA LEU B 305 62.11 18.50 -23.63
C LEU B 305 61.82 19.02 -22.24
N ASP B 306 62.08 20.33 -22.03
CA ASP B 306 61.73 21.02 -20.80
C ASP B 306 60.69 22.10 -21.09
N PRO B 307 59.53 22.10 -20.38
CA PRO B 307 58.49 23.13 -20.53
C PRO B 307 59.01 24.57 -20.51
N GLY B 308 59.93 24.86 -19.58
CA GLY B 308 60.60 26.15 -19.50
C GLY B 308 61.27 26.54 -20.82
N ARG B 309 62.07 25.61 -21.36
CA ARG B 309 62.81 25.78 -22.60
C ARG B 309 61.86 26.13 -23.75
N PHE B 310 60.73 25.42 -23.84
CA PHE B 310 59.80 25.67 -24.93
C PHE B 310 58.85 26.82 -24.60
N ALA B 311 58.82 27.24 -23.33
CA ALA B 311 58.08 28.42 -22.90
C ALA B 311 58.68 29.67 -23.53
N ARG B 312 60.02 29.72 -23.58
CA ARG B 312 60.77 30.81 -24.19
C ARG B 312 60.46 30.86 -25.69
N CYS B 313 60.38 29.66 -26.29
CA CYS B 313 60.10 29.48 -27.71
C CYS B 313 58.62 29.70 -28.00
N LEU B 314 57.83 29.91 -26.93
CA LEU B 314 56.39 30.15 -27.05
C LEU B 314 56.08 31.64 -26.85
N VAL B 315 57.02 32.38 -26.25
CA VAL B 315 56.96 33.83 -26.15
C VAL B 315 56.91 34.42 -27.56
N ASP B 316 57.78 33.91 -28.44
CA ASP B 316 57.93 34.40 -29.81
C ASP B 316 57.25 33.45 -30.80
N ALA B 317 56.03 33.00 -30.45
CA ALA B 317 55.19 32.22 -31.33
C ALA B 317 54.42 33.13 -32.29
N SER B 318 54.46 34.45 -32.00
CA SER B 318 53.83 35.51 -32.77
C SER B 318 52.31 35.30 -32.87
N ASP B 319 51.76 34.46 -31.96
CA ASP B 319 50.36 34.08 -31.89
C ASP B 319 49.88 33.59 -33.27
N THR B 320 50.83 33.11 -34.08
CA THR B 320 50.58 32.58 -35.41
C THR B 320 50.72 31.05 -35.40
N SER B 321 51.68 30.55 -34.61
CA SER B 321 51.88 29.13 -34.41
C SER B 321 51.00 28.64 -33.26
N GLN B 322 51.42 28.91 -32.03
CA GLN B 322 50.69 28.56 -30.83
C GLN B 322 51.03 29.58 -29.72
N GLY B 323 50.50 30.80 -29.89
CA GLY B 323 50.69 31.89 -28.94
C GLY B 323 49.85 31.71 -27.67
N ARG B 324 50.42 32.15 -26.55
CA ARG B 324 49.80 32.12 -25.24
C ARG B 324 48.46 32.87 -25.27
N GLY B 325 47.43 32.24 -24.70
CA GLY B 325 46.10 32.82 -24.67
C GLY B 325 45.08 31.93 -23.95
N PRO B 326 44.06 32.55 -23.28
CA PRO B 326 42.99 31.80 -22.60
C PRO B 326 42.23 30.78 -23.45
N ASP B 327 42.27 30.95 -24.79
CA ASP B 327 41.71 30.01 -25.73
C ASP B 327 42.43 28.67 -25.64
N ASP B 328 43.75 28.69 -25.88
CA ASP B 328 44.58 27.49 -25.93
C ASP B 328 44.48 26.71 -24.63
N LEU B 329 44.45 27.45 -23.51
CA LEU B 329 44.36 26.84 -22.19
C LEU B 329 43.06 26.06 -22.03
N GLN B 330 41.94 26.64 -22.46
CA GLN B 330 40.64 25.97 -22.31
C GLN B 330 40.52 24.80 -23.29
N ARG B 331 41.45 24.72 -24.26
CA ARG B 331 41.47 23.65 -25.24
C ARG B 331 42.55 22.63 -24.93
N LEU B 332 43.38 22.90 -23.91
CA LEU B 332 44.31 21.90 -23.43
C LEU B 332 43.65 21.11 -22.31
N VAL B 333 42.83 21.78 -21.49
CA VAL B 333 42.24 21.15 -20.31
C VAL B 333 41.58 19.80 -20.65
N PRO B 334 40.78 19.66 -21.74
CA PRO B 334 40.38 18.36 -22.28
C PRO B 334 41.40 17.22 -22.26
N LEU B 335 42.59 17.48 -22.80
CA LEU B 335 43.72 16.55 -22.79
C LEU B 335 44.07 16.16 -21.35
N LEU B 336 44.37 17.14 -20.50
CA LEU B 336 44.74 16.91 -19.11
C LEU B 336 43.68 16.05 -18.41
N ASP B 337 42.50 15.99 -19.03
CA ASP B 337 41.34 15.43 -18.38
C ASP B 337 40.86 14.18 -19.12
N SER B 338 41.73 13.55 -19.93
CA SER B 338 41.34 12.43 -20.78
C SER B 338 41.60 11.08 -20.09
N ASN B 339 41.40 10.00 -20.86
CA ASN B 339 41.76 8.65 -20.47
C ASN B 339 43.22 8.39 -20.83
N ARG B 340 43.56 8.70 -22.09
CA ARG B 340 44.87 8.46 -22.66
C ARG B 340 45.90 9.24 -21.86
N LEU B 341 46.98 8.56 -21.48
CA LEU B 341 48.04 9.21 -20.73
C LEU B 341 49.05 9.84 -21.70
N GLU B 342 48.93 9.50 -23.00
CA GLU B 342 49.72 10.13 -24.05
C GLU B 342 49.21 11.55 -24.29
N ALA B 343 47.93 11.76 -23.93
CA ALA B 343 47.25 13.03 -24.05
C ALA B 343 47.48 13.86 -22.79
N GLN B 344 47.38 13.20 -21.63
CA GLN B 344 47.58 13.81 -20.31
C GLN B 344 49.04 14.23 -20.12
N CYS B 345 49.95 13.64 -20.91
CA CYS B 345 51.35 14.05 -20.95
C CYS B 345 51.51 15.33 -21.78
N ILE B 346 51.08 15.27 -23.06
CA ILE B 346 51.09 16.43 -23.93
C ILE B 346 50.28 17.57 -23.30
N GLY B 347 49.14 17.22 -22.69
CA GLY B 347 48.37 18.10 -21.83
C GLY B 347 49.24 18.87 -20.85
N ALA B 348 49.79 18.17 -19.84
CA ALA B 348 50.59 18.78 -18.80
C ALA B 348 51.78 19.54 -19.39
N PHE B 349 52.50 18.95 -20.35
CA PHE B 349 53.69 19.57 -20.91
C PHE B 349 53.43 21.01 -21.32
N TYR B 350 52.37 21.20 -22.12
CA TYR B 350 51.96 22.47 -22.71
C TYR B 350 51.44 23.40 -21.62
N LEU B 351 50.49 22.92 -20.80
CA LEU B 351 49.89 23.73 -19.76
C LEU B 351 50.94 24.19 -18.74
N CYS B 352 52.06 23.45 -18.67
CA CYS B 352 53.23 23.78 -17.86
C CYS B 352 54.09 24.85 -18.54
N ALA B 353 54.25 24.78 -19.87
CA ALA B 353 54.95 25.79 -20.66
C ALA B 353 54.29 27.17 -20.50
N GLU B 354 52.96 27.16 -20.38
CA GLU B 354 52.19 28.37 -20.18
C GLU B 354 52.21 28.79 -18.70
N ALA B 355 52.23 27.81 -17.78
CA ALA B 355 52.31 28.10 -16.35
C ALA B 355 53.58 28.91 -16.05
N ALA B 356 54.57 28.82 -16.95
CA ALA B 356 55.78 29.63 -16.88
C ALA B 356 55.50 31.07 -17.29
N ILE B 357 55.17 31.27 -18.58
CA ILE B 357 54.94 32.59 -19.17
C ILE B 357 53.90 33.37 -18.36
N LYS B 358 52.76 32.74 -18.04
CA LYS B 358 51.62 33.45 -17.50
C LYS B 358 51.90 33.94 -16.08
N SER B 359 52.76 33.22 -15.34
CA SER B 359 53.21 33.67 -14.03
C SER B 359 54.23 34.81 -14.15
N LEU B 360 55.02 34.80 -15.24
CA LEU B 360 55.97 35.86 -15.55
C LEU B 360 55.24 37.15 -15.92
N GLN B 361 54.05 37.01 -16.53
CA GLN B 361 53.20 38.13 -16.91
C GLN B 361 52.27 38.52 -15.77
N GLY B 362 52.36 37.79 -14.65
CA GLY B 362 51.53 37.99 -13.47
C GLY B 362 50.03 37.93 -13.79
N LYS B 363 49.62 36.91 -14.55
CA LYS B 363 48.23 36.65 -14.89
C LYS B 363 47.92 35.16 -14.71
N THR B 364 47.90 34.75 -13.43
CA THR B 364 47.73 33.36 -13.03
C THR B 364 46.25 33.01 -13.02
N LYS B 365 45.41 34.04 -12.80
CA LYS B 365 43.97 33.93 -12.62
C LYS B 365 43.31 33.15 -13.76
N VAL B 366 43.97 33.12 -14.92
CA VAL B 366 43.54 32.45 -16.14
C VAL B 366 43.29 30.97 -15.84
N PHE B 367 44.34 30.28 -15.38
CA PHE B 367 44.35 28.84 -15.18
C PHE B 367 43.24 28.41 -14.23
N SER B 368 43.10 29.17 -13.12
CA SER B 368 42.12 28.88 -12.08
C SER B 368 40.72 28.80 -12.70
N ASP B 369 40.43 29.77 -13.57
CA ASP B 369 39.14 29.96 -14.23
C ASP B 369 38.97 29.00 -15.40
N ILE B 370 40.08 28.60 -16.02
CA ILE B 370 40.05 27.69 -17.16
C ILE B 370 39.69 26.29 -16.69
N GLY B 371 39.89 26.05 -15.38
CA GLY B 371 39.62 24.79 -14.71
C GLY B 371 40.78 23.81 -14.86
N ALA B 372 42.00 24.36 -14.79
CA ALA B 372 43.26 23.69 -15.06
C ALA B 372 43.91 23.20 -13.77
N ILE B 373 43.81 24.03 -12.72
CA ILE B 373 44.44 23.74 -11.45
C ILE B 373 43.89 22.45 -10.86
N GLN B 374 42.56 22.31 -10.74
CA GLN B 374 42.02 21.10 -10.14
C GLN B 374 42.35 19.86 -10.98
N SER B 375 42.33 20.02 -12.32
CA SER B 375 42.68 18.95 -13.24
C SER B 375 44.11 18.46 -13.02
N LEU B 376 45.04 19.42 -12.86
CA LEU B 376 46.45 19.14 -12.60
C LEU B 376 46.62 18.40 -11.27
N LYS B 377 45.85 18.81 -10.27
CA LYS B 377 45.90 18.17 -8.96
C LYS B 377 45.59 16.68 -9.10
N ARG B 378 44.57 16.32 -9.88
CA ARG B 378 44.22 14.92 -10.08
C ARG B 378 45.34 14.13 -10.76
N LEU B 379 46.09 14.77 -11.67
CA LEU B 379 47.17 14.13 -12.39
C LEU B 379 48.34 13.86 -11.44
N VAL B 380 48.25 14.41 -10.22
CA VAL B 380 49.36 14.30 -9.30
C VAL B 380 48.90 13.52 -8.07
N SER B 381 47.58 13.28 -8.00
CA SER B 381 46.99 12.56 -6.88
C SER B 381 46.92 11.08 -7.23
N TYR B 382 46.27 10.78 -8.35
CA TYR B 382 46.11 9.40 -8.79
C TYR B 382 47.05 9.12 -9.95
N SER B 383 48.35 9.33 -9.72
CA SER B 383 49.32 9.16 -10.78
C SER B 383 50.08 7.85 -10.59
N THR B 384 50.67 7.41 -11.71
CA THR B 384 51.40 6.17 -11.79
C THR B 384 52.69 6.47 -12.55
N ASN B 385 52.52 7.12 -13.72
CA ASN B 385 53.61 7.57 -14.58
C ASN B 385 54.39 8.69 -13.90
N GLY B 386 55.72 8.59 -14.00
CA GLY B 386 56.66 9.56 -13.47
C GLY B 386 56.56 10.91 -14.18
N THR B 387 56.58 10.87 -15.52
CA THR B 387 56.64 12.06 -16.38
C THR B 387 55.40 12.93 -16.16
N LYS B 388 54.23 12.40 -16.53
CA LYS B 388 52.94 13.05 -16.38
C LYS B 388 52.76 13.62 -14.96
N SER B 389 53.56 13.15 -14.00
CA SER B 389 53.41 13.58 -12.62
C SER B 389 54.44 14.63 -12.25
N ALA B 390 55.67 14.45 -12.75
CA ALA B 390 56.70 15.46 -12.69
C ALA B 390 56.16 16.79 -13.23
N LEU B 391 55.61 16.71 -14.46
CA LEU B 391 55.07 17.85 -15.20
C LEU B 391 54.00 18.53 -14.37
N ALA B 392 53.10 17.73 -13.77
CA ALA B 392 51.98 18.22 -12.99
C ALA B 392 52.49 18.99 -11.77
N LYS B 393 53.46 18.40 -11.06
CA LYS B 393 54.07 19.02 -9.90
C LYS B 393 54.65 20.37 -10.31
N ARG B 394 55.44 20.36 -11.39
CA ARG B 394 56.10 21.56 -11.88
C ARG B 394 55.07 22.66 -12.10
N ALA B 395 54.05 22.34 -12.91
CA ALA B 395 53.03 23.30 -13.28
C ALA B 395 52.40 23.91 -12.04
N LEU B 396 52.00 23.09 -11.06
CA LEU B 396 51.30 23.60 -9.89
C LEU B 396 52.21 24.55 -9.11
N ARG B 397 53.52 24.23 -9.06
CA ARG B 397 54.51 25.06 -8.41
C ARG B 397 54.70 26.37 -9.17
N LEU B 398 54.70 26.29 -10.51
CA LEU B 398 54.88 27.46 -11.38
C LEU B 398 53.71 28.43 -11.23
N LEU B 399 52.52 27.90 -10.96
CA LEU B 399 51.35 28.71 -10.65
C LEU B 399 51.38 29.14 -9.19
N GLY B 400 52.13 28.41 -8.37
CA GLY B 400 52.39 28.79 -6.98
C GLY B 400 51.54 28.00 -6.00
N GLU B 401 50.37 27.54 -6.49
CA GLU B 401 49.45 26.69 -5.77
C GLU B 401 50.22 25.45 -5.28
N GLU B 402 50.01 25.09 -4.01
CA GLU B 402 50.70 23.97 -3.36
C GLU B 402 50.53 22.71 -4.19
N VAL B 403 51.57 21.88 -4.23
CA VAL B 403 51.48 20.65 -4.99
C VAL B 403 51.02 19.52 -4.06
N PRO B 404 49.86 18.87 -4.36
CA PRO B 404 49.39 17.72 -3.59
C PRO B 404 50.33 16.53 -3.69
N ARG B 405 50.57 15.89 -2.53
CA ARG B 405 51.28 14.63 -2.45
C ARG B 405 50.39 13.55 -3.08
N PRO B 406 50.95 12.54 -3.78
CA PRO B 406 50.14 11.45 -4.32
C PRO B 406 49.45 10.69 -3.19
N ILE B 407 48.33 10.06 -3.54
CA ILE B 407 47.51 9.28 -2.64
C ILE B 407 48.08 7.86 -2.61
N LEU B 408 48.20 7.26 -1.41
CA LEU B 408 48.45 5.82 -1.28
C LEU B 408 47.25 5.04 -1.82
N PRO B 409 47.41 4.05 -2.71
CA PRO B 409 46.26 3.55 -3.46
C PRO B 409 45.52 2.47 -2.68
N SER B 410 46.16 1.95 -1.63
CA SER B 410 45.56 0.88 -0.85
C SER B 410 44.45 1.46 0.03
N VAL B 411 43.30 1.73 -0.56
CA VAL B 411 42.38 2.58 0.17
C VAL B 411 41.94 1.84 1.40
N PRO B 412 41.57 0.57 1.33
CA PRO B 412 40.76 -0.01 2.39
C PRO B 412 41.61 -0.14 3.65
N SER B 413 42.91 -0.06 3.47
CA SER B 413 43.70 0.02 4.68
C SER B 413 44.08 1.46 5.06
N TRP B 414 43.21 2.45 4.88
CA TRP B 414 43.56 3.84 5.14
C TRP B 414 43.05 4.19 6.51
N LYS B 415 43.80 5.02 7.24
CA LYS B 415 43.31 5.47 8.52
C LYS B 415 42.56 6.79 8.39
N GLU B 416 42.03 7.30 9.48
CA GLU B 416 41.34 8.58 9.39
C GLU B 416 42.27 9.66 8.84
N ALA B 417 43.56 9.60 9.11
CA ALA B 417 44.45 10.58 8.53
C ALA B 417 44.42 10.64 7.00
N GLU B 418 44.47 9.49 6.33
CA GLU B 418 44.49 9.52 4.86
C GLU B 418 43.11 9.89 4.37
N VAL B 419 42.07 9.71 5.16
CA VAL B 419 40.85 10.16 4.56
C VAL B 419 40.85 11.67 4.59
N GLN B 420 41.50 12.24 5.59
CA GLN B 420 41.42 13.68 5.56
C GLN B 420 42.31 14.18 4.45
N THR B 421 43.33 13.42 4.11
CA THR B 421 44.13 14.07 3.10
C THR B 421 43.42 14.12 1.75
N TRP B 422 42.74 13.05 1.41
CA TRP B 422 42.07 12.99 0.14
C TRP B 422 40.87 13.93 0.17
N LEU B 423 40.11 13.98 1.27
CA LEU B 423 39.12 15.03 1.31
C LEU B 423 39.68 16.40 0.94
N GLN B 424 40.96 16.65 1.18
CA GLN B 424 41.46 17.97 0.85
C GLN B 424 41.93 18.08 -0.59
N GLN B 425 42.13 16.96 -1.26
CA GLN B 425 42.80 17.12 -2.53
C GLN B 425 41.74 17.00 -3.62
N ILE B 426 40.50 16.85 -3.18
CA ILE B 426 39.44 16.75 -4.16
C ILE B 426 38.55 17.93 -3.83
N GLY B 427 39.17 18.81 -3.02
CA GLY B 427 38.53 19.95 -2.39
C GLY B 427 37.11 19.70 -1.90
N PHE B 428 37.02 18.90 -0.86
CA PHE B 428 35.86 19.03 -0.05
C PHE B 428 36.25 19.38 1.37
N SER B 429 37.12 20.37 1.54
CA SER B 429 37.56 20.68 2.89
C SER B 429 36.43 21.11 3.82
N LYS B 430 35.38 21.75 3.27
CA LYS B 430 34.25 22.08 4.13
C LYS B 430 33.91 20.89 5.01
N TYR B 431 34.24 19.69 4.54
CA TYR B 431 33.64 18.56 5.19
C TYR B 431 34.62 17.81 6.05
N CYS B 432 35.88 18.22 6.01
CA CYS B 432 36.88 17.45 6.72
C CYS B 432 36.46 17.33 8.18
N GLU B 433 35.98 18.42 8.75
CA GLU B 433 35.67 18.33 10.16
C GLU B 433 34.66 17.21 10.42
N SER B 434 33.52 17.24 9.74
CA SER B 434 32.55 16.18 9.99
C SER B 434 33.16 14.81 9.75
N PHE B 435 34.02 14.67 8.76
CA PHE B 435 34.59 13.36 8.58
C PHE B 435 35.46 12.99 9.78
N ARG B 436 36.19 13.94 10.40
CA ARG B 436 36.96 13.54 11.56
C ARG B 436 36.08 13.25 12.78
N GLU B 437 34.99 13.98 12.90
CA GLU B 437 34.22 13.82 14.11
C GLU B 437 33.56 12.45 14.00
N GLN B 438 33.23 12.00 12.80
CA GLN B 438 32.64 10.69 12.79
C GLN B 438 33.65 9.58 12.53
N GLN B 439 34.93 9.93 12.66
CA GLN B 439 36.08 9.08 12.41
C GLN B 439 35.88 8.09 11.27
N VAL B 440 35.45 8.55 10.10
CA VAL B 440 35.46 7.77 8.89
C VAL B 440 36.91 7.45 8.54
N ASP B 441 37.20 6.16 8.32
CA ASP B 441 38.49 5.75 7.81
C ASP B 441 38.28 5.06 6.47
N GLY B 442 39.35 4.39 5.99
CA GLY B 442 39.34 3.67 4.74
C GLY B 442 38.12 2.79 4.48
N ASP B 443 37.81 1.88 5.41
CA ASP B 443 36.78 0.92 5.11
C ASP B 443 35.46 1.68 5.00
N LEU B 444 35.26 2.66 5.87
CA LEU B 444 33.94 3.22 5.89
C LEU B 444 33.73 4.08 4.66
N LEU B 445 34.82 4.73 4.24
CA LEU B 445 34.76 5.63 3.12
C LEU B 445 34.24 4.84 1.95
N LEU B 446 34.90 3.71 1.62
CA LEU B 446 34.53 2.88 0.49
C LEU B 446 33.11 2.38 0.59
N ARG B 447 32.43 2.60 1.72
CA ARG B 447 31.13 1.98 1.84
C ARG B 447 30.05 3.02 2.07
N LEU B 448 30.35 4.30 1.83
CA LEU B 448 29.42 5.34 2.26
C LEU B 448 28.17 5.26 1.42
N THR B 449 27.03 5.51 2.03
CA THR B 449 25.80 5.52 1.25
C THR B 449 25.38 6.96 1.10
N GLU B 450 24.37 7.22 0.25
CA GLU B 450 23.84 8.56 0.14
C GLU B 450 23.30 9.03 1.50
N GLU B 451 22.58 8.15 2.19
CA GLU B 451 21.94 8.48 3.44
C GLU B 451 22.97 8.94 4.48
N GLU B 452 24.05 8.18 4.62
CA GLU B 452 25.05 8.51 5.63
C GLU B 452 25.67 9.86 5.28
N LEU B 453 25.80 10.09 3.98
CA LEU B 453 26.48 11.27 3.52
C LEU B 453 25.61 12.45 3.85
N GLN B 454 24.32 12.28 3.62
CA GLN B 454 23.36 13.34 3.84
C GLN B 454 23.25 13.63 5.34
N THR B 455 22.86 12.59 6.07
CA THR B 455 22.45 12.74 7.45
C THR B 455 23.64 12.93 8.37
N ASP B 456 24.60 12.00 8.28
CA ASP B 456 25.53 11.81 9.37
C ASP B 456 26.72 12.71 9.13
N LEU B 457 27.03 12.83 7.86
CA LEU B 457 28.20 13.60 7.50
C LEU B 457 27.79 15.02 7.14
N GLY B 458 26.48 15.22 6.92
CA GLY B 458 25.95 16.57 6.78
C GLY B 458 26.21 17.29 5.46
N MET B 459 26.17 16.56 4.35
CA MET B 459 26.19 17.09 3.00
C MET B 459 24.75 17.29 2.53
N LYS B 460 24.20 18.47 2.81
CA LYS B 460 22.81 18.80 2.51
C LYS B 460 22.48 18.53 1.03
N SER B 461 23.22 19.16 0.10
CA SER B 461 22.88 19.29 -1.33
C SER B 461 22.98 17.98 -2.12
N GLY B 462 21.86 17.57 -2.70
CA GLY B 462 21.95 16.50 -3.69
C GLY B 462 23.05 16.72 -4.74
N ILE B 463 23.21 17.94 -5.21
CA ILE B 463 24.16 18.13 -6.26
C ILE B 463 25.53 17.91 -5.65
N THR B 464 25.68 18.33 -4.41
CA THR B 464 26.99 18.11 -3.84
C THR B 464 27.25 16.64 -3.56
N ARG B 465 26.28 15.97 -2.94
CA ARG B 465 26.46 14.53 -2.87
C ARG B 465 26.93 13.96 -4.20
N LYS B 466 26.21 14.28 -5.27
CA LYS B 466 26.60 13.81 -6.57
C LYS B 466 28.04 14.22 -6.90
N ARG B 467 28.52 15.40 -6.54
CA ARG B 467 29.88 15.58 -7.01
C ARG B 467 30.80 14.75 -6.14
N PHE B 468 30.40 14.49 -4.89
CA PHE B 468 31.23 13.74 -3.97
C PHE B 468 31.39 12.34 -4.57
N PHE B 469 30.24 11.71 -4.80
CA PHE B 469 30.29 10.35 -5.26
C PHE B 469 31.11 10.23 -6.53
N ARG B 470 31.01 11.21 -7.39
CA ARG B 470 31.81 11.15 -8.59
C ARG B 470 33.27 11.09 -8.22
N GLU B 471 33.68 11.76 -7.14
CA GLU B 471 35.09 11.79 -6.85
C GLU B 471 35.49 10.47 -6.22
N LEU B 472 34.52 9.92 -5.49
CA LEU B 472 34.75 8.69 -4.78
C LEU B 472 34.96 7.54 -5.78
N THR B 473 34.03 7.43 -6.72
CA THR B 473 34.15 6.47 -7.78
C THR B 473 35.50 6.57 -8.48
N GLU B 474 36.02 7.76 -8.70
CA GLU B 474 37.35 7.74 -9.25
C GLU B 474 38.32 7.04 -8.29
N LEU B 475 38.18 7.24 -6.98
CA LEU B 475 39.11 6.64 -6.04
C LEU B 475 38.98 5.13 -6.14
N LYS B 476 37.74 4.65 -5.94
CA LYS B 476 37.45 3.23 -5.89
C LYS B 476 38.03 2.56 -7.11
N THR B 477 38.10 3.28 -8.21
CA THR B 477 38.64 2.67 -9.39
C THR B 477 40.17 2.64 -9.38
N PHE B 478 40.81 3.53 -8.64
CA PHE B 478 42.26 3.50 -8.68
C PHE B 478 42.74 2.55 -7.59
N ALA B 479 41.87 2.23 -6.65
CA ALA B 479 42.27 1.52 -5.44
C ALA B 479 43.10 0.26 -5.69
N ASN B 480 44.01 -0.03 -4.77
CA ASN B 480 44.65 -1.33 -4.77
C ASN B 480 43.94 -2.24 -3.78
N TYR B 481 43.21 -3.22 -4.27
CA TYR B 481 42.46 -3.96 -3.29
C TYR B 481 43.10 -5.27 -2.83
N SER B 482 44.42 -5.35 -2.81
CA SER B 482 45.10 -6.64 -2.69
C SER B 482 44.85 -7.30 -1.35
N THR B 483 44.91 -6.50 -0.31
CA THR B 483 44.70 -6.99 1.04
C THR B 483 43.30 -7.57 1.16
N CYS B 484 42.36 -7.24 0.30
CA CYS B 484 41.05 -7.75 0.66
C CYS B 484 40.47 -8.68 -0.41
N ASP B 485 41.21 -8.95 -1.48
CA ASP B 485 40.58 -9.61 -2.62
C ASP B 485 41.38 -10.85 -3.04
N ARG B 486 40.95 -12.02 -2.59
CA ARG B 486 41.82 -13.16 -2.76
C ARG B 486 41.74 -13.74 -4.18
N SER B 487 40.73 -13.33 -4.94
CA SER B 487 40.39 -14.05 -6.16
C SER B 487 40.55 -13.14 -7.38
N ASN B 488 41.21 -12.01 -7.15
CA ASN B 488 41.35 -10.93 -8.12
C ASN B 488 40.02 -10.62 -8.80
N LEU B 489 38.98 -10.50 -8.01
CA LEU B 489 37.71 -10.11 -8.56
C LEU B 489 37.83 -8.74 -9.21
N ALA B 490 38.76 -7.94 -8.69
CA ALA B 490 39.00 -6.64 -9.29
C ALA B 490 39.30 -6.81 -10.77
N ASP B 491 40.17 -7.74 -11.12
CA ASP B 491 40.56 -7.76 -12.52
C ASP B 491 39.46 -8.35 -13.36
N TRP B 492 38.70 -9.27 -12.78
CA TRP B 492 37.60 -9.80 -13.54
C TRP B 492 36.62 -8.68 -13.82
N LEU B 493 36.15 -8.01 -12.78
CA LEU B 493 35.17 -6.98 -13.05
C LEU B 493 35.76 -6.00 -14.03
N GLY B 494 37.06 -5.77 -13.91
CA GLY B 494 37.71 -4.80 -14.76
C GLY B 494 37.77 -5.26 -16.20
N SER B 495 37.66 -6.56 -16.42
CA SER B 495 37.64 -6.96 -17.81
C SER B 495 36.29 -6.71 -18.44
N LEU B 496 35.17 -7.10 -17.81
CA LEU B 496 33.90 -6.68 -18.38
C LEU B 496 33.98 -5.27 -18.95
N ASP B 497 34.51 -4.34 -18.14
CA ASP B 497 34.40 -2.93 -18.42
C ASP B 497 35.16 -2.18 -17.34
N PRO B 498 36.23 -1.44 -17.67
CA PRO B 498 37.03 -0.71 -16.67
C PRO B 498 36.26 0.13 -15.66
N ARG B 499 35.03 0.48 -16.00
CA ARG B 499 34.27 1.26 -15.07
C ARG B 499 33.69 0.37 -13.98
N PHE B 500 33.96 -0.93 -14.02
CA PHE B 500 33.22 -1.81 -13.12
C PHE B 500 34.08 -2.10 -11.93
N ARG B 501 35.36 -1.85 -12.16
CA ARG B 501 36.33 -2.16 -11.15
C ARG B 501 35.96 -1.50 -9.85
N GLN B 502 35.13 -0.46 -9.95
CA GLN B 502 34.76 0.33 -8.79
C GLN B 502 33.89 -0.52 -7.89
N TYR B 503 33.28 -1.58 -8.40
CA TYR B 503 32.44 -2.34 -7.50
C TYR B 503 33.25 -3.39 -6.74
N THR B 504 34.56 -3.40 -6.87
CA THR B 504 35.25 -4.49 -6.25
C THR B 504 34.91 -4.61 -4.77
N TYR B 505 35.19 -3.55 -4.02
CA TYR B 505 35.11 -3.69 -2.59
C TYR B 505 33.70 -4.10 -2.16
N GLY B 506 32.70 -3.49 -2.77
CA GLY B 506 31.36 -3.91 -2.44
C GLY B 506 31.08 -5.41 -2.63
N LEU B 507 31.77 -6.04 -3.58
CA LEU B 507 31.52 -7.44 -3.81
C LEU B 507 32.40 -8.23 -2.86
N VAL B 508 33.64 -7.80 -2.62
CA VAL B 508 34.41 -8.66 -1.75
C VAL B 508 33.97 -8.55 -0.30
N SER B 509 33.07 -7.63 -0.01
CA SER B 509 32.61 -7.49 1.36
C SER B 509 31.45 -8.42 1.64
N CYS B 510 30.53 -8.57 0.69
CA CYS B 510 29.54 -9.64 0.77
C CYS B 510 30.21 -11.00 0.59
N GLY B 511 31.54 -10.99 0.51
CA GLY B 511 32.24 -12.25 0.56
C GLY B 511 32.30 -13.01 -0.76
N LEU B 512 31.44 -12.69 -1.73
CA LEU B 512 31.58 -13.25 -3.07
C LEU B 512 33.04 -13.25 -3.49
N ASP B 513 33.41 -14.32 -4.16
CA ASP B 513 34.69 -14.40 -4.80
C ASP B 513 34.38 -14.94 -6.18
N ARG B 514 35.44 -15.20 -6.96
CA ARG B 514 35.25 -15.65 -8.33
C ARG B 514 34.42 -16.93 -8.37
N SER B 515 34.74 -17.90 -7.52
CA SER B 515 34.00 -19.15 -7.53
C SER B 515 32.54 -18.98 -7.16
N LEU B 516 32.16 -17.95 -6.42
CA LEU B 516 30.78 -17.95 -5.95
C LEU B 516 29.94 -17.14 -6.89
N LEU B 517 30.60 -16.53 -7.86
CA LEU B 517 29.96 -15.39 -8.49
C LEU B 517 28.81 -15.91 -9.33
N HIS B 518 29.01 -17.12 -9.89
CA HIS B 518 28.06 -17.76 -10.77
C HIS B 518 26.67 -17.95 -10.16
N ARG B 519 26.50 -17.63 -8.87
CA ARG B 519 25.31 -18.01 -8.15
C ARG B 519 24.51 -16.80 -7.66
N VAL B 520 25.03 -15.58 -7.85
CA VAL B 520 24.46 -14.41 -7.20
C VAL B 520 23.19 -14.02 -7.94
N SER B 521 22.29 -13.30 -7.27
CA SER B 521 21.07 -12.87 -7.92
C SER B 521 21.14 -11.38 -8.20
N GLU B 522 20.27 -10.88 -9.07
CA GLU B 522 20.12 -9.45 -9.30
C GLU B 522 19.85 -8.75 -7.99
N GLN B 523 19.06 -9.38 -7.12
CA GLN B 523 18.68 -8.69 -5.91
C GLN B 523 19.91 -8.51 -5.02
N GLN B 524 20.64 -9.60 -4.77
CA GLN B 524 21.88 -9.49 -4.02
C GLN B 524 22.75 -8.35 -4.56
N LEU B 525 23.06 -8.37 -5.87
CA LEU B 525 23.94 -7.34 -6.40
C LEU B 525 23.44 -5.97 -6.01
N LEU B 526 22.12 -5.83 -5.96
CA LEU B 526 21.58 -4.51 -5.72
C LEU B 526 21.75 -4.14 -4.25
N GLU B 527 21.22 -5.00 -3.36
CA GLU B 527 21.13 -4.62 -1.96
C GLU B 527 22.46 -4.86 -1.27
N ASP B 528 22.90 -6.12 -1.26
CA ASP B 528 24.14 -6.48 -0.63
C ASP B 528 25.27 -5.60 -1.15
N CYS B 529 25.57 -5.68 -2.45
CA CYS B 529 26.87 -5.20 -2.91
C CYS B 529 26.78 -3.75 -3.35
N GLY B 530 25.56 -3.22 -3.33
CA GLY B 530 25.28 -1.83 -3.60
C GLY B 530 25.60 -1.41 -5.03
N ILE B 531 25.46 -2.31 -6.00
CA ILE B 531 25.52 -1.86 -7.38
C ILE B 531 24.16 -1.27 -7.74
N HIS B 532 24.15 0.01 -8.15
CA HIS B 532 22.89 0.74 -8.16
C HIS B 532 22.26 0.79 -9.53
N LEU B 533 23.10 0.96 -10.55
CA LEU B 533 22.68 0.99 -11.94
C LEU B 533 22.26 -0.39 -12.43
N GLY B 534 20.95 -0.58 -12.62
CA GLY B 534 20.43 -1.80 -13.23
C GLY B 534 21.26 -2.28 -14.43
N VAL B 535 21.75 -1.34 -15.24
CA VAL B 535 22.32 -1.74 -16.50
C VAL B 535 23.59 -2.48 -16.13
N HIS B 536 24.26 -1.92 -15.13
CA HIS B 536 25.53 -2.44 -14.71
C HIS B 536 25.32 -3.79 -14.08
N ARG B 537 24.28 -3.91 -13.22
CA ARG B 537 24.00 -5.19 -12.56
C ARG B 537 23.93 -6.26 -13.63
N ALA B 538 22.91 -6.08 -14.45
CA ALA B 538 22.68 -6.92 -15.59
C ALA B 538 23.97 -7.28 -16.32
N ARG B 539 24.88 -6.36 -16.63
CA ARG B 539 26.02 -6.90 -17.34
C ARG B 539 26.87 -7.79 -16.46
N ILE B 540 26.99 -7.49 -15.16
CA ILE B 540 27.91 -8.23 -14.30
C ILE B 540 27.33 -9.63 -14.19
N LEU B 541 26.03 -9.63 -13.97
CA LEU B 541 25.31 -10.83 -13.65
C LEU B 541 25.41 -11.83 -14.77
N THR B 542 25.06 -11.38 -15.97
CA THR B 542 25.34 -12.10 -17.19
C THR B 542 26.76 -12.62 -17.30
N ALA B 543 27.77 -11.81 -17.04
CA ALA B 543 29.06 -12.38 -17.30
C ALA B 543 29.37 -13.38 -16.21
N ALA B 544 28.70 -13.23 -15.07
CA ALA B 544 28.86 -14.20 -14.02
C ALA B 544 28.41 -15.56 -14.53
N ARG B 545 27.25 -15.58 -15.17
CA ARG B 545 26.63 -16.84 -15.54
C ARG B 545 27.39 -17.51 -16.67
N GLU B 546 28.23 -16.76 -17.39
CA GLU B 546 29.13 -17.35 -18.36
C GLU B 546 30.35 -17.92 -17.67
N MET B 547 30.54 -17.54 -16.40
CA MET B 547 31.62 -18.07 -15.57
C MET B 547 31.15 -19.34 -14.85
N LEU B 548 29.90 -19.74 -15.08
CA LEU B 548 29.38 -20.97 -14.53
C LEU B 548 30.20 -22.14 -15.09
N HIS B 549 30.37 -22.14 -16.42
CA HIS B 549 31.16 -23.13 -17.14
C HIS B 549 32.62 -22.70 -17.25
N SER B 550 32.91 -21.44 -16.87
CA SER B 550 34.27 -20.92 -16.87
C SER B 550 34.68 -20.41 -15.47
N PRO B 551 34.76 -21.26 -14.42
CA PRO B 551 35.05 -20.79 -13.06
C PRO B 551 36.52 -20.39 -12.88
N ASP B 562 53.71 -38.20 7.24
CA ASP B 562 54.96 -38.90 7.65
C ASP B 562 55.80 -39.26 6.43
N THR B 563 55.26 -39.01 5.23
CA THR B 563 55.89 -39.42 3.97
C THR B 563 56.18 -38.21 3.08
N PRO B 564 57.29 -37.47 3.30
CA PRO B 564 57.87 -36.60 2.27
C PRO B 564 58.68 -37.45 1.29
N ASP B 565 58.86 -36.91 0.07
CA ASP B 565 59.66 -37.56 -0.95
C ASP B 565 61.10 -37.73 -0.45
N VAL B 566 61.64 -36.65 0.14
CA VAL B 566 63.03 -36.59 0.58
C VAL B 566 63.07 -36.12 2.03
N PHE B 567 64.15 -36.50 2.74
CA PHE B 567 64.51 -35.89 4.01
C PHE B 567 65.99 -35.51 3.98
N ILE B 568 66.28 -34.28 4.44
CA ILE B 568 67.63 -33.78 4.59
C ILE B 568 68.01 -33.74 6.07
N SER B 569 69.00 -34.56 6.44
CA SER B 569 69.58 -34.62 7.77
C SER B 569 70.98 -34.02 7.75
N TYR B 570 71.30 -33.21 8.78
CA TYR B 570 72.49 -32.36 8.78
C TYR B 570 72.65 -31.70 10.15
N ARG B 571 73.86 -31.17 10.39
CA ARG B 571 74.21 -30.41 11.58
C ARG B 571 73.73 -28.97 11.41
N ARG B 572 72.86 -28.52 12.34
CA ARG B 572 72.29 -27.19 12.26
C ARG B 572 73.38 -26.11 12.35
N ASN B 573 74.51 -26.48 12.95
CA ASN B 573 75.62 -25.55 13.16
C ASN B 573 76.47 -25.39 11.90
N SER B 574 76.53 -26.45 11.06
CA SER B 574 77.48 -26.47 9.95
C SER B 574 76.79 -26.58 8.59
N GLY B 575 75.85 -27.53 8.46
CA GLY B 575 75.22 -27.87 7.20
C GLY B 575 73.86 -27.20 6.99
N SER B 576 73.49 -26.28 7.89
CA SER B 576 72.22 -25.55 7.85
C SER B 576 72.01 -24.87 6.50
N GLN B 577 73.11 -24.32 5.95
CA GLN B 577 73.10 -23.61 4.68
C GLN B 577 72.68 -24.56 3.56
N LEU B 578 73.50 -25.61 3.34
CA LEU B 578 73.31 -26.56 2.26
C LEU B 578 71.90 -27.17 2.33
N ALA B 579 71.45 -27.49 3.55
CA ALA B 579 70.16 -28.10 3.84
C ALA B 579 69.03 -27.35 3.12
N SER B 580 68.86 -26.08 3.49
CA SER B 580 67.83 -25.20 2.94
C SER B 580 67.95 -25.15 1.41
N LEU B 581 69.15 -24.81 0.94
CA LEU B 581 69.51 -24.67 -0.46
C LEU B 581 68.98 -25.84 -1.29
N LEU B 582 69.29 -27.07 -0.83
CA LEU B 582 68.86 -28.31 -1.46
C LEU B 582 67.33 -28.39 -1.50
N LYS B 583 66.69 -28.22 -0.33
CA LYS B 583 65.25 -28.27 -0.19
C LYS B 583 64.58 -27.42 -1.26
N VAL B 584 64.97 -26.13 -1.32
CA VAL B 584 64.49 -25.17 -2.30
C VAL B 584 64.57 -25.77 -3.70
N HIS B 585 65.81 -26.09 -4.10
CA HIS B 585 66.15 -26.61 -5.42
C HIS B 585 65.29 -27.83 -5.75
N LEU B 586 65.16 -28.75 -4.78
CA LEU B 586 64.43 -29.98 -4.99
C LEU B 586 62.93 -29.71 -5.06
N GLN B 587 62.45 -28.71 -4.31
CA GLN B 587 61.04 -28.36 -4.28
C GLN B 587 60.62 -27.76 -5.61
N LEU B 588 61.49 -26.91 -6.18
CA LEU B 588 61.35 -26.40 -7.54
C LEU B 588 61.18 -27.57 -8.51
N HIS B 589 61.95 -28.65 -8.27
CA HIS B 589 62.05 -29.77 -9.19
C HIS B 589 61.03 -30.88 -8.85
N GLY B 590 60.08 -30.56 -7.98
CA GLY B 590 58.89 -31.39 -7.77
C GLY B 590 59.07 -32.49 -6.71
N PHE B 591 60.07 -32.33 -5.84
CA PHE B 591 60.19 -33.16 -4.64
C PHE B 591 59.70 -32.37 -3.43
N SER B 592 58.77 -32.97 -2.68
CA SER B 592 58.41 -32.52 -1.35
C SER B 592 59.49 -32.98 -0.38
N VAL B 593 60.12 -32.01 0.30
CA VAL B 593 61.27 -32.30 1.13
C VAL B 593 60.92 -32.03 2.60
N PHE B 594 61.73 -32.62 3.48
CA PHE B 594 61.67 -32.39 4.92
C PHE B 594 63.08 -32.09 5.42
N ILE B 595 63.14 -31.26 6.48
CA ILE B 595 64.38 -30.73 6.99
C ILE B 595 64.52 -31.13 8.45
N ASP B 596 65.78 -31.31 8.88
CA ASP B 596 66.17 -31.71 10.22
C ASP B 596 66.07 -30.51 11.16
N VAL B 597 64.84 -30.09 11.47
CA VAL B 597 64.61 -29.02 12.44
C VAL B 597 65.00 -29.56 13.81
N GLU B 598 66.29 -29.38 14.15
CA GLU B 598 66.87 -29.87 15.39
C GLU B 598 66.66 -28.81 16.48
N LYS B 599 65.59 -28.99 17.26
CA LYS B 599 65.23 -28.07 18.34
C LYS B 599 64.38 -28.81 19.39
N LEU B 600 63.91 -30.01 19.02
CA LEU B 600 62.84 -30.71 19.73
C LEU B 600 63.33 -32.06 20.26
N GLU B 601 63.00 -32.33 21.54
CA GLU B 601 63.45 -33.51 22.27
C GLU B 601 62.26 -34.27 22.87
N ALA B 602 61.10 -33.58 22.96
CA ALA B 602 59.91 -34.08 23.61
C ALA B 602 59.08 -34.94 22.67
N GLY B 603 58.15 -35.72 23.26
CA GLY B 603 57.26 -36.60 22.54
C GLY B 603 57.92 -37.94 22.22
N LYS B 604 58.24 -38.69 23.29
CA LYS B 604 58.92 -39.98 23.27
C LYS B 604 60.20 -39.90 22.44
N PHE B 605 61.18 -39.19 22.99
CA PHE B 605 62.47 -38.91 22.35
C PHE B 605 62.30 -38.61 20.87
N GLU B 606 61.42 -37.64 20.56
CA GLU B 606 61.08 -37.20 19.20
C GLU B 606 60.87 -38.40 18.26
N ASP B 607 59.78 -39.15 18.49
CA ASP B 607 59.44 -40.25 17.60
C ASP B 607 58.83 -39.71 16.30
N LYS B 608 58.22 -38.51 16.39
CA LYS B 608 57.62 -37.83 15.24
C LYS B 608 58.69 -37.44 14.23
N LEU B 609 59.88 -37.08 14.73
CA LEU B 609 61.04 -36.77 13.91
C LEU B 609 61.31 -37.92 12.94
N ILE B 610 61.32 -39.15 13.46
CA ILE B 610 61.69 -40.29 12.64
C ILE B 610 60.51 -40.82 11.84
N GLN B 611 59.28 -40.60 12.29
CA GLN B 611 58.13 -40.96 11.45
C GLN B 611 58.33 -40.36 10.06
N SER B 612 58.85 -39.12 10.02
CA SER B 612 59.16 -38.43 8.78
C SER B 612 60.28 -39.14 8.01
N VAL B 613 61.39 -39.50 8.70
CA VAL B 613 62.56 -40.10 8.08
C VAL B 613 62.23 -41.50 7.56
N MET B 614 61.66 -42.35 8.45
CA MET B 614 61.23 -43.70 8.15
C MET B 614 60.29 -43.71 6.94
N GLY B 615 59.51 -42.64 6.79
CA GLY B 615 58.59 -42.48 5.68
C GLY B 615 59.23 -41.82 4.45
N ALA B 616 60.28 -41.01 4.68
CA ALA B 616 60.97 -40.31 3.61
C ALA B 616 61.69 -41.31 2.71
N ARG B 617 61.14 -41.51 1.50
CA ARG B 617 61.67 -42.48 0.54
C ARG B 617 63.16 -42.23 0.32
N ASN B 618 63.48 -40.98 -0.01
CA ASN B 618 64.84 -40.53 -0.26
C ASN B 618 65.38 -39.86 1.00
N PHE B 619 66.67 -40.10 1.27
CA PHE B 619 67.36 -39.51 2.40
C PHE B 619 68.63 -38.82 1.89
N VAL B 620 68.61 -37.49 1.90
CA VAL B 620 69.81 -36.70 1.67
C VAL B 620 70.50 -36.50 3.02
N LEU B 621 71.78 -36.85 3.06
CA LEU B 621 72.64 -36.54 4.19
C LEU B 621 73.63 -35.46 3.76
N VAL B 622 73.59 -34.32 4.45
CA VAL B 622 74.53 -33.24 4.21
C VAL B 622 75.79 -33.52 5.01
N LEU B 623 76.84 -33.88 4.28
CA LEU B 623 78.14 -34.17 4.87
C LEU B 623 79.06 -32.97 4.65
N SER B 624 78.98 -32.06 5.64
CA SER B 624 79.91 -30.96 5.87
C SER B 624 81.16 -31.52 6.55
N PRO B 625 82.29 -30.76 6.64
CA PRO B 625 83.47 -31.22 7.38
C PRO B 625 83.11 -31.56 8.82
N GLY B 626 83.05 -32.86 9.11
CA GLY B 626 82.68 -33.38 10.43
C GLY B 626 81.22 -33.11 10.77
N ALA B 627 80.32 -33.76 10.04
CA ALA B 627 78.88 -33.66 10.27
C ALA B 627 78.37 -34.81 11.14
N LEU B 628 79.30 -35.70 11.55
CA LEU B 628 78.94 -36.95 12.22
C LEU B 628 79.49 -37.00 13.65
N ASP B 629 79.68 -35.82 14.26
CA ASP B 629 80.33 -35.69 15.56
C ASP B 629 79.50 -36.37 16.66
N LYS B 630 78.25 -35.93 16.82
CA LYS B 630 77.37 -36.44 17.87
C LYS B 630 76.91 -37.86 17.52
N CYS B 631 76.90 -38.19 16.22
CA CYS B 631 76.58 -39.52 15.73
C CYS B 631 77.68 -40.49 16.14
N MET B 632 78.94 -40.01 16.09
CA MET B 632 80.11 -40.79 16.49
C MET B 632 79.91 -41.33 17.90
N GLN B 633 79.85 -42.67 17.97
CA GLN B 633 79.72 -43.46 19.19
C GLN B 633 78.48 -43.03 19.99
N ASP B 634 77.36 -42.80 19.28
CA ASP B 634 76.10 -42.47 19.93
C ASP B 634 75.30 -43.75 20.17
N HIS B 635 75.60 -44.38 21.31
CA HIS B 635 75.10 -45.70 21.63
C HIS B 635 73.70 -45.63 22.25
N ASP B 636 73.35 -44.45 22.78
CA ASP B 636 72.02 -44.19 23.32
C ASP B 636 71.04 -43.86 22.18
N CYS B 637 71.59 -43.70 20.96
CA CYS B 637 70.84 -43.32 19.77
C CYS B 637 69.93 -42.13 20.10
N LYS B 638 70.57 -41.04 20.55
CA LYS B 638 69.86 -39.88 21.06
C LYS B 638 70.07 -38.65 20.16
N ASP B 639 71.24 -38.55 19.52
CA ASP B 639 71.50 -37.52 18.54
C ASP B 639 70.61 -37.75 17.32
N TRP B 640 69.84 -36.71 16.96
CA TRP B 640 68.83 -36.73 15.89
C TRP B 640 69.39 -37.18 14.55
N VAL B 641 70.64 -36.75 14.24
CA VAL B 641 71.31 -37.10 13.00
C VAL B 641 71.58 -38.60 13.02
N HIS B 642 72.24 -39.07 14.08
CA HIS B 642 72.55 -40.49 14.29
C HIS B 642 71.30 -41.35 14.08
N LYS B 643 70.33 -41.14 14.96
CA LYS B 643 68.96 -41.65 14.92
C LYS B 643 68.45 -41.80 13.48
N GLN B 644 68.39 -40.68 12.74
CA GLN B 644 67.82 -40.61 11.40
C GLN B 644 68.56 -41.57 10.46
N ILE B 645 69.89 -41.48 10.45
CA ILE B 645 70.76 -42.34 9.65
C ILE B 645 70.31 -43.79 9.83
N VAL B 646 70.24 -44.22 11.10
CA VAL B 646 69.88 -45.56 11.52
C VAL B 646 68.53 -45.95 10.95
N THR B 647 67.51 -45.10 11.17
CA THR B 647 66.11 -45.39 10.84
C THR B 647 65.91 -45.46 9.33
N ALA B 648 66.63 -44.59 8.60
CA ALA B 648 66.67 -44.61 7.14
C ALA B 648 67.26 -45.94 6.66
N LEU B 649 68.46 -46.27 7.15
CA LEU B 649 69.14 -47.53 6.89
C LEU B 649 68.23 -48.71 7.22
N SER B 650 67.53 -48.62 8.37
CA SER B 650 66.57 -49.62 8.84
C SER B 650 65.49 -49.85 7.78
N CYS B 651 64.90 -48.77 7.28
CA CYS B 651 63.79 -48.82 6.35
C CYS B 651 64.28 -49.08 4.92
N GLY B 652 65.61 -49.16 4.76
CA GLY B 652 66.27 -49.34 3.48
C GLY B 652 65.97 -48.17 2.53
N LYS B 653 66.27 -46.96 2.98
CA LYS B 653 65.92 -45.75 2.25
C LYS B 653 67.09 -45.32 1.36
N ASN B 654 66.73 -44.65 0.27
CA ASN B 654 67.66 -44.16 -0.74
C ASN B 654 68.51 -43.04 -0.15
N ILE B 655 69.75 -43.39 0.23
CA ILE B 655 70.64 -42.46 0.91
C ILE B 655 71.61 -41.87 -0.12
N VAL B 656 71.57 -40.54 -0.23
CA VAL B 656 72.46 -39.78 -1.09
C VAL B 656 73.23 -38.77 -0.22
N PRO B 657 74.48 -39.11 0.17
CA PRO B 657 75.38 -38.15 0.83
C PRO B 657 75.79 -37.02 -0.11
N ILE B 658 75.75 -35.78 0.40
CA ILE B 658 76.18 -34.62 -0.37
C ILE B 658 77.45 -34.06 0.27
N ILE B 659 78.53 -34.08 -0.54
CA ILE B 659 79.89 -33.92 -0.06
C ILE B 659 80.33 -32.48 -0.31
N ASP B 660 80.57 -31.76 0.80
CA ASP B 660 80.97 -30.37 0.81
C ASP B 660 81.98 -30.18 1.94
N GLY B 661 83.18 -30.76 1.75
CA GLY B 661 84.29 -30.63 2.68
C GLY B 661 84.41 -31.82 3.64
N PHE B 662 83.57 -32.85 3.45
CA PHE B 662 83.56 -34.02 4.31
C PHE B 662 84.80 -34.88 4.06
N GLU B 663 85.53 -35.15 5.14
CA GLU B 663 86.57 -36.17 5.20
C GLU B 663 85.96 -37.43 5.79
N TRP B 664 86.08 -38.54 5.05
CA TRP B 664 85.47 -39.81 5.38
C TRP B 664 86.19 -40.47 6.56
N PRO B 665 85.48 -40.76 7.68
CA PRO B 665 86.10 -41.36 8.86
C PRO B 665 86.22 -42.88 8.77
N GLU B 666 86.76 -43.48 9.83
CA GLU B 666 86.69 -44.92 10.04
C GLU B 666 85.25 -45.28 10.41
N PRO B 667 84.65 -46.32 9.77
CA PRO B 667 83.32 -46.79 10.14
C PRO B 667 83.22 -47.19 11.61
N GLN B 668 84.32 -47.72 12.16
CA GLN B 668 84.43 -48.18 13.54
C GLN B 668 84.16 -47.06 14.54
N VAL B 669 84.42 -45.81 14.13
CA VAL B 669 84.19 -44.64 14.98
C VAL B 669 82.69 -44.33 15.05
N LEU B 670 81.92 -44.83 14.09
CA LEU B 670 80.46 -44.77 14.11
C LEU B 670 79.90 -46.02 14.78
N PRO B 671 78.71 -45.94 15.43
CA PRO B 671 77.97 -47.13 15.83
C PRO B 671 77.59 -47.95 14.59
N GLU B 672 77.59 -49.28 14.75
CA GLU B 672 77.44 -50.26 13.69
C GLU B 672 76.16 -50.02 12.90
N ASP B 673 75.12 -49.58 13.62
CA ASP B 673 73.78 -49.33 13.10
C ASP B 673 73.79 -48.25 12.01
N MET B 674 74.90 -47.50 11.90
CA MET B 674 74.96 -46.34 11.02
C MET B 674 76.27 -46.29 10.21
N GLN B 675 77.18 -47.26 10.45
CA GLN B 675 78.49 -47.32 9.81
C GLN B 675 78.36 -47.39 8.28
N ALA B 676 77.34 -48.11 7.81
CA ALA B 676 77.13 -48.43 6.40
C ALA B 676 76.71 -47.22 5.58
N VAL B 677 76.39 -46.10 6.25
CA VAL B 677 76.01 -44.87 5.58
C VAL B 677 77.21 -44.30 4.80
N LEU B 678 78.42 -44.68 5.21
CA LEU B 678 79.67 -44.30 4.55
C LEU B 678 79.84 -45.06 3.23
N THR B 679 79.01 -46.10 3.03
CA THR B 679 79.14 -47.01 1.90
C THR B 679 78.12 -46.63 0.82
N PHE B 680 77.54 -45.43 0.93
CA PHE B 680 76.70 -44.85 -0.10
C PHE B 680 77.50 -43.83 -0.89
N ASN B 681 77.41 -43.93 -2.23
CA ASN B 681 78.12 -43.08 -3.17
C ASN B 681 77.50 -41.68 -3.15
N GLY B 682 78.34 -40.69 -2.81
CA GLY B 682 77.92 -39.32 -2.59
C GLY B 682 78.20 -38.40 -3.78
N ILE B 683 77.60 -37.20 -3.74
CA ILE B 683 77.74 -36.22 -4.81
C ILE B 683 78.46 -34.98 -4.28
N LYS B 684 79.51 -34.59 -5.02
CA LYS B 684 80.30 -33.39 -4.77
C LYS B 684 79.43 -32.16 -4.96
N TRP B 685 79.31 -31.36 -3.87
CA TRP B 685 78.61 -30.09 -3.93
C TRP B 685 79.51 -29.01 -4.51
N SER B 686 78.92 -28.21 -5.42
CA SER B 686 79.53 -27.00 -5.94
C SER B 686 78.47 -25.89 -5.98
N HIS B 687 78.79 -24.77 -5.31
CA HIS B 687 77.96 -23.57 -5.33
C HIS B 687 78.03 -22.91 -6.70
N GLU B 688 79.19 -23.07 -7.36
CA GLU B 688 79.52 -22.44 -8.63
C GLU B 688 78.62 -22.98 -9.74
N TYR B 689 78.57 -24.31 -9.90
CA TYR B 689 77.66 -24.95 -10.82
C TYR B 689 76.55 -25.66 -10.04
N GLN B 690 75.79 -24.85 -9.29
CA GLN B 690 74.77 -25.30 -8.36
C GLN B 690 73.74 -26.19 -9.07
N GLU B 691 73.22 -25.70 -10.20
CA GLU B 691 72.12 -26.30 -10.94
C GLU B 691 72.52 -27.67 -11.47
N ALA B 692 73.75 -27.77 -12.00
CA ALA B 692 74.31 -29.00 -12.55
C ALA B 692 74.37 -30.08 -11.48
N THR B 693 74.84 -29.69 -10.29
CA THR B 693 74.96 -30.53 -9.12
C THR B 693 73.58 -31.05 -8.71
N ILE B 694 72.58 -30.16 -8.79
CA ILE B 694 71.20 -30.40 -8.40
C ILE B 694 70.59 -31.51 -9.28
N GLU B 695 70.84 -31.43 -10.60
CA GLU B 695 70.32 -32.37 -11.57
C GLU B 695 70.83 -33.79 -11.29
N LYS B 696 72.12 -33.88 -10.94
CA LYS B 696 72.76 -35.14 -10.60
C LYS B 696 72.15 -35.71 -9.32
N ILE B 697 71.88 -34.85 -8.33
CA ILE B 697 71.32 -35.26 -7.05
C ILE B 697 69.92 -35.84 -7.27
N ILE B 698 69.12 -35.14 -8.10
CA ILE B 698 67.77 -35.54 -8.50
C ILE B 698 67.82 -36.92 -9.17
N ARG B 699 68.85 -37.14 -10.01
CA ARG B 699 69.07 -38.40 -10.71
C ARG B 699 69.24 -39.55 -9.71
N PHE B 700 69.87 -39.24 -8.58
CA PHE B 700 70.20 -40.22 -7.55
C PHE B 700 69.00 -40.50 -6.67
N LEU B 701 68.04 -39.56 -6.66
CA LEU B 701 66.80 -39.70 -5.91
C LEU B 701 65.85 -40.63 -6.65
N GLN B 702 65.04 -41.37 -5.87
CA GLN B 702 64.18 -42.44 -6.36
C GLN B 702 62.75 -42.21 -5.88
N GLY C 58 0.58 70.35 -38.56
CA GLY C 58 1.59 70.49 -39.64
C GLY C 58 1.33 69.53 -40.80
N ALA C 59 1.16 68.24 -40.46
CA ALA C 59 0.85 67.20 -41.43
C ALA C 59 -0.61 67.32 -41.85
N GLY C 60 -1.52 67.32 -40.86
CA GLY C 60 -2.95 67.43 -41.06
C GLY C 60 -3.33 68.62 -41.93
N THR C 61 -2.70 69.77 -41.66
CA THR C 61 -2.93 71.01 -42.39
C THR C 61 -2.77 70.80 -43.90
N GLU C 62 -1.79 69.96 -44.27
CA GLU C 62 -1.45 69.65 -45.65
C GLU C 62 -2.43 68.61 -46.20
N VAL C 63 -2.79 67.61 -45.36
CA VAL C 63 -3.76 66.58 -45.70
C VAL C 63 -5.10 67.24 -46.01
N GLN C 64 -5.53 68.14 -45.10
CA GLN C 64 -6.73 68.96 -45.26
C GLN C 64 -6.64 69.74 -46.57
N ASP C 65 -5.53 70.47 -46.75
CA ASP C 65 -5.20 71.25 -47.93
C ASP C 65 -5.36 70.40 -49.19
N ALA C 66 -4.79 69.19 -49.15
CA ALA C 66 -4.90 68.21 -50.23
C ALA C 66 -6.37 67.92 -50.53
N LEU C 67 -7.13 67.46 -49.52
CA LEU C 67 -8.51 67.05 -49.65
C LEU C 67 -9.38 68.16 -50.23
N GLU C 68 -9.01 69.42 -49.93
CA GLU C 68 -9.67 70.62 -50.41
C GLU C 68 -9.54 70.74 -51.93
N ARG C 69 -8.43 70.22 -52.47
CA ARG C 69 -8.29 70.18 -53.91
C ARG C 69 -8.76 68.83 -54.44
N ALA C 70 -8.33 67.75 -53.76
CA ALA C 70 -8.43 66.37 -54.20
C ALA C 70 -9.87 65.85 -54.26
N LEU C 71 -10.68 66.18 -53.25
CA LEU C 71 -12.06 65.72 -53.19
C LEU C 71 -12.88 66.30 -54.35
N PRO C 72 -12.89 67.64 -54.59
CA PRO C 72 -13.49 68.21 -55.81
C PRO C 72 -12.88 67.71 -57.12
N GLU C 73 -11.61 67.30 -57.07
CA GLU C 73 -10.91 66.69 -58.20
C GLU C 73 -11.42 65.28 -58.43
N LEU C 74 -11.73 64.57 -57.33
CA LEU C 74 -12.38 63.28 -57.36
C LEU C 74 -13.80 63.43 -57.89
N GLN C 75 -14.41 64.59 -57.64
CA GLN C 75 -15.73 64.93 -58.15
C GLN C 75 -15.64 65.33 -59.62
N GLN C 76 -14.55 66.00 -59.98
CA GLN C 76 -14.22 66.31 -61.37
C GLN C 76 -14.08 65.00 -62.14
N ALA C 77 -13.50 64.01 -61.47
CA ALA C 77 -13.40 62.64 -61.97
C ALA C 77 -14.77 61.97 -61.94
N LEU C 78 -15.58 62.23 -60.88
CA LEU C 78 -16.86 61.54 -60.73
C LEU C 78 -17.80 61.89 -61.87
N SER C 79 -17.68 63.14 -62.36
CA SER C 79 -18.38 63.61 -63.54
C SER C 79 -18.01 62.74 -64.74
N ALA C 80 -16.70 62.53 -64.94
CA ALA C 80 -16.16 61.74 -66.03
C ALA C 80 -16.44 60.26 -65.82
N LEU C 81 -16.43 59.83 -64.54
CA LEU C 81 -16.67 58.45 -64.12
C LEU C 81 -18.00 57.94 -64.66
N LYS C 82 -18.90 58.87 -64.99
CA LYS C 82 -20.25 58.58 -65.46
C LYS C 82 -20.22 57.97 -66.86
N GLN C 83 -19.25 58.37 -67.70
CA GLN C 83 -19.17 57.92 -69.07
C GLN C 83 -18.12 56.81 -69.21
N ALA C 84 -17.83 56.45 -70.47
CA ALA C 84 -16.90 55.39 -70.82
C ALA C 84 -15.60 55.97 -71.36
N GLY C 85 -14.63 55.09 -71.63
CA GLY C 85 -13.30 55.48 -72.09
C GLY C 85 -13.10 55.28 -73.59
N GLY C 86 -14.18 54.90 -74.30
CA GLY C 86 -14.22 54.83 -75.74
C GLY C 86 -13.78 56.14 -76.39
N ALA C 87 -14.39 57.25 -75.93
CA ALA C 87 -14.07 58.59 -76.40
C ALA C 87 -13.20 59.32 -75.38
N ARG C 88 -12.53 58.55 -74.52
CA ARG C 88 -11.65 59.02 -73.44
C ARG C 88 -12.38 60.02 -72.54
N ALA C 89 -13.70 59.87 -72.42
CA ALA C 89 -14.49 60.67 -71.49
C ALA C 89 -14.08 60.32 -70.06
N VAL C 90 -14.10 59.03 -69.72
CA VAL C 90 -13.53 58.55 -68.47
C VAL C 90 -12.01 58.41 -68.60
N GLY C 91 -11.55 58.11 -69.83
CA GLY C 91 -10.13 57.94 -70.14
C GLY C 91 -9.26 59.06 -69.59
N ALA C 92 -9.62 60.30 -69.95
CA ALA C 92 -8.96 61.50 -69.43
C ALA C 92 -9.15 61.57 -67.92
N GLY C 93 -10.41 61.46 -67.48
CA GLY C 93 -10.79 61.49 -66.07
C GLY C 93 -9.96 60.53 -65.22
N LEU C 94 -9.76 59.31 -65.74
CA LEU C 94 -8.95 58.27 -65.10
C LEU C 94 -7.49 58.72 -65.04
N ALA C 95 -6.94 59.08 -66.21
CA ALA C 95 -5.59 59.60 -66.34
C ALA C 95 -5.36 60.75 -65.36
N GLU C 96 -6.41 61.57 -65.15
CA GLU C 96 -6.39 62.68 -64.21
C GLU C 96 -6.30 62.16 -62.77
N VAL C 97 -7.34 61.46 -62.32
CA VAL C 97 -7.49 61.08 -60.91
C VAL C 97 -6.41 60.07 -60.50
N PHE C 98 -6.04 59.17 -61.42
CA PHE C 98 -4.95 58.23 -61.17
C PHE C 98 -3.67 59.01 -60.86
N GLN C 99 -3.37 60.02 -61.67
CA GLN C 99 -2.18 60.84 -61.51
C GLN C 99 -2.39 61.85 -60.37
N LEU C 100 -3.65 62.17 -60.05
CA LEU C 100 -3.96 63.07 -58.94
C LEU C 100 -3.68 62.38 -57.61
N VAL C 101 -4.02 61.09 -57.51
CA VAL C 101 -3.71 60.31 -56.33
C VAL C 101 -2.26 59.81 -56.38
N GLU C 102 -1.62 59.95 -57.55
CA GLU C 102 -0.20 59.68 -57.71
C GLU C 102 0.61 60.91 -57.28
N GLU C 103 0.06 62.10 -57.55
CA GLU C 103 0.58 63.35 -57.03
C GLU C 103 0.38 63.38 -55.52
N ALA C 104 -0.72 62.77 -55.07
CA ALA C 104 -1.05 62.64 -53.65
C ALA C 104 -0.39 61.40 -53.05
N TRP C 105 0.18 60.53 -53.90
CA TRP C 105 0.96 59.39 -53.43
C TRP C 105 2.34 59.83 -52.97
N LEU C 106 2.74 61.04 -53.39
CA LEU C 106 3.96 61.71 -52.95
C LEU C 106 3.79 62.20 -51.51
N LEU C 107 2.52 62.30 -51.05
CA LEU C 107 2.19 62.88 -49.76
C LEU C 107 2.55 61.94 -48.60
N PRO C 108 2.26 60.61 -48.64
CA PRO C 108 2.82 59.67 -47.66
C PRO C 108 4.31 59.84 -47.39
N ALA C 109 5.07 60.19 -48.45
CA ALA C 109 6.48 60.50 -48.34
C ALA C 109 6.66 61.89 -47.72
N VAL C 110 5.93 62.88 -48.25
CA VAL C 110 5.95 64.26 -47.76
C VAL C 110 5.66 64.26 -46.26
N GLY C 111 4.58 63.58 -45.87
CA GLY C 111 4.22 63.40 -44.47
C GLY C 111 4.58 62.00 -43.97
N ARG C 112 3.57 61.29 -43.47
CA ARG C 112 3.67 59.88 -43.10
C ARG C 112 2.31 59.21 -43.30
N GLU C 113 2.16 58.59 -44.49
CA GLU C 113 1.03 57.77 -44.90
C GLU C 113 -0.26 58.61 -45.01
N VAL C 114 -0.19 59.65 -45.85
CA VAL C 114 -1.34 60.49 -46.19
C VAL C 114 -2.31 59.67 -47.03
N ALA C 115 -1.82 58.53 -47.53
CA ALA C 115 -2.55 57.53 -48.32
C ALA C 115 -4.00 57.40 -47.85
N GLN C 116 -4.21 57.31 -46.52
CA GLN C 116 -5.50 57.08 -45.91
C GLN C 116 -6.50 58.16 -46.37
N GLY C 117 -6.14 59.43 -46.14
CA GLY C 117 -6.98 60.58 -46.49
C GLY C 117 -7.59 60.47 -47.89
N LEU C 118 -6.72 60.44 -48.91
CA LEU C 118 -7.11 60.40 -50.31
C LEU C 118 -7.96 59.17 -50.60
N CYS C 119 -7.61 58.04 -49.98
CA CYS C 119 -8.24 56.74 -50.20
C CYS C 119 -9.67 56.75 -49.67
N ASP C 120 -9.84 57.21 -48.42
CA ASP C 120 -11.11 57.27 -47.73
C ASP C 120 -12.12 58.05 -48.58
N ALA C 121 -11.65 59.13 -49.21
CA ALA C 121 -12.45 59.92 -50.13
C ALA C 121 -13.05 59.03 -51.23
N ILE C 122 -12.20 58.22 -51.88
CA ILE C 122 -12.67 57.43 -53.01
C ILE C 122 -13.59 56.30 -52.53
N ARG C 123 -13.41 55.86 -51.27
CA ARG C 123 -14.07 54.70 -50.67
C ARG C 123 -15.50 55.00 -50.20
N LEU C 124 -15.62 55.81 -49.15
CA LEU C 124 -16.88 56.02 -48.43
C LEU C 124 -18.00 56.41 -49.39
N ASP C 125 -17.76 57.46 -50.18
CA ASP C 125 -18.76 57.97 -51.11
C ASP C 125 -18.17 58.10 -52.52
N GLY C 126 -16.85 57.88 -52.64
CA GLY C 126 -16.22 58.05 -53.95
C GLY C 126 -16.62 56.93 -54.90
N GLY C 127 -16.27 57.09 -56.18
CA GLY C 127 -16.62 56.13 -57.22
C GLY C 127 -15.81 54.84 -57.13
N LEU C 128 -15.51 54.39 -55.91
CA LEU C 128 -14.78 53.15 -55.69
C LEU C 128 -15.48 52.01 -56.43
N ASP C 129 -16.79 51.89 -56.19
CA ASP C 129 -17.62 50.86 -56.81
C ASP C 129 -17.78 51.14 -58.30
N LEU C 130 -17.72 52.43 -58.69
CA LEU C 130 -17.83 52.84 -60.08
C LEU C 130 -16.60 52.41 -60.87
N LEU C 131 -15.44 52.39 -60.20
CA LEU C 131 -14.19 51.94 -60.77
C LEU C 131 -14.18 50.41 -60.90
N LEU C 132 -14.85 49.75 -59.96
CA LEU C 132 -15.02 48.30 -59.99
C LEU C 132 -15.91 47.93 -61.17
N ARG C 133 -16.92 48.76 -61.43
CA ARG C 133 -17.81 48.59 -62.58
C ARG C 133 -17.11 49.01 -63.87
N LEU C 134 -16.14 49.93 -63.74
CA LEU C 134 -15.33 50.39 -64.87
C LEU C 134 -14.44 49.24 -65.37
N LEU C 135 -13.97 48.39 -64.44
CA LEU C 135 -13.24 47.19 -64.78
C LEU C 135 -14.11 46.29 -65.66
N GLN C 136 -15.36 46.06 -65.21
CA GLN C 136 -16.35 45.25 -65.92
C GLN C 136 -16.64 45.85 -67.29
N ALA C 137 -16.68 47.19 -67.36
CA ALA C 137 -16.94 47.93 -68.59
C ALA C 137 -15.97 47.50 -69.68
N PRO C 138 -16.46 47.16 -70.90
CA PRO C 138 -15.61 46.62 -71.96
C PRO C 138 -14.64 47.60 -72.61
N GLU C 139 -14.37 48.71 -71.90
CA GLU C 139 -13.35 49.68 -72.27
C GLU C 139 -12.00 49.24 -71.70
N LEU C 140 -11.46 48.16 -72.29
CA LEU C 140 -10.24 47.52 -71.83
C LEU C 140 -9.09 48.52 -71.69
N GLU C 141 -9.02 49.44 -72.65
CA GLU C 141 -8.01 50.49 -72.71
C GLU C 141 -8.00 51.28 -71.41
N THR C 142 -9.19 51.56 -70.87
CA THR C 142 -9.34 52.37 -69.67
C THR C 142 -9.59 51.50 -68.44
N ARG C 143 -9.92 50.22 -68.65
CA ARG C 143 -10.15 49.33 -67.52
C ARG C 143 -8.82 49.02 -66.82
N VAL C 144 -7.71 49.06 -67.56
CA VAL C 144 -6.38 48.98 -66.99
C VAL C 144 -6.05 50.27 -66.24
N GLN C 145 -6.56 51.41 -66.73
CA GLN C 145 -6.35 52.69 -66.08
C GLN C 145 -7.07 52.71 -64.73
N ALA C 146 -8.29 52.16 -64.70
CA ALA C 146 -9.04 51.98 -63.46
C ALA C 146 -8.25 51.09 -62.50
N ALA C 147 -7.77 49.96 -63.03
CA ALA C 147 -6.97 48.98 -62.29
C ALA C 147 -5.74 49.65 -61.69
N ARG C 148 -5.02 50.42 -62.51
CA ARG C 148 -3.84 51.19 -62.10
C ARG C 148 -4.21 52.04 -60.88
N LEU C 149 -5.34 52.74 -60.98
CA LEU C 149 -5.83 53.65 -59.94
C LEU C 149 -6.25 52.84 -58.72
N LEU C 150 -6.98 51.74 -58.92
CA LEU C 150 -7.45 50.89 -57.83
C LEU C 150 -6.27 50.33 -57.05
N GLU C 151 -5.23 49.89 -57.78
CA GLU C 151 -4.00 49.36 -57.20
C GLU C 151 -3.40 50.38 -56.25
N GLN C 152 -3.41 51.66 -56.68
CA GLN C 152 -2.92 52.76 -55.87
C GLN C 152 -3.81 52.89 -54.63
N ILE C 153 -5.07 53.30 -54.83
CA ILE C 153 -6.01 53.55 -53.75
C ILE C 153 -6.49 52.22 -53.16
N LEU C 154 -5.66 51.63 -52.28
CA LEU C 154 -5.96 50.31 -51.75
C LEU C 154 -5.36 50.13 -50.36
N VAL C 155 -5.74 51.04 -49.46
CA VAL C 155 -5.41 50.90 -48.04
C VAL C 155 -6.39 49.91 -47.41
N ALA C 156 -6.10 49.49 -46.17
CA ALA C 156 -6.85 48.49 -45.42
C ALA C 156 -8.35 48.72 -45.52
N GLU C 157 -8.75 50.00 -45.44
CA GLU C 157 -10.13 50.45 -45.59
C GLU C 157 -10.73 49.90 -46.88
N ASN C 158 -10.12 50.29 -48.02
CA ASN C 158 -10.57 49.91 -49.36
C ASN C 158 -10.54 48.39 -49.51
N ARG C 159 -9.49 47.76 -48.95
CA ARG C 159 -9.25 46.33 -49.08
C ARG C 159 -10.46 45.54 -48.55
N ASP C 160 -10.86 45.86 -47.31
CA ASP C 160 -11.99 45.20 -46.67
C ASP C 160 -13.25 45.38 -47.53
N ARG C 161 -13.51 46.62 -47.94
CA ARG C 161 -14.68 46.95 -48.72
C ARG C 161 -14.69 46.18 -50.04
N VAL C 162 -13.55 46.14 -50.74
CA VAL C 162 -13.50 45.47 -52.04
C VAL C 162 -13.47 43.96 -51.85
N ALA C 163 -13.16 43.48 -50.64
CA ALA C 163 -13.25 42.07 -50.31
C ALA C 163 -14.70 41.61 -50.34
N ARG C 164 -15.62 42.55 -50.09
CA ARG C 164 -17.03 42.25 -50.07
C ARG C 164 -17.60 42.29 -51.48
N ILE C 165 -17.17 43.29 -52.27
CA ILE C 165 -17.74 43.51 -53.59
C ILE C 165 -16.69 43.21 -54.67
N GLY C 166 -15.63 44.04 -54.69
CA GLY C 166 -14.64 44.04 -55.75
C GLY C 166 -14.05 42.66 -56.03
N LEU C 167 -13.93 41.84 -54.97
CA LEU C 167 -13.32 40.52 -54.99
C LEU C 167 -13.76 39.75 -56.24
N GLY C 168 -15.07 39.62 -56.42
CA GLY C 168 -15.67 38.92 -57.54
C GLY C 168 -15.18 39.46 -58.89
N VAL C 169 -15.26 40.79 -59.04
CA VAL C 169 -14.95 41.47 -60.28
C VAL C 169 -13.43 41.42 -60.53
N ILE C 170 -12.65 41.49 -59.45
CA ILE C 170 -11.19 41.41 -59.49
C ILE C 170 -10.78 40.09 -60.15
N LEU C 171 -11.40 38.99 -59.69
CA LEU C 171 -11.11 37.65 -60.18
C LEU C 171 -11.65 37.46 -61.59
N ASN C 172 -12.81 38.06 -61.87
CA ASN C 172 -13.43 38.04 -63.18
C ASN C 172 -12.51 38.72 -64.21
N LEU C 173 -11.69 39.65 -63.71
CA LEU C 173 -10.75 40.43 -64.51
C LEU C 173 -9.39 39.74 -64.52
N ALA C 174 -9.15 38.88 -63.52
CA ALA C 174 -7.91 38.13 -63.39
C ALA C 174 -7.79 37.08 -64.48
N LYS C 175 -8.95 36.50 -64.87
CA LYS C 175 -9.02 35.48 -65.91
C LYS C 175 -8.49 36.02 -67.23
N GLU C 176 -8.48 37.37 -67.36
CA GLU C 176 -7.82 38.05 -68.47
C GLU C 176 -6.33 38.11 -68.17
N ARG C 177 -5.53 37.59 -69.11
CA ARG C 177 -4.14 37.28 -68.83
C ARG C 177 -3.20 38.00 -69.80
N GLU C 178 -3.45 37.84 -71.10
CA GLU C 178 -2.54 38.27 -72.17
C GLU C 178 -2.09 39.72 -72.02
N PRO C 179 -3.00 40.73 -71.88
CA PRO C 179 -2.57 42.12 -71.72
C PRO C 179 -1.65 42.30 -70.51
N VAL C 180 -0.37 42.58 -70.80
CA VAL C 180 0.72 42.54 -69.83
C VAL C 180 0.54 43.66 -68.80
N GLU C 181 0.32 44.88 -69.30
CA GLU C 181 0.15 46.07 -68.48
C GLU C 181 -1.00 45.87 -67.51
N LEU C 182 -2.11 45.32 -68.04
CA LEU C 182 -3.26 44.95 -67.23
C LEU C 182 -2.84 43.97 -66.14
N ALA C 183 -2.23 42.85 -66.57
CA ALA C 183 -1.80 41.75 -65.71
C ALA C 183 -0.96 42.28 -64.55
N ARG C 184 0.01 43.15 -64.87
CA ARG C 184 0.85 43.82 -63.89
C ARG C 184 -0.02 44.42 -62.78
N SER C 185 -1.05 45.18 -63.17
CA SER C 185 -1.92 45.89 -62.24
C SER C 185 -2.88 44.92 -61.55
N VAL C 186 -3.21 43.80 -62.21
CA VAL C 186 -4.12 42.79 -61.68
C VAL C 186 -3.40 41.96 -60.62
N ALA C 187 -2.24 41.40 -60.99
CA ALA C 187 -1.35 40.74 -60.04
C ALA C 187 -1.11 41.68 -58.86
N GLY C 188 -1.04 42.99 -59.16
CA GLY C 188 -0.89 44.07 -58.20
C GLY C 188 -1.99 44.10 -57.15
N ILE C 189 -3.25 44.09 -57.60
CA ILE C 189 -4.41 44.18 -56.72
C ILE C 189 -4.54 42.89 -55.91
N LEU C 190 -4.21 41.76 -56.55
CA LEU C 190 -4.17 40.42 -55.97
C LEU C 190 -3.16 40.37 -54.81
N GLU C 191 -2.02 41.03 -55.00
CA GLU C 191 -0.94 41.10 -54.02
C GLU C 191 -1.45 41.77 -52.74
N HIS C 192 -2.18 42.88 -52.90
CA HIS C 192 -2.77 43.59 -51.77
C HIS C 192 -3.91 42.77 -51.17
N MET C 193 -4.67 42.11 -52.06
CA MET C 193 -5.84 41.34 -51.69
C MET C 193 -5.45 40.18 -50.79
N PHE C 194 -4.40 39.46 -51.20
CA PHE C 194 -3.94 38.27 -50.51
C PHE C 194 -3.60 38.57 -49.06
N LYS C 195 -3.12 39.80 -48.80
CA LYS C 195 -2.63 40.16 -47.48
C LYS C 195 -3.76 40.72 -46.63
N HIS C 196 -5.00 40.29 -46.90
CA HIS C 196 -6.15 40.87 -46.22
C HIS C 196 -6.62 40.01 -45.04
N SER C 197 -6.96 38.75 -45.31
CA SER C 197 -7.57 37.90 -44.31
C SER C 197 -7.39 36.44 -44.67
N GLU C 198 -7.53 35.55 -43.67
CA GLU C 198 -7.41 34.12 -43.83
C GLU C 198 -8.30 33.68 -45.01
N GLU C 199 -9.56 34.10 -44.94
CA GLU C 199 -10.66 33.72 -45.82
C GLU C 199 -10.51 34.35 -47.20
N THR C 200 -9.84 35.52 -47.25
CA THR C 200 -9.61 36.22 -48.51
C THR C 200 -8.64 35.43 -49.38
N CYS C 201 -7.55 34.94 -48.77
CA CYS C 201 -6.65 34.00 -49.43
C CYS C 201 -7.45 32.77 -49.84
N GLN C 202 -8.07 32.12 -48.84
CA GLN C 202 -8.79 30.85 -49.00
C GLN C 202 -9.71 30.94 -50.21
N ARG C 203 -10.19 32.15 -50.48
CA ARG C 203 -11.04 32.48 -51.61
C ARG C 203 -10.21 32.45 -52.89
N LEU C 204 -9.29 33.41 -52.98
CA LEU C 204 -8.55 33.72 -54.19
C LEU C 204 -7.83 32.48 -54.70
N VAL C 205 -7.13 31.79 -53.78
CA VAL C 205 -6.43 30.54 -54.03
C VAL C 205 -7.33 29.59 -54.82
N ALA C 206 -8.49 29.26 -54.22
CA ALA C 206 -9.41 28.26 -54.74
C ALA C 206 -10.07 28.75 -56.03
N ALA C 207 -10.18 30.07 -56.19
CA ALA C 207 -10.94 30.67 -57.27
C ALA C 207 -10.07 30.89 -58.52
N GLY C 208 -8.76 30.60 -58.41
CA GLY C 208 -7.83 30.76 -59.52
C GLY C 208 -7.09 32.09 -59.48
N GLY C 209 -7.17 32.77 -58.33
CA GLY C 209 -6.34 33.93 -58.01
C GLY C 209 -4.87 33.55 -57.91
N LEU C 210 -4.59 32.43 -57.21
CA LEU C 210 -3.26 31.84 -57.17
C LEU C 210 -2.85 31.42 -58.58
N ASP C 211 -3.78 30.78 -59.30
CA ASP C 211 -3.51 30.26 -60.63
C ASP C 211 -3.21 31.39 -61.61
N ALA C 212 -3.68 32.61 -61.30
CA ALA C 212 -3.37 33.80 -62.07
C ALA C 212 -1.91 34.22 -61.87
N VAL C 213 -1.50 34.36 -60.60
CA VAL C 213 -0.16 34.82 -60.25
C VAL C 213 0.89 33.79 -60.63
N LEU C 214 0.50 32.50 -60.63
CA LEU C 214 1.38 31.43 -61.03
C LEU C 214 1.56 31.40 -62.55
N TYR C 215 0.48 31.67 -63.30
CA TYR C 215 0.58 31.74 -64.75
C TYR C 215 1.29 33.01 -65.20
N TRP C 216 1.38 34.01 -64.30
CA TRP C 216 2.06 35.27 -64.60
C TRP C 216 3.49 35.25 -64.10
N CYS C 217 3.86 34.13 -63.43
CA CYS C 217 5.17 33.86 -62.90
C CYS C 217 6.05 33.23 -63.99
N ARG C 218 5.44 32.90 -65.13
CA ARG C 218 6.17 32.35 -66.27
C ARG C 218 6.27 33.41 -67.37
N ARG C 219 6.13 34.68 -66.97
CA ARG C 219 6.25 35.81 -67.88
C ARG C 219 7.56 36.55 -67.58
N THR C 220 7.80 37.63 -68.34
CA THR C 220 9.04 38.39 -68.34
C THR C 220 8.75 39.89 -68.24
N ASP C 221 8.52 40.36 -67.01
CA ASP C 221 8.23 41.75 -66.72
C ASP C 221 8.53 42.03 -65.25
N PRO C 222 9.48 42.94 -64.92
CA PRO C 222 9.89 43.19 -63.54
C PRO C 222 8.73 43.35 -62.57
N ALA C 223 7.86 44.33 -62.85
CA ALA C 223 6.72 44.69 -62.01
C ALA C 223 5.76 43.50 -61.86
N LEU C 224 5.40 42.86 -62.99
CA LEU C 224 4.58 41.66 -62.97
C LEU C 224 5.21 40.63 -62.03
N LEU C 225 6.50 40.34 -62.26
CA LEU C 225 7.21 39.31 -61.52
C LEU C 225 7.34 39.69 -60.04
N ARG C 226 7.73 40.95 -59.78
CA ARG C 226 7.85 41.45 -58.42
C ARG C 226 6.53 41.23 -57.68
N HIS C 227 5.44 41.63 -58.34
CA HIS C 227 4.09 41.50 -57.80
C HIS C 227 3.77 40.04 -57.50
N CYS C 228 3.97 39.16 -58.48
CA CYS C 228 3.67 37.75 -58.32
C CYS C 228 4.38 37.20 -57.09
N ALA C 229 5.67 37.56 -56.95
CA ALA C 229 6.52 37.12 -55.85
C ALA C 229 5.94 37.59 -54.51
N LEU C 230 5.58 38.88 -54.46
CA LEU C 230 5.04 39.49 -53.25
C LEU C 230 3.71 38.82 -52.87
N ALA C 231 2.91 38.48 -53.90
CA ALA C 231 1.62 37.83 -53.76
C ALA C 231 1.79 36.48 -53.05
N LEU C 232 2.46 35.53 -53.74
CA LEU C 232 2.76 34.19 -53.23
C LEU C 232 3.37 34.29 -51.83
N GLY C 233 4.06 35.41 -51.57
CA GLY C 233 4.58 35.75 -50.26
C GLY C 233 3.46 35.90 -49.25
N ASN C 234 2.62 36.92 -49.49
CA ASN C 234 1.45 37.29 -48.69
C ASN C 234 0.51 36.11 -48.54
N CYS C 235 0.32 35.38 -49.64
CA CYS C 235 -0.57 34.23 -49.74
C CYS C 235 -0.14 33.11 -48.81
N ALA C 236 1.19 32.90 -48.74
CA ALA C 236 1.80 31.89 -47.90
C ALA C 236 1.71 32.33 -46.44
N LEU C 237 1.87 33.62 -46.21
CA LEU C 237 1.96 34.15 -44.87
C LEU C 237 0.57 34.25 -44.25
N HIS C 238 -0.35 34.97 -44.92
CA HIS C 238 -1.64 35.38 -44.38
C HIS C 238 -2.66 34.25 -44.41
N GLY C 239 -2.62 33.44 -45.47
CA GLY C 239 -3.42 32.23 -45.62
C GLY C 239 -3.10 31.18 -44.56
N GLY C 240 -4.03 30.24 -44.37
CA GLY C 240 -3.89 29.18 -43.38
C GLY C 240 -3.06 28.00 -43.89
N GLN C 241 -2.96 26.97 -43.04
CA GLN C 241 -2.47 25.64 -43.38
C GLN C 241 -2.98 25.24 -44.77
N ALA C 242 -4.31 25.37 -44.94
CA ALA C 242 -5.04 24.87 -46.09
C ALA C 242 -4.53 25.53 -47.37
N VAL C 243 -4.52 26.88 -47.36
CA VAL C 243 -4.06 27.74 -48.44
C VAL C 243 -2.68 27.29 -48.91
N GLN C 244 -1.78 27.11 -47.94
CA GLN C 244 -0.38 26.77 -48.12
C GLN C 244 -0.24 25.41 -48.82
N ARG C 245 -0.85 24.37 -48.24
CA ARG C 245 -0.87 23.05 -48.86
C ARG C 245 -1.25 23.16 -50.32
N ARG C 246 -2.29 23.95 -50.60
CA ARG C 246 -2.82 24.07 -51.95
C ARG C 246 -1.75 24.67 -52.87
N MET C 247 -1.02 25.70 -52.40
CA MET C 247 0.01 26.35 -53.18
C MET C 247 1.09 25.37 -53.63
N VAL C 248 1.60 24.59 -52.67
CA VAL C 248 2.69 23.65 -52.89
C VAL C 248 2.22 22.54 -53.82
N GLU C 249 0.93 22.19 -53.74
CA GLU C 249 0.31 21.15 -54.55
C GLU C 249 -0.09 21.73 -55.91
N LYS C 250 -0.06 23.06 -56.03
CA LYS C 250 -0.28 23.74 -57.30
C LYS C 250 1.05 23.89 -58.05
N ARG C 251 2.13 23.39 -57.41
CA ARG C 251 3.54 23.46 -57.81
C ARG C 251 4.02 24.91 -57.77
N ALA C 252 3.80 25.57 -56.64
CA ALA C 252 4.15 26.98 -56.47
C ALA C 252 5.61 27.14 -56.06
N ALA C 253 6.16 26.14 -55.34
CA ALA C 253 7.54 26.17 -54.88
C ALA C 253 8.50 26.17 -56.07
N GLU C 254 8.21 25.28 -57.04
CA GLU C 254 9.02 25.08 -58.24
C GLU C 254 8.84 26.26 -59.20
N TRP C 255 7.81 27.06 -58.97
CA TRP C 255 7.51 28.17 -59.87
C TRP C 255 8.16 29.46 -59.38
N LEU C 256 8.61 29.46 -58.12
CA LEU C 256 9.34 30.59 -57.56
C LEU C 256 10.79 30.53 -58.01
N PHE C 257 11.22 29.38 -58.55
CA PHE C 257 12.61 29.18 -58.98
C PHE C 257 13.03 30.27 -59.97
N PRO C 258 12.34 30.48 -61.12
CA PRO C 258 12.66 31.60 -62.01
C PRO C 258 12.94 32.92 -61.31
N LEU C 259 12.07 33.30 -60.36
CA LEU C 259 12.23 34.56 -59.65
C LEU C 259 13.49 34.58 -58.78
N ALA C 260 13.75 33.48 -58.06
CA ALA C 260 14.89 33.44 -57.15
C ALA C 260 16.20 33.21 -57.93
N PHE C 261 16.08 32.78 -59.19
CA PHE C 261 17.24 32.49 -60.01
C PHE C 261 17.35 33.51 -61.14
N SER C 262 17.62 34.76 -60.74
CA SER C 262 17.74 35.87 -61.68
C SER C 262 18.58 36.97 -61.05
N LYS C 263 19.91 36.81 -61.18
CA LYS C 263 20.91 37.72 -60.65
C LYS C 263 20.61 39.16 -61.05
N GLU C 264 19.90 39.31 -62.18
CA GLU C 264 19.47 40.58 -62.77
C GLU C 264 18.76 41.45 -61.73
N ASP C 265 17.79 40.87 -61.01
CA ASP C 265 17.00 41.58 -60.03
C ASP C 265 17.26 40.99 -58.64
N GLU C 266 17.77 41.83 -57.73
CA GLU C 266 18.19 41.40 -56.40
C GLU C 266 17.01 41.42 -55.44
N LEU C 267 16.14 42.43 -55.58
CA LEU C 267 14.99 42.62 -54.70
C LEU C 267 13.92 41.57 -55.00
N LEU C 268 13.68 41.29 -56.28
CA LEU C 268 12.80 40.22 -56.72
C LEU C 268 13.17 38.92 -56.00
N ARG C 269 14.46 38.58 -56.05
CA ARG C 269 15.04 37.38 -55.45
C ARG C 269 14.70 37.32 -53.97
N LEU C 270 15.06 38.37 -53.22
CA LEU C 270 14.83 38.46 -51.79
C LEU C 270 13.37 38.17 -51.44
N HIS C 271 12.45 38.73 -52.24
CA HIS C 271 11.01 38.58 -52.06
C HIS C 271 10.58 37.16 -52.35
N ALA C 272 11.08 36.63 -53.48
CA ALA C 272 10.84 35.27 -53.95
C ALA C 272 11.30 34.27 -52.90
N CYS C 273 12.43 34.58 -52.25
CA CYS C 273 12.99 33.66 -51.29
C CYS C 273 12.30 33.78 -49.93
N LEU C 274 11.88 35.00 -49.55
CA LEU C 274 11.09 35.15 -48.33
C LEU C 274 9.86 34.26 -48.39
N ALA C 275 9.29 34.16 -49.60
CA ALA C 275 8.10 33.36 -49.86
C ALA C 275 8.37 31.86 -49.65
N VAL C 276 9.31 31.29 -50.44
CA VAL C 276 9.63 29.87 -50.40
C VAL C 276 10.14 29.48 -49.00
N ALA C 277 10.79 30.41 -48.31
CA ALA C 277 11.30 30.18 -46.97
C ALA C 277 10.15 29.97 -45.99
N VAL C 278 9.08 30.75 -46.14
CA VAL C 278 7.96 30.63 -45.20
C VAL C 278 7.21 29.33 -45.46
N LEU C 279 7.18 28.88 -46.72
CA LEU C 279 6.51 27.62 -47.04
C LEU C 279 7.21 26.44 -46.38
N ALA C 280 8.53 26.52 -46.20
CA ALA C 280 9.34 25.43 -45.67
C ALA C 280 9.22 25.34 -44.15
N THR C 281 8.68 26.39 -43.53
CA THR C 281 8.43 26.37 -42.09
C THR C 281 7.25 25.44 -41.77
N ASN C 282 6.30 25.31 -42.72
CA ASN C 282 5.16 24.41 -42.69
C ASN C 282 5.66 22.96 -42.79
N LYS C 283 5.80 22.31 -41.63
CA LYS C 283 6.51 21.04 -41.50
C LYS C 283 5.88 19.99 -42.42
N GLU C 284 4.54 19.96 -42.42
CA GLU C 284 3.67 19.16 -43.27
C GLU C 284 4.02 19.27 -44.77
N VAL C 285 4.48 20.44 -45.24
CA VAL C 285 4.79 20.52 -46.66
C VAL C 285 6.27 20.75 -46.88
N GLU C 286 7.07 20.57 -45.81
CA GLU C 286 8.48 20.94 -45.83
C GLU C 286 9.18 20.29 -47.02
N ARG C 287 9.01 18.97 -47.14
CA ARG C 287 9.77 18.11 -48.03
C ARG C 287 9.56 18.50 -49.48
N GLU C 288 8.30 18.80 -49.83
CA GLU C 288 7.90 19.15 -51.18
C GLU C 288 8.58 20.45 -51.62
N VAL C 289 8.79 21.36 -50.66
CA VAL C 289 9.43 22.63 -50.92
C VAL C 289 10.93 22.39 -51.08
N GLU C 290 11.45 21.43 -50.31
CA GLU C 290 12.87 21.09 -50.27
C GLU C 290 13.30 20.48 -51.60
N ARG C 291 12.49 19.54 -52.09
CA ARG C 291 12.79 18.79 -53.32
C ARG C 291 12.54 19.67 -54.55
N SER C 292 11.89 20.83 -54.35
CA SER C 292 11.62 21.75 -55.45
C SER C 292 12.92 22.30 -56.02
N GLY C 293 13.93 22.45 -55.14
CA GLY C 293 15.26 22.93 -55.51
C GLY C 293 15.47 24.40 -55.11
N THR C 294 14.37 25.15 -55.03
CA THR C 294 14.40 26.58 -54.73
C THR C 294 14.81 26.81 -53.29
N LEU C 295 14.84 25.76 -52.48
CA LEU C 295 15.16 26.01 -51.08
C LEU C 295 16.66 26.10 -50.84
N ALA C 296 17.45 25.42 -51.68
CA ALA C 296 18.91 25.47 -51.61
C ALA C 296 19.43 26.84 -52.05
N LEU C 297 18.58 27.56 -52.79
CA LEU C 297 18.94 28.76 -53.53
C LEU C 297 18.88 29.99 -52.63
N VAL C 298 18.52 29.81 -51.35
CA VAL C 298 18.19 30.91 -50.45
C VAL C 298 19.47 31.47 -49.82
N GLU C 299 20.26 30.58 -49.21
CA GLU C 299 21.37 30.92 -48.32
C GLU C 299 22.43 31.78 -49.03
N PRO C 300 22.98 31.39 -50.21
CA PRO C 300 23.82 32.29 -51.02
C PRO C 300 23.34 33.74 -51.12
N LEU C 301 22.03 33.90 -51.35
CA LEU C 301 21.43 35.20 -51.60
C LEU C 301 21.55 36.11 -50.37
N VAL C 302 21.28 35.56 -49.19
CA VAL C 302 21.32 36.36 -47.97
C VAL C 302 22.74 36.83 -47.70
N ALA C 303 23.73 36.08 -48.20
CA ALA C 303 25.13 36.44 -48.04
C ALA C 303 25.48 37.64 -48.92
N SER C 304 25.01 37.61 -50.18
CA SER C 304 25.32 38.62 -51.18
C SER C 304 24.93 40.01 -50.69
N LEU C 305 23.65 40.20 -50.36
CA LEU C 305 23.09 41.51 -50.03
C LEU C 305 23.52 41.94 -48.64
N ASP C 306 23.32 43.24 -48.35
CA ASP C 306 23.55 43.80 -47.03
C ASP C 306 22.24 44.31 -46.45
N PRO C 307 21.83 43.87 -45.23
CA PRO C 307 20.62 44.35 -44.56
C PRO C 307 20.46 45.87 -44.53
N GLY C 308 21.56 46.59 -44.25
CA GLY C 308 21.60 48.04 -44.29
C GLY C 308 21.15 48.59 -45.65
N ARG C 309 21.74 48.05 -46.72
CA ARG C 309 21.46 48.45 -48.10
C ARG C 309 19.97 48.28 -48.41
N PHE C 310 19.39 47.15 -48.00
CA PHE C 310 17.98 46.92 -48.28
C PHE C 310 17.07 47.58 -47.25
N ALA C 311 17.64 48.02 -46.13
CA ALA C 311 16.93 48.80 -45.13
C ALA C 311 16.51 50.15 -45.72
N ARG C 312 17.42 50.76 -46.50
CA ARG C 312 17.18 52.02 -47.18
C ARG C 312 16.05 51.84 -48.19
N CYS C 313 16.08 50.68 -48.88
CA CYS C 313 15.11 50.32 -49.89
C CYS C 313 13.80 49.86 -49.25
N LEU C 314 13.79 49.79 -47.91
CA LEU C 314 12.61 49.39 -47.14
C LEU C 314 11.95 50.62 -46.50
N VAL C 315 12.71 51.73 -46.39
CA VAL C 315 12.17 53.02 -45.99
C VAL C 315 11.07 53.44 -46.97
N ASP C 316 11.36 53.28 -48.26
CA ASP C 316 10.47 53.70 -49.33
C ASP C 316 9.75 52.49 -49.94
N ALA C 317 9.27 51.59 -49.07
CA ALA C 317 8.43 50.47 -49.47
C ALA C 317 6.98 50.92 -49.61
N SER C 318 6.68 52.14 -49.13
CA SER C 318 5.37 52.77 -49.17
C SER C 318 4.32 51.95 -48.44
N ASP C 319 4.78 51.01 -47.59
CA ASP C 319 3.97 50.08 -46.82
C ASP C 319 3.00 49.34 -47.74
N THR C 320 3.37 49.25 -49.02
CA THR C 320 2.59 48.58 -50.06
C THR C 320 3.27 47.26 -50.45
N SER C 321 4.61 47.27 -50.47
CA SER C 321 5.41 46.08 -50.71
C SER C 321 5.64 45.34 -49.39
N GLN C 322 6.58 45.84 -48.58
CA GLN C 322 6.91 45.29 -47.28
C GLN C 322 7.42 46.43 -46.38
N GLY C 323 6.49 47.29 -45.96
CA GLY C 323 6.79 48.42 -45.09
C GLY C 323 7.02 47.99 -43.65
N ARG C 324 7.92 48.70 -42.97
CA ARG C 324 8.27 48.49 -41.58
C ARG C 324 7.03 48.60 -40.70
N GLY C 325 6.87 47.63 -39.79
CA GLY C 325 5.72 47.59 -38.89
C GLY C 325 5.76 46.41 -37.93
N PRO C 326 5.21 46.58 -36.69
CA PRO C 326 5.13 45.49 -35.70
C PRO C 326 4.47 44.19 -36.17
N ASP C 327 3.64 44.28 -37.22
CA ASP C 327 3.03 43.13 -37.86
C ASP C 327 4.10 42.23 -38.46
N ASP C 328 4.88 42.78 -39.40
CA ASP C 328 5.88 42.05 -40.15
C ASP C 328 6.89 41.39 -39.21
N LEU C 329 7.26 42.11 -38.14
CA LEU C 329 8.21 41.61 -37.17
C LEU C 329 7.68 40.37 -36.47
N GLN C 330 6.41 40.39 -36.06
CA GLN C 330 5.82 39.25 -35.36
C GLN C 330 5.59 38.08 -36.32
N ARG C 331 5.71 38.33 -37.63
CA ARG C 331 5.53 37.31 -38.65
C ARG C 331 6.88 36.87 -39.22
N LEU C 332 7.96 37.53 -38.82
CA LEU C 332 9.29 37.05 -39.15
C LEU C 332 9.78 36.12 -38.05
N VAL C 333 9.44 36.43 -36.79
CA VAL C 333 9.96 35.69 -35.65
C VAL C 333 9.80 34.17 -35.83
N PRO C 334 8.62 33.64 -36.28
CA PRO C 334 8.51 32.26 -36.76
C PRO C 334 9.67 31.66 -37.55
N LEU C 335 10.10 32.37 -38.60
CA LEU C 335 11.25 32.01 -39.41
C LEU C 335 12.50 31.88 -38.54
N LEU C 336 12.86 32.96 -37.82
CA LEU C 336 14.04 33.00 -36.97
C LEU C 336 14.02 31.83 -36.00
N ASP C 337 12.84 31.23 -35.84
CA ASP C 337 12.62 30.27 -34.78
C ASP C 337 12.30 28.89 -35.36
N SER C 338 12.67 28.64 -36.62
CA SER C 338 12.31 27.40 -37.31
C SER C 338 13.40 26.34 -37.19
N ASN C 339 13.21 25.23 -37.92
CA ASN C 339 14.21 24.19 -38.09
C ASN C 339 15.12 24.55 -39.25
N ARG C 340 14.50 24.89 -40.39
CA ARG C 340 15.18 25.19 -41.63
C ARG C 340 16.10 26.38 -41.41
N LEU C 341 17.36 26.25 -41.86
CA LEU C 341 18.30 27.34 -41.72
C LEU C 341 18.21 28.26 -42.92
N GLU C 342 17.49 27.83 -43.97
CA GLU C 342 17.18 28.66 -45.12
C GLU C 342 16.14 29.71 -44.73
N ALA C 343 15.37 29.39 -43.70
CA ALA C 343 14.33 30.24 -43.14
C ALA C 343 14.93 31.17 -42.09
N GLN C 344 15.80 30.60 -41.23
CA GLN C 344 16.50 31.32 -40.17
C GLN C 344 17.50 32.33 -40.75
N CYS C 345 17.89 32.13 -42.02
CA CYS C 345 18.71 33.10 -42.75
C CYS C 345 17.85 34.26 -43.24
N ILE C 346 16.80 33.95 -44.03
CA ILE C 346 15.85 34.95 -44.50
C ILE C 346 15.22 35.67 -43.31
N GLY C 347 14.91 34.92 -42.25
CA GLY C 347 14.55 35.43 -40.93
C GLY C 347 15.47 36.56 -40.48
N ALA C 348 16.71 36.23 -40.13
CA ALA C 348 17.68 37.19 -39.63
C ALA C 348 17.89 38.34 -40.61
N PHE C 349 18.04 38.05 -41.91
CA PHE C 349 18.33 39.08 -42.89
C PHE C 349 17.35 40.24 -42.78
N TYR C 350 16.05 39.91 -42.79
CA TYR C 350 14.94 40.85 -42.76
C TYR C 350 14.85 41.54 -41.40
N LEU C 351 14.87 40.76 -40.31
CA LEU C 351 14.75 41.30 -38.98
C LEU C 351 15.92 42.23 -38.66
N CYS C 352 17.04 42.04 -39.38
CA CYS C 352 18.24 42.88 -39.33
C CYS C 352 18.04 44.17 -40.13
N ALA C 353 17.39 44.10 -41.31
CA ALA C 353 17.03 45.25 -42.12
C ALA C 353 16.14 46.22 -41.34
N GLU C 354 15.27 45.66 -40.49
CA GLU C 354 14.40 46.44 -39.64
C GLU C 354 15.12 46.93 -38.39
N ALA C 355 16.06 46.11 -37.86
CA ALA C 355 16.86 46.49 -36.71
C ALA C 355 17.63 47.78 -37.01
N ALA C 356 17.84 48.07 -38.31
CA ALA C 356 18.44 49.31 -38.77
C ALA C 356 17.45 50.47 -38.64
N ILE C 357 16.37 50.43 -39.44
CA ILE C 357 15.36 51.48 -39.52
C ILE C 357 14.81 51.81 -38.13
N LYS C 358 14.43 50.77 -37.36
CA LYS C 358 13.68 50.95 -36.12
C LYS C 358 14.54 51.62 -35.05
N SER C 359 15.86 51.39 -35.09
CA SER C 359 16.79 52.06 -34.21
C SER C 359 17.01 53.51 -34.64
N LEU C 360 16.93 53.77 -35.96
CA LEU C 360 17.02 55.11 -36.52
C LEU C 360 15.80 55.94 -36.14
N GLN C 361 14.65 55.26 -35.98
CA GLN C 361 13.39 55.90 -35.58
C GLN C 361 13.26 55.93 -34.06
N GLY C 362 14.27 55.37 -33.36
CA GLY C 362 14.30 55.29 -31.91
C GLY C 362 13.07 54.57 -31.33
N LYS C 363 12.72 53.43 -31.94
CA LYS C 363 11.62 52.59 -31.47
C LYS C 363 12.08 51.12 -31.47
N THR C 364 12.97 50.82 -30.52
CA THR C 364 13.62 49.52 -30.39
C THR C 364 12.70 48.57 -29.61
N LYS C 365 11.84 49.16 -28.75
CA LYS C 365 10.97 48.47 -27.82
C LYS C 365 10.12 47.41 -28.52
N VAL C 366 9.90 47.60 -29.84
CA VAL C 366 9.13 46.72 -30.70
C VAL C 366 9.68 45.30 -30.62
N PHE C 367 10.96 45.15 -31.00
CA PHE C 367 11.63 43.86 -31.14
C PHE C 367 11.56 43.07 -29.84
N SER C 368 11.84 43.77 -28.72
CA SER C 368 11.88 43.15 -27.39
C SER C 368 10.55 42.46 -27.12
N ASP C 369 9.45 43.15 -27.45
CA ASP C 369 8.07 42.74 -27.21
C ASP C 369 7.61 41.71 -28.25
N ILE C 370 8.19 41.78 -29.46
CA ILE C 370 7.82 40.89 -30.55
C ILE C 370 8.38 39.49 -30.26
N GLY C 371 9.39 39.45 -29.37
CA GLY C 371 10.07 38.23 -28.93
C GLY C 371 11.17 37.83 -29.91
N ALA C 372 11.88 38.85 -30.43
CA ALA C 372 12.86 38.76 -31.50
C ALA C 372 14.26 38.68 -30.92
N ILE C 373 14.51 39.45 -29.85
CA ILE C 373 15.82 39.54 -29.26
C ILE C 373 16.27 38.17 -28.74
N GLN C 374 15.45 37.49 -27.93
CA GLN C 374 15.88 36.21 -27.39
C GLN C 374 16.07 35.18 -28.50
N SER C 375 15.21 35.22 -29.53
CA SER C 375 15.31 34.35 -30.69
C SER C 375 16.64 34.53 -31.42
N LEU C 376 17.05 35.80 -31.62
CA LEU C 376 18.30 36.16 -32.26
C LEU C 376 19.49 35.65 -31.44
N LYS C 377 19.38 35.75 -30.12
CA LYS C 377 20.44 35.28 -29.24
C LYS C 377 20.70 33.80 -29.48
N ARG C 378 19.63 32.99 -29.60
CA ARG C 378 19.80 31.56 -29.86
C ARG C 378 20.48 31.28 -31.20
N LEU C 379 20.22 32.12 -32.21
CA LEU C 379 20.82 31.95 -33.53
C LEU C 379 22.31 32.26 -33.49
N VAL C 380 22.76 32.80 -32.36
CA VAL C 380 24.14 33.23 -32.26
C VAL C 380 24.84 32.41 -31.18
N SER C 381 24.04 31.64 -30.43
CA SER C 381 24.55 30.81 -29.35
C SER C 381 24.85 29.42 -29.89
N TYR C 382 23.83 28.80 -30.48
CA TYR C 382 23.97 27.46 -31.03
C TYR C 382 24.06 27.53 -32.55
N SER C 383 25.04 28.28 -33.05
CA SER C 383 25.16 28.47 -34.48
C SER C 383 26.30 27.62 -35.03
N THR C 384 26.22 27.40 -36.34
CA THR C 384 27.15 26.59 -37.08
C THR C 384 27.51 27.36 -38.34
N ASN C 385 26.45 27.79 -39.06
CA ASN C 385 26.54 28.60 -40.27
C ASN C 385 27.07 29.99 -39.93
N GLY C 386 28.00 30.47 -40.79
CA GLY C 386 28.61 31.77 -40.68
C GLY C 386 27.62 32.90 -40.92
N THR C 387 26.84 32.79 -42.00
CA THR C 387 25.94 33.83 -42.48
C THR C 387 24.86 34.11 -41.44
N LYS C 388 24.01 33.11 -41.17
CA LYS C 388 22.94 33.16 -40.19
C LYS C 388 23.44 33.69 -38.84
N SER C 389 24.76 33.67 -38.62
CA SER C 389 25.31 34.07 -37.33
C SER C 389 25.86 35.50 -37.41
N ALA C 390 26.52 35.81 -38.54
CA ALA C 390 26.90 37.17 -38.86
C ALA C 390 25.70 38.10 -38.71
N LEU C 391 24.60 37.73 -39.41
CA LEU C 391 23.36 38.47 -39.45
C LEU C 391 22.83 38.69 -38.05
N ALA C 392 22.84 37.62 -37.23
CA ALA C 392 22.34 37.64 -35.87
C ALA C 392 23.13 38.63 -35.02
N LYS C 393 24.47 38.56 -35.12
CA LYS C 393 25.36 39.45 -34.41
C LYS C 393 25.02 40.88 -34.79
N ARG C 394 24.95 41.15 -36.09
CA ARG C 394 24.68 42.48 -36.60
C ARG C 394 23.39 43.02 -35.98
N ALA C 395 22.30 42.25 -36.12
CA ALA C 395 21.00 42.65 -35.65
C ALA C 395 21.06 43.02 -34.17
N LEU C 396 21.67 42.17 -33.33
CA LEU C 396 21.68 42.41 -31.89
C LEU C 396 22.44 43.71 -31.59
N ARG C 397 23.50 43.98 -32.35
CA ARG C 397 24.30 45.20 -32.22
C ARG C 397 23.48 46.41 -32.66
N LEU C 398 22.71 46.25 -33.74
CA LEU C 398 21.89 47.32 -34.30
C LEU C 398 20.79 47.71 -33.33
N LEU C 399 20.29 46.75 -32.55
CA LEU C 399 19.34 47.00 -31.47
C LEU C 399 20.06 47.50 -30.24
N GLY C 400 21.37 47.21 -30.16
CA GLY C 400 22.24 47.75 -29.11
C GLY C 400 22.51 46.73 -28.00
N GLU C 401 21.57 45.80 -27.83
CA GLU C 401 21.67 44.69 -26.92
C GLU C 401 22.96 43.93 -27.21
N GLU C 402 23.71 43.59 -26.16
CA GLU C 402 25.00 42.91 -26.25
C GLU C 402 24.86 41.65 -27.08
N VAL C 403 25.89 41.34 -27.87
CA VAL C 403 25.83 40.14 -28.68
C VAL C 403 26.48 38.98 -27.92
N PRO C 404 25.73 37.89 -27.64
CA PRO C 404 26.28 36.70 -27.00
C PRO C 404 27.34 36.01 -27.85
N ARG C 405 28.43 35.62 -27.19
CA ARG C 405 29.46 34.78 -27.78
C ARG C 405 28.86 33.38 -28.01
N PRO C 406 29.22 32.67 -29.09
CA PRO C 406 28.73 31.30 -29.29
C PRO C 406 29.20 30.40 -28.16
N ILE C 407 28.43 29.33 -27.93
CA ILE C 407 28.69 28.33 -26.92
C ILE C 407 29.64 27.29 -27.51
N LEU C 408 30.67 26.88 -26.74
CA LEU C 408 31.45 25.70 -27.08
C LEU C 408 30.57 24.45 -26.99
N PRO C 409 30.53 23.56 -28.00
CA PRO C 409 29.46 22.58 -28.06
C PRO C 409 29.79 21.34 -27.24
N SER C 410 31.07 21.20 -26.88
CA SER C 410 31.52 20.04 -26.13
C SER C 410 31.04 20.14 -24.69
N VAL C 411 29.76 19.86 -24.44
CA VAL C 411 29.23 20.29 -23.18
C VAL C 411 29.92 19.52 -22.09
N PRO C 412 30.10 18.20 -22.20
CA PRO C 412 30.37 17.40 -21.02
C PRO C 412 31.77 17.73 -20.52
N SER C 413 32.56 18.35 -21.37
CA SER C 413 33.81 18.83 -20.83
C SER C 413 33.78 20.31 -20.45
N TRP C 414 32.66 20.82 -19.89
CA TRP C 414 32.55 22.25 -19.60
C TRP C 414 32.88 22.43 -18.14
N LYS C 415 33.53 23.55 -17.81
CA LYS C 415 33.78 23.83 -16.41
C LYS C 415 32.67 24.70 -15.83
N GLU C 416 32.75 25.00 -14.54
CA GLU C 416 31.74 25.86 -13.97
C GLU C 416 31.65 27.20 -14.70
N ALA C 417 32.76 27.70 -15.22
CA ALA C 417 32.68 28.94 -15.99
C ALA C 417 31.72 28.88 -17.19
N GLU C 418 31.78 27.81 -17.99
CA GLU C 418 30.91 27.75 -19.16
C GLU C 418 29.50 27.48 -18.71
N VAL C 419 29.30 26.92 -17.53
CA VAL C 419 27.92 26.78 -17.23
C VAL C 419 27.37 28.14 -16.89
N GLN C 420 28.21 28.99 -16.34
CA GLN C 420 27.59 30.27 -16.02
C GLN C 420 27.37 31.02 -17.32
N THR C 421 28.18 30.74 -18.31
CA THR C 421 27.90 31.61 -19.44
C THR C 421 26.58 31.26 -20.10
N TRP C 422 26.29 29.98 -20.21
CA TRP C 422 25.08 29.56 -20.87
C TRP C 422 23.91 29.91 -19.98
N LEU C 423 24.00 29.70 -18.67
CA LEU C 423 22.91 30.23 -17.85
C LEU C 423 22.59 31.68 -18.18
N GLN C 424 23.55 32.47 -18.67
CA GLN C 424 23.21 33.85 -18.93
C GLN C 424 22.64 34.06 -20.33
N GLN C 425 22.80 33.09 -21.21
CA GLN C 425 22.46 33.43 -22.57
C GLN C 425 21.11 32.80 -22.87
N ILE C 426 20.54 32.17 -21.85
CA ILE C 426 19.24 31.57 -22.05
C ILE C 426 18.37 32.28 -21.05
N GLY C 427 18.95 33.39 -20.56
CA GLY C 427 18.46 34.19 -19.47
C GLY C 427 17.83 33.39 -18.32
N PHE C 428 18.69 32.70 -17.61
CA PHE C 428 18.29 32.38 -16.28
C PHE C 428 19.28 32.95 -15.28
N SER C 429 19.64 34.22 -15.44
CA SER C 429 20.64 34.78 -14.54
C SER C 429 20.22 34.74 -13.07
N LYS C 430 18.92 34.84 -12.79
CA LYS C 430 18.51 34.73 -11.40
C LYS C 430 19.23 33.56 -10.75
N TYR C 431 19.63 32.59 -11.56
CA TYR C 431 20.01 31.35 -10.93
C TYR C 431 21.50 31.14 -10.94
N CYS C 432 22.23 32.04 -11.60
CA CYS C 432 23.65 31.82 -11.76
C CYS C 432 24.27 31.62 -10.38
N GLU C 433 23.85 32.44 -9.42
CA GLU C 433 24.51 32.32 -8.15
C GLU C 433 24.36 30.91 -7.60
N SER C 434 23.14 30.40 -7.50
CA SER C 434 22.99 29.05 -6.97
C SER C 434 23.80 28.05 -7.79
N PHE C 435 23.87 28.23 -9.09
CA PHE C 435 24.66 27.27 -9.83
C PHE C 435 26.12 27.38 -9.43
N ARG C 436 26.66 28.59 -9.15
CA ARG C 436 28.07 28.63 -8.73
C ARG C 436 28.27 28.07 -7.33
N GLU C 437 27.30 28.28 -6.47
CA GLU C 437 27.52 27.89 -5.10
C GLU C 437 27.51 26.36 -5.10
N GLN C 438 26.73 25.74 -5.97
CA GLN C 438 26.79 24.30 -5.91
C GLN C 438 27.77 23.71 -6.92
N GLN C 439 28.61 24.58 -7.46
CA GLN C 439 29.60 24.28 -8.48
C GLN C 439 29.16 23.22 -9.49
N VAL C 440 27.99 23.39 -10.08
CA VAL C 440 27.57 22.61 -11.23
C VAL C 440 28.51 22.91 -12.39
N ASP C 441 29.06 21.86 -12.99
CA ASP C 441 29.84 21.99 -14.21
C ASP C 441 29.14 21.20 -15.31
N GLY C 442 29.87 21.01 -16.42
CA GLY C 442 29.38 20.28 -17.58
C GLY C 442 28.68 18.95 -17.28
N ASP C 443 29.37 18.06 -16.56
CA ASP C 443 28.81 16.73 -16.41
C ASP C 443 27.54 16.86 -15.60
N LEU C 444 27.54 17.71 -14.59
CA LEU C 444 26.39 17.66 -13.71
C LEU C 444 25.20 18.27 -14.40
N LEU C 445 25.48 19.29 -15.21
CA LEU C 445 24.43 20.00 -15.89
C LEU C 445 23.66 19.00 -16.70
N LEU C 446 24.35 18.24 -17.57
CA LEU C 446 23.73 17.26 -18.44
C LEU C 446 22.97 16.21 -17.66
N ARG C 447 23.08 16.19 -16.34
CA ARG C 447 22.45 15.09 -15.63
C ARG C 447 21.44 15.58 -14.62
N LEU C 448 21.03 16.86 -14.72
CA LEU C 448 20.24 17.43 -13.64
C LEU C 448 18.88 16.77 -13.63
N THR C 449 18.34 16.56 -12.44
CA THR C 449 17.00 15.99 -12.37
C THR C 449 16.06 17.10 -11.96
N GLU C 450 14.75 16.86 -12.01
CA GLU C 450 13.80 17.84 -11.52
C GLU C 450 14.05 18.13 -10.04
N GLU C 451 14.29 17.07 -9.28
CA GLU C 451 14.44 17.17 -7.84
C GLU C 451 15.63 18.09 -7.48
N GLU C 452 16.77 17.88 -8.14
CA GLU C 452 17.94 18.66 -7.83
C GLU C 452 17.67 20.11 -8.17
N LEU C 453 16.91 20.30 -9.24
CA LEU C 453 16.68 21.63 -9.75
C LEU C 453 15.81 22.34 -8.75
N GLN C 454 14.81 21.63 -8.24
CA GLN C 454 13.87 22.19 -7.30
C GLN C 454 14.58 22.51 -5.99
N THR C 455 15.12 21.44 -5.39
CA THR C 455 15.60 21.50 -4.03
C THR C 455 16.91 22.22 -3.94
N ASP C 456 17.90 21.80 -4.73
CA ASP C 456 19.29 22.09 -4.42
C ASP C 456 19.65 23.39 -5.10
N LEU C 457 19.07 23.55 -6.27
CA LEU C 457 19.39 24.71 -7.05
C LEU C 457 18.34 25.80 -6.81
N GLY C 458 17.22 25.42 -6.21
CA GLY C 458 16.25 26.39 -5.74
C GLY C 458 15.37 27.08 -6.80
N MET C 459 14.97 26.33 -7.83
CA MET C 459 13.97 26.73 -8.80
C MET C 459 12.60 26.26 -8.32
N LYS C 460 11.93 27.12 -7.55
CA LYS C 460 10.64 26.80 -6.93
C LYS C 460 9.64 26.33 -7.99
N SER C 461 9.37 27.16 -9.02
CA SER C 461 8.23 27.03 -9.95
C SER C 461 8.31 25.85 -10.90
N GLY C 462 7.33 24.95 -10.83
CA GLY C 462 7.20 23.97 -11.89
C GLY C 462 7.28 24.56 -13.30
N ILE C 463 6.65 25.71 -13.52
CA ILE C 463 6.63 26.21 -14.86
C ILE C 463 8.04 26.63 -15.18
N THR C 464 8.73 27.16 -14.18
CA THR C 464 10.09 27.55 -14.51
C THR C 464 10.98 26.35 -14.74
N ARG C 465 10.92 25.37 -13.84
CA ARG C 465 11.62 24.15 -14.17
C ARG C 465 11.38 23.75 -15.62
N LYS C 466 10.12 23.67 -16.00
CA LYS C 466 9.78 23.32 -17.36
C LYS C 466 10.46 24.28 -18.35
N ARG C 467 10.58 25.58 -18.10
CA ARG C 467 11.20 26.28 -19.20
C ARG C 467 12.68 25.98 -19.20
N PHE C 468 13.23 25.66 -18.01
CA PHE C 468 14.66 25.38 -17.91
C PHE C 468 14.94 24.16 -18.76
N PHE C 469 14.23 23.08 -18.44
CA PHE C 469 14.49 21.84 -19.11
C PHE C 469 14.37 21.99 -20.61
N ARG C 470 13.42 22.79 -21.04
CA ARG C 470 13.28 22.99 -22.46
C ARG C 470 14.58 23.58 -23.00
N GLU C 471 15.25 24.43 -22.23
CA GLU C 471 16.42 25.08 -22.79
C GLU C 471 17.57 24.09 -22.78
N LEU C 472 17.52 23.23 -21.76
CA LEU C 472 18.56 22.26 -21.59
C LEU C 472 18.55 21.25 -22.73
N THR C 473 17.37 20.70 -22.98
CA THR C 473 17.18 19.81 -24.10
C THR C 473 17.69 20.42 -25.39
N GLU C 474 17.48 21.71 -25.62
CA GLU C 474 18.11 22.21 -26.82
C GLU C 474 19.63 22.06 -26.74
N LEU C 475 20.23 22.27 -25.57
CA LEU C 475 21.68 22.17 -25.46
C LEU C 475 22.11 20.75 -25.78
N LYS C 476 21.52 19.81 -25.03
CA LYS C 476 21.88 18.40 -25.11
C LYS C 476 21.81 17.96 -26.55
N THR C 477 20.94 18.58 -27.33
CA THR C 477 20.84 18.18 -28.71
C THR C 477 21.94 18.80 -29.57
N PHE C 478 22.51 19.92 -29.15
CA PHE C 478 23.51 20.51 -30.00
C PHE C 478 24.87 19.93 -29.59
N ALA C 479 24.93 19.32 -28.41
CA ALA C 479 26.21 18.93 -27.82
C ALA C 479 27.12 18.12 -28.74
N ASN C 480 28.42 18.30 -28.58
CA ASN C 480 29.36 17.40 -29.21
C ASN C 480 29.79 16.33 -28.20
N TYR C 481 29.36 15.12 -28.40
CA TYR C 481 29.67 14.19 -27.34
C TYR C 481 30.89 13.30 -27.60
N SER C 482 31.88 13.80 -28.35
CA SER C 482 32.91 12.93 -28.90
C SER C 482 33.79 12.31 -27.82
N THR C 483 34.16 13.13 -26.85
CA THR C 483 34.97 12.67 -25.76
C THR C 483 34.28 11.56 -24.99
N CYS C 484 32.97 11.41 -25.08
CA CYS C 484 32.45 10.42 -24.17
C CYS C 484 31.75 9.27 -24.89
N ASP C 485 31.74 9.27 -26.22
CA ASP C 485 30.86 8.33 -26.91
C ASP C 485 31.64 7.52 -27.95
N ARG C 486 32.03 6.30 -27.60
CA ARG C 486 32.99 5.64 -28.46
C ARG C 486 32.31 4.99 -29.66
N SER C 487 30.97 4.88 -29.62
CA SER C 487 30.28 4.02 -30.56
C SER C 487 29.33 4.82 -31.43
N ASN C 488 29.50 6.14 -31.39
CA ASN C 488 28.63 7.11 -32.02
C ASN C 488 27.16 6.79 -31.76
N LEU C 489 26.84 6.51 -30.51
CA LEU C 489 25.47 6.28 -30.15
C LEU C 489 24.66 7.54 -30.46
N ALA C 490 25.32 8.68 -30.40
CA ALA C 490 24.64 9.92 -30.75
C ALA C 490 24.04 9.79 -32.14
N ASP C 491 24.81 9.30 -33.10
CA ASP C 491 24.25 9.36 -34.45
C ASP C 491 23.19 8.30 -34.61
N TRP C 492 23.35 7.19 -33.92
CA TRP C 492 22.30 6.20 -34.02
C TRP C 492 21.02 6.78 -33.46
N LEU C 493 21.06 7.25 -32.22
CA LEU C 493 19.82 7.75 -31.67
C LEU C 493 19.29 8.82 -32.59
N GLY C 494 20.20 9.59 -33.18
CA GLY C 494 19.79 10.69 -34.02
C GLY C 494 19.14 10.20 -35.31
N SER C 495 19.42 8.96 -35.68
CA SER C 495 18.73 8.50 -36.87
C SER C 495 17.29 8.12 -36.56
N LEU C 496 17.02 7.33 -35.51
CA LEU C 496 15.63 7.14 -35.16
C LEU C 496 14.82 8.41 -35.37
N ASP C 497 15.32 9.52 -34.83
CA ASP C 497 14.56 10.74 -34.71
C ASP C 497 15.46 11.80 -34.11
N PRO C 498 15.75 12.91 -34.83
CA PRO C 498 16.62 13.98 -34.33
C PRO C 498 16.36 14.47 -32.91
N ARG C 499 15.16 14.24 -32.42
CA ARG C 499 14.89 14.68 -31.08
C ARG C 499 15.44 13.71 -30.06
N PHE C 500 16.11 12.64 -30.51
CA PHE C 500 16.44 11.59 -29.57
C PHE C 500 17.87 11.77 -29.16
N ARG C 501 18.56 12.52 -30.00
CA ARG C 501 19.96 12.72 -29.81
C ARG C 501 20.22 13.25 -28.43
N GLN C 502 19.20 13.82 -27.82
CA GLN C 502 19.33 14.45 -26.52
C GLN C 502 19.56 13.37 -25.48
N TYR C 503 19.22 12.13 -25.77
CA TYR C 503 19.45 11.14 -24.74
C TYR C 503 20.87 10.58 -24.80
N THR C 504 21.71 11.12 -25.65
CA THR C 504 23.00 10.47 -25.76
C THR C 504 23.67 10.31 -24.41
N TYR C 505 23.92 11.44 -23.76
CA TYR C 505 24.77 11.37 -22.58
C TYR C 505 24.18 10.43 -21.54
N GLY C 506 22.89 10.52 -21.33
CA GLY C 506 22.29 9.58 -20.40
C GLY C 506 22.53 8.11 -20.72
N LEU C 507 22.68 7.77 -21.99
CA LEU C 507 22.91 6.38 -22.32
C LEU C 507 24.39 6.10 -22.22
N VAL C 508 25.25 7.03 -22.63
CA VAL C 508 26.64 6.63 -22.55
C VAL C 508 27.16 6.64 -21.11
N SER C 509 26.34 7.10 -20.18
CA SER C 509 26.78 7.13 -18.81
C SER C 509 26.46 5.81 -18.12
N CYS C 510 25.30 5.23 -18.39
CA CYS C 510 25.05 3.85 -18.00
C CYS C 510 25.92 2.89 -18.80
N GLY C 511 26.81 3.46 -19.61
CA GLY C 511 27.82 2.62 -20.22
C GLY C 511 27.37 1.88 -21.47
N LEU C 512 26.05 1.73 -21.69
CA LEU C 512 25.57 1.21 -22.96
C LEU C 512 26.36 1.79 -24.12
N ASP C 513 26.62 0.94 -25.09
CA ASP C 513 27.18 1.37 -26.34
C ASP C 513 26.34 0.66 -27.38
N ARG C 514 26.72 0.82 -28.65
CA ARG C 514 25.93 0.25 -29.73
C ARG C 514 25.80 -1.26 -29.56
N SER C 515 26.90 -1.94 -29.26
CA SER C 515 26.85 -3.39 -29.12
C SER C 515 25.96 -3.84 -27.96
N LEU C 516 25.75 -3.01 -26.94
CA LEU C 516 25.05 -3.57 -25.79
C LEU C 516 23.58 -3.25 -25.90
N LEU C 517 23.24 -2.48 -26.92
CA LEU C 517 21.99 -1.77 -26.83
C LEU C 517 20.87 -2.77 -26.97
N HIS C 518 21.14 -3.82 -27.78
CA HIS C 518 20.17 -4.86 -28.08
C HIS C 518 19.63 -5.58 -26.84
N ARG C 519 20.15 -5.27 -25.65
CA ARG C 519 19.86 -6.08 -24.48
C ARG C 519 19.14 -5.29 -23.39
N VAL C 520 18.94 -3.98 -23.59
CA VAL C 520 18.49 -3.13 -22.50
C VAL C 520 16.99 -3.36 -22.30
N SER C 521 16.48 -3.04 -21.12
CA SER C 521 15.07 -3.22 -20.85
C SER C 521 14.39 -1.86 -20.81
N GLU C 522 13.06 -1.83 -20.91
CA GLU C 522 12.29 -0.61 -20.72
C GLU C 522 12.63 -0.01 -19.37
N GLN C 523 12.81 -0.86 -18.36
CA GLN C 523 13.00 -0.32 -17.04
C GLN C 523 14.34 0.42 -16.97
N GLN C 524 15.42 -0.24 -17.41
CA GLN C 524 16.70 0.43 -17.49
C GLN C 524 16.57 1.79 -18.18
N LEU C 525 16.02 1.83 -19.40
CA LEU C 525 15.95 3.09 -20.10
C LEU C 525 15.31 4.15 -19.22
N LEU C 526 14.34 3.72 -18.41
CA LEU C 526 13.61 4.70 -17.65
C LEU C 526 14.47 5.19 -16.49
N GLU C 527 14.95 4.25 -15.66
CA GLU C 527 15.57 4.64 -14.41
C GLU C 527 17.02 5.04 -14.65
N ASP C 528 17.81 4.09 -15.15
CA ASP C 528 19.20 4.33 -15.42
C ASP C 528 19.36 5.56 -16.30
N CYS C 529 18.83 5.53 -17.52
CA CYS C 529 19.29 6.49 -18.52
C CYS C 529 18.42 7.74 -18.53
N GLY C 530 17.38 7.69 -17.70
CA GLY C 530 16.49 8.82 -17.49
C GLY C 530 15.71 9.25 -18.73
N ILE C 531 15.37 8.31 -19.60
CA ILE C 531 14.42 8.66 -20.65
C ILE C 531 13.02 8.58 -20.04
N HIS C 532 12.28 9.71 -20.11
CA HIS C 532 11.11 9.84 -19.26
C HIS C 532 9.82 9.53 -19.99
N LEU C 533 9.75 9.97 -21.24
CA LEU C 533 8.62 9.74 -22.11
C LEU C 533 8.55 8.28 -22.56
N GLY C 534 7.58 7.53 -22.01
CA GLY C 534 7.30 6.18 -22.46
C GLY C 534 7.37 6.01 -23.98
N VAL C 535 6.86 7.01 -24.71
CA VAL C 535 6.68 6.82 -26.13
C VAL C 535 8.06 6.71 -26.69
N HIS C 536 8.93 7.56 -26.15
CA HIS C 536 10.28 7.66 -26.65
C HIS C 536 11.01 6.39 -26.30
N ARG C 537 10.83 5.90 -25.05
CA ARG C 537 11.50 4.67 -24.63
C ARG C 537 11.22 3.60 -25.67
N ALA C 538 9.94 3.28 -25.72
CA ALA C 538 9.41 2.35 -26.67
C ALA C 538 10.02 2.52 -28.05
N ARG C 539 10.15 3.72 -28.63
CA ARG C 539 10.73 3.67 -29.95
C ARG C 539 12.20 3.28 -29.91
N ILE C 540 12.95 3.69 -28.86
CA ILE C 540 14.39 3.46 -28.85
C ILE C 540 14.56 1.97 -28.73
N LEU C 541 13.77 1.42 -27.81
CA LEU C 541 13.90 0.06 -27.40
C LEU C 541 13.67 -0.88 -28.56
N THR C 542 12.56 -0.70 -29.23
CA THR C 542 12.29 -1.30 -30.52
C THR C 542 13.42 -1.18 -31.52
N ALA C 543 14.00 -0.01 -31.69
CA ALA C 543 14.96 0.01 -32.75
C ALA C 543 16.22 -0.69 -32.27
N ALA C 544 16.36 -0.77 -30.94
CA ALA C 544 17.47 -1.51 -30.39
C ALA C 544 17.36 -2.96 -30.82
N ARG C 545 16.16 -3.52 -30.69
CA ARG C 545 15.97 -4.94 -30.89
C ARG C 545 16.09 -5.29 -32.38
N GLU C 546 15.96 -4.31 -33.26
CA GLU C 546 16.24 -4.52 -34.67
C GLU C 546 17.75 -4.47 -34.92
N MET C 547 18.50 -3.98 -33.93
CA MET C 547 19.95 -3.94 -33.98
C MET C 547 20.52 -5.23 -33.41
N LEU C 548 19.65 -6.15 -32.97
CA LEU C 548 20.07 -7.44 -32.49
C LEU C 548 20.76 -8.19 -33.65
N HIS C 549 20.09 -8.19 -34.81
CA HIS C 549 20.59 -8.81 -36.03
C HIS C 549 21.41 -7.80 -36.85
N SER C 550 21.36 -6.52 -36.45
CA SER C 550 22.13 -5.47 -37.10
C SER C 550 23.05 -4.75 -36.11
N PRO C 551 24.07 -5.42 -35.49
CA PRO C 551 24.90 -4.79 -34.47
C PRO C 551 25.90 -3.78 -35.06
N ASP C 562 56.77 -11.31 -32.32
CA ASP C 562 58.18 -11.38 -32.83
C ASP C 562 58.19 -11.43 -34.36
N THR C 563 56.99 -11.52 -34.96
CA THR C 563 56.84 -11.70 -36.40
C THR C 563 56.06 -10.54 -37.03
N PRO C 564 56.71 -9.38 -37.33
CA PRO C 564 56.18 -8.42 -38.30
C PRO C 564 56.48 -8.91 -39.72
N ASP C 565 55.69 -8.43 -40.68
CA ASP C 565 55.89 -8.74 -42.09
C ASP C 565 57.27 -8.25 -42.53
N VAL C 566 57.60 -7.01 -42.15
CA VAL C 566 58.82 -6.33 -42.56
C VAL C 566 59.54 -5.80 -41.32
N PHE C 567 60.87 -5.64 -41.43
CA PHE C 567 61.67 -4.85 -40.50
C PHE C 567 62.55 -3.88 -41.28
N ILE C 568 62.57 -2.62 -40.82
CA ILE C 568 63.43 -1.59 -41.36
C ILE C 568 64.57 -1.30 -40.37
N SER C 569 65.79 -1.60 -40.81
CA SER C 569 67.02 -1.32 -40.07
C SER C 569 67.78 -0.18 -40.76
N TYR C 570 68.32 0.76 -39.94
CA TYR C 570 68.84 2.02 -40.44
C TYR C 570 69.52 2.77 -39.30
N ARG C 571 70.33 3.78 -39.67
CA ARG C 571 71.00 4.69 -38.76
C ARG C 571 70.02 5.78 -38.32
N ARG C 572 69.78 5.88 -37.01
CA ARG C 572 68.83 6.84 -36.46
C ARG C 572 69.25 8.27 -36.79
N ASN C 573 70.56 8.47 -37.02
CA ASN C 573 71.12 9.78 -37.28
C ASN C 573 70.91 10.19 -38.75
N SER C 574 70.85 9.22 -39.66
CA SER C 574 70.87 9.53 -41.09
C SER C 574 69.62 9.05 -41.82
N GLY C 575 69.23 7.79 -41.58
CA GLY C 575 68.16 7.13 -42.31
C GLY C 575 66.82 7.14 -41.57
N SER C 576 66.74 7.89 -40.47
CA SER C 576 65.55 8.01 -39.63
C SER C 576 64.34 8.44 -40.45
N GLN C 577 64.57 9.36 -41.39
CA GLN C 577 63.55 9.92 -42.26
C GLN C 577 62.95 8.81 -43.11
N LEU C 578 63.79 8.20 -43.97
CA LEU C 578 63.36 7.19 -44.92
C LEU C 578 62.64 6.05 -44.20
N ALA C 579 63.16 5.65 -43.04
CA ALA C 579 62.64 4.56 -42.21
C ALA C 579 61.14 4.72 -41.99
N SER C 580 60.76 5.81 -41.33
CA SER C 580 59.37 6.15 -41.02
C SER C 580 58.53 6.14 -42.29
N LEU C 581 58.97 6.93 -43.28
CA LEU C 581 58.34 7.12 -44.58
C LEU C 581 57.91 5.78 -45.18
N LEU C 582 58.86 4.83 -45.25
CA LEU C 582 58.64 3.49 -45.76
C LEU C 582 57.57 2.77 -44.95
N LYS C 583 57.75 2.72 -43.61
CA LYS C 583 56.82 2.08 -42.70
C LYS C 583 55.39 2.49 -43.01
N VAL C 584 55.15 3.82 -43.01
CA VAL C 584 53.86 4.42 -43.32
C VAL C 584 53.32 3.82 -44.61
N HIS C 585 54.07 4.03 -45.70
CA HIS C 585 53.72 3.61 -47.05
C HIS C 585 53.37 2.13 -47.08
N LEU C 586 54.21 1.31 -46.43
CA LEU C 586 54.02 -0.12 -46.45
C LEU C 586 52.82 -0.52 -45.60
N GLN C 587 52.55 0.23 -44.51
CA GLN C 587 51.44 -0.05 -43.62
C GLN C 587 50.11 0.23 -44.32
N LEU C 588 50.08 1.33 -45.10
CA LEU C 588 48.98 1.63 -46.00
C LEU C 588 48.72 0.45 -46.93
N HIS C 589 49.80 -0.18 -47.39
CA HIS C 589 49.75 -1.22 -48.41
C HIS C 589 49.65 -2.63 -47.81
N GLY C 590 49.37 -2.69 -46.49
CA GLY C 590 48.96 -3.92 -45.84
C GLY C 590 50.13 -4.77 -45.33
N PHE C 591 51.30 -4.16 -45.14
CA PHE C 591 52.41 -4.77 -44.43
C PHE C 591 52.49 -4.19 -43.02
N SER C 592 52.49 -5.08 -42.03
CA SER C 592 52.87 -4.74 -40.66
C SER C 592 54.39 -4.63 -40.60
N VAL C 593 54.87 -3.44 -40.20
CA VAL C 593 56.30 -3.17 -40.24
C VAL C 593 56.82 -2.98 -38.81
N PHE C 594 58.14 -3.12 -38.67
CA PHE C 594 58.87 -2.84 -37.45
C PHE C 594 60.06 -1.93 -37.77
N ILE C 595 60.42 -1.09 -36.80
CA ILE C 595 61.41 -0.05 -36.98
C ILE C 595 62.53 -0.27 -35.96
N ASP C 596 63.74 0.14 -36.37
CA ASP C 596 64.97 0.03 -35.60
C ASP C 596 65.01 1.13 -34.55
N VAL C 597 64.17 1.00 -33.51
CA VAL C 597 64.17 1.94 -32.39
C VAL C 597 65.47 1.70 -31.62
N GLU C 598 66.52 2.43 -32.03
CA GLU C 598 67.86 2.32 -31.46
C GLU C 598 67.96 3.25 -30.26
N LYS C 599 67.73 2.69 -29.07
CA LYS C 599 67.78 3.43 -27.81
C LYS C 599 68.08 2.47 -26.65
N LEU C 600 67.97 1.16 -26.93
CA LEU C 600 67.90 0.12 -25.90
C LEU C 600 69.07 -0.84 -26.04
N GLU C 601 69.69 -1.16 -24.88
CA GLU C 601 70.89 -1.99 -24.79
C GLU C 601 70.68 -3.13 -23.80
N ALA C 602 69.66 -2.99 -22.94
CA ALA C 602 69.40 -3.91 -21.84
C ALA C 602 68.57 -5.11 -22.31
N GLY C 603 68.55 -6.16 -21.48
CA GLY C 603 67.82 -7.38 -21.74
C GLY C 603 68.60 -8.33 -22.64
N LYS C 604 69.75 -8.80 -22.11
CA LYS C 604 70.70 -9.69 -22.78
C LYS C 604 71.08 -9.13 -24.14
N PHE C 605 71.84 -8.03 -24.12
CA PHE C 605 72.28 -7.27 -25.29
C PHE C 605 71.14 -7.16 -26.32
N GLU C 606 69.98 -6.68 -25.87
CA GLU C 606 68.77 -6.52 -26.68
C GLU C 606 68.51 -7.74 -27.56
N ASP C 607 68.16 -8.87 -26.93
CA ASP C 607 67.78 -10.07 -27.68
C ASP C 607 66.38 -9.92 -28.25
N LYS C 608 65.55 -9.09 -27.60
CA LYS C 608 64.19 -8.81 -28.03
C LYS C 608 64.20 -8.07 -29.36
N LEU C 609 65.20 -7.20 -29.56
CA LEU C 609 65.43 -6.48 -30.80
C LEU C 609 65.47 -7.47 -31.97
N ILE C 610 66.25 -8.54 -31.81
CA ILE C 610 66.45 -9.47 -32.91
C ILE C 610 65.33 -10.50 -33.01
N GLN C 611 64.65 -10.80 -31.90
CA GLN C 611 63.46 -11.66 -32.00
C GLN C 611 62.55 -11.12 -33.11
N SER C 612 62.44 -9.78 -33.17
CA SER C 612 61.65 -9.11 -34.20
C SER C 612 62.26 -9.33 -35.59
N VAL C 613 63.58 -9.14 -35.72
CA VAL C 613 64.28 -9.23 -37.02
C VAL C 613 64.25 -10.66 -37.53
N MET C 614 64.70 -11.61 -36.68
CA MET C 614 64.73 -13.04 -36.96
C MET C 614 63.35 -13.53 -37.40
N GLY C 615 62.29 -12.89 -36.86
CA GLY C 615 60.92 -13.21 -37.20
C GLY C 615 60.40 -12.42 -38.40
N ALA C 616 60.98 -11.23 -38.64
CA ALA C 616 60.56 -10.37 -39.74
C ALA C 616 60.91 -11.03 -41.07
N ARG C 617 59.87 -11.52 -41.77
CA ARG C 617 60.04 -12.24 -43.04
C ARG C 617 60.88 -11.40 -44.00
N ASN C 618 60.44 -10.14 -44.19
CA ASN C 618 61.10 -9.18 -45.07
C ASN C 618 61.97 -8.26 -44.22
N PHE C 619 63.13 -7.92 -44.78
CA PHE C 619 64.08 -7.02 -44.15
C PHE C 619 64.42 -5.90 -45.11
N VAL C 620 63.91 -4.70 -44.82
CA VAL C 620 64.34 -3.49 -45.52
C VAL C 620 65.55 -2.93 -44.78
N LEU C 621 66.61 -2.70 -45.55
CA LEU C 621 67.79 -1.99 -45.07
C LEU C 621 67.82 -0.62 -45.74
N VAL C 622 67.78 0.44 -44.93
CA VAL C 622 67.89 1.80 -45.43
C VAL C 622 69.38 2.13 -45.56
N LEU C 623 69.83 2.19 -46.82
CA LEU C 623 71.20 2.53 -47.12
C LEU C 623 71.29 3.98 -47.56
N SER C 624 71.47 4.83 -46.55
CA SER C 624 71.86 6.23 -46.66
C SER C 624 73.36 6.31 -46.93
N PRO C 625 73.93 7.47 -47.33
CA PRO C 625 75.38 7.61 -47.49
C PRO C 625 76.11 7.24 -46.21
N GLY C 626 76.73 6.05 -46.21
CA GLY C 626 77.45 5.52 -45.07
C GLY C 626 76.51 5.17 -43.91
N ALA C 627 75.67 4.15 -44.12
CA ALA C 627 74.75 3.65 -43.11
C ALA C 627 75.35 2.45 -42.37
N LEU C 628 76.58 2.06 -42.75
CA LEU C 628 77.20 0.82 -42.27
C LEU C 628 78.46 1.11 -41.45
N ASP C 629 78.52 2.30 -40.81
CA ASP C 629 79.70 2.77 -40.11
C ASP C 629 80.03 1.88 -38.91
N LYS C 630 79.06 1.75 -37.97
CA LYS C 630 79.25 0.98 -36.75
C LYS C 630 79.26 -0.51 -37.07
N CYS C 631 78.59 -0.90 -38.17
CA CYS C 631 78.58 -2.27 -38.66
C CYS C 631 79.97 -2.65 -39.15
N MET C 632 80.66 -1.69 -39.80
CA MET C 632 82.01 -1.87 -40.30
C MET C 632 82.91 -2.35 -39.17
N GLN C 633 83.42 -3.58 -39.36
CA GLN C 633 84.34 -4.28 -38.47
C GLN C 633 83.78 -4.37 -37.04
N ASP C 634 82.48 -4.68 -36.93
CA ASP C 634 81.83 -4.87 -35.64
C ASP C 634 81.90 -6.34 -35.26
N HIS C 635 83.03 -6.72 -34.65
CA HIS C 635 83.36 -8.11 -34.37
C HIS C 635 82.70 -8.59 -33.08
N ASP C 636 82.33 -7.64 -32.22
CA ASP C 636 81.61 -7.94 -30.99
C ASP C 636 80.12 -8.13 -31.27
N CYS C 637 79.71 -7.83 -32.52
CA CYS C 637 78.33 -7.88 -32.98
C CYS C 637 77.44 -7.17 -31.96
N LYS C 638 77.75 -5.88 -31.74
CA LYS C 638 77.11 -5.09 -30.68
C LYS C 638 76.27 -3.96 -31.27
N ASP C 639 76.68 -3.41 -32.42
CA ASP C 639 75.89 -2.42 -33.14
C ASP C 639 74.62 -3.10 -33.66
N TRP C 640 73.47 -2.50 -33.30
CA TRP C 640 72.13 -3.02 -33.59
C TRP C 640 71.89 -3.27 -35.08
N VAL C 641 72.43 -2.39 -35.93
CA VAL C 641 72.29 -2.49 -37.38
C VAL C 641 73.06 -3.73 -37.82
N HIS C 642 74.34 -3.81 -37.44
CA HIS C 642 75.22 -4.94 -37.75
C HIS C 642 74.53 -6.26 -37.39
N LYS C 643 74.28 -6.43 -36.09
CA LYS C 643 73.49 -7.48 -35.46
C LYS C 643 72.32 -7.92 -36.35
N GLN C 644 71.41 -6.98 -36.68
CA GLN C 644 70.19 -7.24 -37.42
C GLN C 644 70.51 -7.86 -38.79
N ILE C 645 71.41 -7.21 -39.53
CA ILE C 645 71.88 -7.67 -40.84
C ILE C 645 72.21 -9.16 -40.74
N VAL C 646 73.07 -9.50 -39.77
CA VAL C 646 73.58 -10.84 -39.51
C VAL C 646 72.41 -11.80 -39.28
N THR C 647 71.51 -11.45 -38.36
CA THR C 647 70.43 -12.32 -37.89
C THR C 647 69.42 -12.57 -39.00
N ALA C 648 69.15 -11.53 -39.81
CA ALA C 648 68.33 -11.63 -41.00
C ALA C 648 68.96 -12.61 -42.00
N LEU C 649 70.23 -12.35 -42.36
CA LEU C 649 71.04 -13.23 -43.20
C LEU C 649 71.02 -14.67 -42.67
N SER C 650 71.18 -14.80 -41.34
CA SER C 650 71.14 -16.08 -40.63
C SER C 650 69.84 -16.81 -40.92
N CYS C 651 68.72 -16.12 -40.76
CA CYS C 651 67.39 -16.70 -40.90
C CYS C 651 66.99 -16.81 -42.37
N GLY C 652 67.87 -16.33 -43.26
CA GLY C 652 67.64 -16.30 -44.70
C GLY C 652 66.43 -15.43 -45.04
N LYS C 653 66.46 -14.17 -44.61
CA LYS C 653 65.32 -13.28 -44.75
C LYS C 653 65.46 -12.46 -46.02
N ASN C 654 64.29 -12.07 -46.56
CA ASN C 654 64.17 -11.30 -47.78
C ASN C 654 64.70 -9.88 -47.56
N ILE C 655 65.94 -9.66 -48.01
CA ILE C 655 66.63 -8.39 -47.79
C ILE C 655 66.48 -7.51 -49.03
N VAL C 656 65.90 -6.34 -48.83
CA VAL C 656 65.72 -5.32 -49.86
C VAL C 656 66.41 -4.04 -49.39
N PRO C 657 67.66 -3.79 -49.85
CA PRO C 657 68.33 -2.50 -49.63
C PRO C 657 67.64 -1.37 -50.38
N ILE C 658 67.45 -0.23 -49.70
CA ILE C 658 66.86 0.95 -50.31
C ILE C 658 67.93 2.03 -50.40
N ILE C 659 68.22 2.42 -51.65
CA ILE C 659 69.41 3.18 -52.00
C ILE C 659 69.04 4.65 -52.15
N ASP C 660 69.60 5.47 -51.25
CA ASP C 660 69.37 6.90 -51.19
C ASP C 660 70.69 7.57 -50.81
N GLY C 661 71.65 7.54 -51.74
CA GLY C 661 72.95 8.18 -51.60
C GLY C 661 74.05 7.23 -51.15
N PHE C 662 73.73 5.93 -51.04
CA PHE C 662 74.67 4.92 -50.59
C PHE C 662 75.73 4.65 -51.66
N GLU C 663 76.99 4.79 -51.26
CA GLU C 663 78.14 4.31 -52.01
C GLU C 663 78.54 2.95 -51.45
N TRP C 664 78.59 1.95 -52.35
CA TRP C 664 78.82 0.56 -52.01
C TRP C 664 80.29 0.35 -51.60
N PRO C 665 80.56 -0.13 -50.37
CA PRO C 665 81.93 -0.35 -49.89
C PRO C 665 82.53 -1.67 -50.35
N GLU C 666 83.78 -1.92 -49.93
CA GLU C 666 84.40 -3.23 -50.01
C GLU C 666 83.73 -4.15 -48.98
N PRO C 667 83.31 -5.38 -49.37
CA PRO C 667 82.75 -6.35 -48.42
C PRO C 667 83.71 -6.66 -47.27
N GLN C 668 85.02 -6.63 -47.57
CA GLN C 668 86.09 -6.91 -46.62
C GLN C 668 86.08 -5.94 -45.44
N VAL C 669 85.56 -4.73 -45.64
CA VAL C 669 85.45 -3.72 -44.60
C VAL C 669 84.31 -4.07 -43.63
N LEU C 670 83.38 -4.92 -44.07
CA LEU C 670 82.33 -5.47 -43.22
C LEU C 670 82.81 -6.80 -42.63
N PRO C 671 82.32 -7.19 -41.42
CA PRO C 671 82.48 -8.56 -40.94
C PRO C 671 81.78 -9.53 -41.88
N GLU C 672 82.37 -10.72 -42.02
CA GLU C 672 82.01 -11.74 -43.00
C GLU C 672 80.53 -12.12 -42.86
N ASP C 673 80.05 -12.12 -41.60
CA ASP C 673 78.70 -12.49 -41.22
C ASP C 673 77.66 -11.58 -41.87
N MET C 674 78.10 -10.44 -42.43
CA MET C 674 77.19 -9.43 -42.93
C MET C 674 77.60 -8.88 -44.30
N GLN C 675 78.75 -9.35 -44.82
CA GLN C 675 79.33 -8.91 -46.08
C GLN C 675 78.36 -9.11 -47.25
N ALA C 676 77.61 -10.22 -47.20
CA ALA C 676 76.76 -10.69 -48.28
C ALA C 676 75.51 -9.83 -48.46
N VAL C 677 75.27 -8.91 -47.50
CA VAL C 677 74.13 -8.00 -47.57
C VAL C 677 74.31 -7.02 -48.75
N LEU C 678 75.56 -6.83 -49.18
CA LEU C 678 75.90 -5.99 -50.33
C LEU C 678 75.52 -6.70 -51.64
N THR C 679 75.20 -8.00 -51.55
CA THR C 679 74.95 -8.84 -52.71
C THR C 679 73.45 -9.00 -52.94
N PHE C 680 72.66 -8.16 -52.26
CA PHE C 680 71.22 -8.05 -52.49
C PHE C 680 70.94 -6.84 -53.37
N ASN C 681 70.12 -7.06 -54.41
CA ASN C 681 69.74 -6.05 -55.39
C ASN C 681 68.80 -5.04 -54.73
N GLY C 682 69.22 -3.77 -54.73
CA GLY C 682 68.53 -2.70 -54.03
C GLY C 682 67.68 -1.83 -54.95
N ILE C 683 66.83 -1.00 -54.33
CA ILE C 683 65.93 -0.12 -55.07
C ILE C 683 66.29 1.34 -54.79
N LYS C 684 66.44 2.09 -55.89
CA LYS C 684 66.70 3.53 -55.89
C LYS C 684 65.51 4.26 -55.30
N TRP C 685 65.78 5.00 -54.21
CA TRP C 685 64.77 5.85 -53.59
C TRP C 685 64.65 7.17 -54.33
N SER C 686 63.40 7.58 -54.57
CA SER C 686 63.06 8.90 -55.07
C SER C 686 61.87 9.45 -54.28
N HIS C 687 62.07 10.64 -53.69
CA HIS C 687 61.03 11.38 -52.99
C HIS C 687 60.02 11.92 -54.00
N GLU C 688 60.50 12.21 -55.21
CA GLU C 688 59.74 12.84 -56.29
C GLU C 688 58.64 11.90 -56.78
N TYR C 689 59.02 10.67 -57.15
CA TYR C 689 58.05 9.64 -57.51
C TYR C 689 58.01 8.58 -56.40
N GLN C 690 57.60 9.04 -55.21
CA GLN C 690 57.60 8.26 -53.98
C GLN C 690 56.78 6.98 -54.15
N GLU C 691 55.55 7.13 -54.67
CA GLU C 691 54.56 6.07 -54.76
C GLU C 691 55.05 4.97 -55.70
N ALA C 692 55.64 5.36 -56.83
CA ALA C 692 56.16 4.46 -57.84
C ALA C 692 57.26 3.58 -57.24
N THR C 693 58.15 4.21 -56.47
CA THR C 693 59.25 3.57 -55.77
C THR C 693 58.70 2.54 -54.78
N ILE C 694 57.62 2.92 -54.10
CA ILE C 694 56.95 2.14 -53.07
C ILE C 694 56.42 0.82 -53.65
N GLU C 695 55.79 0.91 -54.83
CA GLU C 695 55.18 -0.21 -55.52
C GLU C 695 56.24 -1.26 -55.86
N LYS C 696 57.41 -0.78 -56.33
CA LYS C 696 58.53 -1.62 -56.68
C LYS C 696 59.07 -2.32 -55.42
N ILE C 697 59.15 -1.59 -54.30
CA ILE C 697 59.66 -2.11 -53.05
C ILE C 697 58.75 -3.24 -52.56
N ILE C 698 57.43 -3.01 -52.63
CA ILE C 698 56.40 -3.96 -52.28
C ILE C 698 56.55 -5.23 -53.12
N ARG C 699 56.86 -5.05 -54.42
CA ARG C 699 57.07 -6.14 -55.37
C ARG C 699 58.21 -7.04 -54.91
N PHE C 700 59.22 -6.42 -54.28
CA PHE C 700 60.44 -7.09 -53.86
C PHE C 700 60.21 -7.81 -52.52
N LEU C 701 59.19 -7.36 -51.78
CA LEU C 701 58.80 -7.97 -50.51
C LEU C 701 58.04 -9.26 -50.76
N GLN C 702 58.21 -10.21 -49.84
CA GLN C 702 57.71 -11.57 -49.97
C GLN C 702 56.88 -11.95 -48.73
N GLY D 58 -48.96 61.34 -16.65
CA GLY D 58 -48.93 61.82 -18.05
C GLY D 58 -49.45 60.77 -19.04
N ALA D 59 -48.89 59.56 -18.93
CA ALA D 59 -49.30 58.43 -19.75
C ALA D 59 -50.63 57.88 -19.24
N GLY D 60 -50.68 57.56 -17.93
CA GLY D 60 -51.86 57.04 -17.27
C GLY D 60 -53.09 57.91 -17.51
N THR D 61 -52.91 59.23 -17.41
CA THR D 61 -53.97 60.21 -17.61
C THR D 61 -54.68 59.98 -18.95
N GLU D 62 -53.89 59.61 -19.97
CA GLU D 62 -54.36 59.38 -21.32
C GLU D 62 -54.99 58.00 -21.43
N VAL D 63 -54.38 57.00 -20.77
CA VAL D 63 -54.88 55.63 -20.71
C VAL D 63 -56.26 55.65 -20.06
N GLN D 64 -56.36 56.34 -18.92
CA GLN D 64 -57.61 56.55 -18.20
C GLN D 64 -58.63 57.21 -19.14
N ASP D 65 -58.21 58.33 -19.75
CA ASP D 65 -58.98 59.10 -20.71
C ASP D 65 -59.53 58.18 -21.80
N ALA D 66 -58.65 57.33 -22.34
CA ALA D 66 -59.00 56.33 -23.34
C ALA D 66 -60.12 55.43 -22.83
N LEU D 67 -59.87 54.76 -21.69
CA LEU D 67 -60.77 53.79 -21.10
C LEU D 67 -62.16 54.40 -20.85
N GLU D 68 -62.18 55.70 -20.56
CA GLU D 68 -63.41 56.47 -20.32
C GLU D 68 -64.25 56.54 -21.58
N ARG D 69 -63.59 56.51 -22.74
CA ARG D 69 -64.34 56.45 -23.99
C ARG D 69 -64.48 54.98 -24.42
N ALA D 70 -63.37 54.24 -24.34
CA ALA D 70 -63.17 52.91 -24.93
C ALA D 70 -64.04 51.84 -24.27
N LEU D 71 -64.14 51.85 -22.94
CA LEU D 71 -64.92 50.85 -22.22
C LEU D 71 -66.40 50.97 -22.57
N PRO D 72 -67.05 52.16 -22.47
CA PRO D 72 -68.42 52.33 -22.98
C PRO D 72 -68.58 52.06 -24.48
N GLU D 73 -67.50 52.22 -25.24
CA GLU D 73 -67.44 51.91 -26.67
C GLU D 73 -67.41 50.40 -26.86
N LEU D 74 -66.71 49.70 -25.95
CA LEU D 74 -66.70 48.25 -25.88
C LEU D 74 -68.10 47.75 -25.47
N GLN D 75 -68.81 48.56 -24.68
CA GLN D 75 -70.18 48.28 -24.27
C GLN D 75 -71.15 48.57 -25.42
N GLN D 76 -70.84 49.63 -26.19
CA GLN D 76 -71.54 49.96 -27.42
C GLN D 76 -71.41 48.78 -28.39
N ALA D 77 -70.22 48.17 -28.39
CA ALA D 77 -69.94 46.95 -29.12
C ALA D 77 -70.64 45.76 -28.46
N LEU D 78 -70.68 45.73 -27.11
CA LEU D 78 -71.23 44.56 -26.42
C LEU D 78 -72.73 44.42 -26.72
N SER D 79 -73.40 45.56 -26.91
CA SER D 79 -74.78 45.61 -27.38
C SER D 79 -74.91 44.91 -28.72
N ALA D 80 -74.01 45.27 -29.67
CA ALA D 80 -73.97 44.71 -31.01
C ALA D 80 -73.49 43.26 -30.98
N LEU D 81 -72.56 42.96 -30.05
CA LEU D 81 -71.97 41.64 -29.87
C LEU D 81 -73.04 40.57 -29.66
N LYS D 82 -74.23 41.02 -29.23
CA LYS D 82 -75.36 40.15 -28.91
C LYS D 82 -75.95 39.52 -30.16
N GLN D 83 -75.90 40.24 -31.29
CA GLN D 83 -76.51 39.78 -32.53
C GLN D 83 -75.42 39.22 -33.47
N ALA D 84 -75.83 38.93 -34.71
CA ALA D 84 -74.98 38.34 -35.74
C ALA D 84 -74.59 39.39 -36.78
N GLY D 85 -73.73 38.99 -37.73
CA GLY D 85 -73.21 39.88 -38.76
C GLY D 85 -73.90 39.68 -40.11
N GLY D 86 -74.93 38.83 -40.15
CA GLY D 86 -75.79 38.66 -41.30
C GLY D 86 -76.38 39.99 -41.80
N ALA D 87 -76.93 40.76 -40.85
CA ALA D 87 -77.49 42.07 -41.13
C ALA D 87 -76.54 43.17 -40.65
N ARG D 88 -75.25 42.82 -40.51
CA ARG D 88 -74.17 43.69 -40.05
C ARG D 88 -74.52 44.34 -38.70
N ALA D 89 -75.33 43.64 -37.89
CA ALA D 89 -75.64 44.09 -36.54
C ALA D 89 -74.37 44.04 -35.70
N VAL D 90 -73.70 42.88 -35.69
CA VAL D 90 -72.37 42.78 -35.10
C VAL D 90 -71.32 43.29 -36.09
N GLY D 91 -71.60 43.14 -37.39
CA GLY D 91 -70.73 43.55 -38.47
C GLY D 91 -70.20 44.97 -38.28
N ALA D 92 -71.12 45.93 -38.12
CA ALA D 92 -70.80 47.31 -37.83
C ALA D 92 -70.06 47.40 -36.50
N GLY D 93 -70.66 46.79 -35.46
CA GLY D 93 -70.09 46.74 -34.11
C GLY D 93 -68.64 46.28 -34.09
N LEU D 94 -68.35 45.24 -34.87
CA LEU D 94 -67.01 44.68 -35.03
C LEU D 94 -66.11 45.71 -35.71
N ALA D 95 -66.54 46.19 -36.88
CA ALA D 95 -65.85 47.23 -37.64
C ALA D 95 -65.54 48.43 -36.74
N GLU D 96 -66.46 48.73 -35.82
CA GLU D 96 -66.31 49.81 -34.85
C GLU D 96 -65.19 49.48 -33.86
N VAL D 97 -65.40 48.42 -33.04
CA VAL D 97 -64.53 48.12 -31.92
C VAL D 97 -63.14 47.68 -32.40
N PHE D 98 -63.08 46.95 -33.54
CA PHE D 98 -61.81 46.59 -34.16
C PHE D 98 -61.00 47.86 -34.45
N GLN D 99 -61.67 48.85 -35.07
CA GLN D 99 -61.03 50.11 -35.43
C GLN D 99 -60.86 51.00 -34.20
N LEU D 100 -61.68 50.77 -33.16
CA LEU D 100 -61.59 51.52 -31.93
C LEU D 100 -60.34 51.11 -31.15
N VAL D 101 -60.04 49.81 -31.15
CA VAL D 101 -58.82 49.30 -30.53
C VAL D 101 -57.64 49.47 -31.51
N GLU D 102 -57.94 49.80 -32.77
CA GLU D 102 -56.91 50.14 -33.75
C GLU D 102 -56.55 51.61 -33.60
N GLU D 103 -57.54 52.44 -33.26
CA GLU D 103 -57.33 53.83 -32.89
C GLU D 103 -56.59 53.87 -31.55
N ALA D 104 -56.87 52.88 -30.70
CA ALA D 104 -56.21 52.71 -29.41
C ALA D 104 -54.92 51.91 -29.56
N TRP D 105 -54.69 51.32 -30.74
CA TRP D 105 -53.43 50.64 -31.04
C TRP D 105 -52.35 51.66 -31.35
N LEU D 106 -52.77 52.89 -31.66
CA LEU D 106 -51.89 54.03 -31.85
C LEU D 106 -51.34 54.50 -30.50
N LEU D 107 -52.00 54.09 -29.41
CA LEU D 107 -51.68 54.54 -28.07
C LEU D 107 -50.38 53.93 -27.54
N PRO D 108 -50.12 52.60 -27.67
CA PRO D 108 -48.78 52.04 -27.41
C PRO D 108 -47.63 52.85 -27.99
N ALA D 109 -47.84 53.42 -29.19
CA ALA D 109 -46.90 54.32 -29.84
C ALA D 109 -46.92 55.68 -29.16
N VAL D 110 -48.13 56.23 -28.96
CA VAL D 110 -48.34 57.52 -28.30
C VAL D 110 -47.66 57.50 -26.93
N GLY D 111 -47.92 56.44 -26.15
CA GLY D 111 -47.28 56.22 -24.87
C GLY D 111 -46.21 55.14 -24.96
N ARG D 112 -46.36 54.10 -24.14
CA ARG D 112 -45.54 52.89 -24.19
C ARG D 112 -46.38 51.70 -23.73
N GLU D 113 -46.97 51.00 -24.71
CA GLU D 113 -47.70 49.75 -24.57
C GLU D 113 -48.99 49.95 -23.78
N VAL D 114 -49.84 50.88 -24.26
CA VAL D 114 -51.16 51.13 -23.71
C VAL D 114 -52.05 49.92 -24.01
N ALA D 115 -51.57 49.06 -24.93
CA ALA D 115 -52.19 47.80 -25.34
C ALA D 115 -52.89 47.10 -24.18
N GLN D 116 -52.20 47.02 -23.04
CA GLN D 116 -52.68 46.30 -21.86
C GLN D 116 -54.06 46.82 -21.44
N GLY D 117 -54.16 48.13 -21.20
CA GLY D 117 -55.39 48.80 -20.77
C GLY D 117 -56.61 48.35 -21.56
N LEU D 118 -56.59 48.63 -22.88
CA LEU D 118 -57.69 48.34 -23.79
C LEU D 118 -58.00 46.84 -23.80
N CYS D 119 -56.95 46.00 -23.74
CA CYS D 119 -57.05 44.56 -23.82
C CYS D 119 -57.76 43.99 -22.59
N ASP D 120 -57.29 44.42 -21.40
CA ASP D 120 -57.82 43.98 -20.12
C ASP D 120 -59.32 44.20 -20.07
N ALA D 121 -59.78 45.33 -20.61
CA ALA D 121 -61.20 45.65 -20.74
C ALA D 121 -61.93 44.52 -21.47
N ILE D 122 -61.41 44.12 -22.64
CA ILE D 122 -62.14 43.13 -23.43
C ILE D 122 -62.07 41.74 -22.76
N ARG D 123 -61.04 41.51 -21.95
CA ARG D 123 -60.70 40.22 -21.34
C ARG D 123 -61.56 39.90 -20.11
N LEU D 124 -61.33 40.66 -19.02
CA LEU D 124 -61.86 40.36 -17.69
C LEU D 124 -63.37 40.17 -17.75
N ASP D 125 -64.07 41.17 -18.31
CA ASP D 125 -65.52 41.15 -18.38
C ASP D 125 -65.99 41.43 -19.80
N GLY D 126 -65.05 41.79 -20.70
CA GLY D 126 -65.44 42.11 -22.06
C GLY D 126 -65.87 40.87 -22.83
N GLY D 127 -66.44 41.09 -24.02
CA GLY D 127 -66.95 40.01 -24.85
C GLY D 127 -65.84 39.19 -25.51
N LEU D 128 -64.73 38.99 -24.79
CA LEU D 128 -63.61 38.18 -25.28
C LEU D 128 -64.13 36.82 -25.71
N ASP D 129 -64.87 36.17 -24.82
CA ASP D 129 -65.44 34.85 -25.05
C ASP D 129 -66.56 34.94 -26.10
N LEU D 130 -67.22 36.10 -26.17
CA LEU D 130 -68.29 36.33 -27.13
C LEU D 130 -67.72 36.42 -28.56
N LEU D 131 -66.49 36.93 -28.66
CA LEU D 131 -65.77 37.03 -29.94
C LEU D 131 -65.27 35.64 -30.36
N LEU D 132 -64.93 34.82 -29.36
CA LEU D 132 -64.53 33.44 -29.60
C LEU D 132 -65.73 32.64 -30.12
N ARG D 133 -66.92 32.94 -29.58
CA ARG D 133 -68.16 32.34 -30.02
C ARG D 133 -68.60 32.94 -31.36
N LEU D 134 -68.17 34.19 -31.63
CA LEU D 134 -68.44 34.87 -32.89
C LEU D 134 -67.68 34.18 -34.02
N LEU D 135 -66.48 33.67 -33.72
CA LEU D 135 -65.70 32.87 -34.66
C LEU D 135 -66.51 31.64 -35.06
N GLN D 136 -67.04 30.93 -34.05
CA GLN D 136 -67.86 29.73 -34.21
C GLN D 136 -69.11 30.06 -35.03
N ALA D 137 -69.69 31.26 -34.79
CA ALA D 137 -70.88 31.73 -35.46
C ALA D 137 -70.68 31.69 -36.98
N PRO D 138 -71.63 31.09 -37.75
CA PRO D 138 -71.46 30.89 -39.19
C PRO D 138 -71.51 32.15 -40.05
N GLU D 139 -71.31 33.31 -39.40
CA GLU D 139 -71.19 34.59 -40.07
C GLU D 139 -69.72 34.80 -40.46
N LEU D 140 -69.28 34.03 -41.46
CA LEU D 140 -67.89 33.98 -41.92
C LEU D 140 -67.38 35.39 -42.24
N GLU D 141 -68.25 36.20 -42.87
CA GLU D 141 -67.95 37.56 -43.27
C GLU D 141 -67.47 38.37 -42.06
N THR D 142 -68.10 38.14 -40.90
CA THR D 142 -67.80 38.90 -39.69
C THR D 142 -66.91 38.08 -38.75
N ARG D 143 -66.79 36.77 -39.00
CA ARG D 143 -65.94 35.94 -38.14
C ARG D 143 -64.47 36.27 -38.38
N VAL D 144 -64.14 36.73 -39.61
CA VAL D 144 -62.82 37.25 -39.91
C VAL D 144 -62.62 38.61 -39.22
N GLN D 145 -63.71 39.39 -39.09
CA GLN D 145 -63.66 40.68 -38.43
C GLN D 145 -63.36 40.48 -36.94
N ALA D 146 -64.00 39.47 -36.35
CA ALA D 146 -63.73 39.06 -34.97
C ALA D 146 -62.27 38.65 -34.83
N ALA D 147 -61.81 37.80 -35.76
CA ALA D 147 -60.44 37.31 -35.81
C ALA D 147 -59.45 38.47 -35.89
N ARG D 148 -59.73 39.42 -36.80
CA ARG D 148 -58.94 40.64 -36.96
C ARG D 148 -58.79 41.34 -35.61
N LEU D 149 -59.92 41.48 -34.91
CA LEU D 149 -59.98 42.15 -33.62
C LEU D 149 -59.25 41.33 -32.56
N LEU D 150 -59.48 40.01 -32.55
CA LEU D 150 -58.84 39.12 -31.59
C LEU D 150 -57.33 39.16 -31.74
N GLU D 151 -56.85 39.14 -33.00
CA GLU D 151 -55.44 39.23 -33.33
C GLU D 151 -54.84 40.47 -32.69
N GLN D 152 -55.56 41.60 -32.78
CA GLN D 152 -55.16 42.85 -32.17
C GLN D 152 -55.10 42.68 -30.65
N ILE D 153 -56.27 42.49 -30.03
CA ILE D 153 -56.38 42.39 -28.58
C ILE D 153 -55.87 41.03 -28.11
N LEU D 154 -54.54 40.89 -28.00
CA LEU D 154 -53.94 39.61 -27.68
C LEU D 154 -52.62 39.79 -26.93
N VAL D 155 -52.69 40.52 -25.81
CA VAL D 155 -51.56 40.62 -24.89
C VAL D 155 -51.51 39.34 -24.05
N ALA D 156 -50.40 39.18 -23.30
CA ALA D 156 -50.11 38.00 -22.48
C ALA D 156 -51.33 37.57 -21.67
N GLU D 157 -52.06 38.56 -21.12
CA GLU D 157 -53.29 38.37 -20.37
C GLU D 157 -54.28 37.53 -21.19
N ASN D 158 -54.68 38.07 -22.35
CA ASN D 158 -55.64 37.45 -23.25
C ASN D 158 -55.14 36.08 -23.70
N ARG D 159 -53.82 35.99 -23.97
CA ARG D 159 -53.20 34.79 -24.51
C ARG D 159 -53.44 33.61 -23.57
N ASP D 160 -53.12 33.80 -22.28
CA ASP D 160 -53.28 32.77 -21.27
C ASP D 160 -54.74 32.34 -21.21
N ARG D 161 -55.64 33.33 -21.14
CA ARG D 161 -57.08 33.08 -21.04
C ARG D 161 -57.57 32.29 -22.25
N VAL D 162 -57.17 32.69 -23.46
CA VAL D 162 -57.66 32.03 -24.66
C VAL D 162 -56.94 30.69 -24.85
N ALA D 163 -55.83 30.47 -24.14
CA ALA D 163 -55.16 29.17 -24.12
C ALA D 163 -56.04 28.14 -23.43
N ARG D 164 -56.90 28.62 -22.51
CA ARG D 164 -57.78 27.74 -21.76
C ARG D 164 -59.04 27.46 -22.57
N ILE D 165 -59.57 28.49 -23.23
CA ILE D 165 -60.86 28.36 -23.93
C ILE D 165 -60.63 28.47 -25.44
N GLY D 166 -60.21 29.65 -25.89
CA GLY D 166 -60.13 30.02 -27.29
C GLY D 166 -59.36 29.00 -28.13
N LEU D 167 -58.34 28.38 -27.52
CA LEU D 167 -57.43 27.44 -28.15
C LEU D 167 -58.19 26.48 -29.06
N GLY D 168 -59.18 25.80 -28.50
CA GLY D 168 -60.01 24.83 -29.21
C GLY D 168 -60.68 25.44 -30.44
N VAL D 169 -61.32 26.61 -30.24
CA VAL D 169 -62.09 27.28 -31.28
C VAL D 169 -61.15 27.85 -32.33
N ILE D 170 -59.96 28.31 -31.90
CA ILE D 170 -58.93 28.85 -32.76
C ILE D 170 -58.53 27.79 -33.79
N LEU D 171 -58.30 26.56 -33.31
CA LEU D 171 -57.87 25.45 -34.14
C LEU D 171 -59.02 24.96 -35.01
N ASN D 172 -60.24 24.99 -34.46
CA ASN D 172 -61.46 24.63 -35.16
C ASN D 172 -61.67 25.56 -36.35
N LEU D 173 -61.14 26.79 -36.22
CA LEU D 173 -61.25 27.83 -37.23
C LEU D 173 -60.02 27.80 -38.15
N ALA D 174 -58.94 27.18 -37.66
CA ALA D 174 -57.69 27.04 -38.40
C ALA D 174 -57.87 26.06 -39.56
N LYS D 175 -58.70 25.03 -39.35
CA LYS D 175 -58.99 24.01 -40.35
C LYS D 175 -59.60 24.64 -41.60
N GLU D 176 -60.17 25.85 -41.43
CA GLU D 176 -60.63 26.67 -42.54
C GLU D 176 -59.41 27.38 -43.13
N ARG D 177 -59.21 27.19 -44.44
CA ARG D 177 -57.94 27.51 -45.07
C ARG D 177 -58.12 28.50 -46.23
N GLU D 178 -59.02 28.17 -47.16
CA GLU D 178 -59.16 28.87 -48.43
C GLU D 178 -59.30 30.38 -48.26
N PRO D 179 -60.25 30.91 -47.43
CA PRO D 179 -60.36 32.37 -47.26
C PRO D 179 -59.06 33.00 -46.77
N VAL D 180 -58.42 33.78 -47.66
CA VAL D 180 -57.05 34.26 -47.51
C VAL D 180 -56.99 35.25 -46.36
N GLU D 181 -57.91 36.24 -46.38
CA GLU D 181 -57.98 37.30 -45.38
C GLU D 181 -58.15 36.68 -43.99
N LEU D 182 -59.04 35.68 -43.91
CA LEU D 182 -59.24 34.92 -42.69
C LEU D 182 -57.93 34.28 -42.26
N ALA D 183 -57.33 33.50 -43.17
CA ALA D 183 -56.10 32.75 -42.95
C ALA D 183 -55.01 33.65 -42.39
N ARG D 184 -54.83 34.83 -43.01
CA ARG D 184 -53.91 35.86 -42.56
C ARG D 184 -54.08 36.10 -41.06
N SER D 185 -55.33 36.32 -40.64
CA SER D 185 -55.66 36.65 -39.25
C SER D 185 -55.57 35.41 -38.36
N VAL D 186 -55.77 34.22 -38.95
CA VAL D 186 -55.73 32.96 -38.21
C VAL D 186 -54.28 32.57 -37.94
N ALA D 187 -53.46 32.54 -39.00
CA ALA D 187 -52.02 32.39 -38.88
C ALA D 187 -51.48 33.42 -37.88
N GLY D 188 -52.11 34.60 -37.89
CA GLY D 188 -51.84 35.71 -36.98
C GLY D 188 -52.02 35.33 -35.51
N ILE D 189 -53.18 34.75 -35.17
CA ILE D 189 -53.50 34.41 -33.79
C ILE D 189 -52.63 33.24 -33.33
N LEU D 190 -52.35 32.32 -34.26
CA LEU D 190 -51.47 31.17 -34.10
C LEU D 190 -50.05 31.62 -33.75
N GLU D 191 -49.60 32.69 -34.41
CA GLU D 191 -48.28 33.28 -34.22
C GLU D 191 -48.13 33.74 -32.77
N HIS D 192 -49.16 34.43 -32.26
CA HIS D 192 -49.17 34.90 -30.88
C HIS D 192 -49.32 33.71 -29.92
N MET D 193 -50.14 32.74 -30.35
CA MET D 193 -50.46 31.56 -29.55
C MET D 193 -49.21 30.74 -29.28
N PHE D 194 -48.43 30.50 -30.35
CA PHE D 194 -47.25 29.67 -30.30
C PHE D 194 -46.25 30.18 -29.28
N LYS D 195 -46.22 31.51 -29.09
CA LYS D 195 -45.22 32.12 -28.23
C LYS D 195 -45.73 32.21 -26.79
N HIS D 196 -46.61 31.28 -26.40
CA HIS D 196 -47.24 31.36 -25.09
C HIS D 196 -46.56 30.46 -24.06
N SER D 197 -46.48 29.16 -24.34
CA SER D 197 -46.00 28.19 -23.37
C SER D 197 -45.53 26.93 -24.07
N GLU D 198 -44.71 26.14 -23.37
CA GLU D 198 -44.18 24.88 -23.87
C GLU D 198 -45.34 24.03 -24.39
N GLU D 199 -46.36 23.88 -23.54
CA GLU D 199 -47.52 23.01 -23.72
C GLU D 199 -48.48 23.57 -24.77
N THR D 200 -48.47 24.89 -24.95
CA THR D 200 -49.32 25.54 -25.94
C THR D 200 -48.85 25.18 -27.34
N CYS D 201 -47.53 25.24 -27.57
CA CYS D 201 -46.94 24.73 -28.80
C CYS D 201 -47.28 23.25 -28.93
N GLN D 202 -46.89 22.47 -27.92
CA GLN D 202 -47.02 21.01 -27.90
C GLN D 202 -48.42 20.62 -28.34
N ARG D 203 -49.37 21.49 -28.02
CA ARG D 203 -50.77 21.35 -28.39
C ARG D 203 -50.94 21.60 -29.88
N LEU D 204 -50.70 22.86 -30.28
CA LEU D 204 -51.01 23.37 -31.61
C LEU D 204 -50.34 22.52 -32.67
N VAL D 205 -49.03 22.25 -32.46
CA VAL D 205 -48.21 21.40 -33.32
C VAL D 205 -48.97 20.11 -33.63
N ALA D 206 -49.32 19.36 -32.58
CA ALA D 206 -49.91 18.04 -32.68
C ALA D 206 -51.32 18.12 -33.24
N ALA D 207 -51.98 19.26 -33.04
CA ALA D 207 -53.39 19.40 -33.36
C ALA D 207 -53.60 19.89 -34.80
N GLY D 208 -52.50 20.18 -35.50
CA GLY D 208 -52.56 20.65 -36.88
C GLY D 208 -52.51 22.18 -36.99
N GLY D 209 -52.14 22.83 -35.89
CA GLY D 209 -51.80 24.25 -35.85
C GLY D 209 -50.55 24.53 -36.69
N LEU D 210 -49.52 23.69 -36.51
CA LEU D 210 -48.33 23.72 -37.35
C LEU D 210 -48.71 23.42 -38.80
N ASP D 211 -49.56 22.40 -38.98
CA ASP D 211 -49.97 21.96 -40.31
C ASP D 211 -50.77 23.05 -41.03
N ALA D 212 -51.36 23.97 -40.26
CA ALA D 212 -52.06 25.13 -40.81
C ALA D 212 -51.05 26.13 -41.38
N VAL D 213 -50.06 26.52 -40.56
CA VAL D 213 -49.08 27.53 -40.94
C VAL D 213 -48.17 27.01 -42.06
N LEU D 214 -47.96 25.69 -42.10
CA LEU D 214 -47.17 25.06 -43.14
C LEU D 214 -47.94 25.02 -44.46
N TYR D 215 -49.25 24.76 -44.40
CA TYR D 215 -50.08 24.76 -45.60
C TYR D 215 -50.32 26.19 -46.10
N TRP D 216 -50.10 27.18 -45.21
CA TRP D 216 -50.26 28.58 -45.58
C TRP D 216 -48.93 29.21 -45.99
N CYS D 217 -47.87 28.40 -45.89
CA CYS D 217 -46.51 28.75 -46.27
C CYS D 217 -46.30 28.49 -47.76
N ARG D 218 -47.29 27.84 -48.40
CA ARG D 218 -47.24 27.59 -49.84
C ARG D 218 -48.22 28.52 -50.55
N ARG D 219 -48.57 29.63 -49.88
CA ARG D 219 -49.44 30.64 -50.46
C ARG D 219 -48.61 31.88 -50.80
N THR D 220 -49.30 32.91 -51.31
CA THR D 220 -48.71 34.12 -51.86
C THR D 220 -49.41 35.36 -51.31
N ASP D 221 -49.01 35.77 -50.09
CA ASP D 221 -49.58 36.93 -49.41
C ASP D 221 -48.59 37.40 -48.34
N PRO D 222 -48.05 38.65 -48.43
CA PRO D 222 -47.04 39.14 -47.50
C PRO D 222 -47.35 38.85 -46.03
N ALA D 223 -48.50 39.35 -45.56
CA ALA D 223 -48.94 39.23 -44.18
C ALA D 223 -49.09 37.77 -43.77
N LEU D 224 -49.78 36.98 -44.60
CA LEU D 224 -49.90 35.54 -44.38
C LEU D 224 -48.50 34.94 -44.20
N LEU D 225 -47.61 35.21 -45.16
CA LEU D 225 -46.28 34.62 -45.18
C LEU D 225 -45.45 35.11 -44.00
N ARG D 226 -45.49 36.43 -43.74
CA ARG D 226 -44.78 37.03 -42.61
C ARG D 226 -45.19 36.32 -41.33
N HIS D 227 -46.51 36.17 -41.15
CA HIS D 227 -47.10 35.53 -40.00
C HIS D 227 -46.61 34.08 -39.87
N CYS D 228 -46.72 33.32 -40.96
CA CYS D 228 -46.30 31.92 -40.95
C CYS D 228 -44.85 31.81 -40.48
N ALA D 229 -43.99 32.68 -41.01
CA ALA D 229 -42.58 32.72 -40.70
C ALA D 229 -42.36 32.98 -39.21
N LEU D 230 -43.07 33.99 -38.69
CA LEU D 230 -42.96 34.40 -37.30
C LEU D 230 -43.43 33.26 -36.39
N ALA D 231 -44.48 32.54 -36.83
CA ALA D 231 -45.07 31.42 -36.12
C ALA D 231 -44.03 30.31 -35.93
N LEU D 232 -43.61 29.70 -37.06
CA LEU D 232 -42.59 28.65 -37.09
C LEU D 232 -41.36 29.09 -36.31
N GLY D 233 -41.13 30.41 -36.25
CA GLY D 233 -40.11 31.02 -35.42
C GLY D 233 -40.36 30.74 -33.94
N ASN D 234 -41.49 31.29 -33.46
CA ASN D 234 -41.97 31.19 -32.09
C ASN D 234 -42.10 29.72 -31.68
N CYS D 235 -42.62 28.91 -32.61
CA CYS D 235 -42.89 27.50 -32.42
C CYS D 235 -41.60 26.73 -32.16
N ALA D 236 -40.53 27.10 -32.89
CA ALA D 236 -39.22 26.50 -32.77
C ALA D 236 -38.58 26.95 -31.46
N LEU D 237 -38.81 28.21 -31.09
CA LEU D 237 -38.14 28.82 -29.96
C LEU D 237 -38.81 28.35 -28.66
N HIS D 238 -40.12 28.57 -28.53
CA HIS D 238 -40.88 28.43 -27.29
C HIS D 238 -41.19 26.97 -26.98
N GLY D 239 -41.50 26.19 -28.02
CA GLY D 239 -41.71 24.75 -27.93
C GLY D 239 -40.45 24.00 -27.48
N GLY D 240 -40.64 22.77 -27.01
CA GLY D 240 -39.56 21.94 -26.50
C GLY D 240 -38.83 21.19 -27.62
N GLN D 241 -37.87 20.35 -27.22
CA GLN D 241 -37.22 19.34 -28.04
C GLN D 241 -38.26 18.67 -28.94
N ALA D 242 -39.35 18.22 -28.32
CA ALA D 242 -40.37 17.38 -28.93
C ALA D 242 -41.03 18.11 -30.09
N VAL D 243 -41.52 19.32 -29.82
CA VAL D 243 -42.15 20.24 -30.75
C VAL D 243 -41.28 20.39 -32.00
N GLN D 244 -39.99 20.67 -31.77
CA GLN D 244 -38.97 20.94 -32.78
C GLN D 244 -38.79 19.73 -33.69
N ARG D 245 -38.50 18.57 -33.10
CA ARG D 245 -38.37 17.32 -33.85
C ARG D 245 -39.56 17.17 -34.80
N ARG D 246 -40.77 17.43 -34.27
CA ARG D 246 -41.99 17.22 -35.03
C ARG D 246 -42.00 18.16 -36.24
N MET D 247 -41.59 19.42 -36.06
CA MET D 247 -41.56 20.40 -37.13
C MET D 247 -40.70 19.94 -38.30
N VAL D 248 -39.48 19.52 -37.99
CA VAL D 248 -38.47 19.11 -38.96
C VAL D 248 -38.95 17.85 -39.68
N GLU D 249 -39.69 17.00 -38.96
CA GLU D 249 -40.22 15.75 -39.47
C GLU D 249 -41.53 16.00 -40.21
N LYS D 250 -42.08 17.22 -40.05
CA LYS D 250 -43.25 17.65 -40.81
C LYS D 250 -42.80 18.30 -42.12
N ARG D 251 -41.47 18.36 -42.33
CA ARG D 251 -40.73 18.98 -43.42
C ARG D 251 -40.91 20.50 -43.36
N ALA D 252 -40.64 21.08 -42.19
CA ALA D 252 -40.83 22.51 -41.96
C ALA D 252 -39.60 23.30 -42.43
N ALA D 253 -38.42 22.68 -42.36
CA ALA D 253 -37.17 23.31 -42.76
C ALA D 253 -37.20 23.64 -44.26
N GLU D 254 -37.64 22.66 -45.06
CA GLU D 254 -37.71 22.75 -46.51
C GLU D 254 -38.85 23.67 -46.94
N TRP D 255 -39.75 23.98 -46.00
CA TRP D 255 -40.90 24.79 -46.33
C TRP D 255 -40.64 26.26 -46.03
N LEU D 256 -39.57 26.53 -45.28
CA LEU D 256 -39.14 27.90 -45.01
C LEU D 256 -38.36 28.44 -46.20
N PHE D 257 -37.93 27.54 -47.11
CA PHE D 257 -37.14 27.92 -48.27
C PHE D 257 -37.84 29.01 -49.08
N PRO D 258 -39.09 28.85 -49.57
CA PRO D 258 -39.82 29.93 -50.23
C PRO D 258 -39.69 31.29 -49.55
N LEU D 259 -39.89 31.33 -48.23
CA LEU D 259 -39.83 32.57 -47.48
C LEU D 259 -38.42 33.18 -47.49
N ALA D 260 -37.39 32.35 -47.29
CA ALA D 260 -36.02 32.85 -47.21
C ALA D 260 -35.48 33.15 -48.62
N PHE D 261 -36.14 32.63 -49.65
CA PHE D 261 -35.71 32.80 -51.02
C PHE D 261 -36.68 33.70 -51.77
N SER D 262 -36.72 34.97 -51.35
CA SER D 262 -37.62 35.96 -51.94
C SER D 262 -37.05 37.36 -51.69
N LYS D 263 -36.14 37.76 -52.58
CA LYS D 263 -35.43 39.04 -52.51
C LYS D 263 -36.43 40.19 -52.37
N GLU D 264 -37.67 39.95 -52.84
CA GLU D 264 -38.79 40.88 -52.82
C GLU D 264 -39.01 41.43 -51.41
N ASP D 265 -39.05 40.55 -50.40
CA ASP D 265 -39.29 40.92 -49.02
C ASP D 265 -38.07 40.59 -48.17
N GLU D 266 -37.48 41.62 -47.56
CA GLU D 266 -36.23 41.49 -46.82
C GLU D 266 -36.49 41.06 -45.38
N LEU D 267 -37.58 41.60 -44.80
CA LEU D 267 -37.93 41.35 -43.42
C LEU D 267 -38.48 39.92 -43.25
N LEU D 268 -39.31 39.49 -44.22
CA LEU D 268 -39.80 38.12 -44.29
C LEU D 268 -38.62 37.15 -44.19
N ARG D 269 -37.59 37.38 -45.03
CA ARG D 269 -36.39 36.58 -45.12
C ARG D 269 -35.72 36.48 -43.75
N LEU D 270 -35.42 37.64 -43.15
CA LEU D 270 -34.75 37.71 -41.85
C LEU D 270 -35.47 36.85 -40.81
N HIS D 271 -36.81 36.91 -40.81
CA HIS D 271 -37.68 36.19 -39.89
C HIS D 271 -37.63 34.69 -40.17
N ALA D 272 -37.74 34.35 -41.47
CA ALA D 272 -37.68 33.00 -42.00
C ALA D 272 -36.35 32.36 -41.62
N CYS D 273 -35.28 33.16 -41.67
CA CYS D 273 -33.97 32.62 -41.40
C CYS D 273 -33.69 32.53 -39.90
N LEU D 274 -34.22 33.48 -39.12
CA LEU D 274 -34.11 33.36 -37.67
C LEU D 274 -34.69 32.02 -37.20
N ALA D 275 -35.77 31.61 -37.87
CA ALA D 275 -36.47 30.38 -37.58
C ALA D 275 -35.60 29.15 -37.87
N VAL D 276 -35.18 28.97 -39.14
CA VAL D 276 -34.39 27.84 -39.60
C VAL D 276 -33.05 27.78 -38.84
N ALA D 277 -32.54 28.95 -38.46
CA ALA D 277 -31.28 29.04 -37.72
C ALA D 277 -31.43 28.42 -36.34
N VAL D 278 -32.58 28.66 -35.68
CA VAL D 278 -32.77 28.15 -34.33
C VAL D 278 -32.97 26.63 -34.39
N LEU D 279 -33.58 26.14 -35.47
CA LEU D 279 -33.77 24.70 -35.62
C LEU D 279 -32.44 23.97 -35.72
N ALA D 280 -31.42 24.61 -36.30
CA ALA D 280 -30.13 24.00 -36.56
C ALA D 280 -29.26 23.97 -35.30
N THR D 281 -29.67 24.73 -34.28
CA THR D 281 -28.99 24.69 -32.99
C THR D 281 -29.28 23.38 -32.27
N ASN D 282 -30.48 22.80 -32.51
CA ASN D 282 -30.93 21.49 -32.02
C ASN D 282 -30.10 20.40 -32.69
N LYS D 283 -29.06 19.94 -31.98
CA LYS D 283 -28.00 19.11 -32.54
C LYS D 283 -28.61 17.83 -33.13
N GLU D 284 -29.54 17.24 -32.38
CA GLU D 284 -30.37 16.09 -32.75
C GLU D 284 -31.05 16.24 -34.12
N VAL D 285 -31.43 17.46 -34.51
CA VAL D 285 -32.10 17.57 -35.81
C VAL D 285 -31.25 18.39 -36.77
N GLU D 286 -29.99 18.64 -36.39
CA GLU D 286 -29.14 19.58 -37.12
C GLU D 286 -29.11 19.21 -38.61
N ARG D 287 -28.80 17.92 -38.88
CA ARG D 287 -28.46 17.43 -40.20
C ARG D 287 -29.64 17.60 -41.16
N GLU D 288 -30.84 17.30 -40.67
CA GLU D 288 -32.07 17.35 -41.45
C GLU D 288 -32.33 18.79 -41.92
N VAL D 289 -31.96 19.76 -41.09
CA VAL D 289 -32.14 21.18 -41.39
C VAL D 289 -31.07 21.58 -42.41
N GLU D 290 -29.88 20.98 -42.29
CA GLU D 290 -28.74 21.28 -43.13
C GLU D 290 -28.99 20.83 -44.56
N ARG D 291 -29.50 19.60 -44.69
CA ARG D 291 -29.73 18.98 -45.98
C ARG D 291 -30.98 19.58 -46.65
N SER D 292 -31.76 20.37 -45.89
CA SER D 292 -32.94 21.01 -46.43
C SER D 292 -32.57 22.03 -47.50
N GLY D 293 -31.39 22.64 -47.33
CA GLY D 293 -30.85 23.61 -48.27
C GLY D 293 -31.00 25.05 -47.78
N THR D 294 -32.03 25.28 -46.94
CA THR D 294 -32.36 26.60 -46.42
C THR D 294 -31.30 27.08 -45.44
N LEU D 295 -30.40 26.18 -45.03
CA LEU D 295 -29.43 26.64 -44.04
C LEU D 295 -28.26 27.38 -44.68
N ALA D 296 -27.94 27.04 -45.93
CA ALA D 296 -26.88 27.71 -46.68
C ALA D 296 -27.28 29.14 -47.04
N LEU D 297 -28.60 29.38 -47.02
CA LEU D 297 -29.23 30.57 -47.57
C LEU D 297 -29.21 31.71 -46.55
N VAL D 298 -28.63 31.48 -45.36
CA VAL D 298 -28.74 32.40 -44.23
C VAL D 298 -27.67 33.49 -44.33
N GLU D 299 -26.40 33.06 -44.47
CA GLU D 299 -25.21 33.89 -44.31
C GLU D 299 -25.21 35.07 -45.30
N PRO D 300 -25.38 34.87 -46.63
CA PRO D 300 -25.59 35.98 -47.57
C PRO D 300 -26.55 37.07 -47.08
N LEU D 301 -27.67 36.67 -46.49
CA LEU D 301 -28.73 37.57 -46.09
C LEU D 301 -28.26 38.52 -44.98
N VAL D 302 -27.54 37.98 -43.99
CA VAL D 302 -27.09 38.80 -42.87
C VAL D 302 -26.09 39.85 -43.36
N ALA D 303 -25.40 39.56 -44.48
CA ALA D 303 -24.46 40.49 -45.06
C ALA D 303 -25.18 41.66 -45.71
N SER D 304 -26.24 41.36 -46.46
CA SER D 304 -27.01 42.33 -47.23
C SER D 304 -27.51 43.46 -46.33
N LEU D 305 -28.30 43.11 -45.30
CA LEU D 305 -28.99 44.06 -44.46
C LEU D 305 -28.02 44.73 -43.50
N ASP D 306 -28.47 45.85 -42.89
CA ASP D 306 -27.73 46.54 -41.84
C ASP D 306 -28.52 46.47 -40.53
N PRO D 307 -27.90 45.99 -39.42
CA PRO D 307 -28.55 45.95 -38.10
C PRO D 307 -29.21 47.26 -37.68
N GLY D 308 -28.54 48.38 -37.92
CA GLY D 308 -29.07 49.71 -37.68
C GLY D 308 -30.41 49.93 -38.39
N ARG D 309 -30.43 49.63 -39.70
CA ARG D 309 -31.60 49.77 -40.55
C ARG D 309 -32.77 48.98 -40.00
N PHE D 310 -32.52 47.73 -39.57
CA PHE D 310 -33.61 46.91 -39.07
C PHE D 310 -33.88 47.18 -37.60
N ALA D 311 -32.98 47.90 -36.92
CA ALA D 311 -33.18 48.37 -35.56
C ALA D 311 -34.32 49.37 -35.52
N ARG D 312 -34.38 50.26 -36.53
CA ARG D 312 -35.43 51.26 -36.67
C ARG D 312 -36.77 50.55 -36.89
N CYS D 313 -36.72 49.47 -37.70
CA CYS D 313 -37.87 48.65 -38.04
C CYS D 313 -38.26 47.74 -36.88
N LEU D 314 -37.44 47.75 -35.81
CA LEU D 314 -37.67 46.94 -34.62
C LEU D 314 -38.22 47.81 -33.48
N VAL D 315 -38.03 49.13 -33.59
CA VAL D 315 -38.66 50.11 -32.70
C VAL D 315 -40.17 49.96 -32.78
N ASP D 316 -40.68 49.86 -34.01
CA ASP D 316 -42.11 49.79 -34.28
C ASP D 316 -42.53 48.35 -34.61
N ALA D 317 -42.01 47.39 -33.82
CA ALA D 317 -42.42 46.00 -33.91
C ALA D 317 -43.71 45.77 -33.12
N SER D 318 -44.09 46.79 -32.31
CA SER D 318 -45.29 46.81 -31.47
C SER D 318 -45.28 45.65 -30.46
N ASP D 319 -44.09 45.06 -30.23
CA ASP D 319 -43.87 43.93 -29.35
C ASP D 319 -44.83 42.79 -29.70
N THR D 320 -45.30 42.78 -30.96
CA THR D 320 -46.21 41.78 -31.49
C THR D 320 -45.47 40.85 -32.45
N SER D 321 -44.53 41.43 -33.22
CA SER D 321 -43.66 40.67 -34.11
C SER D 321 -42.44 40.19 -33.34
N GLN D 322 -41.48 41.09 -33.12
CA GLN D 322 -40.26 40.82 -32.38
C GLN D 322 -39.78 42.12 -31.71
N GLY D 323 -40.52 42.53 -30.67
CA GLY D 323 -40.21 43.73 -29.90
C GLY D 323 -39.03 43.53 -28.97
N ARG D 324 -38.25 44.60 -28.79
CA ARG D 324 -37.09 44.65 -27.91
C ARG D 324 -37.49 44.28 -26.48
N GLY D 325 -36.70 43.39 -25.87
CA GLY D 325 -36.97 42.93 -24.52
C GLY D 325 -35.92 41.94 -24.00
N PRO D 326 -35.64 41.94 -22.67
CA PRO D 326 -34.70 40.98 -22.06
C PRO D 326 -34.95 39.50 -22.33
N ASP D 327 -36.21 39.17 -22.70
CA ASP D 327 -36.59 37.82 -23.09
C ASP D 327 -35.85 37.43 -24.36
N ASP D 328 -36.06 38.20 -25.44
CA ASP D 328 -35.52 37.91 -26.76
C ASP D 328 -34.00 37.80 -26.71
N LEU D 329 -33.37 38.68 -25.92
CA LEU D 329 -31.93 38.69 -25.77
C LEU D 329 -31.43 37.39 -25.17
N GLN D 330 -32.09 36.89 -24.12
CA GLN D 330 -31.66 35.66 -23.47
C GLN D 330 -31.95 34.44 -24.34
N ARG D 331 -32.75 34.64 -25.40
CA ARG D 331 -33.11 33.58 -26.33
C ARG D 331 -32.31 33.70 -27.64
N LEU D 332 -31.55 34.79 -27.79
CA LEU D 332 -30.63 34.90 -28.91
C LEU D 332 -29.28 34.34 -28.50
N VAL D 333 -28.89 34.55 -27.23
CA VAL D 333 -27.56 34.18 -26.77
C VAL D 333 -27.21 32.72 -27.12
N PRO D 334 -28.11 31.72 -26.94
CA PRO D 334 -27.96 30.39 -27.54
C PRO D 334 -27.39 30.29 -28.95
N LEU D 335 -27.97 31.05 -29.89
CA LEU D 335 -27.50 31.16 -31.26
C LEU D 335 -26.05 31.63 -31.30
N LEU D 336 -25.77 32.80 -30.70
CA LEU D 336 -24.44 33.39 -30.68
C LEU D 336 -23.43 32.38 -30.12
N ASP D 337 -23.95 31.35 -29.46
CA ASP D 337 -23.12 30.46 -28.68
C ASP D 337 -23.17 29.04 -29.25
N SER D 338 -23.57 28.89 -30.52
CA SER D 338 -23.77 27.59 -31.12
C SER D 338 -22.52 27.09 -31.87
N ASN D 339 -22.68 25.96 -32.57
CA ASN D 339 -21.69 25.43 -33.48
C ASN D 339 -21.85 26.07 -34.86
N ARG D 340 -23.11 26.04 -35.34
CA ARG D 340 -23.48 26.52 -36.65
C ARG D 340 -23.14 28.00 -36.76
N LEU D 341 -22.46 28.38 -37.84
CA LEU D 341 -22.11 29.77 -38.04
C LEU D 341 -23.26 30.49 -38.76
N GLU D 342 -24.23 29.72 -39.28
CA GLU D 342 -25.44 30.28 -39.86
C GLU D 342 -26.33 30.81 -38.75
N ALA D 343 -26.15 30.25 -37.54
CA ALA D 343 -26.87 30.63 -36.34
C ALA D 343 -26.16 31.78 -35.65
N GLN D 344 -24.82 31.70 -35.57
CA GLN D 344 -23.97 32.71 -34.96
C GLN D 344 -23.99 34.01 -35.78
N CYS D 345 -24.39 33.91 -37.06
CA CYS D 345 -24.60 35.09 -37.91
C CYS D 345 -25.95 35.74 -37.57
N ILE D 346 -27.04 34.97 -37.69
CA ILE D 346 -28.37 35.44 -37.32
C ILE D 346 -28.37 35.90 -35.86
N GLY D 347 -27.69 35.15 -34.99
CA GLY D 347 -27.36 35.55 -33.63
C GLY D 347 -26.86 36.99 -33.55
N ALA D 348 -25.64 37.24 -34.04
CA ALA D 348 -25.01 38.55 -33.98
C ALA D 348 -25.88 39.61 -34.64
N PHE D 349 -26.43 39.33 -35.83
CA PHE D 349 -27.21 40.32 -36.57
C PHE D 349 -28.26 40.97 -35.69
N TYR D 350 -29.07 40.11 -35.03
CA TYR D 350 -30.20 40.49 -34.19
C TYR D 350 -29.70 41.17 -32.92
N LEU D 351 -28.76 40.53 -32.21
CA LEU D 351 -28.24 41.06 -30.96
C LEU D 351 -27.57 42.43 -31.18
N CYS D 352 -27.14 42.68 -32.42
CA CYS D 352 -26.57 43.95 -32.88
C CYS D 352 -27.67 44.97 -33.14
N ALA D 353 -28.81 44.55 -33.73
CA ALA D 353 -29.98 45.40 -33.95
C ALA D 353 -30.51 45.95 -32.62
N GLU D 354 -30.41 45.13 -31.56
CA GLU D 354 -30.82 45.51 -30.22
C GLU D 354 -29.74 46.34 -29.53
N ALA D 355 -28.45 46.03 -29.81
CA ALA D 355 -27.34 46.80 -29.26
C ALA D 355 -27.45 48.26 -29.67
N ALA D 356 -28.19 48.53 -30.77
CA ALA D 356 -28.51 49.88 -31.21
C ALA D 356 -29.57 50.51 -30.31
N ILE D 357 -30.79 49.97 -30.36
CA ILE D 357 -31.95 50.49 -29.63
C ILE D 357 -31.63 50.63 -28.14
N LYS D 358 -31.06 49.59 -27.53
CA LYS D 358 -30.93 49.52 -26.08
C LYS D 358 -29.93 50.55 -25.56
N SER D 359 -28.93 50.89 -26.39
CA SER D 359 -27.99 51.95 -26.07
C SER D 359 -28.63 53.34 -26.24
N LEU D 360 -29.57 53.45 -27.19
CA LEU D 360 -30.35 54.66 -27.41
C LEU D 360 -31.30 54.92 -26.25
N GLN D 361 -31.77 53.83 -25.62
CA GLN D 361 -32.66 53.90 -24.46
C GLN D 361 -31.86 53.97 -23.17
N GLY D 362 -30.52 53.94 -23.29
CA GLY D 362 -29.59 53.97 -22.17
C GLY D 362 -29.86 52.84 -21.16
N LYS D 363 -30.05 51.62 -21.67
CA LYS D 363 -30.23 50.42 -20.86
C LYS D 363 -29.35 49.29 -21.41
N THR D 364 -28.04 49.46 -21.22
CA THR D 364 -27.02 48.57 -21.75
C THR D 364 -26.85 47.37 -20.81
N LYS D 365 -27.18 47.60 -19.52
CA LYS D 365 -26.97 46.66 -18.42
C LYS D 365 -27.60 45.29 -18.73
N VAL D 366 -28.60 45.29 -19.62
CA VAL D 366 -29.34 44.11 -20.05
C VAL D 366 -28.37 43.07 -20.60
N PHE D 367 -27.63 43.45 -21.64
CA PHE D 367 -26.75 42.56 -22.40
C PHE D 367 -25.72 41.90 -21.49
N SER D 368 -25.12 42.72 -20.61
CA SER D 368 -24.08 42.27 -19.69
C SER D 368 -24.60 41.09 -18.86
N ASP D 369 -25.84 41.23 -18.37
CA ASP D 369 -26.51 40.29 -17.49
C ASP D 369 -27.08 39.11 -18.27
N ILE D 370 -27.41 39.33 -19.55
CA ILE D 370 -27.98 38.29 -20.40
C ILE D 370 -26.89 37.29 -20.77
N GLY D 371 -25.63 37.74 -20.63
CA GLY D 371 -24.43 36.96 -20.92
C GLY D 371 -24.08 37.00 -22.41
N ALA D 372 -24.28 38.18 -23.01
CA ALA D 372 -24.18 38.44 -24.43
C ALA D 372 -22.81 39.01 -24.79
N ILE D 373 -22.29 39.87 -23.90
CA ILE D 373 -21.03 40.55 -24.15
C ILE D 373 -19.89 39.54 -24.27
N GLN D 374 -19.74 38.63 -23.30
CA GLN D 374 -18.62 37.68 -23.37
C GLN D 374 -18.77 36.76 -24.59
N SER D 375 -20.01 36.37 -24.92
CA SER D 375 -20.30 35.55 -26.08
C SER D 375 -19.86 36.23 -27.37
N LEU D 376 -20.17 37.53 -27.49
CA LEU D 376 -19.79 38.35 -28.64
C LEU D 376 -18.27 38.45 -28.77
N LYS D 377 -17.60 38.58 -27.62
CA LYS D 377 -16.15 38.66 -27.61
C LYS D 377 -15.55 37.42 -28.25
N ARG D 378 -16.07 36.22 -27.93
CA ARG D 378 -15.57 34.99 -28.51
C ARG D 378 -15.78 34.93 -30.03
N LEU D 379 -16.89 35.52 -30.52
CA LEU D 379 -17.19 35.53 -31.94
C LEU D 379 -16.22 36.45 -32.68
N VAL D 380 -15.42 37.20 -31.92
CA VAL D 380 -14.54 38.18 -32.53
C VAL D 380 -13.10 37.80 -32.23
N SER D 381 -12.93 36.81 -31.34
CA SER D 381 -11.61 36.35 -30.94
C SER D 381 -11.20 35.19 -31.82
N TYR D 382 -12.04 34.16 -31.86
CA TYR D 382 -11.76 32.97 -32.65
C TYR D 382 -12.65 32.97 -33.89
N SER D 383 -12.52 34.04 -34.69
CA SER D 383 -13.36 34.17 -35.87
C SER D 383 -12.56 33.85 -37.13
N THR D 384 -13.31 33.53 -38.18
CA THR D 384 -12.78 33.14 -39.47
C THR D 384 -13.58 33.90 -40.51
N ASN D 385 -14.92 33.81 -40.40
CA ASN D 385 -15.88 34.50 -41.25
C ASN D 385 -15.83 36.00 -40.99
N GLY D 386 -15.84 36.76 -42.09
CA GLY D 386 -15.83 38.21 -42.09
C GLY D 386 -17.11 38.80 -41.49
N THR D 387 -18.26 38.29 -41.95
CA THR D 387 -19.59 38.82 -41.60
C THR D 387 -19.83 38.68 -40.10
N LYS D 388 -19.91 37.44 -39.62
CA LYS D 388 -20.10 37.10 -38.22
C LYS D 388 -19.14 37.87 -37.31
N SER D 389 -18.06 38.43 -37.88
CA SER D 389 -17.06 39.11 -37.08
C SER D 389 -17.23 40.62 -37.16
N ALA D 390 -17.57 41.11 -38.36
CA ALA D 390 -17.99 42.49 -38.56
C ALA D 390 -19.12 42.81 -37.57
N LEU D 391 -20.16 41.97 -37.59
CA LEU D 391 -21.36 42.12 -36.76
C LEU D 391 -20.98 42.18 -35.30
N ALA D 392 -20.08 41.28 -34.88
CA ALA D 392 -19.64 41.17 -33.50
C ALA D 392 -18.93 42.45 -33.06
N LYS D 393 -18.02 42.95 -33.91
CA LYS D 393 -17.29 44.18 -33.66
C LYS D 393 -18.29 45.30 -33.47
N ARG D 394 -19.23 45.43 -34.42
CA ARG D 394 -20.23 46.48 -34.40
C ARG D 394 -20.97 46.47 -33.07
N ALA D 395 -21.53 45.30 -32.73
CA ALA D 395 -22.33 45.15 -31.53
C ALA D 395 -21.55 45.60 -30.31
N LEU D 396 -20.29 45.14 -30.15
CA LEU D 396 -19.52 45.46 -28.96
C LEU D 396 -19.29 46.97 -28.87
N ARG D 397 -19.08 47.62 -30.03
CA ARG D 397 -18.89 49.06 -30.11
C ARG D 397 -20.19 49.78 -29.76
N LEU D 398 -21.33 49.24 -30.23
CA LEU D 398 -22.65 49.82 -29.99
C LEU D 398 -23.00 49.77 -28.51
N LEU D 399 -22.52 48.75 -27.81
CA LEU D 399 -22.65 48.64 -26.36
C LEU D 399 -21.58 49.48 -25.67
N GLY D 400 -20.50 49.77 -26.40
CA GLY D 400 -19.46 50.70 -25.94
C GLY D 400 -18.23 49.97 -25.43
N GLU D 401 -18.45 48.74 -24.95
CA GLU D 401 -17.42 47.82 -24.50
C GLU D 401 -16.39 47.67 -25.62
N GLU D 402 -15.10 47.75 -25.26
CA GLU D 402 -13.99 47.68 -26.21
C GLU D 402 -14.11 46.43 -27.06
N VAL D 403 -13.73 46.53 -28.33
CA VAL D 403 -13.81 45.37 -29.19
C VAL D 403 -12.46 44.65 -29.18
N PRO D 404 -12.41 43.35 -28.77
CA PRO D 404 -11.19 42.56 -28.81
C PRO D 404 -10.69 42.33 -30.23
N ARG D 405 -9.37 42.48 -30.40
CA ARG D 405 -8.69 42.12 -31.62
C ARG D 405 -8.72 40.59 -31.76
N PRO D 406 -8.84 40.03 -32.98
CA PRO D 406 -8.79 38.57 -33.14
C PRO D 406 -7.44 38.02 -32.69
N ILE D 407 -7.46 36.75 -32.29
CA ILE D 407 -6.30 36.02 -31.83
C ILE D 407 -5.59 35.45 -33.05
N LEU D 408 -4.24 35.55 -33.10
CA LEU D 408 -3.43 34.80 -34.06
C LEU D 408 -3.54 33.31 -33.75
N PRO D 409 -3.85 32.42 -34.72
CA PRO D 409 -4.27 31.07 -34.36
C PRO D 409 -3.09 30.15 -34.16
N SER D 410 -1.90 30.59 -34.61
CA SER D 410 -0.71 29.77 -34.50
C SER D 410 -0.23 29.76 -33.05
N VAL D 411 -0.89 28.98 -32.20
CA VAL D 411 -0.67 29.22 -30.80
C VAL D 411 0.76 28.89 -30.48
N PRO D 412 1.32 27.77 -30.94
CA PRO D 412 2.52 27.24 -30.32
C PRO D 412 3.69 28.15 -30.63
N SER D 413 3.51 29.00 -31.63
CA SER D 413 4.53 30.00 -31.81
C SER D 413 4.18 31.34 -31.16
N TRP D 414 3.53 31.37 -30.00
CA TRP D 414 3.09 32.63 -29.40
C TRP D 414 4.13 33.03 -28.38
N LYS D 415 4.36 34.34 -28.25
CA LYS D 415 5.27 34.78 -27.21
C LYS D 415 4.51 35.14 -25.94
N GLU D 416 5.20 35.53 -24.90
CA GLU D 416 4.51 35.92 -23.68
C GLU D 416 3.51 37.04 -23.96
N ALA D 417 3.80 37.93 -24.89
CA ALA D 417 2.82 38.96 -25.20
C ALA D 417 1.44 38.42 -25.63
N GLU D 418 1.42 37.44 -26.53
CA GLU D 418 0.12 36.94 -27.00
C GLU D 418 -0.51 36.12 -25.89
N VAL D 419 0.27 35.61 -24.95
CA VAL D 419 -0.49 34.91 -23.95
C VAL D 419 -1.19 35.93 -23.10
N GLN D 420 -0.59 37.10 -22.96
CA GLN D 420 -1.30 38.00 -22.09
C GLN D 420 -2.51 38.50 -22.84
N THR D 421 -2.43 38.53 -24.16
CA THR D 421 -3.62 39.13 -24.72
C THR D 421 -4.82 38.21 -24.58
N TRP D 422 -4.62 36.93 -24.77
CA TRP D 422 -5.71 35.99 -24.70
C TRP D 422 -6.15 35.86 -23.25
N LEU D 423 -5.22 35.80 -22.30
CA LEU D 423 -5.71 35.88 -20.93
C LEU D 423 -6.68 37.03 -20.71
N GLN D 424 -6.58 38.11 -21.47
CA GLN D 424 -7.50 39.20 -21.21
C GLN D 424 -8.81 39.05 -21.97
N GLN D 425 -8.86 38.19 -22.96
CA GLN D 425 -10.04 38.27 -23.78
C GLN D 425 -10.94 37.11 -23.40
N ILE D 426 -10.51 36.37 -22.39
CA ILE D 426 -11.31 35.26 -21.95
C ILE D 426 -11.61 35.60 -20.51
N GLY D 427 -11.32 36.87 -20.22
CA GLY D 427 -11.32 37.46 -18.89
C GLY D 427 -10.79 36.55 -17.79
N PHE D 428 -9.49 36.33 -17.85
CA PHE D 428 -8.86 35.96 -16.62
C PHE D 428 -7.78 36.96 -16.27
N SER D 429 -8.09 38.25 -16.32
CA SER D 429 -7.05 39.23 -16.06
C SER D 429 -6.46 39.12 -14.66
N LYS D 430 -7.26 38.68 -13.68
CA LYS D 430 -6.68 38.48 -12.36
C LYS D 430 -5.34 37.78 -12.49
N TYR D 431 -5.17 37.02 -13.56
CA TYR D 431 -4.06 36.10 -13.53
C TYR D 431 -2.93 36.55 -14.42
N CYS D 432 -3.15 37.62 -15.17
CA CYS D 432 -2.15 38.01 -16.14
C CYS D 432 -0.82 38.19 -15.42
N GLU D 433 -0.85 38.81 -14.26
CA GLU D 433 0.43 39.06 -13.62
C GLU D 433 1.18 37.75 -13.40
N SER D 434 0.56 36.78 -12.73
CA SER D 434 1.28 35.54 -12.51
C SER D 434 1.74 34.92 -13.82
N PHE D 435 0.94 35.04 -14.87
CA PHE D 435 1.43 34.45 -16.10
C PHE D 435 2.66 35.20 -16.59
N ARG D 436 2.75 36.54 -16.42
CA ARG D 436 3.99 37.19 -16.86
C ARG D 436 5.17 36.87 -15.96
N GLU D 437 4.92 36.70 -14.68
CA GLU D 437 6.04 36.53 -13.80
C GLU D 437 6.61 35.14 -14.11
N GLN D 438 5.76 34.19 -14.49
CA GLN D 438 6.39 32.92 -14.78
C GLN D 438 6.70 32.74 -16.26
N GLN D 439 6.66 33.85 -16.99
CA GLN D 439 6.86 33.94 -18.43
C GLN D 439 6.34 32.73 -19.20
N VAL D 440 5.09 32.34 -18.98
CA VAL D 440 4.40 31.38 -19.82
C VAL D 440 4.27 31.98 -21.21
N ASP D 441 4.70 31.22 -22.23
CA ASP D 441 4.46 31.59 -23.61
C ASP D 441 3.62 30.51 -24.26
N GLY D 442 3.54 30.58 -25.61
CA GLY D 442 2.78 29.64 -26.41
C GLY D 442 2.96 28.17 -26.06
N ASP D 443 4.22 27.69 -26.04
CA ASP D 443 4.40 26.27 -25.88
C ASP D 443 3.94 25.89 -24.49
N LEU D 444 4.22 26.73 -23.51
CA LEU D 444 3.95 26.26 -22.18
C LEU D 444 2.46 26.26 -21.92
N LEU D 445 1.78 27.25 -22.53
CA LEU D 445 0.37 27.40 -22.33
C LEU D 445 -0.27 26.11 -22.75
N LEU D 446 -0.01 25.67 -23.99
CA LEU D 446 -0.61 24.46 -24.54
C LEU D 446 -0.29 23.24 -23.72
N ARG D 447 0.58 23.36 -22.71
CA ARG D 447 0.97 22.14 -22.03
C ARG D 447 0.66 22.22 -20.55
N LEU D 448 -0.17 23.19 -20.12
CA LEU D 448 -0.30 23.44 -18.70
C LEU D 448 -1.01 22.28 -18.06
N THR D 449 -0.60 21.93 -16.85
CA THR D 449 -1.30 20.85 -16.16
C THR D 449 -2.14 21.49 -15.07
N GLU D 450 -3.01 20.70 -14.43
CA GLU D 450 -3.77 21.23 -13.30
C GLU D 450 -2.81 21.69 -12.20
N GLU D 451 -1.78 20.88 -11.93
CA GLU D 451 -0.86 21.13 -10.85
C GLU D 451 -0.15 22.49 -11.05
N GLU D 452 0.35 22.73 -12.25
CA GLU D 452 1.08 23.96 -12.50
C GLU D 452 0.14 25.14 -12.33
N LEU D 453 -1.10 24.91 -12.71
CA LEU D 453 -2.08 25.97 -12.72
C LEU D 453 -2.37 26.33 -11.28
N GLN D 454 -2.51 25.29 -10.46
CA GLN D 454 -2.82 25.46 -9.06
C GLN D 454 -1.66 26.13 -8.34
N THR D 455 -0.51 25.44 -8.39
CA THR D 455 0.61 25.77 -7.55
C THR D 455 1.34 27.00 -8.07
N ASP D 456 1.71 26.97 -9.35
CA ASP D 456 2.78 27.84 -9.82
C ASP D 456 2.14 29.12 -10.30
N LEU D 457 0.97 28.95 -10.87
CA LEU D 457 0.30 30.09 -11.44
C LEU D 457 -0.71 30.65 -10.44
N GLY D 458 -1.01 29.86 -9.40
CA GLY D 458 -1.78 30.36 -8.28
C GLY D 458 -3.29 30.54 -8.50
N MET D 459 -3.91 29.63 -9.24
CA MET D 459 -5.35 29.51 -9.38
C MET D 459 -5.87 28.54 -8.32
N LYS D 460 -6.20 29.07 -7.14
CA LYS D 460 -6.62 28.29 -6.00
C LYS D 460 -7.80 27.36 -6.37
N SER D 461 -8.91 27.93 -6.87
CA SER D 461 -10.22 27.27 -7.00
C SER D 461 -10.29 26.17 -8.06
N GLY D 462 -10.61 24.96 -7.63
CA GLY D 462 -10.96 23.95 -8.61
C GLY D 462 -11.98 24.43 -9.66
N ILE D 463 -12.98 25.18 -9.24
CA ILE D 463 -13.97 25.53 -10.20
C ILE D 463 -13.32 26.51 -11.17
N THR D 464 -12.44 27.32 -10.65
CA THR D 464 -11.82 28.23 -11.60
C THR D 464 -10.87 27.51 -12.53
N ARG D 465 -10.01 26.66 -11.97
CA ARG D 465 -9.25 25.83 -12.90
C ARG D 465 -10.14 25.28 -14.00
N LYS D 466 -11.23 24.64 -13.61
CA LYS D 466 -12.14 24.11 -14.59
C LYS D 466 -12.61 25.19 -15.56
N ARG D 467 -12.87 26.43 -15.15
CA ARG D 467 -13.35 27.26 -16.24
C ARG D 467 -12.18 27.61 -17.13
N PHE D 468 -10.96 27.63 -16.56
CA PHE D 468 -9.79 27.99 -17.33
C PHE D 468 -9.63 26.95 -18.43
N PHE D 469 -9.54 25.69 -17.99
CA PHE D 469 -9.29 24.64 -18.94
C PHE D 469 -10.33 24.64 -20.03
N ARG D 470 -11.56 24.92 -19.68
CA ARG D 470 -12.58 24.96 -20.70
C ARG D 470 -12.21 26.00 -21.73
N GLU D 471 -11.58 27.10 -21.32
CA GLU D 471 -11.33 28.15 -22.29
C GLU D 471 -10.13 27.75 -23.13
N LEU D 472 -9.24 27.01 -22.47
CA LEU D 472 -8.02 26.59 -23.12
C LEU D 472 -8.34 25.59 -24.24
N THR D 473 -9.11 24.58 -23.89
CA THR D 473 -9.59 23.63 -24.87
C THR D 473 -10.23 24.32 -26.05
N GLU D 474 -11.00 25.37 -25.85
CA GLU D 474 -11.46 26.02 -27.06
C GLU D 474 -10.27 26.53 -27.89
N LEU D 475 -9.22 27.05 -27.24
CA LEU D 475 -8.09 27.58 -28.00
C LEU D 475 -7.46 26.45 -28.78
N LYS D 476 -7.06 25.40 -28.04
CA LYS D 476 -6.33 24.28 -28.61
C LYS D 476 -7.07 23.76 -29.81
N THR D 477 -8.39 23.90 -29.81
CA THR D 477 -9.12 23.40 -30.95
C THR D 477 -9.09 24.39 -32.13
N PHE D 478 -8.86 25.66 -31.88
CA PHE D 478 -8.86 26.56 -33.01
C PHE D 478 -7.45 26.63 -33.56
N ALA D 479 -6.47 26.20 -32.78
CA ALA D 479 -5.07 26.41 -33.10
C ALA D 479 -4.67 26.01 -34.51
N ASN D 480 -3.71 26.74 -35.08
CA ASN D 480 -3.09 26.28 -36.30
C ASN D 480 -1.79 25.57 -35.96
N TYR D 481 -1.75 24.26 -36.11
CA TYR D 481 -0.54 23.63 -35.64
C TYR D 481 0.50 23.33 -36.73
N SER D 482 0.56 24.15 -37.77
CA SER D 482 1.30 23.76 -38.97
C SER D 482 2.79 23.64 -38.73
N THR D 483 3.33 24.61 -38.00
CA THR D 483 4.73 24.62 -37.67
C THR D 483 5.11 23.36 -36.90
N CYS D 484 4.18 22.67 -36.27
CA CYS D 484 4.73 21.60 -35.45
C CYS D 484 4.24 20.22 -35.87
N ASP D 485 3.44 20.13 -36.93
CA ASP D 485 2.75 18.87 -37.18
C ASP D 485 2.99 18.40 -38.62
N ARG D 486 3.94 17.50 -38.80
CA ARG D 486 4.35 17.24 -40.17
C ARG D 486 3.39 16.29 -40.89
N SER D 487 2.51 15.63 -40.13
CA SER D 487 1.79 14.49 -40.66
C SER D 487 0.28 14.76 -40.67
N ASN D 488 -0.06 16.02 -40.45
CA ASN D 488 -1.43 16.49 -40.26
C ASN D 488 -2.18 15.60 -39.29
N LEU D 489 -1.55 15.29 -38.18
CA LEU D 489 -2.24 14.53 -37.17
C LEU D 489 -3.47 15.29 -36.69
N ALA D 490 -3.40 16.62 -36.79
CA ALA D 490 -4.54 17.43 -36.43
C ALA D 490 -5.75 16.96 -37.22
N ASP D 491 -5.60 16.78 -38.53
CA ASP D 491 -6.83 16.51 -39.28
C ASP D 491 -7.28 15.10 -39.04
N TRP D 492 -6.34 14.21 -38.80
CA TRP D 492 -6.76 12.86 -38.50
C TRP D 492 -7.55 12.88 -37.21
N LEU D 493 -6.97 13.40 -36.14
CA LEU D 493 -7.71 13.36 -34.90
C LEU D 493 -9.04 14.04 -35.11
N GLY D 494 -9.02 15.08 -35.93
CA GLY D 494 -10.23 15.85 -36.15
C GLY D 494 -11.27 15.05 -36.92
N SER D 495 -10.84 14.03 -37.64
CA SER D 495 -11.86 13.25 -38.29
C SER D 495 -12.55 12.31 -37.32
N LEU D 496 -11.82 11.55 -36.49
CA LEU D 496 -12.53 10.81 -35.47
C LEU D 496 -13.71 11.60 -34.92
N ASP D 497 -13.45 12.86 -34.53
CA ASP D 497 -14.38 13.64 -33.74
C ASP D 497 -13.78 15.02 -33.56
N PRO D 498 -14.42 16.09 -34.06
CA PRO D 498 -13.89 17.46 -33.94
C PRO D 498 -13.41 17.89 -32.56
N ARG D 499 -13.89 17.21 -31.54
CA ARG D 499 -13.46 17.58 -30.22
C ARG D 499 -12.09 17.00 -29.92
N PHE D 500 -11.49 16.28 -30.88
CA PHE D 500 -10.28 15.54 -30.52
C PHE D 500 -9.09 16.33 -30.96
N ARG D 501 -9.40 17.25 -31.87
CA ARG D 501 -8.35 18.03 -32.46
C ARG D 501 -7.54 18.71 -31.39
N GLN D 502 -8.14 18.83 -30.21
CA GLN D 502 -7.51 19.54 -29.12
C GLN D 502 -6.31 18.73 -28.64
N TYR D 503 -6.26 17.44 -28.93
CA TYR D 503 -5.11 16.71 -28.44
C TYR D 503 -3.92 16.81 -29.41
N THR D 504 -4.03 17.60 -30.45
CA THR D 504 -2.95 17.54 -31.39
C THR D 504 -1.60 17.78 -30.73
N TYR D 505 -1.46 18.94 -30.11
CA TYR D 505 -0.13 19.32 -29.67
C TYR D 505 0.42 18.28 -28.69
N GLY D 506 -0.41 17.82 -27.77
CA GLY D 506 0.07 16.79 -26.88
C GLY D 506 0.62 15.54 -27.58
N LEU D 507 0.10 15.22 -28.76
CA LEU D 507 0.57 14.04 -29.43
C LEU D 507 1.79 14.41 -30.24
N VAL D 508 1.81 15.59 -30.87
CA VAL D 508 2.99 15.83 -31.66
C VAL D 508 4.21 16.15 -30.80
N SER D 509 4.01 16.28 -29.51
CA SER D 509 5.13 16.58 -28.65
C SER D 509 5.81 15.30 -28.19
N CYS D 510 5.05 14.26 -27.88
CA CYS D 510 5.62 12.93 -27.70
C CYS D 510 6.13 12.38 -29.03
N GLY D 511 6.06 13.22 -30.06
CA GLY D 511 6.73 12.86 -31.29
C GLY D 511 5.95 11.91 -32.19
N LEU D 512 4.92 11.21 -31.67
CA LEU D 512 4.01 10.44 -32.52
C LEU D 512 3.67 11.23 -33.76
N ASP D 513 3.60 10.51 -34.86
CA ASP D 513 3.10 11.05 -36.09
C ASP D 513 2.14 9.99 -36.59
N ARG D 514 1.59 10.22 -37.79
CA ARG D 514 0.60 9.30 -38.34
C ARG D 514 1.18 7.89 -38.44
N SER D 515 2.40 7.76 -38.95
CA SER D 515 2.98 6.44 -39.12
C SER D 515 3.21 5.73 -37.78
N LEU D 516 3.36 6.45 -36.67
CA LEU D 516 3.76 5.72 -35.47
C LEU D 516 2.53 5.38 -34.67
N LEU D 517 1.39 5.88 -35.15
CA LEU D 517 0.29 5.99 -34.21
C LEU D 517 -0.21 4.60 -33.90
N HIS D 518 -0.11 3.71 -34.91
CA HIS D 518 -0.59 2.35 -34.83
C HIS D 518 0.04 1.54 -33.69
N ARG D 519 1.00 2.13 -32.97
CA ARG D 519 1.79 1.35 -32.03
C ARG D 519 1.64 1.82 -30.59
N VAL D 520 0.89 2.90 -30.36
CA VAL D 520 0.89 3.56 -29.06
C VAL D 520 0.04 2.72 -28.10
N SER D 521 0.27 2.87 -26.80
CA SER D 521 -0.52 2.13 -25.83
C SER D 521 -1.48 3.08 -25.14
N GLU D 522 -2.49 2.53 -24.47
CA GLU D 522 -3.39 3.32 -23.63
C GLU D 522 -2.57 4.09 -22.61
N GLN D 523 -1.52 3.47 -22.08
CA GLN D 523 -0.79 4.12 -21.02
C GLN D 523 -0.09 5.37 -21.57
N GLN D 524 0.66 5.19 -22.66
CA GLN D 524 1.27 6.33 -23.31
C GLN D 524 0.27 7.47 -23.50
N LEU D 525 -0.86 7.19 -24.17
CA LEU D 525 -1.81 8.26 -24.43
C LEU D 525 -2.13 8.99 -23.15
N LEU D 526 -2.18 8.25 -22.04
CA LEU D 526 -2.62 8.88 -20.81
C LEU D 526 -1.51 9.76 -20.27
N GLU D 527 -0.31 9.17 -20.07
CA GLU D 527 0.73 9.86 -19.33
C GLU D 527 1.46 10.82 -20.26
N ASP D 528 2.08 10.26 -21.30
CA ASP D 528 2.82 11.05 -22.25
C ASP D 528 1.96 12.18 -22.79
N CYS D 529 0.85 11.85 -23.47
CA CYS D 529 0.23 12.85 -24.33
C CYS D 529 -0.86 13.61 -23.59
N GLY D 530 -1.10 13.17 -22.36
CA GLY D 530 -2.02 13.83 -21.45
C GLY D 530 -3.47 13.81 -21.91
N ILE D 531 -3.89 12.76 -22.62
CA ILE D 531 -5.31 12.60 -22.85
C ILE D 531 -5.92 11.99 -21.60
N HIS D 532 -6.90 12.68 -21.00
CA HIS D 532 -7.27 12.36 -19.63
C HIS D 532 -8.51 11.49 -19.56
N LEU D 533 -9.47 11.78 -20.43
CA LEU D 533 -10.71 11.03 -20.54
C LEU D 533 -10.48 9.65 -21.15
N GLY D 534 -10.55 8.60 -20.33
CA GLY D 534 -10.52 7.23 -20.80
C GLY D 534 -11.31 7.01 -22.10
N VAL D 535 -12.48 7.66 -22.19
CA VAL D 535 -13.38 7.31 -23.26
C VAL D 535 -12.70 7.77 -24.52
N HIS D 536 -12.07 8.94 -24.40
CA HIS D 536 -11.45 9.57 -25.53
C HIS D 536 -10.24 8.75 -25.93
N ARG D 537 -9.45 8.31 -24.93
CA ARG D 537 -8.26 7.51 -25.22
C ARG D 537 -8.68 6.36 -26.12
N ALA D 538 -9.49 5.52 -25.50
CA ALA D 538 -10.09 4.39 -26.16
C ALA D 538 -10.54 4.72 -27.57
N ARG D 539 -11.25 5.82 -27.85
CA ARG D 539 -11.61 5.94 -29.26
C ARG D 539 -10.39 6.21 -30.13
N ILE D 540 -9.39 6.96 -29.62
CA ILE D 540 -8.27 7.36 -30.46
C ILE D 540 -7.51 6.10 -30.78
N LEU D 541 -7.33 5.33 -29.72
CA LEU D 541 -6.48 4.18 -29.74
C LEU D 541 -6.98 3.16 -30.74
N THR D 542 -8.24 2.81 -30.61
CA THR D 542 -8.97 2.06 -31.61
C THR D 542 -8.80 2.59 -33.02
N ALA D 543 -8.94 3.89 -33.25
CA ALA D 543 -8.89 4.24 -34.64
C ALA D 543 -7.45 4.17 -35.10
N ALA D 544 -6.53 4.25 -34.13
CA ALA D 544 -5.14 4.07 -34.47
C ALA D 544 -4.93 2.69 -35.05
N ARG D 545 -5.49 1.69 -34.38
CA ARG D 545 -5.21 0.32 -34.74
C ARG D 545 -5.88 -0.05 -36.06
N GLU D 546 -6.87 0.73 -36.50
CA GLU D 546 -7.43 0.57 -37.83
C GLU D 546 -6.53 1.23 -38.86
N MET D 547 -5.60 2.06 -38.39
CA MET D 547 -4.60 2.71 -39.24
C MET D 547 -3.37 1.82 -39.37
N LEU D 548 -3.39 0.65 -38.72
CA LEU D 548 -2.32 -0.31 -38.84
C LEU D 548 -2.23 -0.77 -40.31
N HIS D 549 -3.40 -1.13 -40.86
CA HIS D 549 -3.54 -1.55 -42.25
C HIS D 549 -3.83 -0.35 -43.15
N SER D 550 -4.10 0.81 -42.55
CA SER D 550 -4.34 2.05 -43.28
C SER D 550 -3.36 3.15 -42.86
N PRO D 551 -2.02 3.02 -43.07
CA PRO D 551 -1.06 4.01 -42.59
C PRO D 551 -1.08 5.30 -43.43
N ASP D 562 25.30 11.75 -60.15
CA ASP D 562 26.01 12.24 -61.36
C ASP D 562 25.13 12.10 -62.60
N THR D 563 23.95 11.49 -62.43
CA THR D 563 23.05 11.16 -63.54
C THR D 563 21.69 11.84 -63.36
N PRO D 564 21.54 13.13 -63.72
CA PRO D 564 20.23 13.72 -64.01
C PRO D 564 19.78 13.32 -65.41
N ASP D 565 18.46 13.35 -65.63
CA ASP D 565 17.89 13.07 -66.94
C ASP D 565 18.42 14.07 -67.97
N VAL D 566 18.42 15.36 -67.59
CA VAL D 566 18.79 16.46 -68.47
C VAL D 566 19.83 17.32 -67.77
N PHE D 567 20.65 18.02 -68.58
CA PHE D 567 21.48 19.13 -68.11
C PHE D 567 21.28 20.33 -69.03
N ILE D 568 21.09 21.50 -68.41
CA ILE D 568 21.00 22.77 -69.12
C ILE D 568 22.28 23.58 -68.91
N SER D 569 23.00 23.80 -70.01
CA SER D 569 24.21 24.62 -70.06
C SER D 569 23.91 25.93 -70.79
N TYR D 570 24.43 27.05 -70.25
CA TYR D 570 24.04 28.38 -70.68
C TYR D 570 24.92 29.42 -69.99
N ARG D 571 24.88 30.65 -70.54
CA ARG D 571 25.56 31.81 -70.00
C ARG D 571 24.72 32.41 -68.87
N ARG D 572 25.29 32.48 -67.66
CA ARG D 572 24.58 32.99 -66.50
C ARG D 572 24.15 34.44 -66.71
N ASN D 573 24.87 35.15 -67.58
CA ASN D 573 24.62 36.56 -67.83
C ASN D 573 23.45 36.76 -68.79
N SER D 574 23.22 35.79 -69.71
CA SER D 574 22.26 35.99 -70.79
C SER D 574 21.12 34.97 -70.76
N GLY D 575 21.46 33.68 -70.62
CA GLY D 575 20.51 32.59 -70.74
C GLY D 575 19.99 32.08 -69.39
N SER D 576 20.32 32.79 -68.30
CA SER D 576 19.93 32.45 -66.94
C SER D 576 18.42 32.27 -66.82
N GLN D 577 17.68 33.15 -67.52
CA GLN D 577 16.23 33.16 -67.52
C GLN D 577 15.70 31.85 -68.10
N LEU D 578 16.02 31.60 -69.38
CA LEU D 578 15.53 30.44 -70.12
C LEU D 578 15.87 29.15 -69.37
N ALA D 579 17.09 29.09 -68.82
CA ALA D 579 17.62 27.95 -68.09
C ALA D 579 16.63 27.46 -67.03
N SER D 580 16.33 28.33 -66.06
CA SER D 580 15.41 28.07 -64.97
C SER D 580 14.06 27.62 -65.51
N LEU D 581 13.49 28.45 -66.39
CA LEU D 581 12.19 28.27 -67.02
C LEU D 581 12.03 26.85 -67.55
N LEU D 582 13.03 26.38 -68.33
CA LEU D 582 13.07 25.05 -68.90
C LEU D 582 13.06 23.99 -67.79
N LYS D 583 14.00 24.12 -66.83
CA LYS D 583 14.13 23.20 -65.72
C LYS D 583 12.76 22.95 -65.07
N VAL D 584 12.10 24.04 -64.67
CA VAL D 584 10.76 24.02 -64.06
C VAL D 584 9.84 23.16 -64.92
N HIS D 585 9.65 23.61 -66.17
CA HIS D 585 8.76 23.00 -67.14
C HIS D 585 9.04 21.51 -67.27
N LEU D 586 10.32 21.16 -67.39
CA LEU D 586 10.74 19.79 -67.60
C LEU D 586 10.53 18.97 -66.32
N GLN D 587 10.70 19.61 -65.15
CA GLN D 587 10.54 18.93 -63.87
C GLN D 587 9.08 18.58 -63.62
N LEU D 588 8.19 19.51 -64.00
CA LEU D 588 6.75 19.26 -64.04
C LEU D 588 6.45 18.02 -64.88
N HIS D 589 7.20 17.88 -65.99
CA HIS D 589 6.94 16.86 -67.00
C HIS D 589 7.76 15.58 -66.74
N GLY D 590 8.36 15.49 -65.55
CA GLY D 590 8.93 14.24 -65.05
C GLY D 590 10.38 14.00 -65.47
N PHE D 591 11.08 15.07 -65.86
CA PHE D 591 12.53 15.03 -66.04
C PHE D 591 13.21 15.68 -64.83
N SER D 592 14.14 14.94 -64.23
CA SER D 592 15.09 15.50 -63.27
C SER D 592 16.17 16.24 -64.05
N VAL D 593 16.30 17.54 -63.76
CA VAL D 593 17.19 18.40 -64.54
C VAL D 593 18.34 18.88 -63.65
N PHE D 594 19.41 19.32 -64.31
CA PHE D 594 20.55 19.96 -63.69
C PHE D 594 20.86 21.26 -64.43
N ILE D 595 21.39 22.24 -63.67
CA ILE D 595 21.59 23.58 -64.15
C ILE D 595 23.07 23.93 -64.02
N ASP D 596 23.54 24.78 -64.94
CA ASP D 596 24.91 25.25 -65.04
C ASP D 596 25.16 26.33 -63.99
N VAL D 597 25.21 25.93 -62.71
CA VAL D 597 25.54 26.85 -61.63
C VAL D 597 27.01 27.24 -61.79
N GLU D 598 27.24 28.31 -62.56
CA GLU D 598 28.56 28.81 -62.88
C GLU D 598 29.01 29.78 -61.78
N LYS D 599 29.77 29.25 -60.82
CA LYS D 599 30.27 30.02 -59.68
C LYS D 599 31.53 29.35 -59.11
N LEU D 600 31.78 28.11 -59.55
CA LEU D 600 32.73 27.21 -58.91
C LEU D 600 33.86 26.81 -59.87
N GLU D 601 35.10 26.88 -59.37
CA GLU D 601 36.31 26.63 -60.14
C GLU D 601 37.18 25.57 -59.46
N ALA D 602 36.91 25.32 -58.16
CA ALA D 602 37.73 24.45 -57.33
C ALA D 602 37.31 22.99 -57.49
N GLY D 603 38.19 22.09 -57.03
CA GLY D 603 37.97 20.66 -57.08
C GLY D 603 38.35 20.07 -58.44
N LYS D 604 39.65 20.17 -58.76
CA LYS D 604 40.26 19.72 -60.01
C LYS D 604 39.51 20.30 -61.20
N PHE D 605 39.66 21.62 -61.38
CA PHE D 605 38.98 22.41 -62.40
C PHE D 605 37.52 21.97 -62.58
N GLU D 606 36.78 21.93 -61.46
CA GLU D 606 35.38 21.52 -61.39
C GLU D 606 35.13 20.24 -62.20
N ASP D 607 35.68 19.11 -61.73
CA ASP D 607 35.42 17.83 -62.37
C ASP D 607 34.02 17.33 -62.01
N LYS D 608 33.51 17.77 -60.85
CA LYS D 608 32.18 17.42 -60.37
C LYS D 608 31.11 18.01 -61.29
N LEU D 609 31.39 19.20 -61.83
CA LEU D 609 30.54 19.87 -62.80
C LEU D 609 30.25 18.92 -63.96
N ILE D 610 31.29 18.29 -64.50
CA ILE D 610 31.13 17.47 -65.69
C ILE D 610 30.66 16.06 -65.34
N GLN D 611 30.95 15.57 -64.13
CA GLN D 611 30.37 14.28 -63.72
C GLN D 611 28.87 14.31 -63.99
N SER D 612 28.24 15.47 -63.70
CA SER D 612 26.82 15.68 -63.95
C SER D 612 26.50 15.65 -65.44
N VAL D 613 27.29 16.38 -66.26
CA VAL D 613 27.05 16.51 -67.70
C VAL D 613 27.27 15.17 -68.40
N MET D 614 28.44 14.56 -68.16
CA MET D 614 28.84 13.26 -68.69
C MET D 614 27.77 12.20 -68.37
N GLY D 615 27.11 12.37 -67.22
CA GLY D 615 26.05 11.48 -66.78
C GLY D 615 24.66 11.89 -67.28
N ALA D 616 24.49 13.19 -67.55
CA ALA D 616 23.22 13.72 -68.03
C ALA D 616 22.92 13.19 -69.43
N ARG D 617 21.95 12.26 -69.51
CA ARG D 617 21.58 11.61 -70.76
C ARG D 617 21.29 12.66 -71.82
N ASN D 618 20.39 13.59 -71.47
CA ASN D 618 19.98 14.68 -72.34
C ASN D 618 20.76 15.94 -71.97
N PHE D 619 21.13 16.70 -73.00
CA PHE D 619 21.83 17.95 -72.84
C PHE D 619 21.07 19.06 -73.57
N VAL D 620 20.43 19.94 -72.80
CA VAL D 620 19.87 21.16 -73.35
C VAL D 620 20.96 22.24 -73.33
N LEU D 621 21.18 22.85 -74.49
CA LEU D 621 22.03 24.02 -74.62
C LEU D 621 21.14 25.23 -74.90
N VAL D 622 21.19 26.21 -74.00
CA VAL D 622 20.47 27.46 -74.19
C VAL D 622 21.32 28.38 -75.06
N LEU D 623 20.87 28.55 -76.29
CA LEU D 623 21.53 29.41 -77.26
C LEU D 623 20.79 30.73 -77.36
N SER D 624 21.21 31.64 -76.47
CA SER D 624 20.89 33.06 -76.49
C SER D 624 21.76 33.75 -77.53
N PRO D 625 21.49 35.02 -77.93
CA PRO D 625 22.37 35.75 -78.85
C PRO D 625 23.79 35.81 -78.31
N GLY D 626 24.67 35.00 -78.91
CA GLY D 626 26.07 34.89 -78.50
C GLY D 626 26.22 34.25 -77.12
N ALA D 627 25.89 32.96 -77.04
CA ALA D 627 26.03 32.18 -75.81
C ALA D 627 27.34 31.40 -75.79
N LEU D 628 28.14 31.55 -76.87
CA LEU D 628 29.32 30.72 -77.09
C LEU D 628 30.60 31.57 -77.08
N ASP D 629 30.58 32.70 -76.36
CA ASP D 629 31.65 33.67 -76.37
C ASP D 629 32.94 33.09 -75.77
N LYS D 630 32.86 32.63 -74.52
CA LYS D 630 34.01 32.09 -73.81
C LYS D 630 34.38 30.72 -74.36
N CYS D 631 33.40 30.02 -74.95
CA CYS D 631 33.62 28.74 -75.62
C CYS D 631 34.45 28.95 -76.87
N MET D 632 34.19 30.07 -77.58
CA MET D 632 34.92 30.45 -78.78
C MET D 632 36.42 30.47 -78.48
N GLN D 633 37.13 29.56 -79.17
CA GLN D 633 38.57 29.37 -79.13
C GLN D 633 39.06 29.15 -77.68
N ASP D 634 38.31 28.33 -76.92
CA ASP D 634 38.70 27.97 -75.57
C ASP D 634 39.53 26.68 -75.60
N HIS D 635 40.83 26.86 -75.83
CA HIS D 635 41.75 25.77 -76.09
C HIS D 635 42.23 25.13 -74.78
N ASP D 636 42.13 25.89 -73.68
CA ASP D 636 42.46 25.40 -72.35
C ASP D 636 41.30 24.58 -71.79
N CYS D 637 40.16 24.60 -72.50
CA CYS D 637 38.93 23.93 -72.09
C CYS D 637 38.63 24.27 -70.63
N LYS D 638 38.51 25.58 -70.35
CA LYS D 638 38.38 26.08 -68.99
C LYS D 638 37.01 26.71 -68.75
N ASP D 639 36.42 27.31 -69.79
CA ASP D 639 35.05 27.82 -69.72
C ASP D 639 34.09 26.64 -69.56
N TRP D 640 33.26 26.71 -68.50
CA TRP D 640 32.33 25.66 -68.08
C TRP D 640 31.38 25.23 -69.20
N VAL D 641 30.92 26.21 -70.00
CA VAL D 641 30.00 25.96 -71.10
C VAL D 641 30.74 25.14 -72.15
N HIS D 642 31.91 25.63 -72.58
CA HIS D 642 32.78 24.96 -73.55
C HIS D 642 32.99 23.50 -73.15
N LYS D 643 33.65 23.33 -72.01
CA LYS D 643 33.85 22.09 -71.27
C LYS D 643 32.66 21.14 -71.42
N GLN D 644 31.47 21.58 -70.98
CA GLN D 644 30.26 20.77 -70.93
C GLN D 644 29.90 20.27 -72.34
N ILE D 645 29.87 21.19 -73.31
CA ILE D 645 29.59 20.88 -74.71
C ILE D 645 30.44 19.68 -75.13
N VAL D 646 31.75 19.81 -74.90
CA VAL D 646 32.77 18.84 -75.25
C VAL D 646 32.44 17.48 -74.63
N THR D 647 32.22 17.48 -73.30
CA THR D 647 32.06 16.26 -72.50
C THR D 647 30.76 15.54 -72.87
N ALA D 648 29.71 16.32 -73.16
CA ALA D 648 28.44 15.80 -73.67
C ALA D 648 28.67 15.12 -75.02
N LEU D 649 29.27 15.85 -75.97
CA LEU D 649 29.66 15.35 -77.27
C LEU D 649 30.50 14.09 -77.14
N SER D 650 31.46 14.12 -76.19
CA SER D 650 32.34 13.00 -75.86
C SER D 650 31.52 11.76 -75.53
N CYS D 651 30.55 11.92 -74.62
CA CYS D 651 29.75 10.83 -74.10
C CYS D 651 28.63 10.46 -75.07
N GLY D 652 28.54 11.21 -76.18
CA GLY D 652 27.51 11.04 -77.19
C GLY D 652 26.11 11.29 -76.61
N LYS D 653 25.93 12.47 -76.02
CA LYS D 653 24.70 12.79 -75.31
C LYS D 653 23.73 13.51 -76.23
N ASN D 654 22.44 13.34 -75.93
CA ASN D 654 21.33 13.89 -76.68
C ASN D 654 21.31 15.42 -76.52
N ILE D 655 21.83 16.11 -77.53
CA ILE D 655 21.99 17.56 -77.47
C ILE D 655 20.82 18.22 -78.21
N VAL D 656 20.07 19.05 -77.46
CA VAL D 656 18.96 19.82 -77.98
C VAL D 656 19.25 21.30 -77.73
N PRO D 657 19.76 22.03 -78.75
CA PRO D 657 19.89 23.49 -78.68
C PRO D 657 18.52 24.17 -78.66
N ILE D 658 18.37 25.16 -77.77
CA ILE D 658 17.14 25.94 -77.69
C ILE D 658 17.45 27.37 -78.14
N ILE D 659 16.75 27.77 -79.22
CA ILE D 659 17.11 28.93 -80.01
C ILE D 659 16.20 30.09 -79.62
N ASP D 660 16.84 31.13 -79.05
CA ASP D 660 16.17 32.32 -78.57
C ASP D 660 17.08 33.52 -78.87
N GLY D 661 17.21 33.83 -80.17
CA GLY D 661 17.97 34.97 -80.65
C GLY D 661 19.38 34.61 -81.11
N PHE D 662 19.71 33.30 -81.10
CA PHE D 662 21.02 32.82 -81.48
C PHE D 662 21.24 32.95 -82.99
N GLU D 663 22.32 33.65 -83.35
CA GLU D 663 22.87 33.65 -84.70
C GLU D 663 24.00 32.62 -84.76
N TRP D 664 23.88 31.68 -85.71
CA TRP D 664 24.78 30.55 -85.86
C TRP D 664 26.13 31.00 -86.40
N PRO D 665 27.24 30.76 -85.66
CA PRO D 665 28.58 31.18 -86.10
C PRO D 665 29.24 30.21 -87.08
N GLU D 666 30.46 30.54 -87.49
CA GLU D 666 31.34 29.61 -88.18
C GLU D 666 31.82 28.56 -87.17
N PRO D 667 31.75 27.25 -87.50
CA PRO D 667 32.29 26.20 -86.63
C PRO D 667 33.77 26.40 -86.31
N GLN D 668 34.51 26.96 -87.27
CA GLN D 668 35.95 27.21 -87.17
C GLN D 668 36.28 28.16 -86.02
N VAL D 669 35.32 29.03 -85.64
CA VAL D 669 35.50 29.97 -84.54
C VAL D 669 35.40 29.23 -83.20
N LEU D 670 34.79 28.04 -83.20
CA LEU D 670 34.76 27.14 -82.05
C LEU D 670 35.95 26.19 -82.11
N PRO D 671 36.47 25.71 -80.95
CA PRO D 671 37.39 24.57 -80.94
C PRO D 671 36.69 23.33 -81.50
N GLU D 672 37.47 22.49 -82.20
CA GLU D 672 37.01 21.36 -82.98
C GLU D 672 36.19 20.40 -82.12
N ASP D 673 36.60 20.28 -80.85
CA ASP D 673 36.01 19.40 -79.85
C ASP D 673 34.54 19.73 -79.59
N MET D 674 34.09 20.91 -80.06
CA MET D 674 32.76 21.41 -79.73
C MET D 674 32.04 22.00 -80.95
N GLN D 675 32.72 22.02 -82.12
CA GLN D 675 32.21 22.60 -83.35
C GLN D 675 30.90 21.92 -83.78
N ALA D 676 30.81 20.60 -83.55
CA ALA D 676 29.74 19.74 -84.03
C ALA D 676 28.44 19.99 -83.29
N VAL D 677 28.48 20.77 -82.20
CA VAL D 677 27.29 21.11 -81.44
C VAL D 677 26.35 21.99 -82.27
N LEU D 678 26.90 22.67 -83.28
CA LEU D 678 26.15 23.49 -84.22
C LEU D 678 25.37 22.61 -85.20
N THR D 679 25.69 21.30 -85.22
CA THR D 679 25.14 20.38 -86.19
C THR D 679 24.00 19.57 -85.56
N PHE D 680 23.51 20.04 -84.40
CA PHE D 680 22.31 19.52 -83.76
C PHE D 680 21.14 20.43 -84.05
N ASN D 681 20.02 19.82 -84.46
CA ASN D 681 18.79 20.52 -84.82
C ASN D 681 18.13 21.06 -83.56
N GLY D 682 17.96 22.39 -83.53
CA GLY D 682 17.48 23.12 -82.36
C GLY D 682 16.00 23.48 -82.44
N ILE D 683 15.45 23.92 -81.29
CA ILE D 683 14.04 24.27 -81.20
C ILE D 683 13.92 25.76 -80.87
N LYS D 684 13.08 26.44 -81.69
CA LYS D 684 12.73 27.84 -81.54
C LYS D 684 11.97 28.04 -80.24
N TRP D 685 12.53 28.89 -79.36
CA TRP D 685 11.87 29.27 -78.12
C TRP D 685 10.84 30.37 -78.38
N SER D 686 9.66 30.19 -77.77
CA SER D 686 8.62 31.21 -77.72
C SER D 686 8.04 31.26 -76.30
N HIS D 687 8.09 32.45 -75.70
CA HIS D 687 7.49 32.72 -74.40
C HIS D 687 5.97 32.72 -74.51
N GLU D 688 5.48 33.11 -75.70
CA GLU D 688 4.07 33.29 -76.01
C GLU D 688 3.34 31.94 -75.98
N TYR D 689 3.85 30.96 -76.74
CA TYR D 689 3.34 29.61 -76.70
C TYR D 689 4.36 28.70 -76.01
N GLN D 690 4.62 29.02 -74.73
CA GLN D 690 5.64 28.39 -73.91
C GLN D 690 5.43 26.88 -73.85
N GLU D 691 4.20 26.46 -73.54
CA GLU D 691 3.83 25.08 -73.28
C GLU D 691 4.03 24.22 -74.52
N ALA D 692 3.63 24.76 -75.69
CA ALA D 692 3.74 24.10 -76.98
C ALA D 692 5.21 23.80 -77.29
N THR D 693 6.06 24.80 -77.05
CA THR D 693 7.51 24.74 -77.25
C THR D 693 8.09 23.63 -76.35
N ILE D 694 7.58 23.56 -75.12
CA ILE D 694 8.02 22.65 -74.08
C ILE D 694 7.78 21.19 -74.51
N GLU D 695 6.60 20.94 -75.08
CA GLU D 695 6.19 19.61 -75.53
C GLU D 695 7.13 19.09 -76.62
N LYS D 696 7.49 19.99 -77.54
CA LYS D 696 8.40 19.68 -78.63
C LYS D 696 9.79 19.36 -78.08
N ILE D 697 10.23 20.13 -77.07
CA ILE D 697 11.55 19.95 -76.47
C ILE D 697 11.62 18.58 -75.80
N ILE D 698 10.55 18.23 -75.06
CA ILE D 698 10.38 16.94 -74.39
C ILE D 698 10.46 15.81 -75.41
N ARG D 699 9.84 16.02 -76.59
CA ARG D 699 9.84 15.06 -77.69
C ARG D 699 11.26 14.77 -78.16
N PHE D 700 12.12 15.79 -78.09
CA PHE D 700 13.49 15.72 -78.57
C PHE D 700 14.39 15.07 -77.53
N LEU D 701 13.93 15.09 -76.27
CA LEU D 701 14.64 14.46 -75.16
C LEU D 701 14.44 12.95 -75.20
N GLN D 702 15.47 12.22 -74.75
CA GLN D 702 15.54 10.77 -74.86
C GLN D 702 15.84 10.16 -73.48
N GLY E 58 -67.70 33.62 26.89
CA GLY E 58 -68.70 33.98 25.86
C GLY E 58 -69.25 32.75 25.14
N ALA E 59 -68.34 31.90 24.66
CA ALA E 59 -68.69 30.65 24.00
C ALA E 59 -69.13 29.63 25.04
N GLY E 60 -68.27 29.40 26.05
CA GLY E 60 -68.51 28.47 27.14
C GLY E 60 -69.86 28.72 27.82
N THR E 61 -70.16 29.99 28.08
CA THR E 61 -71.40 30.41 28.72
C THR E 61 -72.62 29.83 28.00
N GLU E 62 -72.53 29.76 26.66
CA GLU E 62 -73.58 29.27 25.79
C GLU E 62 -73.58 27.74 25.77
N VAL E 63 -72.37 27.15 25.75
CA VAL E 63 -72.18 25.70 25.80
C VAL E 63 -72.78 25.17 27.10
N GLN E 64 -72.42 25.82 28.22
CA GLN E 64 -72.97 25.53 29.54
C GLN E 64 -74.49 25.65 29.49
N ASP E 65 -74.99 26.79 29.00
CA ASP E 65 -76.39 27.10 28.82
C ASP E 65 -77.09 25.97 28.06
N ALA E 66 -76.47 25.54 26.96
CA ALA E 66 -76.94 24.42 26.14
C ALA E 66 -77.08 23.16 27.01
N LEU E 67 -75.98 22.74 27.63
CA LEU E 67 -75.90 21.51 28.43
C LEU E 67 -76.96 21.49 29.53
N GLU E 68 -77.31 22.68 30.04
CA GLU E 68 -78.31 22.88 31.07
C GLU E 68 -79.69 22.50 30.56
N ARG E 69 -79.91 22.67 29.25
CA ARG E 69 -81.15 22.22 28.66
C ARG E 69 -80.96 20.82 28.09
N ALA E 70 -79.84 20.61 27.37
CA ALA E 70 -79.57 19.45 26.52
C ALA E 70 -79.38 18.17 27.31
N LEU E 71 -78.66 18.23 28.44
CA LEU E 71 -78.41 17.03 29.25
C LEU E 71 -79.71 16.48 29.83
N PRO E 72 -80.57 17.29 30.52
CA PRO E 72 -81.91 16.84 30.91
C PRO E 72 -82.82 16.42 29.75
N GLU E 73 -82.56 16.99 28.56
CA GLU E 73 -83.25 16.63 27.33
C GLU E 73 -82.77 15.27 26.85
N LEU E 74 -81.48 14.99 27.03
CA LEU E 74 -80.88 13.69 26.79
C LEU E 74 -81.44 12.68 27.79
N GLN E 75 -81.79 13.16 28.99
CA GLN E 75 -82.41 12.34 30.03
C GLN E 75 -83.88 12.14 29.71
N GLN E 76 -84.53 13.16 29.15
CA GLN E 76 -85.88 13.08 28.62
C GLN E 76 -85.92 12.01 27.52
N ALA E 77 -84.85 11.97 26.74
CA ALA E 77 -84.62 10.93 25.74
C ALA E 77 -84.29 9.61 26.42
N LEU E 78 -83.49 9.65 27.51
CA LEU E 78 -83.04 8.41 28.15
C LEU E 78 -84.22 7.62 28.70
N SER E 79 -85.25 8.36 29.16
CA SER E 79 -86.52 7.80 29.58
C SER E 79 -87.15 7.01 28.42
N ALA E 80 -87.21 7.65 27.24
CA ALA E 80 -87.78 7.08 26.04
C ALA E 80 -86.88 5.98 25.49
N LEU E 81 -85.55 6.16 25.65
CA LEU E 81 -84.52 5.23 25.18
C LEU E 81 -84.76 3.83 25.74
N LYS E 82 -85.51 3.75 26.84
CA LYS E 82 -85.79 2.51 27.55
C LYS E 82 -86.72 1.61 26.75
N GLN E 83 -87.63 2.21 25.98
CA GLN E 83 -88.63 1.46 25.21
C GLN E 83 -88.21 1.35 23.75
N ALA E 84 -89.13 0.83 22.92
CA ALA E 84 -88.91 0.60 21.50
C ALA E 84 -89.66 1.64 20.66
N GLY E 85 -89.46 1.57 19.34
CA GLY E 85 -90.03 2.53 18.40
C GLY E 85 -91.26 1.99 17.66
N GLY E 86 -91.69 0.78 18.04
CA GLY E 86 -92.94 0.18 17.57
C GLY E 86 -94.13 1.11 17.77
N ALA E 87 -94.27 1.63 19.01
CA ALA E 87 -95.32 2.56 19.37
C ALA E 87 -94.77 3.98 19.45
N ARG E 88 -93.63 4.21 18.78
CA ARG E 88 -92.91 5.48 18.73
C ARG E 88 -92.61 6.02 20.13
N ALA E 89 -92.45 5.10 21.09
CA ALA E 89 -92.02 5.45 22.44
C ALA E 89 -90.60 6.01 22.38
N VAL E 90 -89.68 5.25 21.77
CA VAL E 90 -88.35 5.76 21.47
C VAL E 90 -88.39 6.60 20.18
N GLY E 91 -89.31 6.25 19.27
CA GLY E 91 -89.49 6.93 18.00
C GLY E 91 -89.53 8.45 18.14
N ALA E 92 -90.45 8.93 19.00
CA ALA E 92 -90.57 10.34 19.34
C ALA E 92 -89.28 10.81 20.00
N GLY E 93 -88.85 10.09 21.04
CA GLY E 93 -87.64 10.36 21.79
C GLY E 93 -86.42 10.57 20.89
N LEU E 94 -86.28 9.69 19.89
CA LEU E 94 -85.22 9.75 18.89
C LEU E 94 -85.36 11.02 18.05
N ALA E 95 -86.56 11.19 17.47
CA ALA E 95 -86.91 12.37 16.68
C ALA E 95 -86.60 13.65 17.46
N GLU E 96 -86.82 13.59 18.80
CA GLU E 96 -86.53 14.68 19.70
C GLU E 96 -85.03 14.92 19.80
N VAL E 97 -84.30 13.94 20.35
CA VAL E 97 -82.89 14.10 20.69
C VAL E 97 -82.03 14.27 19.44
N PHE E 98 -82.39 13.57 18.35
CA PHE E 98 -81.72 13.73 17.06
C PHE E 98 -81.80 15.20 16.63
N GLN E 99 -83.00 15.78 16.71
CA GLN E 99 -83.24 17.16 16.33
C GLN E 99 -82.73 18.11 17.41
N LEU E 100 -82.61 17.63 18.65
CA LEU E 100 -82.09 18.42 19.74
C LEU E 100 -80.58 18.63 19.57
N VAL E 101 -79.88 17.58 19.13
CA VAL E 101 -78.46 17.68 18.84
C VAL E 101 -78.26 18.27 17.43
N GLU E 102 -79.34 18.36 16.65
CA GLU E 102 -79.33 19.04 15.37
C GLU E 102 -79.54 20.53 15.58
N GLU E 103 -80.35 20.89 16.58
CA GLU E 103 -80.50 22.25 17.06
C GLU E 103 -79.19 22.68 17.72
N ALA E 104 -78.51 21.73 18.35
CA ALA E 104 -77.21 21.94 18.98
C ALA E 104 -76.08 21.75 17.97
N TRP E 105 -76.40 21.23 16.77
CA TRP E 105 -75.43 21.13 15.68
C TRP E 105 -75.23 22.50 15.03
N LEU E 106 -76.18 23.41 15.27
CA LEU E 106 -76.09 24.81 14.86
C LEU E 106 -75.07 25.55 15.73
N LEU E 107 -74.74 24.96 16.89
CA LEU E 107 -73.88 25.59 17.88
C LEU E 107 -72.41 25.62 17.45
N PRO E 108 -71.81 24.53 16.91
CA PRO E 108 -70.49 24.61 16.26
C PRO E 108 -70.32 25.79 15.31
N ALA E 109 -71.41 26.14 14.59
CA ALA E 109 -71.45 27.30 13.73
C ALA E 109 -71.58 28.57 14.57
N VAL E 110 -72.53 28.57 15.51
CA VAL E 110 -72.76 29.69 16.43
C VAL E 110 -71.45 30.05 17.13
N GLY E 111 -70.79 29.03 17.69
CA GLY E 111 -69.48 29.18 18.32
C GLY E 111 -68.37 28.65 17.41
N ARG E 112 -67.60 27.70 17.95
CA ARG E 112 -66.59 26.95 17.19
C ARG E 112 -66.47 25.55 17.79
N GLU E 113 -67.21 24.61 17.18
CA GLU E 113 -67.17 23.18 17.44
C GLU E 113 -67.69 22.87 18.85
N VAL E 114 -68.93 23.32 19.13
CA VAL E 114 -69.63 23.01 20.37
C VAL E 114 -69.99 21.52 20.38
N ALA E 115 -69.88 20.89 19.20
CA ALA E 115 -70.09 19.47 18.95
C ALA E 115 -69.63 18.61 20.13
N GLN E 116 -68.43 18.90 20.65
CA GLN E 116 -67.80 18.13 21.71
C GLN E 116 -68.73 18.04 22.93
N GLY E 117 -69.14 19.20 23.45
CA GLY E 117 -70.01 19.31 24.62
C GLY E 117 -71.19 18.34 24.58
N LEU E 118 -72.05 18.51 23.58
CA LEU E 118 -73.27 17.72 23.40
C LEU E 118 -72.94 16.24 23.26
N CYS E 119 -71.85 15.93 22.55
CA CYS E 119 -71.42 14.57 22.23
C CYS E 119 -70.98 13.85 23.49
N ASP E 120 -70.10 14.50 24.28
CA ASP E 120 -69.54 13.96 25.51
C ASP E 120 -70.67 13.53 26.45
N ALA E 121 -71.74 14.32 26.50
CA ALA E 121 -72.94 14.00 27.26
C ALA E 121 -73.47 12.62 26.86
N ILE E 122 -73.64 12.40 25.55
CA ILE E 122 -74.26 11.15 25.11
C ILE E 122 -73.30 9.97 25.33
N ARG E 123 -71.99 10.25 25.34
CA ARG E 123 -70.91 9.26 25.38
C ARG E 123 -70.66 8.70 26.79
N LEU E 124 -70.13 9.55 27.68
CA LEU E 124 -69.61 9.14 28.98
C LEU E 124 -70.65 8.33 29.74
N ASP E 125 -71.85 8.89 29.90
CA ASP E 125 -72.91 8.25 30.66
C ASP E 125 -74.20 8.23 29.83
N GLY E 126 -74.20 8.88 28.66
CA GLY E 126 -75.41 8.94 27.86
C GLY E 126 -75.71 7.57 27.22
N GLY E 127 -76.90 7.45 26.64
CA GLY E 127 -77.36 6.21 26.04
C GLY E 127 -76.65 5.89 24.72
N LEU E 128 -75.36 6.23 24.63
CA LEU E 128 -74.56 5.95 23.44
C LEU E 128 -74.67 4.46 23.10
N ASP E 129 -74.41 3.61 24.11
CA ASP E 129 -74.48 2.17 23.96
C ASP E 129 -75.92 1.71 23.77
N LEU E 130 -76.87 2.47 24.32
CA LEU E 130 -78.29 2.17 24.20
C LEU E 130 -78.77 2.40 22.77
N LEU E 131 -78.15 3.38 22.08
CA LEU E 131 -78.42 3.68 20.69
C LEU E 131 -77.81 2.61 19.79
N LEU E 132 -76.66 2.08 20.22
CA LEU E 132 -76.00 0.98 19.53
C LEU E 132 -76.86 -0.28 19.62
N ARG E 133 -77.50 -0.47 20.77
CA ARG E 133 -78.43 -1.57 20.99
C ARG E 133 -79.76 -1.30 20.29
N LEU E 134 -80.08 -0.01 20.10
CA LEU E 134 -81.28 0.42 19.38
C LEU E 134 -81.16 0.04 17.91
N LEU E 135 -79.93 0.11 17.36
CA LEU E 135 -79.64 -0.34 16.01
C LEU E 135 -79.99 -1.83 15.89
N GLN E 136 -79.49 -2.63 16.86
CA GLN E 136 -79.73 -4.07 16.93
C GLN E 136 -81.22 -4.36 17.05
N ALA E 137 -81.94 -3.50 17.82
CA ALA E 137 -83.37 -3.62 18.04
C ALA E 137 -84.11 -3.67 16.71
N PRO E 138 -85.01 -4.67 16.51
CA PRO E 138 -85.68 -4.87 15.21
C PRO E 138 -86.71 -3.80 14.82
N GLU E 139 -86.62 -2.63 15.46
CA GLU E 139 -87.40 -1.46 15.12
C GLU E 139 -86.67 -0.67 14.02
N LEU E 140 -86.66 -1.25 12.82
CA LEU E 140 -85.94 -0.73 11.66
C LEU E 140 -86.28 0.73 11.40
N GLU E 141 -87.58 1.05 11.56
CA GLU E 141 -88.12 2.38 11.36
C GLU E 141 -87.36 3.39 12.22
N THR E 142 -87.03 3.00 13.45
CA THR E 142 -86.39 3.89 14.41
C THR E 142 -84.89 3.58 14.49
N ARG E 143 -84.46 2.43 13.96
CA ARG E 143 -83.03 2.10 13.99
C ARG E 143 -82.26 3.01 13.03
N VAL E 144 -82.92 3.48 11.97
CA VAL E 144 -82.37 4.50 11.09
C VAL E 144 -82.33 5.85 11.81
N GLN E 145 -83.31 6.10 12.68
CA GLN E 145 -83.36 7.34 13.45
C GLN E 145 -82.19 7.37 14.44
N ALA E 146 -81.91 6.22 15.07
CA ALA E 146 -80.75 6.06 15.94
C ALA E 146 -79.47 6.33 15.14
N ALA E 147 -79.37 5.69 13.96
CA ALA E 147 -78.25 5.82 13.05
C ALA E 147 -78.04 7.28 12.67
N ARG E 148 -79.12 7.97 12.29
CA ARG E 148 -79.12 9.39 11.96
C ARG E 148 -78.47 10.17 13.11
N LEU E 149 -78.91 9.87 14.33
CA LEU E 149 -78.44 10.53 15.54
C LEU E 149 -76.98 10.16 15.81
N LEU E 150 -76.64 8.88 15.68
CA LEU E 150 -75.28 8.40 15.90
C LEU E 150 -74.31 9.07 14.93
N GLU E 151 -74.73 9.17 13.66
CA GLU E 151 -73.94 9.83 12.61
C GLU E 151 -73.60 11.25 13.04
N GLN E 152 -74.60 11.95 13.62
CA GLN E 152 -74.41 13.29 14.14
C GLN E 152 -73.40 13.26 15.28
N ILE E 153 -73.78 12.64 16.41
CA ILE E 153 -72.96 12.59 17.61
C ILE E 153 -71.81 11.61 17.41
N LEU E 154 -70.75 12.05 16.72
CA LEU E 154 -69.66 11.17 16.37
C LEU E 154 -68.34 11.95 16.26
N VAL E 155 -68.00 12.65 17.35
CA VAL E 155 -66.69 13.27 17.48
C VAL E 155 -65.66 12.20 17.87
N ALA E 156 -64.37 12.56 17.81
CA ALA E 156 -63.24 11.67 18.06
C ALA E 156 -63.45 10.82 19.30
N GLU E 157 -64.01 11.44 20.35
CA GLU E 157 -64.36 10.80 21.60
C GLU E 157 -65.24 9.58 21.33
N ASN E 158 -66.43 9.81 20.74
CA ASN E 158 -67.41 8.79 20.43
C ASN E 158 -66.81 7.73 19.50
N ARG E 159 -66.01 8.19 18.53
CA ARG E 159 -65.44 7.33 17.50
C ARG E 159 -64.60 6.22 18.14
N ASP E 160 -63.67 6.62 19.03
CA ASP E 160 -62.80 5.68 19.72
C ASP E 160 -63.65 4.68 20.50
N ARG E 161 -64.61 5.20 21.27
CA ARG E 161 -65.48 4.37 22.11
C ARG E 161 -66.25 3.37 21.25
N VAL E 162 -66.83 3.83 20.14
CA VAL E 162 -67.65 2.94 19.31
C VAL E 162 -66.76 2.01 18.49
N ALA E 163 -65.46 2.34 18.38
CA ALA E 163 -64.49 1.45 17.75
C ALA E 163 -64.32 0.19 18.59
N ARG E 164 -64.55 0.32 19.90
CA ARG E 164 -64.40 -0.79 20.82
C ARG E 164 -65.67 -1.64 20.82
N ILE E 165 -66.84 -0.98 20.81
CA ILE E 165 -68.11 -1.68 20.94
C ILE E 165 -68.89 -1.59 19.64
N GLY E 166 -69.31 -0.36 19.28
CA GLY E 166 -70.22 -0.10 18.19
C GLY E 166 -69.79 -0.75 16.87
N LEU E 167 -68.47 -0.83 16.66
CA LEU E 167 -67.85 -1.33 15.44
C LEU E 167 -68.57 -2.58 14.94
N GLY E 168 -68.69 -3.58 15.82
CA GLY E 168 -69.33 -4.85 15.52
C GLY E 168 -70.77 -4.66 15.02
N VAL E 169 -71.54 -3.87 15.78
CA VAL E 169 -72.96 -3.66 15.53
C VAL E 169 -73.13 -2.80 14.27
N ILE E 170 -72.21 -1.86 14.05
CA ILE E 170 -72.19 -0.99 12.89
C ILE E 170 -72.13 -1.84 11.62
N LEU E 171 -71.21 -2.82 11.61
CA LEU E 171 -70.98 -3.71 10.49
C LEU E 171 -72.14 -4.69 10.34
N ASN E 172 -72.68 -5.14 11.48
CA ASN E 172 -73.83 -6.03 11.52
C ASN E 172 -75.04 -5.35 10.87
N LEU E 173 -75.05 -4.01 10.93
CA LEU E 173 -76.12 -3.17 10.40
C LEU E 173 -75.78 -2.76 8.97
N ALA E 174 -74.48 -2.82 8.62
CA ALA E 174 -73.99 -2.47 7.30
C ALA E 174 -74.44 -3.50 6.27
N LYS E 175 -74.52 -4.77 6.69
CA LYS E 175 -74.94 -5.87 5.84
C LYS E 175 -76.35 -5.65 5.33
N GLU E 176 -77.12 -4.79 6.03
CA GLU E 176 -78.40 -4.30 5.56
C GLU E 176 -78.16 -3.19 4.55
N ARG E 177 -78.72 -3.36 3.35
CA ARG E 177 -78.31 -2.57 2.20
C ARG E 177 -79.50 -1.83 1.58
N GLU E 178 -80.57 -2.57 1.28
CA GLU E 178 -81.70 -2.08 0.48
C GLU E 178 -82.27 -0.76 1.01
N PRO E 179 -82.64 -0.62 2.31
CA PRO E 179 -83.16 0.65 2.82
C PRO E 179 -82.18 1.80 2.60
N VAL E 180 -82.56 2.72 1.69
CA VAL E 180 -81.68 3.74 1.15
C VAL E 180 -81.32 4.74 2.24
N GLU E 181 -82.34 5.24 2.94
CA GLU E 181 -82.20 6.24 4.00
C GLU E 181 -81.27 5.70 5.08
N LEU E 182 -81.47 4.42 5.44
CA LEU E 182 -80.60 3.72 6.37
C LEU E 182 -79.17 3.74 5.85
N ALA E 183 -79.00 3.22 4.62
CA ALA E 183 -77.71 3.08 3.94
C ALA E 183 -76.95 4.39 3.97
N ARG E 184 -77.63 5.49 3.61
CA ARG E 184 -77.09 6.84 3.67
C ARG E 184 -76.41 7.08 5.02
N SER E 185 -77.13 6.77 6.11
CA SER E 185 -76.67 7.02 7.47
C SER E 185 -75.60 6.00 7.87
N VAL E 186 -75.65 4.80 7.28
CA VAL E 186 -74.70 3.73 7.58
C VAL E 186 -73.37 4.02 6.90
N ALA E 187 -73.41 4.26 5.58
CA ALA E 187 -72.25 4.74 4.84
C ALA E 187 -71.67 5.96 5.56
N GLY E 188 -72.56 6.76 6.14
CA GLY E 188 -72.25 7.94 6.94
C GLY E 188 -71.35 7.62 8.14
N ILE E 189 -71.75 6.63 8.95
CA ILE E 189 -71.03 6.27 10.16
C ILE E 189 -69.70 5.61 9.79
N LEU E 190 -69.72 4.83 8.70
CA LEU E 190 -68.55 4.17 8.10
C LEU E 190 -67.51 5.21 7.67
N GLU E 191 -67.99 6.32 7.12
CA GLU E 191 -67.15 7.42 6.64
C GLU E 191 -66.36 8.01 7.82
N HIS E 192 -67.04 8.22 8.95
CA HIS E 192 -66.40 8.73 10.16
C HIS E 192 -65.49 7.65 10.76
N MET E 193 -65.96 6.40 10.68
CA MET E 193 -65.28 5.26 11.26
C MET E 193 -63.92 5.06 10.60
N PHE E 194 -63.91 5.10 9.26
CA PHE E 194 -62.74 4.85 8.46
C PHE E 194 -61.61 5.81 8.83
N LYS E 195 -61.97 7.02 9.24
CA LYS E 195 -60.98 8.07 9.48
C LYS E 195 -60.52 8.03 10.94
N HIS E 196 -60.56 6.83 11.55
CA HIS E 196 -60.26 6.72 12.98
C HIS E 196 -58.82 6.27 13.23
N SER E 197 -58.45 5.10 12.69
CA SER E 197 -57.16 4.49 13.00
C SER E 197 -56.78 3.50 11.91
N GLU E 198 -55.47 3.18 11.84
CA GLU E 198 -54.92 2.23 10.89
C GLU E 198 -55.75 0.94 10.95
N GLU E 199 -55.92 0.43 12.17
CA GLU E 199 -56.51 -0.86 12.51
C GLU E 199 -58.02 -0.82 12.32
N THR E 200 -58.62 0.36 12.44
CA THR E 200 -60.05 0.53 12.26
C THR E 200 -60.43 0.32 10.79
N CYS E 201 -59.65 0.91 9.88
CA CYS E 201 -59.77 0.62 8.46
C CYS E 201 -59.53 -0.87 8.24
N GLN E 202 -58.36 -1.35 8.68
CA GLN E 202 -57.89 -2.72 8.45
C GLN E 202 -59.00 -3.70 8.82
N ARG E 203 -59.82 -3.29 9.79
CA ARG E 203 -60.98 -4.03 10.25
C ARG E 203 -62.07 -3.97 9.20
N LEU E 204 -62.62 -2.76 9.01
CA LEU E 204 -63.82 -2.52 8.23
C LEU E 204 -63.66 -3.07 6.82
N VAL E 205 -62.51 -2.74 6.20
CA VAL E 205 -62.12 -3.22 4.87
C VAL E 205 -62.36 -4.72 4.78
N ALA E 206 -61.69 -5.48 5.67
CA ALA E 206 -61.68 -6.93 5.65
C ALA E 206 -63.04 -7.50 6.01
N ALA E 207 -63.83 -6.74 6.78
CA ALA E 207 -65.07 -7.22 7.35
C ALA E 207 -66.26 -6.96 6.42
N GLY E 208 -66.01 -6.27 5.28
CA GLY E 208 -67.04 -5.96 4.32
C GLY E 208 -67.65 -4.57 4.51
N GLY E 209 -66.97 -3.76 5.33
CA GLY E 209 -67.24 -2.32 5.44
C GLY E 209 -66.96 -1.59 4.14
N LEU E 210 -65.81 -1.91 3.52
CA LEU E 210 -65.47 -1.43 2.19
C LEU E 210 -66.49 -1.96 1.19
N ASP E 211 -66.83 -3.25 1.31
CA ASP E 211 -67.73 -3.90 0.39
C ASP E 211 -69.14 -3.31 0.48
N ALA E 212 -69.46 -2.68 1.63
CA ALA E 212 -70.70 -1.96 1.81
C ALA E 212 -70.72 -0.66 1.00
N VAL E 213 -69.66 0.16 1.18
CA VAL E 213 -69.57 1.46 0.53
C VAL E 213 -69.39 1.30 -0.99
N LEU E 214 -68.78 0.20 -1.41
CA LEU E 214 -68.61 -0.10 -2.81
C LEU E 214 -69.92 -0.55 -3.45
N TYR E 215 -70.72 -1.34 -2.71
CA TYR E 215 -72.02 -1.75 -3.21
C TYR E 215 -73.02 -0.60 -3.18
N TRP E 216 -72.71 0.45 -2.40
CA TRP E 216 -73.57 1.61 -2.31
C TRP E 216 -73.11 2.72 -3.25
N CYS E 217 -72.00 2.45 -3.94
CA CYS E 217 -71.38 3.31 -4.93
C CYS E 217 -72.02 3.06 -6.30
N ARG E 218 -72.86 2.02 -6.39
CA ARG E 218 -73.59 1.72 -7.61
C ARG E 218 -75.07 2.10 -7.43
N ARG E 219 -75.32 3.00 -6.49
CA ARG E 219 -76.67 3.51 -6.24
C ARG E 219 -76.75 4.96 -6.72
N THR E 220 -77.93 5.57 -6.54
CA THR E 220 -78.28 6.88 -7.07
C THR E 220 -78.93 7.74 -5.96
N ASP E 221 -78.07 8.35 -5.13
CA ASP E 221 -78.49 9.20 -4.02
C ASP E 221 -77.34 10.12 -3.63
N PRO E 222 -77.48 11.46 -3.74
CA PRO E 222 -76.38 12.39 -3.47
C PRO E 222 -75.62 12.10 -2.18
N ALA E 223 -76.35 12.09 -1.06
CA ALA E 223 -75.80 11.90 0.28
C ALA E 223 -75.11 10.53 0.39
N LEU E 224 -75.79 9.46 -0.05
CA LEU E 224 -75.21 8.14 -0.11
C LEU E 224 -73.88 8.19 -0.87
N LEU E 225 -73.92 8.75 -2.08
CA LEU E 225 -72.77 8.78 -2.97
C LEU E 225 -71.66 9.65 -2.39
N ARG E 226 -72.02 10.85 -1.89
CA ARG E 226 -71.08 11.76 -1.26
C ARG E 226 -70.34 11.02 -0.15
N HIS E 227 -71.12 10.35 0.70
CA HIS E 227 -70.61 9.58 1.83
C HIS E 227 -69.64 8.50 1.35
N CYS E 228 -70.07 7.69 0.39
CA CYS E 228 -69.26 6.60 -0.13
C CYS E 228 -67.90 7.14 -0.59
N ALA E 229 -67.94 8.27 -1.33
CA ALA E 229 -66.76 8.92 -1.87
C ALA E 229 -65.82 9.34 -0.74
N LEU E 230 -66.40 10.00 0.28
CA LEU E 230 -65.64 10.49 1.42
C LEU E 230 -65.00 9.32 2.18
N ALA E 231 -65.74 8.20 2.27
CA ALA E 231 -65.31 6.98 2.93
C ALA E 231 -64.05 6.44 2.27
N LEU E 232 -64.18 5.99 1.01
CA LEU E 232 -63.09 5.47 0.18
C LEU E 232 -61.90 6.43 0.22
N GLY E 233 -62.21 7.73 0.41
CA GLY E 233 -61.22 8.77 0.62
C GLY E 233 -60.42 8.51 1.88
N ASN E 234 -61.13 8.56 3.02
CA ASN E 234 -60.62 8.34 4.37
C ASN E 234 -59.92 7.00 4.47
N CYS E 235 -60.54 5.98 3.85
CA CYS E 235 -60.09 4.60 3.86
C CYS E 235 -58.72 4.47 3.19
N ALA E 236 -58.55 5.22 2.09
CA ALA E 236 -57.32 5.23 1.32
C ALA E 236 -56.24 5.99 2.10
N LEU E 237 -56.67 7.05 2.78
CA LEU E 237 -55.74 7.96 3.44
C LEU E 237 -55.26 7.35 4.75
N HIS E 238 -56.20 6.99 5.64
CA HIS E 238 -55.96 6.62 7.03
C HIS E 238 -55.44 5.19 7.16
N GLY E 239 -55.98 4.29 6.33
CA GLY E 239 -55.54 2.91 6.21
C GLY E 239 -54.10 2.80 5.71
N GLY E 240 -53.48 1.63 5.95
CA GLY E 240 -52.11 1.37 5.57
C GLY E 240 -51.98 0.93 4.11
N GLN E 241 -50.74 0.60 3.73
CA GLN E 241 -50.39 -0.09 2.49
C GLN E 241 -51.42 -1.19 2.22
N ALA E 242 -51.64 -2.02 3.23
CA ALA E 242 -52.42 -3.25 3.15
C ALA E 242 -53.86 -2.94 2.73
N VAL E 243 -54.50 -2.03 3.48
CA VAL E 243 -55.85 -1.54 3.28
C VAL E 243 -56.03 -1.12 1.82
N GLN E 244 -55.08 -0.31 1.34
CA GLN E 244 -55.06 0.31 0.02
C GLN E 244 -55.02 -0.77 -1.07
N ARG E 245 -54.02 -1.65 -1.00
CA ARG E 245 -53.92 -2.77 -1.93
C ARG E 245 -55.26 -3.48 -2.05
N ARG E 246 -55.90 -3.72 -0.90
CA ARG E 246 -57.14 -4.47 -0.86
C ARG E 246 -58.23 -3.71 -1.63
N MET E 247 -58.29 -2.38 -1.46
CA MET E 247 -59.29 -1.55 -2.12
C MET E 247 -59.20 -1.68 -3.64
N VAL E 248 -57.98 -1.52 -4.17
CA VAL E 248 -57.70 -1.53 -5.60
C VAL E 248 -57.99 -2.91 -6.16
N GLU E 249 -57.77 -3.95 -5.34
CA GLU E 249 -57.98 -5.34 -5.72
C GLU E 249 -59.45 -5.71 -5.52
N LYS E 250 -60.20 -4.84 -4.83
CA LYS E 250 -61.64 -4.99 -4.69
C LYS E 250 -62.36 -4.29 -5.85
N ARG E 251 -61.55 -3.70 -6.75
CA ARG E 251 -61.92 -2.88 -7.92
C ARG E 251 -62.58 -1.58 -7.46
N ALA E 252 -61.90 -0.87 -6.55
CA ALA E 252 -62.43 0.35 -5.97
C ALA E 252 -62.14 1.56 -6.87
N ALA E 253 -61.02 1.51 -7.62
CA ALA E 253 -60.61 2.58 -8.50
C ALA E 253 -61.65 2.77 -9.62
N GLU E 254 -62.08 1.64 -10.21
CA GLU E 254 -63.02 1.59 -11.32
C GLU E 254 -64.43 1.92 -10.83
N TRP E 255 -64.64 1.88 -9.51
CA TRP E 255 -65.95 2.10 -8.94
C TRP E 255 -66.14 3.56 -8.56
N LEU E 256 -65.03 4.31 -8.50
CA LEU E 256 -65.08 5.75 -8.24
C LEU E 256 -65.43 6.48 -9.53
N PHE E 257 -65.35 5.79 -10.67
CA PHE E 257 -65.61 6.40 -11.98
C PHE E 257 -67.00 7.04 -12.01
N PRO E 258 -68.12 6.33 -11.73
CA PRO E 258 -69.43 6.95 -11.62
C PRO E 258 -69.45 8.28 -10.87
N LEU E 259 -68.81 8.31 -9.69
CA LEU E 259 -68.79 9.52 -8.87
C LEU E 259 -68.03 10.66 -9.55
N ALA E 260 -66.86 10.36 -10.14
CA ALA E 260 -66.04 11.40 -10.74
C ALA E 260 -66.60 11.81 -12.11
N PHE E 261 -67.49 10.99 -12.67
CA PHE E 261 -68.06 11.24 -13.98
C PHE E 261 -69.53 11.60 -13.84
N SER E 262 -69.79 12.75 -13.22
CA SER E 262 -71.14 13.23 -12.98
C SER E 262 -71.12 14.74 -12.81
N LYS E 263 -71.15 15.45 -13.95
CA LYS E 263 -71.10 16.90 -14.03
C LYS E 263 -72.15 17.52 -13.12
N GLU E 264 -73.22 16.75 -12.85
CA GLU E 264 -74.34 17.12 -12.00
C GLU E 264 -73.88 17.62 -10.63
N ASP E 265 -72.97 16.86 -10.00
CA ASP E 265 -72.46 17.19 -8.68
C ASP E 265 -70.96 17.46 -8.76
N GLU E 266 -70.56 18.68 -8.39
CA GLU E 266 -69.19 19.15 -8.53
C GLU E 266 -68.36 18.74 -7.31
N LEU E 267 -68.98 18.81 -6.12
CA LEU E 267 -68.32 18.50 -4.87
C LEU E 267 -68.07 17.00 -4.73
N LEU E 268 -69.07 16.20 -5.12
CA LEU E 268 -68.95 14.75 -5.19
C LEU E 268 -67.69 14.38 -5.97
N ARG E 269 -67.56 14.97 -7.17
CA ARG E 269 -66.44 14.75 -8.09
C ARG E 269 -65.12 15.03 -7.39
N LEU E 270 -64.97 16.24 -6.84
CA LEU E 270 -63.75 16.67 -6.16
C LEU E 270 -63.33 15.65 -5.09
N HIS E 271 -64.31 15.14 -4.33
CA HIS E 271 -64.10 14.18 -3.26
C HIS E 271 -63.66 12.83 -3.83
N ALA E 272 -64.40 12.39 -4.86
CA ALA E 272 -64.16 11.16 -5.60
C ALA E 272 -62.75 11.17 -6.18
N CYS E 273 -62.32 12.35 -6.65
CA CYS E 273 -61.02 12.43 -7.29
C CYS E 273 -59.90 12.56 -6.26
N LEU E 274 -60.16 13.24 -5.14
CA LEU E 274 -59.17 13.28 -4.07
C LEU E 274 -58.81 11.86 -3.65
N ALA E 275 -59.83 10.99 -3.66
CA ALA E 275 -59.68 9.59 -3.28
C ALA E 275 -58.77 8.84 -4.27
N VAL E 276 -59.18 8.77 -5.55
CA VAL E 276 -58.45 8.05 -6.60
C VAL E 276 -57.04 8.60 -6.75
N ALA E 277 -56.87 9.91 -6.50
CA ALA E 277 -55.59 10.57 -6.59
C ALA E 277 -54.64 10.04 -5.52
N VAL E 278 -55.15 9.81 -4.31
CA VAL E 278 -54.28 9.35 -3.23
C VAL E 278 -53.89 7.90 -3.47
N LEU E 279 -54.79 7.11 -4.11
CA LEU E 279 -54.46 5.73 -4.41
C LEU E 279 -53.31 5.62 -5.39
N ALA E 280 -53.18 6.60 -6.30
CA ALA E 280 -52.17 6.59 -7.35
C ALA E 280 -50.80 7.00 -6.83
N THR E 281 -50.77 7.57 -5.63
CA THR E 281 -49.50 7.92 -5.00
C THR E 281 -48.79 6.65 -4.52
N ASN E 282 -49.56 5.60 -4.16
CA ASN E 282 -49.11 4.27 -3.79
C ASN E 282 -48.50 3.59 -5.02
N LYS E 283 -47.17 3.66 -5.13
CA LYS E 283 -46.44 3.32 -6.35
C LYS E 283 -46.74 1.87 -6.74
N GLU E 284 -46.74 0.98 -5.74
CA GLU E 284 -47.11 -0.42 -5.81
C GLU E 284 -48.46 -0.66 -6.49
N VAL E 285 -49.43 0.25 -6.33
CA VAL E 285 -50.71 -0.02 -6.97
C VAL E 285 -51.00 1.02 -8.05
N GLU E 286 -49.98 1.80 -8.40
CA GLU E 286 -50.16 2.96 -9.27
C GLU E 286 -50.88 2.54 -10.56
N ARG E 287 -50.34 1.50 -11.21
CA ARG E 287 -50.70 1.11 -12.57
C ARG E 287 -52.17 0.71 -12.64
N GLU E 288 -52.62 -0.04 -11.63
CA GLU E 288 -53.98 -0.56 -11.56
C GLU E 288 -54.98 0.59 -11.49
N VAL E 289 -54.59 1.68 -10.83
CA VAL E 289 -55.42 2.86 -10.67
C VAL E 289 -55.44 3.62 -12.01
N GLU E 290 -54.28 3.59 -12.70
CA GLU E 290 -54.08 4.30 -13.96
C GLU E 290 -54.95 3.68 -15.06
N ARG E 291 -54.93 2.35 -15.13
CA ARG E 291 -55.64 1.60 -16.16
C ARG E 291 -57.14 1.58 -15.87
N SER E 292 -57.53 2.01 -14.67
CA SER E 292 -58.94 2.05 -14.28
C SER E 292 -59.70 3.06 -15.15
N GLY E 293 -58.99 4.13 -15.56
CA GLY E 293 -59.53 5.17 -16.40
C GLY E 293 -59.89 6.44 -15.63
N THR E 294 -60.19 6.27 -14.33
CA THR E 294 -60.61 7.35 -13.46
C THR E 294 -59.46 8.30 -13.18
N LEU E 295 -58.24 7.89 -13.53
CA LEU E 295 -57.13 8.78 -13.19
C LEU E 295 -56.95 9.90 -14.21
N ALA E 296 -57.35 9.65 -15.46
CA ALA E 296 -57.30 10.65 -16.52
C ALA E 296 -58.34 11.75 -16.28
N LEU E 297 -59.34 11.42 -15.47
CA LEU E 297 -60.56 12.19 -15.31
C LEU E 297 -60.37 13.30 -14.28
N VAL E 298 -59.16 13.41 -13.70
CA VAL E 298 -58.92 14.26 -12.54
C VAL E 298 -58.62 15.69 -13.00
N GLU E 299 -57.65 15.83 -13.91
CA GLU E 299 -57.02 17.10 -14.28
C GLU E 299 -58.04 18.10 -14.83
N PRO E 300 -58.89 17.77 -15.84
CA PRO E 300 -60.02 18.62 -16.24
C PRO E 300 -60.82 19.24 -15.10
N LEU E 301 -61.10 18.43 -14.07
CA LEU E 301 -61.96 18.82 -12.96
C LEU E 301 -61.32 19.95 -12.15
N VAL E 302 -60.02 19.83 -11.87
CA VAL E 302 -59.33 20.84 -11.06
C VAL E 302 -59.31 22.18 -11.80
N ALA E 303 -59.38 22.13 -13.14
CA ALA E 303 -59.40 23.34 -13.94
C ALA E 303 -60.74 24.05 -13.82
N SER E 304 -61.84 23.27 -13.88
CA SER E 304 -63.20 23.78 -13.86
C SER E 304 -63.44 24.65 -12.63
N LEU E 305 -63.26 24.06 -11.44
CA LEU E 305 -63.61 24.69 -10.17
C LEU E 305 -62.60 25.76 -9.81
N ASP E 306 -62.97 26.62 -8.84
CA ASP E 306 -62.08 27.62 -8.27
C ASP E 306 -61.83 27.32 -6.80
N PRO E 307 -60.55 27.20 -6.35
CA PRO E 307 -60.21 26.98 -4.94
C PRO E 307 -60.92 27.91 -3.96
N GLY E 308 -61.01 29.20 -4.30
CA GLY E 308 -61.75 30.19 -3.53
C GLY E 308 -63.20 29.78 -3.31
N ARG E 309 -63.88 29.41 -4.40
CA ARG E 309 -65.28 28.99 -4.40
C ARG E 309 -65.48 27.81 -3.46
N PHE E 310 -64.58 26.82 -3.52
CA PHE E 310 -64.74 25.64 -2.67
C PHE E 310 -64.16 25.87 -1.28
N ALA E 311 -63.39 26.95 -1.11
CA ALA E 311 -62.89 27.37 0.20
C ALA E 311 -64.06 27.80 1.08
N ARG E 312 -65.03 28.51 0.49
CA ARG E 312 -66.24 28.96 1.17
C ARG E 312 -67.05 27.74 1.59
N CYS E 313 -67.09 26.73 0.71
CA CYS E 313 -67.81 25.49 0.92
C CYS E 313 -67.04 24.57 1.87
N LEU E 314 -65.84 24.99 2.26
CA LEU E 314 -64.99 24.24 3.18
C LEU E 314 -65.02 24.87 4.58
N VAL E 315 -65.45 26.15 4.66
CA VAL E 315 -65.73 26.81 5.93
C VAL E 315 -66.79 26.03 6.69
N ASP E 316 -67.85 25.64 5.97
CA ASP E 316 -69.00 24.96 6.54
C ASP E 316 -68.95 23.46 6.21
N ALA E 317 -67.77 22.86 6.35
CA ALA E 317 -67.58 21.42 6.23
C ALA E 317 -67.94 20.72 7.54
N SER E 318 -68.11 21.53 8.61
CA SER E 318 -68.46 21.10 9.95
C SER E 318 -67.44 20.12 10.52
N ASP E 319 -66.23 20.11 9.91
CA ASP E 319 -65.12 19.23 10.26
C ASP E 319 -65.58 17.77 10.29
N THR E 320 -66.65 17.49 9.54
CA THR E 320 -67.26 16.16 9.43
C THR E 320 -66.95 15.58 8.04
N SER E 321 -66.96 16.44 7.02
CA SER E 321 -66.58 16.07 5.67
C SER E 321 -65.07 16.20 5.49
N GLN E 322 -64.60 17.44 5.31
CA GLN E 322 -63.19 17.76 5.17
C GLN E 322 -62.94 19.17 5.70
N GLY E 323 -62.99 19.30 7.04
CA GLY E 323 -62.78 20.57 7.72
C GLY E 323 -61.30 20.95 7.76
N ARG E 324 -61.05 22.26 7.70
CA ARG E 324 -59.72 22.85 7.75
C ARG E 324 -59.01 22.43 9.04
N GLY E 325 -57.75 22.01 8.91
CA GLY E 325 -56.96 21.56 10.05
C GLY E 325 -55.54 21.14 9.66
N PRO E 326 -54.55 21.35 10.57
CA PRO E 326 -53.16 20.92 10.33
C PRO E 326 -52.94 19.46 9.96
N ASP E 327 -53.92 18.60 10.29
CA ASP E 327 -53.93 17.20 9.92
C ASP E 327 -54.02 17.07 8.40
N ASP E 328 -55.09 17.62 7.82
CA ASP E 328 -55.39 17.50 6.40
C ASP E 328 -54.24 18.04 5.56
N LEU E 329 -53.65 19.15 6.03
CA LEU E 329 -52.54 19.79 5.33
C LEU E 329 -51.34 18.86 5.26
N GLN E 330 -50.99 18.20 6.37
CA GLN E 330 -49.84 17.31 6.40
C GLN E 330 -50.12 16.02 5.62
N ARG E 331 -51.39 15.80 5.24
CA ARG E 331 -51.79 14.63 4.48
C ARG E 331 -52.06 15.00 3.02
N LEU E 332 -52.02 16.29 2.70
CA LEU E 332 -52.06 16.71 1.30
C LEU E 332 -50.65 16.80 0.76
N VAL E 333 -49.70 17.24 1.60
CA VAL E 333 -48.34 17.49 1.15
C VAL E 333 -47.76 16.31 0.36
N PRO E 334 -47.91 15.03 0.81
CA PRO E 334 -47.67 13.85 -0.03
C PRO E 334 -48.06 13.92 -1.51
N LEU E 335 -49.32 14.29 -1.78
CA LEU E 335 -49.84 14.50 -3.11
C LEU E 335 -49.01 15.54 -3.86
N LEU E 336 -48.89 16.75 -3.30
CA LEU E 336 -48.15 17.85 -3.90
C LEU E 336 -46.74 17.41 -4.24
N ASP E 337 -46.33 16.30 -3.62
CA ASP E 337 -44.94 15.89 -3.66
C ASP E 337 -44.78 14.55 -4.38
N SER E 338 -45.76 14.17 -5.20
CA SER E 338 -45.77 12.85 -5.85
C SER E 338 -45.15 12.89 -7.24
N ASN E 339 -45.26 11.76 -7.95
CA ASN E 339 -44.89 11.65 -9.35
C ASN E 339 -46.07 12.06 -10.22
N ARG E 340 -47.23 11.47 -9.90
CA ARG E 340 -48.46 11.67 -10.66
C ARG E 340 -48.84 13.14 -10.62
N LEU E 341 -49.15 13.70 -11.79
CA LEU E 341 -49.55 15.10 -11.86
C LEU E 341 -51.04 15.22 -11.65
N GLU E 342 -51.76 14.08 -11.67
CA GLU E 342 -53.17 14.02 -11.34
C GLU E 342 -53.35 14.20 -9.83
N ALA E 343 -52.29 13.85 -9.09
CA ALA E 343 -52.23 13.96 -7.64
C ALA E 343 -51.75 15.35 -7.25
N GLN E 344 -50.72 15.84 -7.95
CA GLN E 344 -50.13 17.16 -7.74
C GLN E 344 -51.10 18.27 -8.11
N CYS E 345 -52.12 17.94 -8.94
CA CYS E 345 -53.22 18.85 -9.25
C CYS E 345 -54.22 18.90 -8.09
N ILE E 346 -54.77 17.72 -7.73
CA ILE E 346 -55.68 17.61 -6.58
C ILE E 346 -54.99 18.12 -5.32
N GLY E 347 -53.70 17.79 -5.17
CA GLY E 347 -52.80 18.38 -4.18
C GLY E 347 -52.94 19.90 -4.10
N ALA E 348 -52.45 20.60 -5.12
CA ALA E 348 -52.46 22.06 -5.16
C ALA E 348 -53.88 22.61 -4.98
N PHE E 349 -54.88 22.04 -5.68
CA PHE E 349 -56.23 22.56 -5.63
C PHE E 349 -56.70 22.75 -4.19
N TYR E 350 -56.56 21.69 -3.40
CA TYR E 350 -57.00 21.60 -2.01
C TYR E 350 -56.15 22.51 -1.12
N LEU E 351 -54.82 22.38 -1.23
CA LEU E 351 -53.91 23.15 -0.40
C LEU E 351 -54.06 24.66 -0.68
N CYS E 352 -54.60 24.99 -1.86
CA CYS E 352 -54.94 26.35 -2.28
C CYS E 352 -56.27 26.79 -1.67
N ALA E 353 -57.27 25.89 -1.58
CA ALA E 353 -58.55 26.15 -0.93
C ALA E 353 -58.34 26.50 0.55
N GLU E 354 -57.33 25.87 1.17
CA GLU E 354 -56.97 26.13 2.55
C GLU E 354 -56.10 27.39 2.67
N ALA E 355 -55.23 27.63 1.66
CA ALA E 355 -54.40 28.83 1.63
C ALA E 355 -55.28 30.08 1.67
N ALA E 356 -56.55 29.94 1.26
CA ALA E 356 -57.55 30.99 1.36
C ALA E 356 -58.01 31.18 2.80
N ILE E 357 -58.70 30.16 3.35
CA ILE E 357 -59.28 30.19 4.69
C ILE E 357 -58.23 30.55 5.74
N LYS E 358 -57.06 29.89 5.69
CA LYS E 358 -56.08 29.97 6.76
C LYS E 358 -55.44 31.36 6.82
N SER E 359 -55.36 32.05 5.67
CA SER E 359 -54.90 33.42 5.62
C SER E 359 -55.97 34.38 6.13
N LEU E 360 -57.25 34.03 5.92
CA LEU E 360 -58.39 34.78 6.43
C LEU E 360 -58.47 34.68 7.95
N GLN E 361 -58.02 33.54 8.50
CA GLN E 361 -57.98 33.30 9.94
C GLN E 361 -56.67 33.79 10.54
N GLY E 362 -55.78 34.32 9.68
CA GLY E 362 -54.47 34.81 10.07
C GLY E 362 -53.63 33.75 10.78
N LYS E 363 -53.61 32.53 10.22
CA LYS E 363 -52.80 31.42 10.73
C LYS E 363 -52.09 30.73 9.56
N THR E 364 -51.11 31.45 9.01
CA THR E 364 -50.36 31.05 7.83
C THR E 364 -49.23 30.10 8.24
N LYS E 365 -48.78 30.25 9.50
CA LYS E 365 -47.62 29.55 10.07
C LYS E 365 -47.74 28.04 9.90
N VAL E 366 -48.99 27.56 9.74
CA VAL E 366 -49.33 26.15 9.57
C VAL E 366 -48.57 25.58 8.38
N PHE E 367 -48.81 26.17 7.19
CA PHE E 367 -48.30 25.69 5.91
C PHE E 367 -46.79 25.59 5.94
N SER E 368 -46.14 26.64 6.47
CA SER E 368 -44.69 26.73 6.52
C SER E 368 -44.12 25.50 7.23
N ASP E 369 -44.76 25.14 8.35
CA ASP E 369 -44.36 24.05 9.25
C ASP E 369 -44.78 22.70 8.69
N ILE E 370 -45.87 22.68 7.90
CA ILE E 370 -46.39 21.44 7.33
C ILE E 370 -45.46 20.97 6.21
N GLY E 371 -44.65 21.92 5.70
CA GLY E 371 -43.68 21.71 4.63
C GLY E 371 -44.32 21.79 3.26
N ALA E 372 -45.27 22.74 3.13
CA ALA E 372 -46.16 22.93 1.99
C ALA E 372 -45.59 24.00 1.05
N ILE E 373 -45.02 25.06 1.64
CA ILE E 373 -44.54 26.18 0.88
C ILE E 373 -43.41 25.74 -0.07
N GLN E 374 -42.39 25.05 0.44
CA GLN E 374 -41.29 24.67 -0.44
C GLN E 374 -41.77 23.69 -1.52
N SER E 375 -42.70 22.79 -1.17
CA SER E 375 -43.29 21.85 -2.11
C SER E 375 -44.00 22.57 -3.26
N LEU E 376 -44.79 23.61 -2.91
CA LEU E 376 -45.51 24.43 -3.87
C LEU E 376 -44.53 25.15 -4.80
N LYS E 377 -43.43 25.63 -4.24
CA LYS E 377 -42.42 26.32 -5.03
C LYS E 377 -41.91 25.41 -6.14
N ARG E 378 -41.64 24.13 -5.82
CA ARG E 378 -41.18 23.19 -6.84
C ARG E 378 -42.21 22.95 -7.94
N LEU E 379 -43.50 22.98 -7.59
CA LEU E 379 -44.56 22.78 -8.56
C LEU E 379 -44.66 23.97 -9.51
N VAL E 380 -43.93 25.04 -9.19
CA VAL E 380 -44.04 26.25 -9.97
C VAL E 380 -42.69 26.54 -10.61
N SER E 381 -41.66 25.78 -10.21
CA SER E 381 -40.32 25.94 -10.72
C SER E 381 -40.11 25.01 -11.90
N TYR E 382 -40.35 23.72 -11.67
CA TYR E 382 -40.18 22.71 -12.70
C TYR E 382 -41.54 22.27 -13.21
N SER E 383 -42.33 23.22 -13.69
CA SER E 383 -43.68 22.91 -14.13
C SER E 383 -43.74 22.88 -15.66
N THR E 384 -44.78 22.21 -16.13
CA THR E 384 -45.02 22.00 -17.55
C THR E 384 -46.50 22.28 -17.78
N ASN E 385 -47.35 21.64 -16.96
CA ASN E 385 -48.80 21.80 -16.95
C ASN E 385 -49.17 23.20 -16.47
N GLY E 386 -50.13 23.81 -17.18
CA GLY E 386 -50.66 25.12 -16.89
C GLY E 386 -51.43 25.15 -15.57
N THR E 387 -52.33 24.18 -15.38
CA THR E 387 -53.26 24.12 -14.26
C THR E 387 -52.49 23.98 -12.94
N LYS E 388 -51.79 22.85 -12.78
CA LYS E 388 -50.97 22.55 -11.62
C LYS E 388 -50.04 23.72 -11.27
N SER E 389 -49.81 24.64 -12.22
CA SER E 389 -48.87 25.74 -12.00
C SER E 389 -49.63 27.02 -11.65
N ALA E 390 -50.76 27.25 -12.33
CA ALA E 390 -51.69 28.30 -11.96
C ALA E 390 -52.02 28.19 -10.47
N LEU E 391 -52.47 26.98 -10.07
CA LEU E 391 -52.87 26.66 -8.71
C LEU E 391 -51.75 26.97 -7.74
N ALA E 392 -50.52 26.56 -8.09
CA ALA E 392 -49.34 26.74 -7.27
C ALA E 392 -49.07 28.22 -7.04
N LYS E 393 -49.11 29.00 -8.13
CA LYS E 393 -48.91 30.43 -8.08
C LYS E 393 -49.93 31.04 -7.14
N ARG E 394 -51.20 30.70 -7.35
CA ARG E 394 -52.30 31.23 -6.55
C ARG E 394 -52.02 30.99 -5.07
N ALA E 395 -51.78 29.71 -4.72
CA ALA E 395 -51.58 29.31 -3.34
C ALA E 395 -50.47 30.13 -2.71
N LEU E 396 -49.32 30.26 -3.39
CA LEU E 396 -48.17 30.95 -2.80
C LEU E 396 -48.52 32.42 -2.55
N ARG E 397 -49.31 33.02 -3.46
CA ARG E 397 -49.77 34.39 -3.33
C ARG E 397 -50.74 34.52 -2.17
N LEU E 398 -51.63 33.52 -2.02
CA LEU E 398 -52.64 33.51 -0.97
C LEU E 398 -51.99 33.40 0.41
N LEU E 399 -50.84 32.72 0.49
CA LEU E 399 -50.04 32.67 1.70
C LEU E 399 -49.19 33.92 1.82
N GLY E 400 -48.95 34.60 0.69
CA GLY E 400 -48.30 35.90 0.66
C GLY E 400 -46.84 35.80 0.24
N GLU E 401 -46.25 34.62 0.49
CA GLU E 401 -44.91 34.27 0.07
C GLU E 401 -44.79 34.49 -1.44
N GLU E 402 -43.69 35.13 -1.86
CA GLU E 402 -43.44 35.48 -3.25
C GLU E 402 -43.55 34.24 -4.13
N VAL E 403 -44.08 34.41 -5.33
CA VAL E 403 -44.21 33.28 -6.23
C VAL E 403 -42.98 33.20 -7.13
N PRO E 404 -42.22 32.07 -7.09
CA PRO E 404 -41.07 31.87 -7.97
C PRO E 404 -41.48 31.78 -9.44
N ARG E 405 -40.70 32.46 -10.28
CA ARG E 405 -40.81 32.35 -11.72
C ARG E 405 -40.34 30.94 -12.12
N PRO E 406 -40.94 30.31 -13.15
CA PRO E 406 -40.46 29.00 -13.61
C PRO E 406 -39.03 29.10 -14.11
N ILE E 407 -38.32 27.97 -14.05
CA ILE E 407 -36.96 27.84 -14.49
C ILE E 407 -36.96 27.54 -15.99
N LEU E 408 -36.08 28.21 -16.76
CA LEU E 408 -35.79 27.80 -18.14
C LEU E 408 -35.12 26.43 -18.14
N PRO E 409 -35.57 25.44 -18.93
CA PRO E 409 -35.17 24.06 -18.68
C PRO E 409 -33.85 23.74 -19.38
N SER E 410 -33.45 24.61 -20.31
CA SER E 410 -32.23 24.39 -21.07
C SER E 410 -31.02 24.67 -20.17
N VAL E 411 -30.69 23.75 -19.29
CA VAL E 411 -29.79 24.14 -18.24
C VAL E 411 -28.46 24.47 -18.86
N PRO E 412 -27.92 23.66 -19.77
CA PRO E 412 -26.49 23.73 -20.05
C PRO E 412 -26.20 25.03 -20.77
N SER E 413 -27.24 25.66 -21.30
CA SER E 413 -26.99 26.98 -21.81
C SER E 413 -27.36 28.09 -20.82
N TRP E 414 -27.13 27.92 -19.51
CA TRP E 414 -27.56 28.91 -18.53
C TRP E 414 -26.37 29.77 -18.21
N LYS E 415 -26.61 31.06 -17.97
CA LYS E 415 -25.53 31.92 -17.56
C LYS E 415 -25.44 31.99 -16.04
N GLU E 416 -24.46 32.71 -15.51
CA GLU E 416 -24.38 32.84 -14.07
C GLU E 416 -25.67 33.42 -13.49
N ALA E 417 -26.37 34.28 -14.22
CA ALA E 417 -27.63 34.78 -13.71
C ALA E 417 -28.67 33.69 -13.39
N GLU E 418 -28.85 32.72 -14.29
CA GLU E 418 -29.85 31.70 -14.04
C GLU E 418 -29.34 30.76 -12.97
N VAL E 419 -28.03 30.69 -12.76
CA VAL E 419 -27.72 29.80 -11.69
C VAL E 419 -28.09 30.48 -10.40
N GLN E 420 -28.01 31.80 -10.37
CA GLN E 420 -28.35 32.37 -9.09
C GLN E 420 -29.84 32.26 -8.92
N THR E 421 -30.58 32.24 -10.01
CA THR E 421 -31.98 32.24 -9.67
C THR E 421 -32.41 30.91 -9.06
N TRP E 422 -31.90 29.82 -9.60
CA TRP E 422 -32.28 28.52 -9.12
C TRP E 422 -31.67 28.31 -7.75
N LEU E 423 -30.43 28.71 -7.51
CA LEU E 423 -29.98 28.66 -6.12
C LEU E 423 -30.97 29.30 -5.17
N GLN E 424 -31.77 30.27 -5.61
CA GLN E 424 -32.66 30.88 -4.66
C GLN E 424 -33.99 30.15 -4.55
N GLN E 425 -34.29 29.29 -5.50
CA GLN E 425 -35.66 28.80 -5.48
C GLN E 425 -35.62 27.40 -4.91
N ILE E 426 -34.45 26.98 -4.50
CA ILE E 426 -34.34 25.66 -3.92
C ILE E 426 -33.81 25.93 -2.53
N GLY E 427 -33.92 27.23 -2.19
CA GLY E 427 -33.35 27.85 -1.02
C GLY E 427 -31.97 27.32 -0.62
N PHE E 428 -31.01 27.66 -1.44
CA PHE E 428 -29.68 27.68 -0.90
C PHE E 428 -29.08 29.06 -1.01
N SER E 429 -29.82 30.08 -0.60
CA SER E 429 -29.29 31.43 -0.78
C SER E 429 -28.00 31.67 -0.01
N LYS E 430 -27.81 31.00 1.13
CA LYS E 430 -26.54 31.16 1.82
C LYS E 430 -25.40 31.07 0.82
N TYR E 431 -25.64 30.39 -0.29
CA TYR E 431 -24.48 30.03 -1.08
C TYR E 431 -24.38 30.85 -2.34
N CYS E 432 -25.39 31.69 -2.59
CA CYS E 432 -25.40 32.39 -3.84
C CYS E 432 -24.10 33.17 -3.99
N GLU E 433 -23.65 33.79 -2.91
CA GLU E 433 -22.47 34.60 -3.07
C GLU E 433 -21.32 33.75 -3.58
N SER E 434 -20.99 32.66 -2.90
CA SER E 434 -19.88 31.85 -3.39
C SER E 434 -20.10 31.41 -4.82
N PHE E 435 -21.33 31.10 -5.19
CA PHE E 435 -21.50 30.71 -6.57
C PHE E 435 -21.20 31.87 -7.49
N ARG E 436 -21.53 33.13 -7.14
CA ARG E 436 -21.17 34.21 -8.05
C ARG E 436 -19.67 34.48 -8.07
N GLU E 437 -19.02 34.31 -6.94
CA GLU E 437 -17.64 34.68 -6.89
C GLU E 437 -16.90 33.65 -7.74
N GLN E 438 -17.37 32.41 -7.78
CA GLN E 438 -16.62 31.50 -8.62
C GLN E 438 -17.20 31.38 -10.02
N GLN E 439 -18.09 32.31 -10.34
CA GLN E 439 -18.84 32.39 -11.59
C GLN E 439 -19.21 31.02 -12.17
N VAL E 440 -19.83 30.16 -11.37
CA VAL E 440 -20.46 28.95 -11.86
C VAL E 440 -21.61 29.34 -12.77
N ASP E 441 -21.62 28.77 -13.98
CA ASP E 441 -22.75 28.93 -14.88
C ASP E 441 -23.33 27.55 -15.15
N GLY E 442 -24.22 27.49 -16.17
CA GLY E 442 -24.88 26.26 -16.57
C GLY E 442 -23.98 25.03 -16.70
N ASP E 443 -22.91 25.14 -17.49
CA ASP E 443 -22.15 23.94 -17.76
C ASP E 443 -21.51 23.49 -16.47
N LEU E 444 -21.05 24.44 -15.67
CA LEU E 444 -20.26 23.98 -14.55
C LEU E 444 -21.17 23.36 -13.50
N LEU E 445 -22.37 23.93 -13.41
CA LEU E 445 -23.32 23.49 -12.42
C LEU E 445 -23.55 22.02 -12.66
N LEU E 446 -23.94 21.65 -13.89
CA LEU E 446 -24.23 20.26 -14.24
C LEU E 446 -23.05 19.35 -14.01
N ARG E 447 -21.88 19.89 -13.68
CA ARG E 447 -20.74 19.00 -13.60
C ARG E 447 -20.11 19.04 -12.23
N LEU E 448 -20.80 19.59 -11.22
CA LEU E 448 -20.15 19.86 -9.95
C LEU E 448 -19.84 18.54 -9.29
N THR E 449 -18.69 18.48 -8.62
CA THR E 449 -18.37 17.26 -7.90
C THR E 449 -18.56 17.55 -6.42
N GLU E 450 -18.50 16.51 -5.58
CA GLU E 450 -18.56 16.73 -4.15
C GLU E 450 -17.40 17.63 -3.70
N GLU E 451 -16.21 17.34 -4.23
CA GLU E 451 -15.00 18.03 -3.84
C GLU E 451 -15.12 19.54 -4.11
N GLU E 452 -15.58 19.90 -5.31
CA GLU E 452 -15.67 21.30 -5.65
C GLU E 452 -16.67 21.98 -4.74
N LEU E 453 -17.71 21.22 -4.40
CA LEU E 453 -18.80 21.77 -3.64
C LEU E 453 -18.28 22.06 -2.25
N GLN E 454 -17.50 21.12 -1.73
CA GLN E 454 -16.96 21.23 -0.40
C GLN E 454 -15.95 22.37 -0.35
N THR E 455 -14.91 22.23 -1.17
CA THR E 455 -13.73 23.06 -1.06
C THR E 455 -13.99 24.45 -1.63
N ASP E 456 -14.47 24.50 -2.87
CA ASP E 456 -14.33 25.70 -3.67
C ASP E 456 -15.55 26.56 -3.43
N LEU E 457 -16.65 25.88 -3.26
CA LEU E 457 -17.89 26.58 -3.10
C LEU E 457 -18.22 26.72 -1.62
N GLY E 458 -17.52 25.95 -0.79
CA GLY E 458 -17.59 26.15 0.65
C GLY E 458 -18.86 25.65 1.37
N MET E 459 -19.39 24.52 0.93
CA MET E 459 -20.45 23.80 1.60
C MET E 459 -19.82 22.77 2.54
N LYS E 460 -19.56 23.19 3.78
CA LYS E 460 -18.88 22.37 4.78
C LYS E 460 -19.60 21.01 4.94
N SER E 461 -20.90 21.02 5.28
CA SER E 461 -21.66 19.87 5.78
C SER E 461 -21.92 18.77 4.75
N GLY E 462 -21.44 17.57 5.02
CA GLY E 462 -21.90 16.44 4.22
C GLY E 462 -23.43 16.38 4.05
N ILE E 463 -24.17 16.66 5.11
CA ILE E 463 -25.59 16.50 4.97
C ILE E 463 -26.07 17.58 4.04
N THR E 464 -25.43 18.74 4.12
CA THR E 464 -25.89 19.76 3.20
C THR E 464 -25.51 19.45 1.77
N ARG E 465 -24.24 19.08 1.55
CA ARG E 465 -23.94 18.59 0.22
C ARG E 465 -25.02 17.65 -0.28
N LYS E 466 -25.33 16.64 0.52
CA LYS E 466 -26.36 15.70 0.14
C LYS E 466 -27.67 16.42 -0.15
N ARG E 467 -28.08 17.46 0.57
CA ARG E 467 -29.38 17.94 0.15
C ARG E 467 -29.21 18.69 -1.16
N PHE E 468 -28.02 19.26 -1.38
CA PHE E 468 -27.77 20.04 -2.59
C PHE E 468 -27.93 19.09 -3.76
N PHE E 469 -27.14 18.02 -3.73
CA PHE E 469 -27.12 17.12 -4.84
C PHE E 469 -28.51 16.60 -5.13
N ARG E 470 -29.29 16.36 -4.10
CA ARG E 470 -30.62 15.89 -4.34
C ARG E 470 -31.37 16.93 -5.16
N GLU E 471 -31.10 18.22 -4.95
CA GLU E 471 -31.89 19.21 -5.65
C GLU E 471 -31.39 19.30 -7.08
N LEU E 472 -30.09 19.06 -7.21
CA LEU E 472 -29.46 19.14 -8.49
C LEU E 472 -29.97 18.03 -9.42
N THR E 473 -29.94 16.82 -8.91
CA THR E 473 -30.49 15.69 -9.63
C THR E 473 -31.91 15.97 -10.07
N GLU E 474 -32.73 16.61 -9.26
CA GLU E 474 -34.02 16.92 -9.85
C GLU E 474 -33.86 17.83 -11.06
N LEU E 475 -32.93 18.79 -11.03
CA LEU E 475 -32.78 19.69 -12.16
C LEU E 475 -32.37 18.90 -13.38
N LYS E 476 -31.26 18.16 -13.23
CA LYS E 476 -30.65 17.42 -14.32
C LYS E 476 -31.70 16.56 -14.97
N THR E 477 -32.68 16.13 -14.21
CA THR E 477 -33.70 15.30 -14.80
C THR E 477 -34.74 16.12 -15.56
N PHE E 478 -34.91 17.39 -15.23
CA PHE E 478 -35.93 18.12 -15.94
C PHE E 478 -35.28 18.76 -17.17
N ALA E 479 -33.95 18.82 -17.18
CA ALA E 479 -33.23 19.60 -18.19
C ALA E 479 -33.63 19.31 -19.63
N ASN E 480 -33.57 20.34 -20.47
CA ASN E 480 -33.68 20.11 -21.89
C ASN E 480 -32.29 20.04 -22.50
N TYR E 481 -31.87 18.87 -22.91
CA TYR E 481 -30.49 18.83 -23.34
C TYR E 481 -30.28 18.94 -24.85
N SER E 482 -31.17 19.63 -25.57
CA SER E 482 -31.22 19.52 -27.02
C SER E 482 -29.96 20.06 -27.69
N THR E 483 -29.51 21.21 -27.20
CA THR E 483 -28.33 21.82 -27.73
C THR E 483 -27.12 20.90 -27.59
N CYS E 484 -27.14 19.92 -26.70
CA CYS E 484 -25.87 19.25 -26.57
C CYS E 484 -25.95 17.76 -26.92
N ASP E 485 -27.11 17.28 -27.33
CA ASP E 485 -27.27 15.83 -27.41
C ASP E 485 -27.79 15.41 -28.79
N ARG E 486 -26.89 14.98 -29.67
CA ARG E 486 -27.32 14.84 -31.04
C ARG E 486 -28.06 13.53 -31.27
N SER E 487 -27.99 12.61 -30.30
CA SER E 487 -28.39 11.24 -30.56
C SER E 487 -29.56 10.85 -29.67
N ASN E 488 -30.16 11.86 -29.04
CA ASN E 488 -31.19 11.71 -28.03
C ASN E 488 -30.82 10.64 -27.01
N LEU E 489 -29.59 10.70 -26.52
CA LEU E 489 -29.19 9.79 -25.49
C LEU E 489 -30.07 9.99 -24.26
N ALA E 490 -30.56 11.22 -24.11
CA ALA E 490 -31.47 11.48 -23.00
C ALA E 490 -32.63 10.50 -23.06
N ASP E 491 -33.23 10.32 -24.22
CA ASP E 491 -34.44 9.51 -24.19
C ASP E 491 -34.09 8.05 -24.04
N TRP E 492 -32.94 7.66 -24.56
CA TRP E 492 -32.56 6.29 -24.36
C TRP E 492 -32.37 6.05 -22.87
N LEU E 493 -31.51 6.84 -22.24
CA LEU E 493 -31.28 6.57 -20.84
C LEU E 493 -32.62 6.61 -20.12
N GLY E 494 -33.48 7.50 -20.57
CA GLY E 494 -34.75 7.67 -19.91
C GLY E 494 -35.65 6.46 -20.11
N SER E 495 -35.38 5.67 -21.13
CA SER E 495 -36.21 4.49 -21.24
C SER E 495 -35.77 3.41 -20.27
N LEU E 496 -34.49 3.09 -20.18
CA LEU E 496 -34.09 2.19 -19.11
C LEU E 496 -34.89 2.44 -17.84
N ASP E 497 -34.95 3.70 -17.42
CA ASP E 497 -35.43 4.07 -16.11
C ASP E 497 -35.41 5.58 -16.01
N PRO E 498 -36.56 6.26 -15.84
CA PRO E 498 -36.63 7.72 -15.75
C PRO E 498 -35.64 8.39 -14.82
N ARG E 499 -35.11 7.64 -13.87
CA ARG E 499 -34.16 8.24 -12.99
C ARG E 499 -32.79 8.31 -13.64
N PHE E 500 -32.66 7.87 -14.89
CA PHE E 500 -31.31 7.72 -15.43
C PHE E 500 -31.04 8.92 -16.29
N ARG E 501 -32.13 9.57 -16.65
CA ARG E 501 -32.03 10.67 -17.56
C ARG E 501 -31.09 11.69 -17.02
N GLN E 502 -30.84 11.63 -15.72
CA GLN E 502 -30.01 12.61 -15.05
C GLN E 502 -28.57 12.41 -15.50
N TYR E 503 -28.23 11.25 -16.03
CA TYR E 503 -26.85 11.11 -16.44
C TYR E 503 -26.61 11.63 -17.85
N THR E 504 -27.61 12.24 -18.46
CA THR E 504 -27.38 12.59 -19.84
C THR E 504 -26.12 13.41 -20.02
N TYR E 505 -26.07 14.56 -19.37
CA TYR E 505 -25.01 15.49 -19.68
C TYR E 505 -23.65 14.86 -19.43
N GLY E 506 -23.53 14.15 -18.32
CA GLY E 506 -22.26 13.47 -18.10
C GLY E 506 -21.83 12.53 -19.21
N LEU E 507 -22.78 11.94 -19.92
CA LEU E 507 -22.40 11.04 -20.98
C LEU E 507 -22.16 11.84 -22.24
N VAL E 508 -22.95 12.87 -22.50
CA VAL E 508 -22.68 13.54 -23.76
C VAL E 508 -21.42 14.39 -23.69
N SER E 509 -20.84 14.51 -22.51
CA SER E 509 -19.65 15.31 -22.39
C SER E 509 -18.41 14.47 -22.67
N CYS E 510 -18.38 13.23 -22.20
CA CYS E 510 -17.37 12.28 -22.66
C CYS E 510 -17.59 11.92 -24.13
N GLY E 511 -18.57 12.58 -24.74
CA GLY E 511 -18.69 12.45 -26.18
C GLY E 511 -19.43 11.21 -26.65
N LEU E 512 -19.58 10.18 -25.80
CA LEU E 512 -20.44 9.05 -26.13
C LEU E 512 -21.73 9.54 -26.77
N ASP E 513 -22.16 8.78 -27.76
CA ASP E 513 -23.46 8.98 -28.35
C ASP E 513 -24.04 7.59 -28.43
N ARG E 514 -25.22 7.48 -29.04
CA ARG E 514 -25.89 6.19 -29.11
C ARG E 514 -25.03 5.16 -29.80
N SER E 515 -24.42 5.52 -30.93
CA SER E 515 -23.60 4.57 -31.66
C SER E 515 -22.38 4.11 -30.86
N LEU E 516 -21.89 4.90 -29.91
CA LEU E 516 -20.62 4.49 -29.33
C LEU E 516 -20.89 3.71 -28.06
N LEU E 517 -22.15 3.64 -27.70
CA LEU E 517 -22.43 3.34 -26.31
C LEU E 517 -22.08 1.89 -26.07
N HIS E 518 -22.28 1.07 -27.12
CA HIS E 518 -22.05 -0.37 -27.06
C HIS E 518 -20.62 -0.75 -26.67
N ARG E 519 -19.73 0.22 -26.51
CA ARG E 519 -18.32 -0.08 -26.37
C ARG E 519 -17.75 0.38 -25.03
N VAL E 520 -18.55 1.05 -24.20
CA VAL E 520 -18.02 1.73 -23.03
C VAL E 520 -17.75 0.68 -21.96
N SER E 521 -16.86 0.99 -21.01
CA SER E 521 -16.56 0.05 -19.95
C SER E 521 -17.19 0.54 -18.66
N GLU E 522 -17.31 -0.34 -17.65
CA GLU E 522 -17.73 0.04 -16.32
C GLU E 522 -16.83 1.16 -15.81
N GLN E 523 -15.54 1.07 -16.10
CA GLN E 523 -14.64 2.04 -15.53
C GLN E 523 -14.93 3.42 -16.10
N GLN E 524 -14.99 3.52 -17.44
CA GLN E 524 -15.36 4.77 -18.06
C GLN E 524 -16.62 5.35 -17.41
N LEU E 525 -17.71 4.58 -17.37
CA LEU E 525 -18.94 5.12 -16.83
C LEU E 525 -18.68 5.73 -15.47
N LEU E 526 -17.78 5.12 -14.71
CA LEU E 526 -17.59 5.58 -13.35
C LEU E 526 -16.80 6.88 -13.36
N GLU E 527 -15.62 6.86 -13.99
CA GLU E 527 -14.70 7.98 -13.85
C GLU E 527 -15.09 9.09 -14.80
N ASP E 528 -15.06 8.78 -16.10
CA ASP E 528 -15.40 9.76 -17.11
C ASP E 528 -16.76 10.37 -16.82
N CYS E 529 -17.83 9.56 -16.82
CA CYS E 529 -19.16 10.14 -16.95
C CYS E 529 -19.78 10.42 -15.59
N GLY E 530 -19.04 10.01 -14.56
CA GLY E 530 -19.41 10.27 -13.17
C GLY E 530 -20.70 9.60 -12.74
N ILE E 531 -21.02 8.43 -13.29
CA ILE E 531 -22.11 7.67 -12.70
C ILE E 531 -21.56 6.93 -11.48
N HIS E 532 -22.17 7.19 -10.30
CA HIS E 532 -21.50 6.83 -9.07
C HIS E 532 -22.01 5.52 -8.50
N LEU E 533 -23.32 5.32 -8.59
CA LEU E 533 -23.98 4.11 -8.13
C LEU E 533 -23.67 2.93 -9.05
N GLY E 534 -22.84 2.00 -8.55
CA GLY E 534 -22.58 0.74 -9.24
C GLY E 534 -23.84 0.13 -9.88
N VAL E 535 -24.96 0.21 -9.16
CA VAL E 535 -26.11 -0.56 -9.58
C VAL E 535 -26.54 0.06 -10.88
N HIS E 536 -26.46 1.39 -10.89
CA HIS E 536 -26.93 2.16 -12.02
C HIS E 536 -26.01 1.90 -13.18
N ARG E 537 -24.68 1.90 -12.92
CA ARG E 537 -23.71 1.66 -13.99
C ARG E 537 -24.10 0.39 -14.71
N ALA E 538 -24.01 -0.67 -13.93
CA ALA E 538 -24.40 -1.98 -14.35
C ALA E 538 -25.69 -1.96 -15.17
N ARG E 539 -26.76 -1.29 -14.77
CA ARG E 539 -27.90 -1.43 -15.66
C ARG E 539 -27.66 -0.73 -16.99
N ILE E 540 -26.93 0.41 -16.99
CA ILE E 540 -26.79 1.20 -18.21
C ILE E 540 -25.97 0.35 -19.15
N LEU E 541 -24.91 -0.20 -18.56
CA LEU E 541 -23.88 -0.88 -19.30
C LEU E 541 -24.46 -2.08 -20.02
N THR E 542 -25.14 -2.92 -19.29
CA THR E 542 -25.99 -3.96 -19.83
C THR E 542 -26.90 -3.50 -20.95
N ALA E 543 -27.62 -2.41 -20.78
CA ALA E 543 -28.54 -2.16 -21.85
C ALA E 543 -27.77 -1.64 -23.05
N ALA E 544 -26.58 -1.12 -22.77
CA ALA E 544 -25.72 -0.71 -23.86
C ALA E 544 -25.40 -1.91 -24.73
N ARG E 545 -25.03 -3.01 -24.08
CA ARG E 545 -24.52 -4.16 -24.81
C ARG E 545 -25.65 -4.85 -25.57
N GLU E 546 -26.90 -4.59 -25.20
CA GLU E 546 -28.03 -5.06 -25.98
C GLU E 546 -28.26 -4.15 -27.18
N MET E 547 -27.62 -2.97 -27.16
CA MET E 547 -27.66 -2.02 -28.26
C MET E 547 -26.53 -2.31 -29.25
N LEU E 548 -25.72 -3.34 -28.95
CA LEU E 548 -24.67 -3.76 -29.86
C LEU E 548 -25.31 -4.23 -31.16
N HIS E 549 -26.34 -5.09 -31.03
CA HIS E 549 -27.11 -5.62 -32.15
C HIS E 549 -28.30 -4.71 -32.46
N SER E 550 -28.57 -3.74 -31.58
CA SER E 550 -29.64 -2.77 -31.78
C SER E 550 -29.11 -1.33 -31.77
N PRO E 551 -28.23 -0.90 -32.72
CA PRO E 551 -27.63 0.44 -32.67
C PRO E 551 -28.63 1.54 -33.06
N ASP E 562 -22.29 17.47 -59.95
CA ASP E 562 -22.68 18.14 -61.23
C ASP E 562 -24.00 17.56 -61.75
N THR E 563 -24.50 16.51 -61.08
CA THR E 563 -25.68 15.77 -61.52
C THR E 563 -26.79 15.82 -60.48
N PRO E 564 -27.60 16.90 -60.42
CA PRO E 564 -28.92 16.86 -59.78
C PRO E 564 -29.93 16.21 -60.74
N ASP E 565 -31.01 15.67 -60.16
CA ASP E 565 -32.09 15.08 -60.95
C ASP E 565 -32.69 16.14 -61.86
N VAL E 566 -32.96 17.33 -61.29
CA VAL E 566 -33.63 18.42 -61.97
C VAL E 566 -32.79 19.70 -61.83
N PHE E 567 -32.96 20.62 -62.78
CA PHE E 567 -32.52 22.00 -62.66
C PHE E 567 -33.66 22.95 -63.03
N ILE E 568 -33.86 23.97 -62.19
CA ILE E 568 -34.82 25.03 -62.43
C ILE E 568 -34.09 26.31 -62.82
N SER E 569 -34.31 26.75 -64.06
CA SER E 569 -33.79 28.00 -64.61
C SER E 569 -34.92 29.01 -64.76
N TYR E 570 -34.66 30.27 -64.39
CA TYR E 570 -35.69 31.28 -64.23
C TYR E 570 -35.06 32.64 -63.96
N ARG E 571 -35.86 33.70 -64.13
CA ARG E 571 -35.49 35.08 -63.84
C ARG E 571 -35.64 35.33 -62.34
N ARG E 572 -34.54 35.72 -61.68
CA ARG E 572 -34.54 35.94 -60.24
C ARG E 572 -35.51 37.07 -59.87
N ASN E 573 -35.80 37.95 -60.82
CA ASN E 573 -36.66 39.11 -60.59
C ASN E 573 -38.14 38.73 -60.65
N SER E 574 -38.47 37.70 -61.46
CA SER E 574 -39.87 37.40 -61.75
C SER E 574 -40.29 36.00 -61.30
N GLY E 575 -39.47 34.99 -61.64
CA GLY E 575 -39.81 33.59 -61.43
C GLY E 575 -39.18 33.00 -60.16
N SER E 576 -38.57 33.85 -59.33
CA SER E 576 -37.91 33.46 -58.09
C SER E 576 -38.84 32.67 -57.19
N GLN E 577 -40.11 33.10 -57.14
CA GLN E 577 -41.16 32.50 -56.33
C GLN E 577 -41.37 31.06 -56.76
N LEU E 578 -41.82 30.88 -58.02
CA LEU E 578 -42.17 29.58 -58.57
C LEU E 578 -41.00 28.61 -58.43
N ALA E 579 -39.78 29.10 -58.69
CA ALA E 579 -38.54 28.34 -58.64
C ALA E 579 -38.44 27.55 -57.33
N SER E 580 -38.39 28.27 -56.21
CA SER E 580 -38.30 27.71 -54.87
C SER E 580 -39.41 26.70 -54.64
N LEU E 581 -40.65 27.16 -54.85
CA LEU E 581 -41.89 26.40 -54.67
C LEU E 581 -41.78 25.01 -55.29
N LEU E 582 -41.37 24.97 -56.58
CA LEU E 582 -41.17 23.74 -57.32
C LEU E 582 -40.12 22.85 -56.65
N LYS E 583 -38.93 23.42 -56.39
CA LYS E 583 -37.83 22.72 -55.76
C LYS E 583 -38.32 21.96 -54.53
N VAL E 584 -38.96 22.69 -53.60
CA VAL E 584 -39.53 22.15 -52.37
C VAL E 584 -40.38 20.93 -52.71
N HIS E 585 -41.43 21.17 -53.52
CA HIS E 585 -42.41 20.17 -53.91
C HIS E 585 -41.73 18.94 -54.49
N LEU E 586 -40.76 19.16 -55.38
CA LEU E 586 -40.08 18.08 -56.06
C LEU E 586 -39.15 17.34 -55.09
N GLN E 587 -38.57 18.06 -54.12
CA GLN E 587 -37.67 17.47 -53.15
C GLN E 587 -38.43 16.55 -52.20
N LEU E 588 -39.64 16.99 -51.80
CA LEU E 588 -40.59 16.15 -51.08
C LEU E 588 -40.83 14.85 -51.84
N HIS E 589 -40.92 14.97 -53.18
CA HIS E 589 -41.31 13.87 -54.05
C HIS E 589 -40.11 13.08 -54.57
N GLY E 590 -38.93 13.32 -53.97
CA GLY E 590 -37.76 12.47 -54.15
C GLY E 590 -36.90 12.84 -55.35
N PHE E 591 -37.02 14.09 -55.84
CA PHE E 591 -36.09 14.65 -56.80
C PHE E 591 -35.13 15.60 -56.09
N SER E 592 -33.83 15.36 -56.28
CA SER E 592 -32.80 16.33 -55.93
C SER E 592 -32.78 17.41 -57.01
N VAL E 593 -33.00 18.66 -56.58
CA VAL E 593 -33.15 19.76 -57.53
C VAL E 593 -31.98 20.73 -57.37
N PHE E 594 -31.78 21.55 -58.41
CA PHE E 594 -30.84 22.65 -58.41
C PHE E 594 -31.55 23.91 -58.91
N ILE E 595 -31.09 25.06 -58.40
CA ILE E 595 -31.75 26.34 -58.63
C ILE E 595 -30.74 27.28 -59.28
N ASP E 596 -31.28 28.19 -60.11
CA ASP E 596 -30.54 29.19 -60.86
C ASP E 596 -30.15 30.33 -59.93
N VAL E 597 -29.20 30.08 -59.03
CA VAL E 597 -28.65 31.12 -58.15
C VAL E 597 -27.86 32.08 -59.02
N GLU E 598 -28.56 33.10 -59.55
CA GLU E 598 -27.99 34.09 -60.45
C GLU E 598 -27.39 35.22 -59.62
N LYS E 599 -26.07 35.13 -59.37
CA LYS E 599 -25.32 36.11 -58.59
C LYS E 599 -23.85 36.08 -58.99
N LEU E 600 -23.46 35.03 -59.74
CA LEU E 600 -22.06 34.67 -59.94
C LEU E 600 -21.70 34.72 -61.42
N GLU E 601 -20.53 35.33 -61.71
CA GLU E 601 -20.04 35.58 -63.06
C GLU E 601 -18.62 35.03 -63.23
N ALA E 602 -17.95 34.78 -62.10
CA ALA E 602 -16.54 34.39 -62.06
C ALA E 602 -16.38 32.89 -62.25
N GLY E 603 -15.15 32.47 -62.56
CA GLY E 603 -14.80 31.08 -62.78
C GLY E 603 -15.12 30.62 -64.20
N LYS E 604 -14.42 31.24 -65.17
CA LYS E 604 -14.57 31.02 -66.61
C LYS E 604 -16.03 31.15 -67.02
N PHE E 605 -16.53 32.39 -66.97
CA PHE E 605 -17.92 32.75 -67.25
C PHE E 605 -18.88 31.72 -66.66
N GLU E 606 -18.73 31.45 -65.35
CA GLU E 606 -19.53 30.49 -64.60
C GLU E 606 -19.71 29.17 -65.37
N ASP E 607 -18.62 28.42 -65.54
CA ASP E 607 -18.70 27.10 -66.16
C ASP E 607 -19.29 26.08 -65.19
N LYS E 608 -19.14 26.34 -63.88
CA LYS E 608 -19.65 25.49 -62.82
C LYS E 608 -21.18 25.51 -62.84
N LEU E 609 -21.76 26.67 -63.18
CA LEU E 609 -23.19 26.85 -63.35
C LEU E 609 -23.74 25.79 -64.30
N ILE E 610 -23.07 25.64 -65.45
CA ILE E 610 -23.60 24.75 -66.48
C ILE E 610 -23.19 23.30 -66.23
N GLN E 611 -22.08 23.06 -65.53
CA GLN E 611 -21.77 21.68 -65.14
C GLN E 611 -23.01 21.04 -64.50
N SER E 612 -23.71 21.85 -63.68
CA SER E 612 -24.94 21.42 -63.03
C SER E 612 -26.05 21.17 -64.06
N VAL E 613 -26.24 22.10 -65.01
CA VAL E 613 -27.32 22.02 -65.99
C VAL E 613 -27.09 20.86 -66.96
N MET E 614 -25.88 20.83 -67.55
CA MET E 614 -25.43 19.78 -68.47
C MET E 614 -25.61 18.40 -67.83
N GLY E 615 -25.44 18.34 -66.50
CA GLY E 615 -25.60 17.11 -65.73
C GLY E 615 -27.03 16.86 -65.28
N ALA E 616 -27.82 17.96 -65.13
CA ALA E 616 -29.20 17.86 -64.68
C ALA E 616 -30.04 17.16 -65.74
N ARG E 617 -30.44 15.91 -65.45
CA ARG E 617 -31.19 15.08 -66.38
C ARG E 617 -32.43 15.84 -66.86
N ASN E 618 -33.21 16.32 -65.88
CA ASN E 618 -34.42 17.08 -66.12
C ASN E 618 -34.12 18.57 -65.99
N PHE E 619 -34.76 19.34 -66.86
CA PHE E 619 -34.63 20.79 -66.88
C PHE E 619 -36.02 21.42 -66.81
N VAL E 620 -36.35 21.99 -65.65
CA VAL E 620 -37.54 22.83 -65.53
C VAL E 620 -37.14 24.26 -65.89
N LEU E 621 -37.92 24.83 -66.82
CA LEU E 621 -37.83 26.24 -67.16
C LEU E 621 -39.08 26.93 -66.63
N VAL E 622 -38.88 27.91 -65.74
CA VAL E 622 -39.98 28.71 -65.22
C VAL E 622 -40.22 29.85 -66.21
N LEU E 623 -41.36 29.74 -66.91
CA LEU E 623 -41.77 30.73 -67.88
C LEU E 623 -42.86 31.61 -67.26
N SER E 624 -42.38 32.67 -66.59
CA SER E 624 -43.15 33.82 -66.14
C SER E 624 -43.41 34.74 -67.33
N PRO E 625 -44.31 35.74 -67.23
CA PRO E 625 -44.51 36.71 -68.31
C PRO E 625 -43.20 37.40 -68.67
N GLY E 626 -42.62 37.01 -69.81
CA GLY E 626 -41.36 37.52 -70.29
C GLY E 626 -40.19 37.10 -69.41
N ALA E 627 -39.89 35.80 -69.41
CA ALA E 627 -38.77 35.23 -68.67
C ALA E 627 -37.54 35.09 -69.56
N LEU E 628 -37.66 35.48 -70.84
CA LEU E 628 -36.65 35.23 -71.86
C LEU E 628 -36.04 36.54 -72.39
N ASP E 629 -36.06 37.59 -71.57
CA ASP E 629 -35.67 38.93 -71.98
C ASP E 629 -34.18 38.98 -72.34
N LYS E 630 -33.31 38.61 -71.39
CA LYS E 630 -31.87 38.66 -71.57
C LYS E 630 -31.42 37.54 -72.52
N CYS E 631 -32.20 36.45 -72.58
CA CYS E 631 -31.98 35.35 -73.50
C CYS E 631 -32.21 35.82 -74.94
N MET E 632 -33.23 36.67 -75.12
CA MET E 632 -33.57 37.24 -76.41
C MET E 632 -32.33 37.91 -77.01
N GLN E 633 -31.91 37.35 -78.15
CA GLN E 633 -30.78 37.79 -78.96
C GLN E 633 -29.49 37.89 -78.13
N ASP E 634 -29.26 36.88 -77.28
CA ASP E 634 -28.04 36.81 -76.48
C ASP E 634 -27.00 35.99 -77.24
N HIS E 635 -26.27 36.70 -78.12
CA HIS E 635 -25.35 36.08 -79.07
C HIS E 635 -24.00 35.79 -78.42
N ASP E 636 -23.70 36.51 -77.33
CA ASP E 636 -22.49 36.29 -76.56
C ASP E 636 -22.67 35.09 -75.62
N CYS E 637 -23.91 34.58 -75.54
CA CYS E 637 -24.30 33.48 -74.66
C CYS E 637 -23.75 33.75 -73.25
N LYS E 638 -24.18 34.90 -72.69
CA LYS E 638 -23.64 35.39 -71.43
C LYS E 638 -24.70 35.39 -70.33
N ASP E 639 -25.97 35.61 -70.71
CA ASP E 639 -27.09 35.50 -69.78
C ASP E 639 -27.24 34.04 -69.35
N TRP E 640 -27.22 33.82 -68.02
CA TRP E 640 -27.23 32.50 -67.39
C TRP E 640 -28.42 31.64 -67.83
N VAL E 641 -29.59 32.28 -68.01
CA VAL E 641 -30.81 31.60 -68.43
C VAL E 641 -30.59 31.10 -69.85
N HIS E 642 -30.20 32.01 -70.75
CA HIS E 642 -29.92 31.71 -72.15
C HIS E 642 -28.98 30.51 -72.26
N LYS E 643 -27.76 30.71 -71.75
CA LYS E 643 -26.71 29.72 -71.53
C LYS E 643 -27.29 28.34 -71.17
N GLN E 644 -28.05 28.27 -70.06
CA GLN E 644 -28.58 27.03 -69.51
C GLN E 644 -29.47 26.33 -70.54
N ILE E 645 -30.42 27.08 -71.10
CA ILE E 645 -31.34 26.59 -72.13
C ILE E 645 -30.53 25.85 -73.19
N VAL E 646 -29.51 26.53 -73.73
CA VAL E 646 -28.64 26.07 -74.78
C VAL E 646 -27.98 24.74 -74.37
N THR E 647 -27.36 24.72 -73.19
CA THR E 647 -26.54 23.61 -72.71
C THR E 647 -27.40 22.39 -72.43
N ALA E 648 -28.62 22.62 -71.90
CA ALA E 648 -29.63 21.59 -71.70
C ALA E 648 -30.01 20.98 -73.05
N LEU E 649 -30.43 21.84 -74.00
CA LEU E 649 -30.74 21.47 -75.37
C LEU E 649 -29.59 20.70 -76.00
N SER E 650 -28.35 21.18 -75.77
CA SER E 650 -27.12 20.56 -76.24
C SER E 650 -27.03 19.12 -75.76
N CYS E 651 -27.24 18.92 -74.46
CA CYS E 651 -27.09 17.62 -73.81
C CYS E 651 -28.33 16.75 -74.04
N GLY E 652 -29.33 17.32 -74.73
CA GLY E 652 -30.61 16.67 -74.99
C GLY E 652 -31.34 16.34 -73.69
N LYS E 653 -31.56 17.37 -72.87
CA LYS E 653 -32.13 17.18 -71.54
C LYS E 653 -33.64 17.36 -71.59
N ASN E 654 -34.31 16.67 -70.65
CA ASN E 654 -35.76 16.66 -70.51
C ASN E 654 -36.24 18.04 -70.05
N ILE E 655 -36.73 18.82 -71.01
CA ILE E 655 -37.14 20.21 -70.75
C ILE E 655 -38.65 20.25 -70.55
N VAL E 656 -39.04 20.74 -69.37
CA VAL E 656 -40.45 20.93 -68.99
C VAL E 656 -40.64 22.40 -68.64
N PRO E 657 -41.16 23.22 -69.60
CA PRO E 657 -41.57 24.60 -69.31
C PRO E 657 -42.79 24.64 -68.39
N ILE E 658 -42.73 25.52 -67.39
CA ILE E 658 -43.85 25.71 -66.47
C ILE E 658 -44.44 27.10 -66.70
N ILE E 659 -45.72 27.10 -67.10
CA ILE E 659 -46.38 28.25 -67.70
C ILE E 659 -47.23 28.94 -66.63
N ASP E 660 -46.83 30.18 -66.31
CA ASP E 660 -47.47 31.01 -65.31
C ASP E 660 -47.44 32.45 -65.82
N GLY E 661 -48.24 32.71 -66.86
CA GLY E 661 -48.41 34.04 -67.45
C GLY E 661 -47.55 34.27 -68.68
N PHE E 662 -46.82 33.23 -69.13
CA PHE E 662 -45.93 33.32 -70.27
C PHE E 662 -46.74 33.44 -71.57
N GLU E 663 -46.43 34.51 -72.32
CA GLU E 663 -46.85 34.65 -73.71
C GLU E 663 -45.70 34.19 -74.60
N TRP E 664 -46.00 33.23 -75.49
CA TRP E 664 -45.02 32.58 -76.35
C TRP E 664 -44.56 33.53 -77.45
N PRO E 665 -43.24 33.83 -77.54
CA PRO E 665 -42.70 34.74 -78.56
C PRO E 665 -42.45 34.08 -79.90
N GLU E 666 -41.96 34.87 -80.86
CA GLU E 666 -41.39 34.36 -82.10
C GLU E 666 -40.06 33.69 -81.77
N PRO E 667 -39.81 32.45 -82.28
CA PRO E 667 -38.52 31.78 -82.09
C PRO E 667 -37.35 32.61 -82.63
N GLN E 668 -37.61 33.37 -83.71
CA GLN E 668 -36.62 34.22 -84.38
C GLN E 668 -36.06 35.28 -83.44
N VAL E 669 -36.83 35.69 -82.42
CA VAL E 669 -36.40 36.67 -81.45
C VAL E 669 -35.40 36.05 -80.47
N LEU E 670 -35.39 34.72 -80.38
CA LEU E 670 -34.39 33.98 -79.62
C LEU E 670 -33.22 33.62 -80.54
N PRO E 671 -31.98 33.48 -80.00
CA PRO E 671 -30.90 32.84 -80.75
C PRO E 671 -31.26 31.38 -81.05
N GLU E 672 -30.80 30.92 -82.23
CA GLU E 672 -31.18 29.64 -82.83
C GLU E 672 -30.88 28.49 -81.88
N ASP E 673 -29.79 28.63 -81.11
CA ASP E 673 -29.29 27.65 -80.17
C ASP E 673 -30.30 27.35 -79.07
N MET E 674 -31.34 28.19 -78.94
CA MET E 674 -32.28 28.10 -77.83
C MET E 674 -33.74 28.25 -78.27
N GLN E 675 -33.96 28.48 -79.59
CA GLN E 675 -35.27 28.70 -80.17
C GLN E 675 -36.20 27.51 -79.92
N ALA E 676 -35.63 26.30 -79.96
CA ALA E 676 -36.36 25.04 -79.93
C ALA E 676 -36.94 24.76 -78.54
N VAL E 677 -36.55 25.56 -77.54
CA VAL E 677 -37.06 25.40 -76.18
C VAL E 677 -38.56 25.74 -76.14
N LEU E 678 -39.03 26.53 -77.12
CA LEU E 678 -40.43 26.90 -77.28
C LEU E 678 -41.24 25.71 -77.80
N THR E 679 -40.53 24.66 -78.27
CA THR E 679 -41.15 23.52 -78.93
C THR E 679 -41.29 22.35 -77.94
N PHE E 680 -41.11 22.64 -76.64
CA PHE E 680 -41.38 21.70 -75.57
C PHE E 680 -42.74 22.02 -74.95
N ASN E 681 -43.55 20.96 -74.78
CA ASN E 681 -44.90 21.05 -74.22
C ASN E 681 -44.81 21.34 -72.73
N GLY E 682 -45.42 22.47 -72.34
CA GLY E 682 -45.33 23.00 -70.99
C GLY E 682 -46.57 22.70 -70.14
N ILE E 683 -46.44 22.94 -68.82
CA ILE E 683 -47.51 22.67 -67.88
C ILE E 683 -47.98 23.98 -67.25
N LYS E 684 -49.30 24.18 -67.29
CA LYS E 684 -49.99 25.32 -66.68
C LYS E 684 -49.83 25.25 -65.16
N TRP E 685 -49.23 26.32 -64.60
CA TRP E 685 -49.11 26.46 -63.16
C TRP E 685 -50.40 27.00 -62.57
N SER E 686 -50.81 26.38 -61.46
CA SER E 686 -51.90 26.86 -60.61
C SER E 686 -51.48 26.75 -59.15
N HIS E 687 -51.53 27.88 -58.44
CA HIS E 687 -51.29 27.96 -57.01
C HIS E 687 -52.44 27.30 -56.25
N GLU E 688 -53.63 27.38 -56.84
CA GLU E 688 -54.90 26.93 -56.26
C GLU E 688 -54.88 25.40 -56.10
N TYR E 689 -54.61 24.68 -57.20
CA TYR E 689 -54.44 23.24 -57.15
C TYR E 689 -52.96 22.90 -57.37
N GLN E 690 -52.14 23.38 -56.42
CA GLN E 690 -50.68 23.29 -56.46
C GLN E 690 -50.23 21.84 -56.62
N GLU E 691 -50.77 20.96 -55.76
CA GLU E 691 -50.34 19.57 -55.63
C GLU E 691 -50.63 18.81 -56.92
N ALA E 692 -51.81 19.05 -57.51
CA ALA E 692 -52.25 18.41 -58.74
C ALA E 692 -51.29 18.75 -59.88
N THR E 693 -50.91 20.03 -59.96
CA THR E 693 -49.98 20.56 -60.94
C THR E 693 -48.62 19.87 -60.78
N ILE E 694 -48.22 19.68 -59.52
CA ILE E 694 -46.94 19.10 -59.13
C ILE E 694 -46.82 17.66 -59.65
N GLU E 695 -47.90 16.88 -59.49
CA GLU E 695 -47.96 15.49 -59.89
C GLU E 695 -47.76 15.34 -61.39
N LYS E 696 -48.39 16.25 -62.16
CA LYS E 696 -48.27 16.29 -63.60
C LYS E 696 -46.83 16.62 -64.00
N ILE E 697 -46.20 17.57 -63.29
CA ILE E 697 -44.84 18.01 -63.58
C ILE E 697 -43.89 16.84 -63.37
N ILE E 698 -44.07 16.12 -62.25
CA ILE E 698 -43.32 14.93 -61.89
C ILE E 698 -43.44 13.87 -62.98
N ARG E 699 -44.66 13.73 -63.53
CA ARG E 699 -44.96 12.79 -64.62
C ARG E 699 -44.11 13.09 -65.84
N PHE E 700 -43.86 14.38 -66.07
CA PHE E 700 -43.14 14.87 -67.24
C PHE E 700 -41.63 14.73 -67.04
N LEU E 701 -41.22 14.64 -65.77
CA LEU E 701 -39.81 14.44 -65.41
C LEU E 701 -39.42 12.98 -65.64
N GLN E 702 -38.15 12.79 -66.01
CA GLN E 702 -37.61 11.51 -66.44
C GLN E 702 -36.35 11.17 -65.63
N GLY F 58 -44.66 3.44 66.56
CA GLY F 58 -46.12 3.28 66.37
C GLY F 58 -46.48 1.88 65.85
N ALA F 59 -45.80 1.47 64.77
CA ALA F 59 -45.97 0.14 64.19
C ALA F 59 -45.27 -0.89 65.06
N GLY F 60 -43.98 -0.67 65.34
CA GLY F 60 -43.16 -1.54 66.16
C GLY F 60 -43.80 -1.85 67.51
N THR F 61 -44.35 -0.81 68.15
CA THR F 61 -45.00 -0.91 69.44
C THR F 61 -46.07 -2.00 69.43
N GLU F 62 -46.78 -2.10 68.29
CA GLU F 62 -47.86 -3.06 68.09
C GLU F 62 -47.30 -4.43 67.75
N VAL F 63 -46.23 -4.46 66.94
CA VAL F 63 -45.52 -5.69 66.56
C VAL F 63 -44.97 -6.34 67.84
N GLN F 64 -44.31 -5.53 68.67
CA GLN F 64 -43.79 -5.93 69.96
C GLN F 64 -44.94 -6.49 70.81
N ASP F 65 -46.01 -5.68 70.93
CA ASP F 65 -47.24 -6.01 71.65
C ASP F 65 -47.76 -7.38 71.20
N ALA F 66 -47.81 -7.58 69.88
CA ALA F 66 -48.21 -8.84 69.26
C ALA F 66 -47.34 -9.98 69.77
N LEU F 67 -46.01 -9.85 69.56
CA LEU F 67 -45.03 -10.88 69.90
C LEU F 67 -45.13 -11.27 71.38
N GLU F 68 -45.50 -10.31 72.22
CA GLU F 68 -45.67 -10.50 73.66
C GLU F 68 -46.83 -11.46 73.95
N ARG F 69 -47.82 -11.48 73.05
CA ARG F 69 -48.89 -12.45 73.19
C ARG F 69 -48.56 -13.68 72.33
N ALA F 70 -48.12 -13.43 71.09
CA ALA F 70 -48.00 -14.41 70.01
C ALA F 70 -46.91 -15.45 70.28
N LEU F 71 -45.74 -15.02 70.79
CA LEU F 71 -44.64 -15.94 71.04
C LEU F 71 -45.02 -16.94 72.13
N PRO F 72 -45.52 -16.54 73.32
CA PRO F 72 -46.06 -17.49 74.30
C PRO F 72 -47.24 -18.32 73.79
N GLU F 73 -47.97 -17.78 72.82
CA GLU F 73 -49.07 -18.47 72.15
C GLU F 73 -48.51 -19.53 71.21
N LEU F 74 -47.37 -19.22 70.57
CA LEU F 74 -46.61 -20.16 69.77
C LEU F 74 -46.03 -21.26 70.68
N GLN F 75 -45.74 -20.88 71.93
CA GLN F 75 -45.25 -21.81 72.95
C GLN F 75 -46.41 -22.65 73.49
N GLN F 76 -47.59 -22.03 73.61
CA GLN F 76 -48.84 -22.71 73.93
C GLN F 76 -49.12 -23.77 72.86
N ALA F 77 -48.81 -23.41 71.61
CA ALA F 77 -48.85 -24.30 70.47
C ALA F 77 -47.71 -25.32 70.55
N LEU F 78 -46.52 -24.87 70.99
CA LEU F 78 -45.35 -25.77 70.97
C LEU F 78 -45.56 -26.94 71.94
N SER F 79 -46.29 -26.67 73.03
CA SER F 79 -46.73 -27.70 73.96
C SER F 79 -47.58 -28.75 73.23
N ALA F 80 -48.56 -28.27 72.45
CA ALA F 80 -49.47 -29.10 71.68
C ALA F 80 -48.74 -29.75 70.51
N LEU F 81 -47.78 -29.02 69.93
CA LEU F 81 -46.98 -29.45 68.79
C LEU F 81 -46.29 -30.78 69.07
N LYS F 82 -46.14 -31.10 70.37
CA LYS F 82 -45.45 -32.29 70.84
C LYS F 82 -46.25 -33.55 70.53
N GLN F 83 -47.58 -33.45 70.55
CA GLN F 83 -48.46 -34.60 70.35
C GLN F 83 -48.99 -34.61 68.91
N ALA F 84 -49.95 -35.52 68.66
CA ALA F 84 -50.56 -35.74 67.35
C ALA F 84 -51.97 -35.16 67.31
N GLY F 85 -52.60 -35.22 66.13
CA GLY F 85 -53.92 -34.66 65.90
C GLY F 85 -55.02 -35.72 65.89
N GLY F 86 -54.66 -36.97 66.19
CA GLY F 86 -55.59 -38.06 66.38
C GLY F 86 -56.67 -37.73 67.41
N ALA F 87 -56.22 -37.23 68.57
CA ALA F 87 -57.10 -36.81 69.66
C ALA F 87 -57.21 -35.28 69.70
N ARG F 88 -56.89 -34.63 68.56
CA ARG F 88 -56.90 -33.19 68.37
C ARG F 88 -56.04 -32.49 69.44
N ALA F 89 -55.00 -33.19 69.92
CA ALA F 89 -54.04 -32.60 70.84
C ALA F 89 -53.26 -31.50 70.12
N VAL F 90 -52.69 -31.84 68.95
CA VAL F 90 -52.11 -30.84 68.07
C VAL F 90 -53.21 -30.17 67.24
N GLY F 91 -54.28 -30.93 66.95
CA GLY F 91 -55.42 -30.47 66.18
C GLY F 91 -55.94 -29.11 66.64
N ALA F 92 -56.26 -29.01 67.93
CA ALA F 92 -56.67 -27.76 68.56
C ALA F 92 -55.54 -26.75 68.47
N GLY F 93 -54.34 -27.17 68.91
CA GLY F 93 -53.13 -26.35 68.88
C GLY F 93 -52.88 -25.71 67.52
N LEU F 94 -53.06 -26.50 66.46
CA LEU F 94 -52.91 -26.06 65.07
C LEU F 94 -53.99 -25.04 64.75
N ALA F 95 -55.25 -25.42 64.98
CA ALA F 95 -56.41 -24.55 64.80
C ALA F 95 -56.21 -23.22 65.52
N GLU F 96 -55.55 -23.28 66.69
CA GLU F 96 -55.22 -22.11 67.49
C GLU F 96 -54.18 -21.25 66.76
N VAL F 97 -52.96 -21.80 66.59
CA VAL F 97 -51.82 -21.03 66.11
C VAL F 97 -52.02 -20.60 64.65
N PHE F 98 -52.65 -21.46 63.84
CA PHE F 98 -53.01 -21.11 62.47
C PHE F 98 -53.88 -19.84 62.47
N GLN F 99 -54.90 -19.83 63.34
CA GLN F 99 -55.82 -18.70 63.44
C GLN F 99 -55.17 -17.55 64.21
N LEU F 100 -54.15 -17.86 65.05
CA LEU F 100 -53.44 -16.85 65.79
C LEU F 100 -52.55 -16.03 64.85
N VAL F 101 -51.91 -16.71 63.88
CA VAL F 101 -51.12 -16.04 62.87
C VAL F 101 -52.04 -15.51 61.76
N GLU F 102 -53.31 -15.95 61.76
CA GLU F 102 -54.32 -15.41 60.86
C GLU F 102 -54.90 -14.13 61.46
N GLU F 103 -55.00 -14.09 62.80
CA GLU F 103 -55.35 -12.89 63.54
C GLU F 103 -54.19 -11.90 63.42
N ALA F 104 -52.97 -12.44 63.35
CA ALA F 104 -51.75 -11.66 63.16
C ALA F 104 -51.48 -11.41 61.68
N TRP F 105 -52.23 -12.09 60.79
CA TRP F 105 -52.15 -11.84 59.36
C TRP F 105 -52.91 -10.56 59.00
N LEU F 106 -53.78 -10.13 59.92
CA LEU F 106 -54.48 -8.86 59.83
C LEU F 106 -53.52 -7.70 60.11
N LEU F 107 -52.37 -8.01 60.73
CA LEU F 107 -51.41 -7.01 61.17
C LEU F 107 -50.64 -6.39 60.00
N PRO F 108 -50.11 -7.16 59.01
CA PRO F 108 -49.60 -6.57 57.76
C PRO F 108 -50.49 -5.49 57.15
N ALA F 109 -51.81 -5.68 57.25
CA ALA F 109 -52.80 -4.71 56.83
C ALA F 109 -52.87 -3.56 57.83
N VAL F 110 -52.98 -3.91 59.13
CA VAL F 110 -53.01 -2.93 60.22
C VAL F 110 -51.79 -2.01 60.12
N GLY F 111 -50.61 -2.61 59.98
CA GLY F 111 -49.37 -1.88 59.78
C GLY F 111 -48.93 -1.94 58.33
N ARG F 112 -47.70 -2.45 58.11
CA ARG F 112 -47.15 -2.74 56.80
C ARG F 112 -46.19 -3.92 56.91
N GLU F 113 -46.72 -5.12 56.64
CA GLU F 113 -46.00 -6.39 56.55
C GLU F 113 -45.41 -6.79 57.90
N VAL F 114 -46.29 -6.90 58.91
CA VAL F 114 -45.95 -7.39 60.24
C VAL F 114 -45.63 -8.88 60.14
N ALA F 115 -46.01 -9.48 59.00
CA ALA F 115 -45.78 -10.87 58.62
C ALA F 115 -44.43 -11.38 59.14
N GLN F 116 -43.38 -10.57 58.93
CA GLN F 116 -42.01 -10.94 59.26
C GLN F 116 -41.91 -11.33 60.74
N GLY F 117 -42.32 -10.43 61.63
CA GLY F 117 -42.28 -10.62 63.08
C GLY F 117 -42.78 -12.00 63.51
N LEU F 118 -44.06 -12.28 63.24
CA LEU F 118 -44.73 -13.51 63.61
C LEU F 118 -44.02 -14.72 63.01
N CYS F 119 -43.56 -14.59 61.75
CA CYS F 119 -42.93 -15.65 60.99
C CYS F 119 -41.59 -16.04 61.60
N ASP F 120 -40.75 -15.03 61.86
CA ASP F 120 -39.42 -15.20 62.43
C ASP F 120 -39.49 -16.00 63.72
N ALA F 121 -40.52 -15.74 64.53
CA ALA F 121 -40.80 -16.48 65.75
C ALA F 121 -40.91 -17.98 65.44
N ILE F 122 -41.72 -18.34 64.44
CA ILE F 122 -41.94 -19.75 64.17
C ILE F 122 -40.70 -20.40 63.57
N ARG F 123 -39.86 -19.60 62.91
CA ARG F 123 -38.70 -20.03 62.12
C ARG F 123 -37.48 -20.35 62.99
N LEU F 124 -36.89 -19.29 63.58
CA LEU F 124 -35.59 -19.36 64.24
C LEU F 124 -35.56 -20.49 65.27
N ASP F 125 -36.54 -20.47 66.19
CA ASP F 125 -36.61 -21.45 67.26
C ASP F 125 -38.00 -22.08 67.32
N GLY F 126 -38.94 -21.56 66.52
CA GLY F 126 -40.30 -22.08 66.57
C GLY F 126 -40.38 -23.47 65.95
N GLY F 127 -41.53 -24.13 66.13
CA GLY F 127 -41.74 -25.48 65.65
C GLY F 127 -41.91 -25.55 64.13
N LEU F 128 -41.17 -24.70 63.39
CA LEU F 128 -41.20 -24.70 61.94
C LEU F 128 -40.93 -26.11 61.42
N ASP F 129 -39.84 -26.70 61.90
CA ASP F 129 -39.41 -28.04 61.52
C ASP F 129 -40.39 -29.08 62.09
N LEU F 130 -41.01 -28.76 63.23
CA LEU F 130 -41.98 -29.64 63.86
C LEU F 130 -43.27 -29.73 63.03
N LEU F 131 -43.59 -28.63 62.34
CA LEU F 131 -44.74 -28.56 61.44
C LEU F 131 -44.43 -29.32 60.15
N LEU F 132 -43.17 -29.29 59.74
CA LEU F 132 -42.71 -30.04 58.59
C LEU F 132 -42.79 -31.54 58.89
N ARG F 133 -42.47 -31.91 60.13
CA ARG F 133 -42.58 -33.29 60.60
C ARG F 133 -44.05 -33.65 60.84
N LEU F 134 -44.88 -32.63 61.13
CA LEU F 134 -46.32 -32.80 61.32
C LEU F 134 -46.97 -33.18 59.99
N LEU F 135 -46.45 -32.64 58.88
CA LEU F 135 -46.88 -33.01 57.54
C LEU F 135 -46.64 -34.50 57.34
N GLN F 136 -45.42 -34.96 57.67
CA GLN F 136 -45.00 -36.35 57.56
C GLN F 136 -45.88 -37.24 58.45
N ALA F 137 -46.25 -36.72 59.63
CA ALA F 137 -47.09 -37.42 60.60
C ALA F 137 -48.39 -37.86 59.93
N PRO F 138 -48.79 -39.16 60.08
CA PRO F 138 -49.95 -39.71 59.37
C PRO F 138 -51.31 -39.20 59.85
N GLU F 139 -51.31 -38.07 60.55
CA GLU F 139 -52.50 -37.36 60.97
C GLU F 139 -52.93 -36.41 59.84
N LEU F 140 -53.43 -37.01 58.75
CA LEU F 140 -53.80 -36.30 57.52
C LEU F 140 -54.75 -35.15 57.82
N GLU F 141 -55.70 -35.40 58.74
CA GLU F 141 -56.70 -34.44 59.16
C GLU F 141 -56.03 -33.14 59.63
N THR F 142 -54.91 -33.29 60.35
CA THR F 142 -54.21 -32.14 60.93
C THR F 142 -52.98 -31.79 60.10
N ARG F 143 -52.57 -32.67 59.18
CA ARG F 143 -51.41 -32.37 58.34
C ARG F 143 -51.77 -31.28 57.33
N VAL F 144 -53.05 -31.21 56.96
CA VAL F 144 -53.57 -30.11 56.14
C VAL F 144 -53.61 -28.82 56.97
N GLN F 145 -53.88 -28.96 58.28
CA GLN F 145 -53.92 -27.81 59.18
C GLN F 145 -52.52 -27.21 59.32
N ALA F 146 -51.52 -28.09 59.43
CA ALA F 146 -50.12 -27.70 59.43
C ALA F 146 -49.78 -26.97 58.13
N ALA F 147 -50.18 -27.58 57.00
CA ALA F 147 -49.97 -27.04 55.66
C ALA F 147 -50.59 -25.65 55.54
N ARG F 148 -51.85 -25.52 56.00
CA ARG F 148 -52.57 -24.26 56.03
C ARG F 148 -51.72 -23.20 56.74
N LEU F 149 -51.19 -23.58 57.90
CA LEU F 149 -50.39 -22.71 58.74
C LEU F 149 -49.05 -22.40 58.06
N LEU F 150 -48.41 -23.42 57.50
CA LEU F 150 -47.13 -23.27 56.81
C LEU F 150 -47.27 -22.32 55.64
N GLU F 151 -48.36 -22.48 54.87
CA GLU F 151 -48.68 -21.62 53.73
C GLU F 151 -48.71 -20.17 54.18
N GLN F 152 -49.34 -19.91 55.33
CA GLN F 152 -49.41 -18.59 55.93
C GLN F 152 -47.99 -18.12 56.27
N ILE F 153 -47.36 -18.78 57.25
CA ILE F 153 -46.05 -18.39 57.74
C ILE F 153 -44.97 -18.80 56.73
N LEU F 154 -44.80 -18.00 55.68
CA LEU F 154 -43.89 -18.36 54.60
C LEU F 154 -43.31 -17.10 53.94
N VAL F 155 -42.69 -16.25 54.76
CA VAL F 155 -41.91 -15.13 54.25
C VAL F 155 -40.56 -15.64 53.76
N ALA F 156 -39.81 -14.77 53.06
CA ALA F 156 -38.53 -15.07 52.44
C ALA F 156 -37.61 -15.85 53.38
N GLU F 157 -37.62 -15.46 54.67
CA GLU F 157 -36.88 -16.12 55.74
C GLU F 157 -37.21 -17.62 55.75
N ASN F 158 -38.49 -17.93 56.00
CA ASN F 158 -38.99 -19.29 56.10
C ASN F 158 -38.71 -20.05 54.79
N ARG F 159 -38.90 -19.36 53.66
CA ARG F 159 -38.79 -19.96 52.34
C ARG F 159 -37.40 -20.57 52.15
N ASP F 160 -36.36 -19.76 52.42
CA ASP F 160 -34.97 -20.19 52.29
C ASP F 160 -34.73 -21.41 53.18
N ARG F 161 -35.15 -21.30 54.45
CA ARG F 161 -34.95 -22.36 55.43
C ARG F 161 -35.64 -23.65 54.98
N VAL F 162 -36.89 -23.56 54.50
CA VAL F 162 -37.63 -24.75 54.12
C VAL F 162 -37.14 -25.26 52.77
N ALA F 163 -36.41 -24.43 52.02
CA ALA F 163 -35.76 -24.86 50.79
C ALA F 163 -34.66 -25.87 51.10
N ARG F 164 -34.10 -25.77 52.31
CA ARG F 164 -33.02 -26.65 52.73
C ARG F 164 -33.61 -27.96 53.27
N ILE F 165 -34.70 -27.85 54.05
CA ILE F 165 -35.26 -29.02 54.73
C ILE F 165 -36.63 -29.35 54.14
N GLY F 166 -37.59 -28.44 54.35
CA GLY F 166 -38.99 -28.65 54.04
C GLY F 166 -39.23 -29.14 52.61
N LEU F 167 -38.38 -28.68 51.68
CA LEU F 167 -38.48 -28.94 50.26
C LEU F 167 -38.82 -30.41 50.00
N GLY F 168 -38.00 -31.31 50.56
CA GLY F 168 -38.17 -32.75 50.41
C GLY F 168 -39.55 -33.22 50.88
N VAL F 169 -39.94 -32.78 52.08
CA VAL F 169 -41.18 -33.20 52.72
C VAL F 169 -42.37 -32.59 51.99
N ILE F 170 -42.21 -31.36 51.48
CA ILE F 170 -43.21 -30.64 50.73
C ILE F 170 -43.60 -31.46 49.50
N LEU F 171 -42.58 -31.96 48.78
CA LEU F 171 -42.76 -32.73 47.55
C LEU F 171 -43.30 -34.12 47.88
N ASN F 172 -42.85 -34.69 49.01
CA ASN F 172 -43.29 -35.98 49.51
C ASN F 172 -44.79 -35.92 49.81
N LEU F 173 -45.27 -34.71 50.14
CA LEU F 173 -46.66 -34.43 50.49
C LEU F 173 -47.43 -34.00 49.24
N ALA F 174 -46.69 -33.54 48.22
CA ALA F 174 -47.27 -33.10 46.96
C ALA F 174 -47.81 -34.28 46.17
N LYS F 175 -47.14 -35.44 46.29
CA LYS F 175 -47.52 -36.67 45.62
C LYS F 175 -48.92 -37.10 46.05
N GLU F 176 -49.36 -36.60 47.22
CA GLU F 176 -50.74 -36.74 47.67
C GLU F 176 -51.59 -35.69 46.96
N ARG F 177 -52.64 -36.16 46.27
CA ARG F 177 -53.33 -35.35 45.29
C ARG F 177 -54.82 -35.22 45.61
N GLU F 178 -55.49 -36.36 45.82
CA GLU F 178 -56.95 -36.44 45.91
C GLU F 178 -57.53 -35.46 46.93
N PRO F 179 -57.07 -35.42 48.21
CA PRO F 179 -57.61 -34.45 49.18
C PRO F 179 -57.48 -33.01 48.69
N VAL F 180 -58.63 -32.39 48.36
CA VAL F 180 -58.72 -31.13 47.64
C VAL F 180 -58.18 -30.01 48.52
N GLU F 181 -58.69 -29.95 49.76
CA GLU F 181 -58.33 -28.92 50.73
C GLU F 181 -56.82 -28.94 50.96
N LEU F 182 -56.27 -30.15 51.10
CA LEU F 182 -54.83 -30.36 51.21
C LEU F 182 -54.13 -29.79 49.99
N ALA F 183 -54.55 -30.25 48.80
CA ALA F 183 -53.98 -29.88 47.51
C ALA F 183 -53.91 -28.36 47.37
N ARG F 184 -55.03 -27.68 47.70
CA ARG F 184 -55.12 -26.23 47.71
C ARG F 184 -53.92 -25.64 48.47
N SER F 185 -53.67 -26.15 49.68
CA SER F 185 -52.62 -25.64 50.55
C SER F 185 -51.24 -26.09 50.07
N VAL F 186 -51.18 -27.24 49.37
CA VAL F 186 -49.93 -27.78 48.86
C VAL F 186 -49.50 -27.01 47.63
N ALA F 187 -50.40 -26.88 46.64
CA ALA F 187 -50.20 -26.00 45.50
C ALA F 187 -49.82 -24.61 46.00
N GLY F 188 -50.41 -24.22 47.13
CA GLY F 188 -50.14 -22.97 47.84
C GLY F 188 -48.67 -22.81 48.23
N ILE F 189 -48.11 -23.82 48.90
CA ILE F 189 -46.73 -23.76 49.39
C ILE F 189 -45.76 -23.82 48.21
N LEU F 190 -46.13 -24.60 47.18
CA LEU F 190 -45.42 -24.74 45.92
C LEU F 190 -45.32 -23.39 45.20
N GLU F 191 -46.41 -22.62 45.25
CA GLU F 191 -46.51 -21.31 44.64
C GLU F 191 -45.46 -20.37 45.25
N HIS F 192 -45.36 -20.39 46.58
CA HIS F 192 -44.36 -19.58 47.29
C HIS F 192 -42.97 -20.13 47.04
N MET F 193 -42.88 -21.47 46.98
CA MET F 193 -41.60 -22.17 46.82
C MET F 193 -40.97 -21.82 45.48
N PHE F 194 -41.79 -21.86 44.42
CA PHE F 194 -41.33 -21.64 43.06
C PHE F 194 -40.67 -20.28 42.91
N LYS F 195 -41.14 -19.30 43.71
CA LYS F 195 -40.68 -17.93 43.56
C LYS F 195 -39.47 -17.67 44.46
N HIS F 196 -38.67 -18.73 44.73
CA HIS F 196 -37.58 -18.62 45.67
C HIS F 196 -36.23 -18.40 44.97
N SER F 197 -35.86 -19.32 44.09
CA SER F 197 -34.53 -19.32 43.49
C SER F 197 -34.53 -20.11 42.20
N GLU F 198 -33.53 -19.86 41.35
CA GLU F 198 -33.35 -20.54 40.08
C GLU F 198 -33.41 -22.05 40.31
N GLU F 199 -32.60 -22.50 41.29
CA GLU F 199 -32.36 -23.90 41.62
C GLU F 199 -33.56 -24.53 42.32
N THR F 200 -34.34 -23.70 43.01
CA THR F 200 -35.54 -24.17 43.71
C THR F 200 -36.59 -24.61 42.70
N CYS F 201 -36.81 -23.80 41.65
CA CYS F 201 -37.63 -24.21 40.52
C CYS F 201 -37.04 -25.47 39.91
N GLN F 202 -35.77 -25.38 39.49
CA GLN F 202 -35.05 -26.43 38.78
C GLN F 202 -35.26 -27.76 39.48
N ARG F 203 -35.41 -27.67 40.81
CA ARG F 203 -35.68 -28.81 41.68
C ARG F 203 -37.11 -29.29 41.46
N LEU F 204 -38.06 -28.43 41.86
CA LEU F 204 -39.47 -28.77 41.97
C LEU F 204 -39.98 -29.29 40.64
N VAL F 205 -39.66 -28.55 39.56
CA VAL F 205 -39.99 -28.90 38.18
C VAL F 205 -39.66 -30.37 37.93
N ALA F 206 -38.37 -30.72 38.11
CA ALA F 206 -37.84 -32.02 37.78
C ALA F 206 -38.38 -33.09 38.72
N ALA F 207 -38.76 -32.68 39.93
CA ALA F 207 -39.12 -33.61 40.99
C ALA F 207 -40.62 -33.93 40.97
N GLY F 208 -41.36 -33.28 40.07
CA GLY F 208 -42.80 -33.51 39.94
C GLY F 208 -43.63 -32.49 40.72
N GLY F 209 -42.97 -31.41 41.16
CA GLY F 209 -43.62 -30.23 41.71
C GLY F 209 -44.48 -29.53 40.65
N LEU F 210 -43.91 -29.37 39.44
CA LEU F 210 -44.64 -28.88 38.29
C LEU F 210 -45.77 -29.85 37.95
N ASP F 211 -45.45 -31.15 37.97
CA ASP F 211 -46.41 -32.19 37.61
C ASP F 211 -47.57 -32.24 38.60
N ALA F 212 -47.34 -31.73 39.82
CA ALA F 212 -48.39 -31.60 40.82
C ALA F 212 -49.37 -30.48 40.44
N VAL F 213 -48.83 -29.28 40.16
CA VAL F 213 -49.63 -28.11 39.86
C VAL F 213 -50.35 -28.27 38.52
N LEU F 214 -49.75 -29.04 37.60
CA LEU F 214 -50.36 -29.32 36.32
C LEU F 214 -51.50 -30.33 36.46
N TYR F 215 -51.33 -31.34 37.34
CA TYR F 215 -52.40 -32.30 37.58
C TYR F 215 -53.52 -31.67 38.41
N TRP F 216 -53.22 -30.55 39.09
CA TRP F 216 -54.22 -29.85 39.88
C TRP F 216 -54.86 -28.71 39.09
N CYS F 217 -54.38 -28.53 37.85
CA CYS F 217 -54.87 -27.56 36.90
C CYS F 217 -56.05 -28.13 36.10
N ARG F 218 -56.31 -29.44 36.29
CA ARG F 218 -57.44 -30.10 35.66
C ARG F 218 -58.52 -30.37 36.71
N ARG F 219 -58.47 -29.60 37.80
CA ARG F 219 -59.48 -29.69 38.86
C ARG F 219 -60.36 -28.46 38.81
N THR F 220 -61.32 -28.39 39.76
CA THR F 220 -62.38 -27.39 39.81
C THR F 220 -62.50 -26.82 41.22
N ASP F 221 -61.63 -25.85 41.54
CA ASP F 221 -61.59 -25.18 42.84
C ASP F 221 -60.87 -23.84 42.69
N PRO F 222 -61.54 -22.70 42.96
CA PRO F 222 -60.96 -21.37 42.75
C PRO F 222 -59.53 -21.24 43.29
N ALA F 223 -59.38 -21.47 44.60
CA ALA F 223 -58.12 -21.34 45.31
C ALA F 223 -57.05 -22.27 44.74
N LEU F 224 -57.40 -23.55 44.55
CA LEU F 224 -56.52 -24.51 43.91
C LEU F 224 -56.06 -23.94 42.56
N LEU F 225 -57.02 -23.53 41.73
CA LEU F 225 -56.74 -23.07 40.37
C LEU F 225 -55.93 -21.78 40.40
N ARG F 226 -56.34 -20.83 41.25
CA ARG F 226 -55.63 -19.56 41.40
C ARG F 226 -54.17 -19.84 41.73
N HIS F 227 -53.96 -20.74 42.71
CA HIS F 227 -52.64 -21.12 43.16
C HIS F 227 -51.83 -21.73 42.01
N CYS F 228 -52.41 -22.71 41.31
CA CYS F 228 -51.74 -23.37 40.21
C CYS F 228 -51.26 -22.34 39.20
N ALA F 229 -52.13 -21.39 38.86
CA ALA F 229 -51.86 -20.33 37.90
C ALA F 229 -50.68 -19.48 38.37
N LEU F 230 -50.72 -19.07 39.64
CA LEU F 230 -49.69 -18.22 40.23
C LEU F 230 -48.36 -18.97 40.24
N ALA F 231 -48.41 -20.28 40.49
CA ALA F 231 -47.25 -21.16 40.53
C ALA F 231 -46.54 -21.16 39.18
N LEU F 232 -47.21 -21.71 38.15
CA LEU F 232 -46.74 -21.76 36.77
C LEU F 232 -46.25 -20.39 36.33
N GLY F 233 -46.83 -19.33 36.92
CA GLY F 233 -46.39 -17.96 36.75
C GLY F 233 -44.97 -17.78 37.25
N ASN F 234 -44.82 -17.96 38.58
CA ASN F 234 -43.57 -17.85 39.33
C ASN F 234 -42.51 -18.77 38.73
N CYS F 235 -42.94 -19.99 38.38
CA CYS F 235 -42.09 -21.04 37.84
C CYS F 235 -41.48 -20.62 36.51
N ALA F 236 -42.29 -19.95 35.68
CA ALA F 236 -41.88 -19.45 34.37
C ALA F 236 -40.94 -18.27 34.56
N LEU F 237 -41.23 -17.45 35.56
CA LEU F 237 -40.53 -16.20 35.76
C LEU F 237 -39.16 -16.46 36.41
N HIS F 238 -39.18 -17.12 37.57
CA HIS F 238 -38.03 -17.26 38.47
C HIS F 238 -37.06 -18.33 37.99
N GLY F 239 -37.59 -19.43 37.45
CA GLY F 239 -36.82 -20.50 36.82
C GLY F 239 -36.06 -20.02 35.59
N GLY F 240 -35.05 -20.80 35.19
CA GLY F 240 -34.20 -20.47 34.06
C GLY F 240 -34.81 -20.91 32.72
N GLN F 241 -34.04 -20.70 31.65
CA GLN F 241 -34.26 -21.26 30.33
C GLN F 241 -34.75 -22.71 30.45
N ALA F 242 -33.98 -23.49 31.22
CA ALA F 242 -34.13 -24.93 31.34
C ALA F 242 -35.51 -25.29 31.88
N VAL F 243 -35.86 -24.69 33.02
CA VAL F 243 -37.13 -24.83 33.73
C VAL F 243 -38.28 -24.62 32.74
N GLN F 244 -38.20 -23.51 31.99
CA GLN F 244 -39.20 -23.03 31.05
C GLN F 244 -39.42 -24.06 29.94
N ARG F 245 -38.34 -24.44 29.25
CA ARG F 245 -38.39 -25.46 28.21
C ARG F 245 -39.16 -26.68 28.73
N ARG F 246 -38.83 -27.10 29.96
CA ARG F 246 -39.41 -28.30 30.54
C ARG F 246 -40.93 -28.11 30.69
N MET F 247 -41.37 -26.93 31.14
CA MET F 247 -42.79 -26.65 31.34
C MET F 247 -43.58 -26.82 30.04
N VAL F 248 -43.09 -26.20 28.97
CA VAL F 248 -43.73 -26.17 27.66
C VAL F 248 -43.76 -27.58 27.09
N GLU F 249 -42.73 -28.38 27.40
CA GLU F 249 -42.58 -29.75 26.94
C GLU F 249 -43.36 -30.69 27.84
N LYS F 250 -43.81 -30.18 29.01
CA LYS F 250 -44.70 -30.91 29.90
C LYS F 250 -46.15 -30.66 29.51
N ARG F 251 -46.34 -29.84 28.45
CA ARG F 251 -47.60 -29.34 27.90
C ARG F 251 -48.29 -28.41 28.91
N ALA F 252 -47.53 -27.42 29.39
CA ALA F 252 -48.02 -26.51 30.42
C ALA F 252 -48.80 -25.35 29.78
N ALA F 253 -48.44 -24.97 28.55
CA ALA F 253 -49.08 -23.88 27.83
C ALA F 253 -50.54 -24.23 27.56
N GLU F 254 -50.78 -25.46 27.09
CA GLU F 254 -52.10 -25.97 26.72
C GLU F 254 -52.93 -26.25 27.98
N TRP F 255 -52.27 -26.28 29.13
CA TRP F 255 -52.95 -26.60 30.37
C TRP F 255 -53.40 -25.34 31.09
N LEU F 256 -52.86 -24.19 30.67
CA LEU F 256 -53.28 -22.89 31.20
C LEU F 256 -54.58 -22.47 30.53
N PHE F 257 -54.94 -23.12 29.41
CA PHE F 257 -56.13 -22.77 28.64
C PHE F 257 -57.37 -22.78 29.53
N PRO F 258 -57.73 -23.88 30.24
CA PRO F 258 -58.84 -23.87 31.19
C PRO F 258 -58.90 -22.63 32.08
N LEU F 259 -57.76 -22.25 32.67
CA LEU F 259 -57.70 -21.10 33.57
C LEU F 259 -57.99 -19.79 32.83
N ALA F 260 -57.40 -19.61 31.64
CA ALA F 260 -57.56 -18.35 30.90
C ALA F 260 -58.93 -18.31 30.21
N PHE F 261 -59.59 -19.47 30.10
CA PHE F 261 -60.88 -19.57 29.43
C PHE F 261 -61.97 -19.86 30.43
N SER F 262 -62.22 -18.89 31.32
CA SER F 262 -63.22 -19.01 32.37
C SER F 262 -63.67 -17.62 32.81
N LYS F 263 -64.63 -17.07 32.05
CA LYS F 263 -65.18 -15.74 32.26
C LYS F 263 -65.62 -15.57 33.72
N GLU F 264 -65.94 -16.70 34.37
CA GLU F 264 -66.37 -16.79 35.75
C GLU F 264 -65.41 -16.04 36.69
N ASP F 265 -64.10 -16.31 36.54
CA ASP F 265 -63.07 -15.71 37.37
C ASP F 265 -62.16 -14.84 36.52
N GLU F 266 -62.11 -13.54 36.85
CA GLU F 266 -61.39 -12.55 36.05
C GLU F 266 -59.93 -12.48 36.48
N LEU F 267 -59.68 -12.62 37.80
CA LEU F 267 -58.35 -12.53 38.37
C LEU F 267 -57.53 -13.77 38.03
N LEU F 268 -58.18 -14.94 38.10
CA LEU F 268 -57.59 -16.20 37.68
C LEU F 268 -57.01 -16.06 36.27
N ARG F 269 -57.85 -15.54 35.36
CA ARG F 269 -57.54 -15.33 33.95
C ARG F 269 -56.28 -14.47 33.82
N LEU F 270 -56.31 -13.28 34.44
CA LEU F 270 -55.20 -12.33 34.39
C LEU F 270 -53.88 -13.00 34.78
N HIS F 271 -53.92 -13.83 35.83
CA HIS F 271 -52.78 -14.54 36.39
C HIS F 271 -52.30 -15.61 35.41
N ALA F 272 -53.27 -16.38 34.89
CA ALA F 272 -53.09 -17.44 33.92
C ALA F 272 -52.43 -16.88 32.66
N CYS F 273 -52.85 -15.66 32.29
CA CYS F 273 -52.34 -15.07 31.07
C CYS F 273 -50.98 -14.42 31.28
N LEU F 274 -50.76 -13.84 32.46
CA LEU F 274 -49.42 -13.32 32.78
C LEU F 274 -48.38 -14.43 32.61
N ALA F 275 -48.78 -15.64 33.00
CA ALA F 275 -47.94 -16.82 32.93
C ALA F 275 -47.59 -17.18 31.48
N VAL F 276 -48.61 -17.50 30.66
CA VAL F 276 -48.46 -17.91 29.27
C VAL F 276 -47.75 -16.80 28.46
N ALA F 277 -47.98 -15.55 28.84
CA ALA F 277 -47.37 -14.41 28.17
C ALA F 277 -45.86 -14.42 28.38
N VAL F 278 -45.41 -14.77 29.61
CA VAL F 278 -43.98 -14.75 29.88
C VAL F 278 -43.30 -15.91 29.17
N LEU F 279 -44.01 -17.03 29.00
CA LEU F 279 -43.45 -18.17 28.30
C LEU F 279 -43.17 -17.84 26.83
N ALA F 280 -43.99 -16.96 26.24
CA ALA F 280 -43.91 -16.62 24.82
C ALA F 280 -42.78 -15.63 24.55
N THR F 281 -42.25 -15.02 25.61
CA THR F 281 -41.10 -14.13 25.49
C THR F 281 -39.84 -14.94 25.20
N ASN F 282 -39.78 -16.19 25.71
CA ASN F 282 -38.73 -17.18 25.47
C ASN F 282 -38.78 -17.62 24.01
N LYS F 283 -37.92 -17.00 23.18
CA LYS F 283 -38.00 -17.08 21.73
C LYS F 283 -37.90 -18.54 21.28
N GLU F 284 -36.98 -19.27 21.90
CA GLU F 284 -36.76 -20.71 21.77
C GLU F 284 -38.03 -21.54 21.94
N VAL F 285 -38.97 -21.12 22.79
CA VAL F 285 -40.16 -21.94 22.95
C VAL F 285 -41.40 -21.19 22.46
N GLU F 286 -41.17 -20.07 21.76
CA GLU F 286 -42.25 -19.17 21.40
C GLU F 286 -43.38 -19.93 20.70
N ARG F 287 -42.99 -20.68 19.65
CA ARG F 287 -43.90 -21.28 18.70
C ARG F 287 -44.85 -22.27 19.38
N GLU F 288 -44.28 -23.07 20.29
CA GLU F 288 -45.00 -24.11 21.01
C GLU F 288 -46.11 -23.49 21.86
N VAL F 289 -45.84 -22.29 22.39
CA VAL F 289 -46.79 -21.57 23.23
C VAL F 289 -47.88 -20.98 22.32
N GLU F 290 -47.46 -20.57 21.12
CA GLU F 290 -48.33 -19.92 20.14
C GLU F 290 -49.37 -20.91 19.62
N ARG F 291 -48.90 -22.11 19.27
CA ARG F 291 -49.73 -23.16 18.69
C ARG F 291 -50.63 -23.79 19.77
N SER F 292 -50.35 -23.50 21.04
CA SER F 292 -51.14 -24.02 22.14
C SER F 292 -52.57 -23.49 22.09
N GLY F 293 -52.71 -22.25 21.59
CA GLY F 293 -54.00 -21.59 21.43
C GLY F 293 -54.25 -20.54 22.51
N THR F 294 -53.63 -20.75 23.68
CA THR F 294 -53.82 -19.89 24.85
C THR F 294 -53.18 -18.53 24.62
N LEU F 295 -52.37 -18.40 23.56
CA LEU F 295 -51.73 -17.11 23.40
C LEU F 295 -52.63 -16.09 22.71
N ALA F 296 -53.55 -16.56 21.88
CA ALA F 296 -54.53 -15.70 21.21
C ALA F 296 -55.54 -15.13 22.21
N LEU F 297 -55.64 -15.81 23.36
CA LEU F 297 -56.71 -15.62 24.33
C LEU F 297 -56.36 -14.47 25.28
N VAL F 298 -55.20 -13.82 25.09
CA VAL F 298 -54.66 -12.87 26.05
C VAL F 298 -55.26 -11.48 25.82
N GLU F 299 -55.16 -11.00 24.57
CA GLU F 299 -55.41 -9.61 24.18
C GLU F 299 -56.85 -9.17 24.52
N PRO F 300 -57.92 -9.90 24.12
CA PRO F 300 -59.28 -9.63 24.61
C PRO F 300 -59.39 -9.34 26.11
N LEU F 301 -58.68 -10.13 26.92
CA LEU F 301 -58.78 -10.06 28.37
C LEU F 301 -58.27 -8.72 28.89
N VAL F 302 -57.13 -8.26 28.36
CA VAL F 302 -56.54 -7.01 28.84
C VAL F 302 -57.47 -5.83 28.50
N ALA F 303 -58.29 -5.99 27.46
CA ALA F 303 -59.25 -4.97 27.07
C ALA F 303 -60.39 -4.88 28.08
N SER F 304 -60.91 -6.04 28.48
CA SER F 304 -62.06 -6.17 29.38
C SER F 304 -61.82 -5.41 30.68
N LEU F 305 -60.76 -5.78 31.40
CA LEU F 305 -60.49 -5.29 32.74
C LEU F 305 -59.96 -3.86 32.69
N ASP F 306 -59.97 -3.18 33.85
CA ASP F 306 -59.37 -1.86 34.01
C ASP F 306 -58.20 -1.94 34.99
N PRO F 307 -56.99 -1.47 34.60
CA PRO F 307 -55.82 -1.43 35.49
C PRO F 307 -56.09 -0.84 36.87
N GLY F 308 -56.84 0.28 36.92
CA GLY F 308 -57.27 0.91 38.15
C GLY F 308 -58.02 -0.07 39.07
N ARG F 309 -59.01 -0.76 38.49
CA ARG F 309 -59.85 -1.73 39.19
C ARG F 309 -58.99 -2.82 39.81
N PHE F 310 -58.01 -3.34 39.06
CA PHE F 310 -57.18 -4.41 39.58
C PHE F 310 -56.03 -3.87 40.42
N ALA F 311 -55.78 -2.56 40.35
CA ALA F 311 -54.81 -1.89 41.20
C ALA F 311 -55.27 -1.94 42.65
N ARG F 312 -56.58 -1.75 42.87
CA ARG F 312 -57.20 -1.81 44.18
C ARG F 312 -57.06 -3.23 44.73
N CYS F 313 -57.25 -4.21 43.84
CA CYS F 313 -57.17 -5.63 44.15
C CYS F 313 -55.71 -6.07 44.29
N LEU F 314 -54.78 -5.15 44.01
CA LEU F 314 -53.35 -5.41 44.11
C LEU F 314 -52.77 -4.77 45.39
N VAL F 315 -53.50 -3.80 45.95
CA VAL F 315 -53.19 -3.23 47.26
C VAL F 315 -53.21 -4.34 48.31
N ASP F 316 -54.24 -5.18 48.25
CA ASP F 316 -54.46 -6.25 49.22
C ASP F 316 -54.07 -7.61 48.62
N ALA F 317 -52.91 -7.63 47.94
CA ALA F 317 -52.31 -8.86 47.43
C ALA F 317 -51.52 -9.56 48.54
N SER F 318 -51.31 -8.84 49.66
CA SER F 318 -50.60 -9.29 50.85
C SER F 318 -49.16 -9.70 50.52
N ASP F 319 -48.66 -9.24 49.35
CA ASP F 319 -47.34 -9.54 48.82
C ASP F 319 -47.11 -11.06 48.80
N THR F 320 -48.21 -11.82 48.75
CA THR F 320 -48.21 -13.27 48.72
C THR F 320 -48.59 -13.76 47.32
N SER F 321 -49.53 -13.05 46.68
CA SER F 321 -49.94 -13.31 45.32
C SER F 321 -49.01 -12.57 44.36
N GLN F 322 -49.25 -11.26 44.20
CA GLN F 322 -48.44 -10.38 43.35
C GLN F 322 -48.49 -8.96 43.94
N GLY F 323 -47.78 -8.78 45.06
CA GLY F 323 -47.69 -7.50 45.75
C GLY F 323 -46.76 -6.53 45.03
N ARG F 324 -47.11 -5.24 45.10
CA ARG F 324 -46.35 -4.15 44.52
C ARG F 324 -44.93 -4.14 45.07
N GLY F 325 -43.95 -4.00 44.17
CA GLY F 325 -42.55 -4.00 44.55
C GLY F 325 -41.61 -3.80 43.35
N PRO F 326 -40.44 -3.13 43.56
CA PRO F 326 -39.43 -2.94 42.50
C PRO F 326 -38.96 -4.20 41.77
N ASP F 327 -39.13 -5.37 42.43
CA ASP F 327 -38.83 -6.66 41.83
C ASP F 327 -39.75 -6.91 40.64
N ASP F 328 -41.07 -6.91 40.90
CA ASP F 328 -42.08 -7.23 39.90
C ASP F 328 -41.97 -6.31 38.69
N LEU F 329 -41.69 -5.03 38.96
CA LEU F 329 -41.55 -4.03 37.92
C LEU F 329 -40.39 -4.36 36.99
N GLN F 330 -39.24 -4.74 37.55
CA GLN F 330 -38.07 -5.06 36.73
C GLN F 330 -38.25 -6.38 35.99
N ARG F 331 -39.29 -7.15 36.37
CA ARG F 331 -39.59 -8.43 35.75
C ARG F 331 -40.79 -8.30 34.80
N LEU F 332 -41.44 -7.13 34.78
CA LEU F 332 -42.46 -6.87 33.79
C LEU F 332 -41.82 -6.22 32.58
N VAL F 333 -40.81 -5.37 32.80
CA VAL F 333 -40.21 -4.59 31.73
C VAL F 333 -39.82 -5.47 30.52
N PRO F 334 -39.18 -6.66 30.71
CA PRO F 334 -39.06 -7.67 29.65
C PRO F 334 -40.24 -7.87 28.71
N LEU F 335 -41.44 -8.08 29.28
CA LEU F 335 -42.69 -8.20 28.54
C LEU F 335 -42.93 -6.96 27.70
N LEU F 336 -42.97 -5.78 28.33
CA LEU F 336 -43.22 -4.51 27.66
C LEU F 336 -42.24 -4.33 26.49
N ASP F 337 -41.16 -5.12 26.52
CA ASP F 337 -40.05 -4.90 25.64
C ASP F 337 -39.87 -6.09 24.69
N SER F 338 -40.91 -6.91 24.51
CA SER F 338 -40.81 -8.14 23.73
C SER F 338 -41.21 -7.93 22.26
N ASN F 339 -41.28 -9.04 21.52
CA ASN F 339 -41.81 -9.09 20.18
C ASN F 339 -43.32 -9.27 20.22
N ARG F 340 -43.75 -10.27 21.02
CA ARG F 340 -45.13 -10.67 21.15
C ARG F 340 -45.93 -9.49 21.69
N LEU F 341 -47.07 -9.19 21.05
CA LEU F 341 -47.91 -8.10 21.50
C LEU F 341 -48.90 -8.62 22.54
N GLU F 342 -48.99 -9.95 22.69
CA GLU F 342 -49.78 -10.58 23.74
C GLU F 342 -49.07 -10.39 25.07
N ALA F 343 -47.74 -10.21 25.00
CA ALA F 343 -46.88 -9.99 26.15
C ALA F 343 -46.82 -8.51 26.48
N GLN F 344 -46.70 -7.67 25.43
CA GLN F 344 -46.65 -6.22 25.55
C GLN F 344 -47.98 -5.65 26.03
N CYS F 345 -49.06 -6.44 25.88
CA CYS F 345 -50.37 -6.10 26.44
C CYS F 345 -50.41 -6.41 27.93
N ILE F 346 -50.15 -7.68 28.29
CA ILE F 346 -50.06 -8.09 29.69
C ILE F 346 -49.01 -7.25 30.41
N GLY F 347 -47.88 -6.99 29.75
CA GLY F 347 -46.88 -6.02 30.16
C GLY F 347 -47.50 -4.71 30.61
N ALA F 348 -48.03 -3.93 29.66
CA ALA F 348 -48.60 -2.62 29.94
C ALA F 348 -49.71 -2.71 30.99
N PHE F 349 -50.62 -3.69 30.87
CA PHE F 349 -51.75 -3.79 31.79
C PHE F 349 -51.30 -3.72 33.24
N TYR F 350 -50.32 -4.58 33.58
CA TYR F 350 -49.78 -4.75 34.92
C TYR F 350 -48.99 -3.51 35.34
N LEU F 351 -48.06 -3.07 34.48
CA LEU F 351 -47.21 -1.93 34.79
C LEU F 351 -48.05 -0.66 34.97
N CYS F 352 -49.26 -0.66 34.39
CA CYS F 352 -50.25 0.39 34.53
C CYS F 352 -51.00 0.28 35.86
N ALA F 353 -51.32 -0.96 36.30
CA ALA F 353 -51.93 -1.22 37.60
C ALA F 353 -51.04 -0.72 38.74
N GLU F 354 -49.72 -0.82 38.53
CA GLU F 354 -48.73 -0.35 39.49
C GLU F 354 -48.52 1.16 39.36
N ALA F 355 -48.60 1.68 38.11
CA ALA F 355 -48.47 3.12 37.87
C ALA F 355 -49.54 3.88 38.65
N ALA F 356 -50.64 3.18 39.01
CA ALA F 356 -51.68 3.72 39.87
C ALA F 356 -51.21 3.78 41.32
N ILE F 357 -51.00 2.61 41.94
CA ILE F 357 -50.62 2.48 43.34
C ILE F 357 -49.38 3.32 43.66
N LYS F 358 -48.35 3.21 42.83
CA LYS F 358 -47.04 3.77 43.16
C LYS F 358 -47.06 5.30 43.13
N SER F 359 -47.95 5.88 42.30
CA SER F 359 -48.17 7.31 42.29
C SER F 359 -48.98 7.76 43.50
N LEU F 360 -49.89 6.88 43.98
CA LEU F 360 -50.68 7.12 45.18
C LEU F 360 -49.79 7.09 46.43
N GLN F 361 -48.72 6.29 46.37
CA GLN F 361 -47.75 6.17 47.46
C GLN F 361 -46.64 7.21 47.30
N GLY F 362 -46.72 8.01 46.22
CA GLY F 362 -45.74 9.03 45.89
C GLY F 362 -44.32 8.47 45.78
N LYS F 363 -44.17 7.34 45.07
CA LYS F 363 -42.89 6.72 44.79
C LYS F 363 -42.82 6.33 43.31
N THR F 364 -42.72 7.36 42.46
CA THR F 364 -42.74 7.23 41.01
C THR F 364 -41.34 6.88 40.51
N LYS F 365 -40.33 7.28 41.30
CA LYS F 365 -38.91 7.18 40.96
C LYS F 365 -38.52 5.75 40.58
N VAL F 366 -39.31 4.78 41.05
CA VAL F 366 -39.13 3.35 40.82
C VAL F 366 -39.10 3.08 39.31
N PHE F 367 -40.19 3.44 38.63
CA PHE F 367 -40.41 3.13 37.22
C PHE F 367 -39.29 3.69 36.36
N SER F 368 -38.90 4.95 36.64
CA SER F 368 -37.87 5.65 35.89
C SER F 368 -36.58 4.82 35.88
N ASP F 369 -36.24 4.30 37.06
CA ASP F 369 -35.01 3.55 37.33
C ASP F 369 -35.14 2.10 36.84
N ILE F 370 -36.37 1.57 36.82
CA ILE F 370 -36.62 0.20 36.39
C ILE F 370 -36.44 0.10 34.88
N GLY F 371 -36.53 1.26 34.21
CA GLY F 371 -36.40 1.41 32.77
C GLY F 371 -37.71 1.13 32.05
N ALA F 372 -38.81 1.58 32.68
CA ALA F 372 -40.19 1.30 32.30
C ALA F 372 -40.75 2.44 31.45
N ILE F 373 -40.40 3.68 31.83
CA ILE F 373 -40.93 4.86 31.17
C ILE F 373 -40.53 4.87 29.69
N GLN F 374 -39.23 4.71 29.38
CA GLN F 374 -38.83 4.78 27.98
C GLN F 374 -39.46 3.62 27.17
N SER F 375 -39.57 2.44 27.80
CA SER F 375 -40.19 1.27 27.19
C SER F 375 -41.65 1.55 26.82
N LEU F 376 -42.39 2.18 27.75
CA LEU F 376 -43.79 2.56 27.56
C LEU F 376 -43.92 3.56 26.41
N LYS F 377 -42.98 4.50 26.34
CA LYS F 377 -43.00 5.50 25.28
C LYS F 377 -42.95 4.81 23.91
N ARG F 378 -42.09 3.80 23.76
CA ARG F 378 -42.01 3.08 22.49
C ARG F 378 -43.31 2.36 22.13
N LEU F 379 -44.04 1.86 23.15
CA LEU F 379 -45.29 1.16 22.93
C LEU F 379 -46.37 2.13 22.47
N VAL F 380 -46.05 3.44 22.53
CA VAL F 380 -47.06 4.43 22.22
C VAL F 380 -46.60 5.23 21.00
N SER F 381 -45.34 4.99 20.60
CA SER F 381 -44.75 5.68 19.46
C SER F 381 -44.96 4.85 18.21
N TYR F 382 -44.50 3.60 18.26
CA TYR F 382 -44.62 2.70 17.13
C TYR F 382 -45.72 1.68 17.41
N SER F 383 -46.93 2.18 17.65
CA SER F 383 -48.03 1.30 17.99
C SER F 383 -48.97 1.15 16.80
N THR F 384 -49.75 0.07 16.86
CA THR F 384 -50.68 -0.32 15.82
C THR F 384 -51.98 -0.70 16.53
N ASN F 385 -51.84 -1.59 17.53
CA ASN F 385 -52.93 -2.05 18.38
C ASN F 385 -53.44 -0.92 19.27
N GLY F 386 -54.76 -0.82 19.36
CA GLY F 386 -55.46 0.16 20.18
C GLY F 386 -55.23 -0.05 21.66
N THR F 387 -55.40 -1.31 22.11
CA THR F 387 -55.36 -1.68 23.54
C THR F 387 -53.99 -1.39 24.12
N LYS F 388 -52.96 -2.10 23.63
CA LYS F 388 -51.58 -1.95 24.03
C LYS F 388 -51.14 -0.47 24.02
N SER F 389 -51.90 0.39 23.33
CA SER F 389 -51.52 1.78 23.21
C SER F 389 -52.32 2.66 24.17
N ALA F 390 -53.61 2.33 24.32
CA ALA F 390 -54.44 2.91 25.35
C ALA F 390 -53.75 2.76 26.71
N LEU F 391 -53.37 1.52 27.02
CA LEU F 391 -52.74 1.13 28.28
C LEU F 391 -51.48 1.95 28.50
N ALA F 392 -50.66 2.08 27.44
CA ALA F 392 -49.40 2.79 27.48
C ALA F 392 -49.63 4.27 27.80
N LYS F 393 -50.59 4.89 27.11
CA LYS F 393 -50.96 6.27 27.33
C LYS F 393 -51.35 6.45 28.79
N ARG F 394 -52.25 5.58 29.27
CA ARG F 394 -52.75 5.64 30.63
C ARG F 394 -51.58 5.64 31.61
N ALA F 395 -50.73 4.62 31.49
CA ALA F 395 -49.62 4.43 32.40
C ALA F 395 -48.76 5.68 32.45
N LEU F 396 -48.39 6.24 31.28
CA LEU F 396 -47.49 7.39 31.25
C LEU F 396 -48.14 8.58 31.95
N ARG F 397 -49.46 8.74 31.79
CA ARG F 397 -50.24 9.79 32.44
C ARG F 397 -50.28 9.56 33.94
N LEU F 398 -50.44 8.30 34.36
CA LEU F 398 -50.52 7.92 35.77
C LEU F 398 -49.21 8.20 36.48
N LEU F 399 -48.09 8.07 35.76
CA LEU F 399 -46.78 8.44 36.26
C LEU F 399 -46.57 9.94 36.14
N GLY F 400 -47.34 10.58 35.24
CA GLY F 400 -47.37 12.03 35.12
C GLY F 400 -46.55 12.53 33.94
N GLU F 401 -45.54 11.73 33.56
CA GLU F 401 -44.70 11.95 32.40
C GLU F 401 -45.60 12.10 31.18
N GLU F 402 -45.31 13.12 30.36
CA GLU F 402 -46.09 13.45 29.17
C GLU F 402 -46.23 12.23 28.28
N VAL F 403 -47.39 12.09 27.64
CA VAL F 403 -47.59 10.94 26.77
C VAL F 403 -47.22 11.33 25.34
N PRO F 404 -46.24 10.65 24.71
CA PRO F 404 -45.87 10.89 23.32
C PRO F 404 -47.00 10.55 22.35
N ARG F 405 -47.20 11.44 21.38
CA ARG F 405 -48.10 11.19 20.27
C ARG F 405 -47.47 10.10 19.39
N PRO F 406 -48.28 9.20 18.77
CA PRO F 406 -47.72 8.20 17.86
C PRO F 406 -47.04 8.87 16.67
N ILE F 407 -46.09 8.14 16.09
CA ILE F 407 -45.31 8.57 14.94
C ILE F 407 -46.10 8.21 13.68
N LEU F 408 -46.18 9.13 12.71
CA LEU F 408 -46.65 8.80 11.36
C LEU F 408 -45.66 7.84 10.70
N PRO F 409 -46.08 6.70 10.13
CA PRO F 409 -45.13 5.65 9.80
C PRO F 409 -44.49 5.88 8.44
N SER F 410 -45.09 6.78 7.65
CA SER F 410 -44.58 7.03 6.31
C SER F 410 -43.31 7.86 6.40
N VAL F 411 -42.19 7.22 6.73
CA VAL F 411 -41.08 8.03 7.15
C VAL F 411 -40.63 8.85 5.97
N PRO F 412 -40.48 8.29 4.77
CA PRO F 412 -39.67 8.94 3.76
C PRO F 412 -40.37 10.19 3.28
N SER F 413 -41.66 10.27 3.57
CA SER F 413 -42.28 11.55 3.30
C SER F 413 -42.37 12.46 4.53
N TRP F 414 -41.36 12.49 5.41
CA TRP F 414 -41.46 13.26 6.65
C TRP F 414 -40.74 14.56 6.41
N LYS F 415 -41.25 15.65 7.01
CA LYS F 415 -40.56 16.90 6.90
C LYS F 415 -39.62 17.11 8.09
N GLU F 416 -38.88 18.20 8.11
CA GLU F 416 -38.02 18.45 9.24
C GLU F 416 -38.81 18.46 10.55
N ALA F 417 -40.05 18.90 10.53
CA ALA F 417 -40.83 18.85 11.76
C ALA F 417 -40.97 17.44 12.37
N GLU F 418 -41.28 16.44 11.55
CA GLU F 418 -41.46 15.10 12.10
C GLU F 418 -40.10 14.54 12.48
N VAL F 419 -39.02 15.04 11.90
CA VAL F 419 -37.82 14.44 12.40
C VAL F 419 -37.57 14.98 13.78
N GLN F 420 -38.00 16.21 14.02
CA GLN F 420 -37.70 16.66 15.36
C GLN F 420 -38.60 15.94 16.32
N THR F 421 -39.77 15.54 15.86
CA THR F 421 -40.56 14.96 16.92
C THR F 421 -40.01 13.63 17.36
N TRP F 422 -39.55 12.82 16.43
CA TRP F 422 -39.05 11.51 16.75
C TRP F 422 -37.72 11.67 17.48
N LEU F 423 -36.86 12.58 17.03
CA LEU F 423 -35.69 12.81 17.89
C LEU F 423 -36.07 13.03 19.34
N GLN F 424 -37.25 13.54 19.63
CA GLN F 424 -37.56 13.77 21.03
C GLN F 424 -38.17 12.55 21.71
N GLN F 425 -38.62 11.58 20.95
CA GLN F 425 -39.39 10.57 21.63
C GLN F 425 -38.50 9.35 21.79
N ILE F 426 -37.26 9.50 21.36
CA ILE F 426 -36.35 8.39 21.49
C ILE F 426 -35.25 8.95 22.36
N GLY F 427 -35.61 10.10 22.95
CA GLY F 427 -34.73 10.97 23.71
C GLY F 427 -33.32 11.11 23.14
N PHE F 428 -33.25 11.78 22.01
CA PHE F 428 -31.99 12.38 21.71
C PHE F 428 -32.15 13.88 21.56
N SER F 429 -32.82 14.52 22.51
CA SER F 429 -33.06 15.93 22.36
C SER F 429 -31.77 16.76 22.29
N LYS F 430 -30.70 16.30 22.96
CA LYS F 430 -29.44 17.02 22.83
C LYS F 430 -29.21 17.38 21.37
N TYR F 431 -29.78 16.59 20.47
CA TYR F 431 -29.30 16.70 19.12
C TYR F 431 -30.29 17.40 18.22
N CYS F 432 -31.46 17.72 18.76
CA CYS F 432 -32.49 18.27 17.90
C CYS F 432 -31.93 19.51 17.22
N GLU F 433 -31.21 20.33 17.96
CA GLU F 433 -30.76 21.56 17.34
C GLU F 433 -29.93 21.24 16.10
N SER F 434 -28.88 20.44 16.23
CA SER F 434 -28.08 20.14 15.06
C SER F 434 -28.93 19.55 13.94
N PHE F 435 -29.91 18.74 14.27
CA PHE F 435 -30.70 18.22 13.19
C PHE F 435 -31.48 19.34 12.51
N ARG F 436 -31.97 20.36 13.25
CA ARG F 436 -32.66 21.43 12.54
C ARG F 436 -31.70 22.31 11.74
N GLU F 437 -30.50 22.49 12.24
CA GLU F 437 -29.64 23.43 11.57
C GLU F 437 -29.23 22.75 10.26
N GLN F 438 -29.12 21.43 10.25
CA GLN F 438 -28.75 20.88 8.97
C GLN F 438 -29.96 20.43 8.15
N GLN F 439 -31.14 20.87 8.58
CA GLN F 439 -32.43 20.54 8.01
C GLN F 439 -32.54 19.12 7.48
N VAL F 440 -32.17 18.12 8.29
CA VAL F 440 -32.45 16.73 8.00
C VAL F 440 -33.96 16.54 8.00
N ASP F 441 -34.48 15.95 6.92
CA ASP F 441 -35.87 15.54 6.87
C ASP F 441 -35.93 14.04 6.69
N GLY F 442 -37.14 13.54 6.36
CA GLY F 442 -37.40 12.13 6.16
C GLY F 442 -36.38 11.39 5.30
N ASP F 443 -36.12 11.89 4.08
CA ASP F 443 -35.30 11.11 3.19
C ASP F 443 -33.90 11.06 3.77
N LEU F 444 -33.44 12.16 4.35
CA LEU F 444 -32.05 12.15 4.71
C LEU F 444 -31.84 11.27 5.93
N LEU F 445 -32.85 11.28 6.80
CA LEU F 445 -32.77 10.55 8.03
C LEU F 445 -32.52 9.11 7.66
N LEU F 446 -33.39 8.53 6.82
CA LEU F 446 -33.30 7.14 6.42
C LEU F 446 -31.98 6.82 5.75
N ARG F 447 -31.15 7.83 5.47
CA ARG F 447 -29.96 7.51 4.71
C ARG F 447 -28.71 7.90 5.46
N LEU F 448 -28.81 8.17 6.77
CA LEU F 448 -27.68 8.77 7.47
C LEU F 448 -26.57 7.76 7.56
N THR F 449 -25.34 8.23 7.43
CA THR F 449 -24.23 7.30 7.59
C THR F 449 -23.59 7.58 8.93
N GLU F 450 -22.66 6.72 9.35
CA GLU F 450 -21.93 7.00 10.58
C GLU F 450 -21.18 8.32 10.47
N GLU F 451 -20.53 8.54 9.31
CA GLU F 451 -19.70 9.70 9.10
C GLU F 451 -20.52 10.99 9.26
N GLU F 452 -21.68 11.04 8.63
CA GLU F 452 -22.50 12.25 8.69
C GLU F 452 -22.92 12.50 10.13
N LEU F 453 -23.15 11.40 10.82
CA LEU F 453 -23.69 11.48 12.16
C LEU F 453 -22.60 12.05 13.04
N GLN F 454 -21.38 11.56 12.82
CA GLN F 454 -20.25 11.98 13.60
C GLN F 454 -19.93 13.44 13.32
N THR F 455 -19.62 13.70 12.05
CA THR F 455 -19.04 14.95 11.65
C THR F 455 -20.08 16.06 11.62
N ASP F 456 -21.18 15.82 10.91
CA ASP F 456 -22.00 16.92 10.43
C ASP F 456 -23.04 17.20 11.49
N LEU F 457 -23.47 16.12 12.10
CA LEU F 457 -24.53 16.24 13.08
C LEU F 457 -23.93 16.33 14.47
N GLY F 458 -22.65 15.98 14.59
CA GLY F 458 -21.91 16.22 15.82
C GLY F 458 -22.20 15.29 17.00
N MET F 459 -22.42 14.00 16.72
CA MET F 459 -22.50 12.94 17.71
C MET F 459 -21.10 12.34 17.90
N LYS F 460 -20.34 12.91 18.83
CA LYS F 460 -18.96 12.52 19.07
C LYS F 460 -18.85 11.00 19.32
N SER F 461 -19.58 10.48 20.33
CA SER F 461 -19.39 9.15 20.92
C SER F 461 -19.78 7.98 20.01
N GLY F 462 -18.82 7.12 19.71
CA GLY F 462 -19.20 5.85 19.10
C GLY F 462 -20.36 5.14 19.81
N ILE F 463 -20.37 5.15 21.13
CA ILE F 463 -21.40 4.40 21.78
C ILE F 463 -22.70 5.11 21.52
N THR F 464 -22.63 6.43 21.48
CA THR F 464 -23.89 7.09 21.22
C THR F 464 -24.35 6.89 19.79
N ARG F 465 -23.45 7.08 18.83
CA ARG F 465 -23.84 6.68 17.49
C ARG F 465 -24.56 5.33 17.50
N LYS F 466 -23.92 4.34 18.10
CA LYS F 466 -24.52 3.04 18.19
C LYS F 466 -25.90 3.11 18.84
N ARG F 467 -26.14 3.92 19.86
CA ARG F 467 -27.50 3.78 20.35
C ARG F 467 -28.45 4.44 19.38
N PHE F 468 -27.95 5.45 18.64
CA PHE F 468 -28.78 6.18 17.70
C PHE F 468 -29.24 5.18 16.65
N PHE F 469 -28.24 4.56 16.00
CA PHE F 469 -28.57 3.67 14.93
C PHE F 469 -29.53 2.59 15.36
N ARG F 470 -29.37 2.12 16.57
CA ARG F 470 -30.30 1.11 17.05
C ARG F 470 -31.70 1.68 17.02
N GLU F 471 -31.86 2.98 17.30
CA GLU F 471 -33.21 3.49 17.38
C GLU F 471 -33.75 3.69 15.98
N LEU F 472 -32.81 4.01 15.09
CA LEU F 472 -33.16 4.28 13.73
C LEU F 472 -33.66 3.00 13.05
N THR F 473 -32.88 1.95 13.18
CA THR F 473 -33.28 0.65 12.69
C THR F 473 -34.65 0.27 13.19
N GLU F 474 -34.99 0.55 14.43
CA GLU F 474 -36.37 0.25 14.76
C GLU F 474 -37.33 1.06 13.87
N LEU F 475 -37.00 2.32 13.58
CA LEU F 475 -37.91 3.14 12.78
C LEU F 475 -38.04 2.51 11.41
N LYS F 476 -36.88 2.32 10.75
CA LYS F 476 -36.83 1.84 9.38
C LYS F 476 -37.64 0.58 9.27
N THR F 477 -37.72 -0.18 10.35
CA THR F 477 -38.49 -1.40 10.27
C THR F 477 -40.00 -1.14 10.42
N PHE F 478 -40.38 -0.05 11.04
CA PHE F 478 -41.81 0.14 11.19
C PHE F 478 -42.32 0.91 9.98
N ALA F 479 -41.41 1.53 9.24
CA ALA F 479 -41.78 2.47 8.19
C ALA F 479 -42.82 1.94 7.21
N ASN F 480 -43.66 2.84 6.70
CA ASN F 480 -44.50 2.50 5.58
C ASN F 480 -43.85 2.99 4.29
N TYR F 481 -43.35 2.08 3.49
CA TYR F 481 -42.62 2.61 2.36
C TYR F 481 -43.41 2.70 1.05
N SER F 482 -44.72 2.90 1.13
CA SER F 482 -45.58 2.68 -0.03
C SER F 482 -45.30 3.66 -1.17
N THR F 483 -45.11 4.92 -0.79
CA THR F 483 -44.82 5.95 -1.75
C THR F 483 -43.53 5.63 -2.50
N CYS F 484 -42.65 4.79 -1.99
CA CYS F 484 -41.42 4.73 -2.74
C CYS F 484 -41.13 3.33 -3.28
N ASP F 485 -42.02 2.38 -3.06
CA ASP F 485 -41.64 0.99 -3.33
C ASP F 485 -42.67 0.31 -4.23
N ARG F 486 -42.39 0.25 -5.52
CA ARG F 486 -43.46 -0.15 -6.41
C ARG F 486 -43.64 -1.67 -6.45
N SER F 487 -42.66 -2.41 -5.91
CA SER F 487 -42.59 -3.83 -6.17
C SER F 487 -42.74 -4.62 -4.88
N ASN F 488 -43.16 -3.92 -3.83
CA ASN F 488 -43.24 -4.42 -2.47
C ASN F 488 -41.96 -5.17 -2.08
N LEU F 489 -40.84 -4.56 -2.38
CA LEU F 489 -39.59 -5.15 -1.96
C LEU F 489 -39.55 -5.26 -0.44
N ALA F 490 -40.27 -4.36 0.22
CA ALA F 490 -40.36 -4.43 1.66
C ALA F 490 -40.85 -5.80 2.06
N ASP F 491 -41.90 -6.30 1.44
CA ASP F 491 -42.44 -7.54 1.97
C ASP F 491 -41.56 -8.71 1.60
N TRP F 492 -40.90 -8.60 0.45
CA TRP F 492 -39.99 -9.67 0.12
C TRP F 492 -38.88 -9.71 1.14
N LEU F 493 -38.19 -8.59 1.33
CA LEU F 493 -37.10 -8.65 2.27
C LEU F 493 -37.62 -9.13 3.60
N GLY F 494 -38.84 -8.72 3.92
CA GLY F 494 -39.42 -9.07 5.20
C GLY F 494 -39.72 -10.55 5.30
N SER F 495 -39.85 -11.21 4.15
CA SER F 495 -40.05 -12.64 4.29
C SER F 495 -38.76 -13.37 4.60
N LEU F 496 -37.66 -13.10 3.88
CA LEU F 496 -36.41 -13.69 4.34
C LEU F 496 -36.32 -13.72 5.85
N ASP F 497 -36.59 -12.57 6.48
CA ASP F 497 -36.29 -12.37 7.88
C ASP F 497 -36.78 -10.98 8.26
N PRO F 498 -37.74 -10.86 9.19
CA PRO F 498 -38.29 -9.56 9.60
C PRO F 498 -37.29 -8.46 9.92
N ARG F 499 -36.06 -8.85 10.22
CA ARG F 499 -35.08 -7.85 10.52
C ARG F 499 -34.53 -7.25 9.24
N PHE F 500 -35.02 -7.68 8.08
CA PHE F 500 -34.33 -7.27 6.86
C PHE F 500 -35.09 -6.13 6.26
N ARG F 501 -36.33 -6.04 6.72
CA ARG F 501 -37.22 -5.05 6.17
C ARG F 501 -36.60 -3.69 6.28
N GLN F 502 -35.62 -3.56 7.18
CA GLN F 502 -35.00 -2.28 7.44
C GLN F 502 -34.18 -1.88 6.23
N TYR F 503 -33.82 -2.82 5.37
CA TYR F 503 -33.02 -2.38 4.24
C TYR F 503 -33.90 -1.90 3.08
N THR F 504 -35.20 -1.82 3.28
CA THR F 504 -36.00 -1.50 2.12
C THR F 504 -35.51 -0.23 1.44
N TYR F 505 -35.52 0.87 2.18
CA TYR F 505 -35.30 2.14 1.52
C TYR F 505 -33.94 2.16 0.83
N GLY F 506 -32.93 1.65 1.50
CA GLY F 506 -31.64 1.58 0.83
C GLY F 506 -31.64 0.85 -0.51
N LEU F 507 -32.53 -0.13 -0.67
CA LEU F 507 -32.54 -0.86 -1.91
C LEU F 507 -33.42 -0.11 -2.89
N VAL F 508 -34.54 0.47 -2.44
CA VAL F 508 -35.34 1.10 -3.46
C VAL F 508 -34.73 2.41 -3.93
N SER F 509 -33.66 2.84 -3.30
CA SER F 509 -33.04 4.08 -3.71
C SER F 509 -32.01 3.83 -4.80
N CYS F 510 -31.25 2.75 -4.70
CA CYS F 510 -30.44 2.29 -5.83
C CYS F 510 -31.34 1.77 -6.95
N GLY F 511 -32.65 1.92 -6.76
CA GLY F 511 -33.54 1.66 -7.86
C GLY F 511 -33.88 0.19 -8.09
N LEU F 512 -33.10 -0.75 -7.53
CA LEU F 512 -33.48 -2.16 -7.55
C LEU F 512 -34.96 -2.30 -7.23
N ASP F 513 -35.57 -3.23 -7.94
CA ASP F 513 -36.92 -3.64 -7.64
C ASP F 513 -36.85 -5.15 -7.67
N ARG F 514 -38.02 -5.79 -7.51
CA ARG F 514 -38.06 -7.24 -7.45
C ARG F 514 -37.47 -7.85 -8.71
N SER F 515 -37.84 -7.34 -9.88
CA SER F 515 -37.34 -7.90 -11.12
C SER F 515 -35.82 -7.75 -11.26
N LEU F 516 -35.20 -6.77 -10.62
CA LEU F 516 -33.80 -6.56 -10.95
C LEU F 516 -32.94 -7.29 -9.95
N LEU F 517 -33.60 -7.88 -8.96
CA LEU F 517 -32.86 -8.17 -7.75
C LEU F 517 -31.92 -9.31 -8.06
N HIS F 518 -32.37 -10.21 -8.95
CA HIS F 518 -31.65 -11.41 -9.33
C HIS F 518 -30.25 -11.13 -9.90
N ARG F 519 -29.89 -9.86 -10.08
CA ARG F 519 -28.69 -9.53 -10.82
C ARG F 519 -27.66 -8.78 -9.97
N VAL F 520 -27.99 -8.46 -8.72
CA VAL F 520 -27.17 -7.55 -7.94
C VAL F 520 -25.93 -8.31 -7.46
N SER F 521 -24.87 -7.60 -7.13
CA SER F 521 -23.66 -8.25 -6.64
C SER F 521 -23.53 -7.99 -5.16
N GLU F 522 -22.68 -8.77 -4.47
CA GLU F 522 -22.33 -8.51 -3.08
C GLU F 522 -21.81 -7.10 -2.95
N GLN F 523 -21.03 -6.65 -3.93
CA GLN F 523 -20.41 -5.35 -3.78
C GLN F 523 -21.48 -4.26 -3.78
N GLN F 524 -22.35 -4.29 -4.80
CA GLN F 524 -23.46 -3.36 -4.83
C GLN F 524 -24.18 -3.32 -3.49
N LEU F 525 -24.64 -4.48 -2.99
CA LEU F 525 -25.40 -4.47 -1.76
C LEU F 525 -24.63 -3.73 -0.68
N LEU F 526 -23.31 -3.86 -0.72
CA LEU F 526 -22.54 -3.27 0.36
C LEU F 526 -22.47 -1.76 0.18
N GLU F 527 -22.00 -1.31 -1.00
CA GLU F 527 -21.68 0.10 -1.17
C GLU F 527 -22.95 0.87 -1.48
N ASP F 528 -23.58 0.52 -2.60
CA ASP F 528 -24.79 1.19 -3.02
C ASP F 528 -25.81 1.19 -1.90
N CYS F 529 -26.27 0.01 -1.46
CA CYS F 529 -27.51 -0.04 -0.70
C CYS F 529 -27.24 0.04 0.80
N GLY F 530 -25.95 0.04 1.13
CA GLY F 530 -25.48 0.22 2.49
C GLY F 530 -25.90 -0.91 3.44
N ILE F 531 -26.00 -2.14 2.94
CA ILE F 531 -26.15 -3.25 3.86
C ILE F 531 -24.76 -3.60 4.38
N HIS F 532 -24.58 -3.55 5.71
CA HIS F 532 -23.23 -3.52 6.25
C HIS F 532 -22.76 -4.88 6.72
N LEU F 533 -23.67 -5.62 7.34
CA LEU F 533 -23.41 -6.96 7.82
C LEU F 533 -23.29 -7.96 6.68
N GLY F 534 -22.06 -8.41 6.41
CA GLY F 534 -21.82 -9.48 5.46
C GLY F 534 -22.86 -10.61 5.53
N VAL F 535 -23.26 -10.97 6.75
CA VAL F 535 -24.04 -12.17 6.90
C VAL F 535 -25.36 -11.88 6.24
N HIS F 536 -25.81 -10.64 6.46
CA HIS F 536 -27.09 -10.23 5.98
C HIS F 536 -27.04 -10.14 4.47
N ARG F 537 -25.94 -9.56 3.93
CA ARG F 537 -25.80 -9.43 2.48
C ARG F 537 -26.03 -10.80 1.87
N ALA F 538 -25.09 -11.67 2.21
CA ALA F 538 -25.13 -13.04 1.83
C ALA F 538 -26.54 -13.63 1.90
N ARG F 539 -27.32 -13.45 2.97
CA ARG F 539 -28.62 -14.11 2.86
C ARG F 539 -29.49 -13.46 1.81
N ILE F 540 -29.40 -12.13 1.63
CA ILE F 540 -30.33 -11.43 0.74
C ILE F 540 -29.98 -11.91 -0.66
N LEU F 541 -28.68 -11.92 -0.89
CA LEU F 541 -28.13 -12.15 -2.19
C LEU F 541 -28.52 -13.52 -2.71
N THR F 542 -28.25 -14.53 -1.89
CA THR F 542 -28.78 -15.86 -2.08
C THR F 542 -30.27 -15.91 -2.37
N ALA F 543 -31.09 -15.22 -1.59
CA ALA F 543 -32.48 -15.44 -1.88
C ALA F 543 -32.83 -14.72 -3.16
N ALA F 544 -32.02 -13.73 -3.51
CA ALA F 544 -32.21 -13.06 -4.78
C ALA F 544 -32.06 -14.06 -5.90
N ARG F 545 -31.00 -14.86 -5.82
CA ARG F 545 -30.64 -15.73 -6.93
C ARG F 545 -31.63 -16.89 -7.04
N GLU F 546 -32.40 -17.16 -5.99
CA GLU F 546 -33.49 -18.11 -6.08
C GLU F 546 -34.71 -17.46 -6.72
N MET F 547 -34.68 -16.13 -6.81
CA MET F 547 -35.73 -15.36 -7.48
C MET F 547 -35.40 -15.21 -8.96
N LEU F 548 -34.27 -15.77 -9.40
CA LEU F 548 -33.90 -15.76 -10.80
C LEU F 548 -34.96 -16.54 -11.58
N HIS F 549 -35.28 -17.74 -11.08
CA HIS F 549 -36.30 -18.62 -11.64
C HIS F 549 -37.67 -18.33 -11.04
N SER F 550 -37.70 -17.51 -9.98
CA SER F 550 -38.95 -17.10 -9.34
C SER F 550 -39.10 -15.57 -9.34
N PRO F 551 -39.20 -14.87 -10.49
CA PRO F 551 -39.25 -13.41 -10.51
C PRO F 551 -40.61 -12.86 -10.04
N ASP F 562 -58.10 2.50 -31.85
CA ASP F 562 -59.39 2.85 -32.50
C ASP F 562 -60.43 1.74 -32.30
N THR F 563 -59.99 0.62 -31.69
CA THR F 563 -60.81 -0.57 -31.55
C THR F 563 -61.00 -0.94 -30.07
N PRO F 564 -61.95 -0.29 -29.34
CA PRO F 564 -62.48 -0.86 -28.10
C PRO F 564 -63.52 -1.93 -28.43
N ASP F 565 -63.75 -2.84 -27.48
CA ASP F 565 -64.77 -3.87 -27.62
C ASP F 565 -66.14 -3.23 -27.79
N VAL F 566 -66.43 -2.23 -26.94
CA VAL F 566 -67.73 -1.57 -26.89
C VAL F 566 -67.52 -0.06 -26.97
N PHE F 567 -68.56 0.65 -27.46
CA PHE F 567 -68.68 2.09 -27.31
C PHE F 567 -70.06 2.44 -26.78
N ILE F 568 -70.08 3.33 -25.78
CA ILE F 568 -71.32 3.86 -25.22
C ILE F 568 -71.51 5.31 -25.67
N SER F 569 -72.57 5.53 -26.45
CA SER F 569 -73.00 6.84 -26.92
C SER F 569 -74.27 7.26 -26.20
N TYR F 570 -74.33 8.54 -25.79
CA TYR F 570 -75.35 9.03 -24.87
C TYR F 570 -75.25 10.55 -24.74
N ARG F 571 -76.32 11.15 -24.20
CA ARG F 571 -76.40 12.56 -23.88
C ARG F 571 -75.71 12.82 -22.54
N ARG F 572 -74.68 13.69 -22.56
CA ARG F 572 -73.91 13.99 -21.36
C ARG F 572 -74.80 14.61 -20.28
N ASN F 573 -75.91 15.23 -20.70
CA ASN F 573 -76.80 15.92 -19.80
C ASN F 573 -77.75 14.95 -19.10
N SER F 574 -78.09 13.82 -19.76
CA SER F 574 -79.14 12.94 -19.27
C SER F 574 -78.64 11.53 -18.96
N GLY F 575 -77.89 10.94 -19.90
CA GLY F 575 -77.47 9.55 -19.83
C GLY F 575 -76.05 9.36 -19.29
N SER F 576 -75.44 10.44 -18.80
CA SER F 576 -74.09 10.45 -18.26
C SER F 576 -73.91 9.40 -17.17
N GLN F 577 -74.96 9.25 -16.33
CA GLN F 577 -74.98 8.32 -15.22
C GLN F 577 -74.85 6.90 -15.74
N LEU F 578 -75.85 6.46 -16.53
CA LEU F 578 -75.94 5.11 -17.04
C LEU F 578 -74.66 4.73 -17.79
N ALA F 579 -74.14 5.68 -18.59
CA ALA F 579 -72.94 5.52 -19.40
C ALA F 579 -71.79 4.93 -18.58
N SER F 580 -71.37 5.68 -17.56
CA SER F 580 -70.28 5.30 -16.65
C SER F 580 -70.56 3.93 -16.05
N LEU F 581 -71.74 3.80 -15.43
CA LEU F 581 -72.22 2.61 -14.74
C LEU F 581 -71.99 1.36 -15.59
N LEU F 582 -72.45 1.41 -16.86
CA LEU F 582 -72.30 0.33 -17.82
C LEU F 582 -70.82 0.02 -18.05
N LYS F 583 -70.03 1.06 -18.40
CA LYS F 583 -68.61 0.93 -18.66
C LYS F 583 -67.94 0.11 -17.55
N VAL F 584 -68.12 0.57 -16.30
CA VAL F 584 -67.58 -0.09 -15.10
C VAL F 584 -67.94 -1.58 -15.16
N HIS F 585 -69.25 -1.85 -15.16
CA HIS F 585 -69.81 -3.19 -15.13
C HIS F 585 -69.21 -4.06 -16.23
N LEU F 586 -69.13 -3.50 -17.44
CA LEU F 586 -68.64 -4.23 -18.60
C LEU F 586 -67.13 -4.45 -18.49
N GLN F 587 -66.41 -3.49 -17.89
CA GLN F 587 -64.96 -3.58 -17.74
C GLN F 587 -64.60 -4.68 -16.74
N LEU F 588 -65.39 -4.76 -15.66
CA LEU F 588 -65.32 -5.88 -14.72
C LEU F 588 -65.46 -7.20 -15.46
N HIS F 589 -66.36 -7.22 -16.46
CA HIS F 589 -66.75 -8.44 -17.15
C HIS F 589 -65.90 -8.67 -18.42
N GLY F 590 -64.80 -7.91 -18.55
CA GLY F 590 -63.76 -8.20 -19.52
C GLY F 590 -64.00 -7.57 -20.90
N PHE F 591 -64.84 -6.54 -20.96
CA PHE F 591 -64.97 -5.69 -22.14
C PHE F 591 -64.22 -4.38 -21.91
N SER F 592 -63.32 -4.06 -22.85
CA SER F 592 -62.75 -2.73 -22.95
C SER F 592 -63.77 -1.81 -23.60
N VAL F 593 -64.15 -0.75 -22.88
CA VAL F 593 -65.23 0.12 -23.32
C VAL F 593 -64.67 1.51 -23.64
N PHE F 594 -65.46 2.26 -24.42
CA PHE F 594 -65.21 3.65 -24.73
C PHE F 594 -66.48 4.46 -24.47
N ILE F 595 -66.28 5.73 -24.08
CA ILE F 595 -67.35 6.59 -23.63
C ILE F 595 -67.39 7.83 -24.52
N ASP F 596 -68.60 8.37 -24.70
CA ASP F 596 -68.90 9.53 -25.50
C ASP F 596 -68.49 10.79 -24.74
N VAL F 597 -67.18 11.02 -24.61
CA VAL F 597 -66.67 12.25 -24.00
C VAL F 597 -66.99 13.40 -24.95
N GLU F 598 -68.18 13.99 -24.76
CA GLU F 598 -68.69 15.07 -25.60
C GLU F 598 -68.18 16.40 -25.04
N LYS F 599 -67.08 16.89 -25.60
CA LYS F 599 -66.45 18.14 -25.19
C LYS F 599 -65.63 18.71 -26.34
N LEU F 600 -65.40 17.88 -27.38
CA LEU F 600 -64.39 18.13 -28.41
C LEU F 600 -65.03 18.24 -29.79
N GLU F 601 -64.61 19.27 -30.54
CA GLU F 601 -65.15 19.61 -31.85
C GLU F 601 -64.04 19.71 -32.89
N ALA F 602 -62.79 19.84 -32.43
CA ALA F 602 -61.63 20.08 -33.26
C ALA F 602 -61.07 18.78 -33.82
N GLY F 603 -60.22 18.91 -34.86
CA GLY F 603 -59.57 17.79 -35.51
C GLY F 603 -60.48 17.15 -36.56
N LYS F 604 -60.79 17.94 -37.60
CA LYS F 604 -61.67 17.58 -38.71
C LYS F 604 -63.01 17.06 -38.19
N PHE F 605 -63.80 17.97 -37.62
CA PHE F 605 -65.09 17.69 -36.98
C PHE F 605 -65.03 16.38 -36.18
N GLU F 606 -64.04 16.29 -35.28
CA GLU F 606 -63.79 15.13 -34.42
C GLU F 606 -63.89 13.81 -35.21
N ASP F 607 -62.93 13.58 -36.11
CA ASP F 607 -62.87 12.33 -36.85
C ASP F 607 -62.33 11.21 -35.94
N LYS F 608 -61.54 11.60 -34.93
CA LYS F 608 -60.95 10.68 -33.96
C LYS F 608 -62.06 10.05 -33.11
N LEU F 609 -63.11 10.83 -32.82
CA LEU F 609 -64.29 10.37 -32.11
C LEU F 609 -64.85 9.13 -32.79
N ILE F 610 -65.00 9.19 -34.11
CA ILE F 610 -65.65 8.10 -34.83
C ILE F 610 -64.67 6.98 -35.16
N GLN F 611 -63.37 7.27 -35.27
CA GLN F 611 -62.41 6.18 -35.42
C GLN F 611 -62.67 5.13 -34.35
N SER F 612 -62.97 5.61 -33.12
CA SER F 612 -63.31 4.74 -32.00
C SER F 612 -64.61 3.98 -32.25
N VAL F 613 -65.67 4.68 -32.70
CA VAL F 613 -66.99 4.09 -32.91
C VAL F 613 -66.96 3.08 -34.05
N MET F 614 -66.44 3.51 -35.22
CA MET F 614 -66.28 2.71 -36.41
C MET F 614 -65.49 1.42 -36.09
N GLY F 615 -64.58 1.52 -35.13
CA GLY F 615 -63.77 0.40 -34.69
C GLY F 615 -64.42 -0.41 -33.56
N ALA F 616 -65.29 0.26 -32.78
CA ALA F 616 -65.97 -0.38 -31.66
C ALA F 616 -66.94 -1.44 -32.18
N ARG F 617 -66.58 -2.72 -31.98
CA ARG F 617 -67.37 -3.84 -32.47
C ARG F 617 -68.81 -3.71 -32.00
N ASN F 618 -68.96 -3.54 -30.68
CA ASN F 618 -70.25 -3.39 -30.03
C ASN F 618 -70.52 -1.91 -29.79
N PHE F 619 -71.79 -1.54 -29.97
CA PHE F 619 -72.24 -0.17 -29.76
C PHE F 619 -73.42 -0.19 -28.79
N VAL F 620 -73.18 0.26 -27.56
CA VAL F 620 -74.26 0.52 -26.62
C VAL F 620 -74.75 1.96 -26.84
N LEU F 621 -76.06 2.09 -27.03
CA LEU F 621 -76.72 3.37 -27.06
C LEU F 621 -77.56 3.51 -25.79
N VAL F 622 -77.25 4.53 -24.99
CA VAL F 622 -78.03 4.83 -23.80
C VAL F 622 -79.22 5.68 -24.20
N LEU F 623 -80.39 5.06 -24.15
CA LEU F 623 -81.64 5.72 -24.48
C LEU F 623 -82.37 6.08 -23.19
N SER F 624 -82.03 7.29 -22.72
CA SER F 624 -82.73 8.04 -21.68
C SER F 624 -83.97 8.68 -22.30
N PRO F 625 -84.94 9.21 -21.50
CA PRO F 625 -86.09 9.93 -22.06
C PRO F 625 -85.63 11.09 -22.93
N GLY F 626 -85.75 10.90 -24.25
CA GLY F 626 -85.32 11.88 -25.25
C GLY F 626 -83.81 12.05 -25.28
N ALA F 627 -83.11 11.00 -25.73
CA ALA F 627 -81.67 11.01 -25.88
C ALA F 627 -81.27 11.34 -27.31
N LEU F 628 -82.27 11.57 -28.19
CA LEU F 628 -82.05 11.70 -29.62
C LEU F 628 -82.43 13.09 -30.13
N ASP F 629 -82.35 14.10 -29.23
CA ASP F 629 -82.82 15.45 -29.51
C ASP F 629 -82.00 16.10 -30.63
N LYS F 630 -80.67 16.20 -30.43
CA LYS F 630 -79.78 16.84 -31.38
C LYS F 630 -79.60 15.96 -32.62
N CYS F 631 -79.79 14.64 -32.45
CA CYS F 631 -79.76 13.68 -33.55
C CYS F 631 -80.96 13.91 -34.46
N MET F 632 -82.12 14.24 -33.86
CA MET F 632 -83.34 14.53 -34.59
C MET F 632 -83.07 15.62 -35.62
N GLN F 633 -83.24 15.22 -36.89
CA GLN F 633 -83.09 16.05 -38.09
C GLN F 633 -81.72 16.73 -38.12
N ASP F 634 -80.66 15.97 -37.77
CA ASP F 634 -79.29 16.47 -37.84
C ASP F 634 -78.70 16.14 -39.21
N HIS F 635 -78.96 17.02 -40.17
CA HIS F 635 -78.66 16.78 -41.57
C HIS F 635 -77.20 17.14 -41.87
N ASP F 636 -76.60 17.98 -41.02
CA ASP F 636 -75.20 18.35 -41.13
C ASP F 636 -74.32 17.25 -40.53
N CYS F 637 -74.96 16.27 -39.87
CA CYS F 637 -74.30 15.17 -39.18
C CYS F 637 -73.18 15.73 -38.30
N LYS F 638 -73.57 16.62 -37.38
CA LYS F 638 -72.62 17.38 -36.57
C LYS F 638 -72.73 17.00 -35.08
N ASP F 639 -73.94 16.64 -34.63
CA ASP F 639 -74.14 16.12 -33.28
C ASP F 639 -73.44 14.77 -33.16
N TRP F 640 -72.55 14.66 -32.16
CA TRP F 640 -71.69 13.51 -31.90
C TRP F 640 -72.47 12.20 -31.76
N VAL F 641 -73.65 12.27 -31.12
CA VAL F 641 -74.50 11.11 -30.92
C VAL F 641 -75.02 10.66 -32.28
N HIS F 642 -75.62 11.59 -33.03
CA HIS F 642 -76.14 11.35 -34.37
C HIS F 642 -75.09 10.66 -35.23
N LYS F 643 -73.99 11.38 -35.47
CA LYS F 643 -72.74 10.94 -36.09
C LYS F 643 -72.43 9.48 -35.76
N GLN F 644 -72.27 9.17 -34.46
CA GLN F 644 -71.86 7.86 -33.98
C GLN F 644 -72.84 6.77 -34.44
N ILE F 645 -74.13 7.02 -34.21
CA ILE F 645 -75.22 6.13 -34.62
C ILE F 645 -74.99 5.73 -36.07
N VAL F 646 -74.84 6.74 -36.93
CA VAL F 646 -74.67 6.61 -38.37
C VAL F 646 -73.47 5.73 -38.68
N THR F 647 -72.31 6.06 -38.09
CA THR F 647 -71.03 5.42 -38.39
C THR F 647 -71.01 3.97 -37.93
N ALA F 648 -71.66 3.71 -36.78
CA ALA F 648 -71.86 2.36 -36.27
C ALA F 648 -72.72 1.55 -37.26
N LEU F 649 -73.90 2.10 -37.60
CA LEU F 649 -74.80 1.54 -38.60
C LEU F 649 -74.06 1.29 -39.91
N SER F 650 -73.23 2.27 -40.33
CA SER F 650 -72.40 2.20 -41.53
C SER F 650 -71.51 0.96 -41.48
N CYS F 651 -70.81 0.78 -40.37
CA CYS F 651 -69.83 -0.29 -40.20
C CYS F 651 -70.53 -1.62 -39.87
N GLY F 652 -71.85 -1.57 -39.73
CA GLY F 652 -72.68 -2.71 -39.36
C GLY F 652 -72.29 -3.24 -37.98
N LYS F 653 -72.35 -2.36 -36.98
CA LYS F 653 -71.89 -2.68 -35.64
C LYS F 653 -73.06 -3.16 -34.78
N ASN F 654 -72.72 -4.00 -33.80
CA ASN F 654 -73.67 -4.62 -32.88
C ASN F 654 -74.24 -3.55 -31.96
N ILE F 655 -75.47 -3.11 -32.29
CA ILE F 655 -76.11 -2.01 -31.57
C ILE F 655 -77.09 -2.60 -30.55
N VAL F 656 -76.83 -2.26 -29.28
CA VAL F 656 -77.69 -2.64 -28.16
C VAL F 656 -78.17 -1.37 -27.46
N PRO F 657 -79.41 -0.92 -27.77
CA PRO F 657 -80.05 0.17 -27.02
C PRO F 657 -80.38 -0.25 -25.58
N ILE F 658 -80.07 0.64 -24.63
CA ILE F 658 -80.39 0.39 -23.23
C ILE F 658 -81.47 1.39 -22.79
N ILE F 659 -82.62 0.81 -22.39
CA ILE F 659 -83.87 1.54 -22.26
C ILE F 659 -84.10 1.86 -20.79
N ASP F 660 -84.08 3.18 -20.51
CA ASP F 660 -84.25 3.73 -19.18
C ASP F 660 -85.08 5.01 -19.29
N GLY F 661 -86.36 4.84 -19.63
CA GLY F 661 -87.33 5.92 -19.72
C GLY F 661 -87.54 6.42 -21.15
N PHE F 662 -86.91 5.76 -22.13
CA PHE F 662 -86.99 6.15 -23.52
C PHE F 662 -88.37 5.83 -24.09
N GLU F 663 -89.01 6.86 -24.64
CA GLU F 663 -90.19 6.74 -25.49
C GLU F 663 -89.73 6.75 -26.94
N TRP F 664 -90.12 5.70 -27.68
CA TRP F 664 -89.69 5.47 -29.05
C TRP F 664 -90.37 6.45 -30.01
N PRO F 665 -89.59 7.28 -30.75
CA PRO F 665 -90.17 8.26 -31.68
C PRO F 665 -90.55 7.69 -33.04
N GLU F 666 -91.07 8.55 -33.91
CA GLU F 666 -91.20 8.25 -35.33
C GLU F 666 -89.81 8.22 -35.96
N PRO F 667 -89.47 7.17 -36.76
CA PRO F 667 -88.19 7.14 -37.48
C PRO F 667 -87.99 8.34 -38.40
N GLN F 668 -89.10 8.85 -38.95
CA GLN F 668 -89.12 9.99 -39.87
C GLN F 668 -88.56 11.25 -39.22
N VAL F 669 -88.67 11.35 -37.88
CA VAL F 669 -88.14 12.49 -37.14
C VAL F 669 -86.62 12.42 -37.05
N LEU F 670 -86.05 11.23 -37.26
CA LEU F 670 -84.61 11.03 -37.37
C LEU F 670 -84.19 11.13 -38.83
N PRO F 671 -82.94 11.56 -39.13
CA PRO F 671 -82.37 11.40 -40.46
C PRO F 671 -82.27 9.92 -40.81
N GLU F 672 -82.47 9.61 -42.10
CA GLU F 672 -82.62 8.26 -42.64
C GLU F 672 -81.41 7.40 -42.28
N ASP F 673 -80.23 8.05 -42.26
CA ASP F 673 -78.94 7.43 -41.98
C ASP F 673 -78.89 6.79 -40.59
N MET F 674 -79.87 7.13 -39.73
CA MET F 674 -79.84 6.72 -38.33
C MET F 674 -81.20 6.21 -37.84
N GLN F 675 -82.22 6.25 -38.72
CA GLN F 675 -83.59 5.84 -38.41
C GLN F 675 -83.65 4.39 -37.92
N ALA F 676 -82.82 3.54 -38.53
CA ALA F 676 -82.83 2.09 -38.35
C ALA F 676 -82.32 1.68 -36.97
N VAL F 677 -81.75 2.63 -36.22
CA VAL F 677 -81.24 2.37 -34.88
C VAL F 677 -82.40 2.04 -33.94
N LEU F 678 -83.61 2.49 -34.30
CA LEU F 678 -84.84 2.22 -33.56
C LEU F 678 -85.28 0.77 -33.77
N THR F 679 -84.66 0.09 -34.75
CA THR F 679 -85.07 -1.25 -35.17
C THR F 679 -84.15 -2.29 -34.54
N PHE F 680 -83.36 -1.87 -33.54
CA PHE F 680 -82.56 -2.77 -32.72
C PHE F 680 -83.27 -3.02 -31.40
N ASN F 681 -83.34 -4.30 -31.03
CA ASN F 681 -84.01 -4.77 -29.81
C ASN F 681 -83.17 -4.37 -28.60
N GLY F 682 -83.78 -3.58 -27.71
CA GLY F 682 -83.12 -2.97 -26.57
C GLY F 682 -83.38 -3.71 -25.25
N ILE F 683 -82.59 -3.37 -24.23
CA ILE F 683 -82.69 -4.00 -22.92
C ILE F 683 -83.13 -2.97 -21.88
N LYS F 684 -84.17 -3.35 -21.13
CA LYS F 684 -84.72 -2.58 -20.02
C LYS F 684 -83.69 -2.47 -18.91
N TRP F 685 -83.32 -1.21 -18.58
CA TRP F 685 -82.43 -0.94 -17.47
C TRP F 685 -83.20 -0.96 -16.15
N SER F 686 -82.59 -1.63 -15.15
CA SER F 686 -83.04 -1.60 -13.77
C SER F 686 -81.83 -1.43 -12.85
N HIS F 687 -81.88 -0.38 -12.03
CA HIS F 687 -80.88 -0.11 -11.00
C HIS F 687 -80.99 -1.15 -9.89
N GLU F 688 -82.23 -1.62 -9.67
CA GLU F 688 -82.59 -2.53 -8.59
C GLU F 688 -81.92 -3.90 -8.78
N TYR F 689 -82.12 -4.50 -9.96
CA TYR F 689 -81.43 -5.72 -10.33
C TYR F 689 -80.37 -5.42 -11.39
N GLN F 690 -79.41 -4.58 -11.00
CA GLN F 690 -78.38 -4.04 -11.87
C GLN F 690 -77.60 -5.17 -12.55
N GLU F 691 -77.14 -6.14 -11.75
CA GLU F 691 -76.25 -7.21 -12.16
C GLU F 691 -76.92 -8.11 -13.20
N ALA F 692 -78.21 -8.42 -12.95
CA ALA F 692 -79.02 -9.26 -13.82
C ALA F 692 -79.13 -8.62 -15.21
N THR F 693 -79.39 -7.31 -15.22
CA THR F 693 -79.52 -6.49 -16.42
C THR F 693 -78.20 -6.53 -17.20
N ILE F 694 -77.09 -6.46 -16.46
CA ILE F 694 -75.73 -6.42 -16.98
C ILE F 694 -75.41 -7.70 -17.76
N GLU F 695 -75.80 -8.85 -17.19
CA GLU F 695 -75.55 -10.16 -17.75
C GLU F 695 -76.25 -10.30 -19.11
N LYS F 696 -77.49 -9.80 -19.18
CA LYS F 696 -78.28 -9.81 -20.39
C LYS F 696 -77.63 -8.92 -21.46
N ILE F 697 -77.12 -7.76 -21.04
CA ILE F 697 -76.49 -6.81 -21.94
C ILE F 697 -75.24 -7.44 -22.56
N ILE F 698 -74.44 -8.10 -21.71
CA ILE F 698 -73.23 -8.83 -22.09
C ILE F 698 -73.58 -9.91 -23.12
N ARG F 699 -74.72 -10.60 -22.90
CA ARG F 699 -75.22 -11.64 -23.79
C ARG F 699 -75.47 -11.08 -25.19
N PHE F 700 -75.90 -9.82 -25.24
CA PHE F 700 -76.28 -9.15 -26.48
C PHE F 700 -75.04 -8.62 -27.20
N LEU F 701 -73.94 -8.45 -26.44
CA LEU F 701 -72.67 -8.02 -26.98
C LEU F 701 -71.97 -9.18 -27.69
N GLN F 702 -71.21 -8.83 -28.74
CA GLN F 702 -70.61 -9.80 -29.65
C GLN F 702 -69.11 -9.52 -29.78
N GLY G 58 6.66 -11.51 79.11
CA GLY G 58 5.56 -12.30 79.75
C GLY G 58 5.52 -13.74 79.26
N ALA G 59 5.53 -13.90 77.92
CA ALA G 59 5.55 -15.20 77.28
C ALA G 59 6.95 -15.80 77.37
N GLY G 60 7.95 -15.03 76.91
CA GLY G 60 9.35 -15.42 76.92
C GLY G 60 9.81 -15.88 78.30
N THR G 61 9.41 -15.13 79.33
CA THR G 61 9.76 -15.41 80.72
C THR G 61 9.41 -16.86 81.08
N GLU G 62 8.26 -17.32 80.56
CA GLU G 62 7.73 -18.66 80.80
C GLU G 62 8.45 -19.68 79.93
N VAL G 63 8.73 -19.31 78.67
CA VAL G 63 9.47 -20.13 77.73
C VAL G 63 10.86 -20.42 78.29
N GLN G 64 11.52 -19.34 78.75
CA GLN G 64 12.82 -19.41 79.42
C GLN G 64 12.71 -20.34 80.63
N ASP G 65 11.73 -20.06 81.50
CA ASP G 65 11.40 -20.83 82.68
C ASP G 65 11.28 -22.31 82.34
N ALA G 66 10.52 -22.60 81.27
CA ALA G 66 10.35 -23.95 80.75
C ALA G 66 11.71 -24.58 80.41
N LEU G 67 12.47 -23.92 79.54
CA LEU G 67 13.76 -24.41 79.04
C LEU G 67 14.71 -24.71 80.19
N GLU G 68 14.59 -23.95 81.28
CA GLU G 68 15.39 -24.09 82.49
C GLU G 68 15.10 -25.43 83.17
N ARG G 69 13.88 -25.93 83.01
CA ARG G 69 13.57 -27.25 83.51
C ARG G 69 13.75 -28.27 82.39
N ALA G 70 13.23 -27.94 81.20
CA ALA G 70 13.05 -28.84 80.07
C ALA G 70 14.36 -29.31 79.45
N LEU G 71 15.33 -28.39 79.30
CA LEU G 71 16.61 -28.73 78.69
C LEU G 71 17.37 -29.74 79.56
N PRO G 72 17.58 -29.51 80.88
CA PRO G 72 18.13 -30.54 81.78
C PRO G 72 17.30 -31.81 81.87
N GLU G 73 15.99 -31.70 81.61
CA GLU G 73 15.08 -32.83 81.54
C GLU G 73 15.32 -33.62 80.25
N LEU G 74 15.63 -32.89 79.17
CA LEU G 74 16.04 -33.47 77.91
C LEU G 74 17.40 -34.15 78.08
N GLN G 75 18.22 -33.61 79.00
CA GLN G 75 19.52 -34.19 79.34
C GLN G 75 19.32 -35.40 80.25
N GLN G 76 18.33 -35.33 81.13
CA GLN G 76 17.89 -36.45 81.96
C GLN G 76 17.45 -37.59 81.04
N ALA G 77 16.79 -37.21 79.94
CA ALA G 77 16.41 -38.12 78.87
C ALA G 77 17.66 -38.54 78.09
N LEU G 78 18.60 -37.62 77.85
CA LEU G 78 19.75 -37.92 77.01
C LEU G 78 20.61 -39.01 77.65
N SER G 79 20.65 -39.02 78.99
CA SER G 79 21.28 -40.06 79.77
C SER G 79 20.63 -41.41 79.45
N ALA G 80 19.29 -41.45 79.48
CA ALA G 80 18.50 -42.64 79.19
C ALA G 80 18.56 -43.00 77.71
N LEU G 81 18.63 -41.96 76.86
CA LEU G 81 18.67 -42.09 75.40
C LEU G 81 19.84 -42.97 74.97
N LYS G 82 20.83 -43.11 75.86
CA LYS G 82 22.06 -43.86 75.60
C LYS G 82 21.77 -45.37 75.54
N GLN G 83 20.80 -45.83 76.33
CA GLN G 83 20.48 -47.26 76.42
C GLN G 83 19.25 -47.59 75.58
N ALA G 84 18.77 -48.83 75.72
CA ALA G 84 17.65 -49.37 74.98
C ALA G 84 16.39 -49.45 75.86
N GLY G 85 15.27 -49.84 75.25
CA GLY G 85 13.98 -49.92 75.91
C GLY G 85 13.59 -51.34 76.31
N GLY G 86 14.51 -52.30 76.08
CA GLY G 86 14.37 -53.68 76.55
C GLY G 86 14.08 -53.75 78.04
N ALA G 87 14.90 -53.05 78.83
CA ALA G 87 14.76 -52.97 80.28
C ALA G 87 14.14 -51.63 80.68
N ARG G 88 13.48 -50.97 79.72
CA ARG G 88 12.84 -49.67 79.89
C ARG G 88 13.80 -48.61 80.42
N ALA G 89 15.08 -48.78 80.08
CA ALA G 89 16.09 -47.78 80.38
C ALA G 89 15.79 -46.50 79.57
N VAL G 90 15.62 -46.65 78.26
CA VAL G 90 15.12 -45.56 77.43
C VAL G 90 13.60 -45.48 77.53
N GLY G 91 12.96 -46.64 77.75
CA GLY G 91 11.51 -46.77 77.88
C GLY G 91 10.90 -45.71 78.80
N ALA G 92 11.42 -45.67 80.04
CA ALA G 92 11.03 -44.68 81.03
C ALA G 92 11.39 -43.29 80.53
N GLY G 93 12.67 -43.12 80.12
CA GLY G 93 13.21 -41.88 79.59
C GLY G 93 12.33 -41.29 78.48
N LEU G 94 11.87 -42.15 77.57
CA LEU G 94 10.98 -41.77 76.47
C LEU G 94 9.63 -41.33 77.03
N ALA G 95 9.02 -42.20 77.85
CA ALA G 95 7.76 -41.92 78.53
C ALA G 95 7.84 -40.58 79.27
N GLU G 96 9.02 -40.27 79.82
CA GLU G 96 9.29 -39.02 80.52
C GLU G 96 9.28 -37.86 79.53
N VAL G 97 10.25 -37.85 78.60
CA VAL G 97 10.49 -36.70 77.72
C VAL G 97 9.31 -36.49 76.76
N PHE G 98 8.69 -37.58 76.30
CA PHE G 98 7.49 -37.50 75.47
C PHE G 98 6.41 -36.72 76.22
N GLN G 99 6.19 -37.09 77.48
CA GLN G 99 5.18 -36.45 78.33
C GLN G 99 5.67 -35.09 78.82
N LEU G 100 7.00 -34.89 78.84
CA LEU G 100 7.58 -33.62 79.25
C LEU G 100 7.34 -32.57 78.16
N VAL G 101 7.47 -32.97 76.89
CA VAL G 101 7.17 -32.09 75.77
C VAL G 101 5.66 -32.08 75.51
N GLU G 102 4.93 -33.01 76.14
CA GLU G 102 3.48 -33.02 76.09
C GLU G 102 2.93 -32.06 77.16
N GLU G 103 3.64 -31.99 78.29
CA GLU G 103 3.39 -31.00 79.32
C GLU G 103 3.77 -29.62 78.79
N ALA G 104 4.80 -29.60 77.93
CA ALA G 104 5.26 -28.39 77.27
C ALA G 104 4.48 -28.14 75.98
N TRP G 105 3.68 -29.13 75.54
CA TRP G 105 2.78 -28.97 74.40
C TRP G 105 1.55 -28.16 74.81
N LEU G 106 1.31 -28.07 76.13
CA LEU G 106 0.28 -27.23 76.71
C LEU G 106 0.69 -25.76 76.63
N LEU G 107 1.99 -25.51 76.41
CA LEU G 107 2.57 -24.17 76.44
C LEU G 107 2.20 -23.36 75.19
N PRO G 108 2.26 -23.90 73.94
CA PRO G 108 1.67 -23.22 72.78
C PRO G 108 0.26 -22.67 73.01
N ALA G 109 -0.55 -23.40 73.80
CA ALA G 109 -1.87 -22.96 74.22
C ALA G 109 -1.75 -21.89 75.30
N VAL G 110 -0.92 -22.15 76.33
CA VAL G 110 -0.67 -21.23 77.43
C VAL G 110 -0.21 -19.89 76.85
N GLY G 111 0.79 -19.93 75.96
CA GLY G 111 1.26 -18.76 75.24
C GLY G 111 0.74 -18.72 73.81
N ARG G 112 1.68 -18.67 72.85
CA ARG G 112 1.39 -18.79 71.43
C ARG G 112 2.58 -19.44 70.72
N GLU G 113 2.49 -20.77 70.56
CA GLU G 113 3.42 -21.62 69.82
C GLU G 113 4.80 -21.64 70.50
N VAL G 114 4.81 -22.05 71.77
CA VAL G 114 6.03 -22.26 72.54
C VAL G 114 6.76 -23.49 71.97
N ALA G 115 6.04 -24.26 71.15
CA ALA G 115 6.50 -25.45 70.44
C ALA G 115 7.95 -25.30 69.98
N GLN G 116 8.28 -24.14 69.39
CA GLN G 116 9.59 -23.87 68.81
C GLN G 116 10.68 -24.09 69.86
N GLY G 117 10.58 -23.38 71.00
CA GLY G 117 11.54 -23.45 72.09
C GLY G 117 11.96 -24.88 72.42
N LEU G 118 10.99 -25.69 72.87
CA LEU G 118 11.21 -27.06 73.30
C LEU G 118 11.80 -27.90 72.16
N CYS G 119 11.33 -27.65 70.93
CA CYS G 119 11.72 -28.40 69.74
C CYS G 119 13.18 -28.15 69.39
N ASP G 120 13.56 -26.86 69.35
CA ASP G 120 14.91 -26.41 69.01
C ASP G 120 15.93 -27.09 69.92
N ALA G 121 15.58 -27.23 71.20
CA ALA G 121 16.38 -27.95 72.18
C ALA G 121 16.69 -29.36 71.69
N ILE G 122 15.65 -30.10 71.27
CA ILE G 122 15.87 -31.49 70.89
C ILE G 122 16.63 -31.59 69.56
N ARG G 123 16.53 -30.54 68.73
CA ARG G 123 17.04 -30.49 67.36
C ARG G 123 18.55 -30.21 67.31
N LEU G 124 18.93 -28.97 67.66
CA LEU G 124 20.26 -28.43 67.45
C LEU G 124 21.32 -29.38 68.03
N ASP G 125 21.17 -29.71 69.31
CA ASP G 125 22.13 -30.56 70.01
C ASP G 125 21.41 -31.71 70.71
N GLY G 126 20.08 -31.69 70.70
CA GLY G 126 19.33 -32.73 71.40
C GLY G 126 19.42 -34.07 70.66
N GLY G 127 18.96 -35.13 71.32
CA GLY G 127 19.04 -36.48 70.76
C GLY G 127 18.03 -36.71 69.63
N LEU G 128 17.81 -35.68 68.80
CA LEU G 128 16.91 -35.78 67.66
C LEU G 128 17.32 -36.97 66.80
N ASP G 129 18.61 -37.02 66.45
CA ASP G 129 19.19 -38.08 65.63
C ASP G 129 19.23 -39.39 66.41
N LEU G 130 19.34 -39.30 67.74
CA LEU G 130 19.36 -40.46 68.61
C LEU G 130 17.99 -41.13 68.66
N LEU G 131 16.92 -40.32 68.51
CA LEU G 131 15.55 -40.81 68.45
C LEU G 131 15.29 -41.44 67.10
N LEU G 132 15.94 -40.91 66.05
CA LEU G 132 15.85 -41.47 64.72
C LEU G 132 16.53 -42.83 64.69
N ARG G 133 17.64 -42.95 65.44
CA ARG G 133 18.35 -44.22 65.59
C ARG G 133 17.59 -45.15 66.54
N LEU G 134 16.79 -44.56 67.44
CA LEU G 134 15.95 -45.32 68.37
C LEU G 134 14.84 -46.03 67.59
N LEU G 135 14.34 -45.37 66.52
CA LEU G 135 13.37 -45.98 65.62
C LEU G 135 13.99 -47.25 65.00
N GLN G 136 15.23 -47.12 64.49
CA GLN G 136 15.98 -48.20 63.89
C GLN G 136 16.21 -49.32 64.90
N ALA G 137 16.47 -48.94 66.16
CA ALA G 137 16.71 -49.85 67.27
C ALA G 137 15.56 -50.85 67.37
N PRO G 138 15.84 -52.17 67.45
CA PRO G 138 14.80 -53.22 67.43
C PRO G 138 13.94 -53.31 68.67
N GLU G 139 13.92 -52.22 69.47
CA GLU G 139 13.06 -52.07 70.62
C GLU G 139 11.73 -51.47 70.16
N LEU G 140 10.94 -52.29 69.45
CA LEU G 140 9.70 -51.90 68.81
C LEU G 140 8.76 -51.23 69.82
N GLU G 141 8.72 -51.80 71.03
CA GLU G 141 7.89 -51.33 72.14
C GLU G 141 8.17 -49.85 72.40
N THR G 142 9.45 -49.45 72.32
CA THR G 142 9.86 -48.09 72.63
C THR G 142 10.11 -47.30 71.34
N ARG G 143 10.19 -47.98 70.20
CA ARG G 143 10.40 -47.27 68.93
C ARG G 143 9.13 -46.50 68.56
N VAL G 144 7.97 -47.00 68.98
CA VAL G 144 6.71 -46.28 68.85
C VAL G 144 6.69 -45.09 69.81
N GLN G 145 7.32 -45.23 70.99
CA GLN G 145 7.40 -44.16 71.97
C GLN G 145 8.26 -43.02 71.42
N ALA G 146 9.36 -43.38 70.75
CA ALA G 146 10.21 -42.43 70.05
C ALA G 146 9.41 -41.71 68.97
N ALA G 147 8.68 -42.50 68.15
CA ALA G 147 7.83 -42.03 67.08
C ALA G 147 6.80 -41.04 67.62
N ARG G 148 6.12 -41.42 68.72
CA ARG G 148 5.15 -40.58 69.41
C ARG G 148 5.78 -39.22 69.72
N LEU G 149 7.00 -39.26 70.28
CA LEU G 149 7.73 -38.08 70.68
C LEU G 149 8.16 -37.27 69.44
N LEU G 150 8.68 -37.97 68.41
CA LEU G 150 9.12 -37.33 67.18
C LEU G 150 7.95 -36.61 66.51
N GLU G 151 6.78 -37.27 66.49
CA GLU G 151 5.56 -36.70 65.92
C GLU G 151 5.25 -35.36 66.60
N GLN G 152 5.40 -35.34 67.94
CA GLN G 152 5.21 -34.13 68.72
C GLN G 152 6.24 -33.08 68.29
N ILE G 153 7.53 -33.34 68.59
CA ILE G 153 8.61 -32.41 68.32
C ILE G 153 8.92 -32.39 66.83
N LEU G 154 8.12 -31.65 66.06
CA LEU G 154 8.25 -31.66 64.61
C LEU G 154 7.79 -30.33 64.01
N VAL G 155 8.41 -29.25 64.49
CA VAL G 155 8.23 -27.93 63.88
C VAL G 155 9.10 -27.85 62.62
N ALA G 156 8.89 -26.79 61.81
CA ALA G 156 9.54 -26.57 60.54
C ALA G 156 11.04 -26.83 60.61
N GLU G 157 11.66 -26.39 61.73
CA GLU G 157 13.06 -26.60 62.03
C GLU G 157 13.40 -28.08 61.93
N ASN G 158 12.76 -28.90 62.77
CA ASN G 158 12.98 -30.34 62.85
C ASN G 158 12.68 -31.00 61.50
N ARG G 159 11.61 -30.52 60.84
CA ARG G 159 11.13 -31.09 59.59
C ARG G 159 12.23 -31.06 58.54
N ASP G 160 12.83 -29.88 58.33
CA ASP G 160 13.90 -29.70 57.36
C ASP G 160 15.05 -30.64 57.69
N ARG G 161 15.47 -30.64 58.96
CA ARG G 161 16.59 -31.45 59.42
C ARG G 161 16.32 -32.93 59.17
N VAL G 162 15.12 -33.40 59.52
CA VAL G 162 14.81 -34.82 59.38
C VAL G 162 14.54 -35.17 57.92
N ALA G 163 14.30 -34.14 57.08
CA ALA G 163 14.19 -34.34 55.64
C ALA G 163 15.54 -34.78 55.06
N ARG G 164 16.62 -34.37 55.73
CA ARG G 164 17.96 -34.69 55.28
C ARG G 164 18.36 -36.07 55.77
N ILE G 165 18.02 -36.39 57.03
CA ILE G 165 18.46 -37.63 57.64
C ILE G 165 17.26 -38.55 57.88
N GLY G 166 16.36 -38.12 58.78
CA GLY G 166 15.26 -38.94 59.27
C GLY G 166 14.43 -39.57 58.17
N LEU G 167 14.30 -38.85 57.04
CA LEU G 167 13.48 -39.22 55.89
C LEU G 167 13.63 -40.71 55.58
N GLY G 168 14.89 -41.14 55.38
CA GLY G 168 15.22 -42.51 55.07
C GLY G 168 14.69 -43.49 56.11
N VAL G 169 14.97 -43.19 57.38
CA VAL G 169 14.62 -44.05 58.51
C VAL G 169 13.11 -44.05 58.72
N ILE G 170 12.47 -42.90 58.48
CA ILE G 170 11.03 -42.73 58.58
C ILE G 170 10.33 -43.72 57.65
N LEU G 171 10.81 -43.78 56.39
CA LEU G 171 10.25 -44.63 55.36
C LEU G 171 10.58 -46.10 55.64
N ASN G 172 11.79 -46.33 56.17
CA ASN G 172 12.25 -47.66 56.55
C ASN G 172 11.34 -48.23 57.65
N LEU G 173 10.75 -47.31 58.43
CA LEU G 173 9.87 -47.63 59.55
C LEU G 173 8.41 -47.65 59.07
N ALA G 174 8.15 -46.98 57.93
CA ALA G 174 6.83 -46.91 57.34
C ALA G 174 6.42 -48.26 56.77
N LYS G 175 7.41 -49.00 56.26
CA LYS G 175 7.19 -50.32 55.68
C LYS G 175 6.62 -51.28 56.72
N GLU G 176 6.81 -50.94 58.01
CA GLU G 176 6.15 -51.61 59.12
C GLU G 176 4.72 -51.08 59.23
N ARG G 177 3.76 -52.00 59.18
CA ARG G 177 2.37 -51.62 58.95
C ARG G 177 1.46 -52.11 60.07
N GLU G 178 1.53 -53.41 60.37
CA GLU G 178 0.59 -54.10 61.25
C GLU G 178 0.42 -53.39 62.61
N PRO G 179 1.49 -53.06 63.38
CA PRO G 179 1.31 -52.36 64.66
C PRO G 179 0.57 -51.03 64.49
N VAL G 180 -0.67 -51.00 65.00
CA VAL G 180 -1.64 -49.93 64.73
C VAL G 180 -1.15 -48.63 65.37
N GLU G 181 -0.79 -48.71 66.66
CA GLU G 181 -0.35 -47.57 67.45
C GLU G 181 0.87 -46.94 66.77
N LEU G 182 1.80 -47.79 66.34
CA LEU G 182 2.97 -47.36 65.57
C LEU G 182 2.52 -46.62 64.31
N ALA G 183 1.69 -47.29 63.51
CA ALA G 183 1.18 -46.80 62.23
C ALA G 183 0.58 -45.41 62.40
N ARG G 184 -0.27 -45.25 63.43
CA ARG G 184 -0.87 -43.98 63.78
C ARG G 184 0.20 -42.88 63.84
N SER G 185 1.29 -43.17 64.56
CA SER G 185 2.38 -42.21 64.77
C SER G 185 3.24 -42.06 63.52
N VAL G 186 3.29 -43.10 62.69
CA VAL G 186 4.08 -43.11 61.46
C VAL G 186 3.36 -42.30 60.39
N ALA G 187 2.09 -42.63 60.14
CA ALA G 187 1.22 -41.83 59.29
C ALA G 187 1.27 -40.38 59.75
N GLY G 188 1.38 -40.20 61.08
CA GLY G 188 1.52 -38.92 61.76
C GLY G 188 2.73 -38.13 61.27
N ILE G 189 3.91 -38.75 61.28
CA ILE G 189 5.16 -38.08 60.92
C ILE G 189 5.17 -37.80 59.41
N LEU G 190 4.58 -38.73 58.64
CA LEU G 190 4.38 -38.63 57.19
C LEU G 190 3.53 -37.43 56.84
N GLU G 191 2.49 -37.18 57.66
CA GLU G 191 1.56 -36.07 57.49
C GLU G 191 2.31 -34.75 57.58
N HIS G 192 3.20 -34.63 58.59
CA HIS G 192 4.01 -33.45 58.77
C HIS G 192 5.06 -33.36 57.67
N MET G 193 5.59 -34.54 57.29
CA MET G 193 6.67 -34.64 56.31
C MET G 193 6.19 -34.15 54.95
N PHE G 194 4.99 -34.60 54.55
CA PHE G 194 4.43 -34.29 53.25
C PHE G 194 4.30 -32.78 53.05
N LYS G 195 4.07 -32.05 54.14
CA LYS G 195 3.80 -30.63 54.04
C LYS G 195 5.10 -29.83 54.14
N HIS G 196 6.21 -30.44 53.69
CA HIS G 196 7.52 -29.80 53.85
C HIS G 196 7.97 -29.08 52.58
N SER G 197 8.05 -29.82 51.47
CA SER G 197 8.64 -29.28 50.25
C SER G 197 8.16 -30.09 49.05
N GLU G 198 8.28 -29.48 47.85
CA GLU G 198 7.91 -30.11 46.60
C GLU G 198 8.57 -31.48 46.52
N GLU G 199 9.89 -31.50 46.75
CA GLU G 199 10.79 -32.62 46.58
C GLU G 199 10.60 -33.65 47.69
N THR G 200 10.13 -33.19 48.86
CA THR G 200 9.88 -34.08 49.98
C THR G 200 8.69 -35.00 49.68
N CYS G 201 7.61 -34.42 49.13
CA CYS G 201 6.50 -35.20 48.61
C CYS G 201 7.04 -36.13 47.52
N GLN G 202 7.66 -35.54 46.49
CA GLN G 202 8.12 -36.24 45.30
C GLN G 202 8.90 -37.48 45.71
N ARG G 203 9.55 -37.39 46.87
CA ARG G 203 10.31 -38.46 47.48
C ARG G 203 9.35 -39.52 48.02
N LEU G 204 8.59 -39.12 49.04
CA LEU G 204 7.77 -40.02 49.85
C LEU G 204 6.81 -40.79 48.97
N VAL G 205 6.12 -40.06 48.08
CA VAL G 205 5.19 -40.60 47.09
C VAL G 205 5.83 -41.80 46.40
N ALA G 206 6.97 -41.55 45.74
CA ALA G 206 7.65 -42.53 44.91
C ALA G 206 8.24 -43.66 45.74
N ALA G 207 8.53 -43.38 47.02
CA ALA G 207 9.25 -44.31 47.88
C ALA G 207 8.29 -45.23 48.64
N GLY G 208 6.98 -45.02 48.46
CA GLY G 208 5.98 -45.84 49.13
C GLY G 208 5.47 -45.22 50.43
N GLY G 209 5.79 -43.93 50.64
CA GLY G 209 5.21 -43.10 51.68
C GLY G 209 3.72 -42.91 51.46
N LEU G 210 3.34 -42.59 50.21
CA LEU G 210 1.95 -42.54 49.79
C LEU G 210 1.31 -43.92 49.96
N ASP G 211 2.04 -44.95 49.53
CA ASP G 211 1.52 -46.32 49.55
C ASP G 211 1.31 -46.80 50.99
N ALA G 212 2.01 -46.16 51.95
CA ALA G 212 1.82 -46.42 53.36
C ALA G 212 0.48 -45.85 53.85
N VAL G 213 0.24 -44.56 53.57
CA VAL G 213 -0.96 -43.85 54.03
C VAL G 213 -2.20 -44.39 53.31
N LEU G 214 -2.02 -44.89 52.09
CA LEU G 214 -3.12 -45.49 51.34
C LEU G 214 -3.46 -46.88 51.89
N TYR G 215 -2.45 -47.65 52.29
CA TYR G 215 -2.69 -48.95 52.89
C TYR G 215 -3.24 -48.81 54.31
N TRP G 216 -3.05 -47.63 54.91
CA TRP G 216 -3.54 -47.36 56.26
C TRP G 216 -4.90 -46.67 56.22
N CYS G 217 -5.36 -46.38 55.00
CA CYS G 217 -6.65 -45.76 54.70
C CYS G 217 -7.73 -46.84 54.61
N ARG G 218 -7.32 -48.11 54.65
CA ARG G 218 -8.25 -49.22 54.64
C ARG G 218 -8.30 -49.87 56.03
N ARG G 219 -7.90 -49.09 57.03
CA ARG G 219 -7.94 -49.52 58.42
C ARG G 219 -9.06 -48.78 59.15
N THR G 220 -9.20 -49.07 60.45
CA THR G 220 -10.30 -48.60 61.30
C THR G 220 -9.76 -48.05 62.61
N ASP G 221 -9.32 -46.79 62.58
CA ASP G 221 -8.77 -46.09 63.73
C ASP G 221 -8.84 -44.58 63.49
N PRO G 222 -9.60 -43.82 64.32
CA PRO G 222 -9.80 -42.38 64.09
C PRO G 222 -8.51 -41.62 63.76
N ALA G 223 -7.53 -41.68 64.68
CA ALA G 223 -6.27 -40.98 64.57
C ALA G 223 -5.50 -41.41 63.30
N LEU G 224 -5.39 -42.72 63.09
CA LEU G 224 -4.78 -43.26 61.87
C LEU G 224 -5.46 -42.64 60.65
N LEU G 225 -6.80 -42.72 60.62
CA LEU G 225 -7.58 -42.28 59.47
C LEU G 225 -7.47 -40.76 59.30
N ARG G 226 -7.62 -40.02 60.41
CA ARG G 226 -7.50 -38.58 60.40
C ARG G 226 -6.16 -38.19 59.78
N HIS G 227 -5.09 -38.84 60.26
CA HIS G 227 -3.74 -38.61 59.80
C HIS G 227 -3.62 -38.88 58.30
N CYS G 228 -4.08 -40.06 57.87
CA CYS G 228 -4.01 -40.44 56.47
C CYS G 228 -4.66 -39.37 55.59
N ALA G 229 -5.84 -38.91 56.02
CA ALA G 229 -6.62 -37.90 55.31
C ALA G 229 -5.82 -36.60 55.20
N LEU G 230 -5.25 -36.17 56.33
CA LEU G 230 -4.48 -34.93 56.40
C LEU G 230 -3.25 -35.03 55.49
N ALA G 231 -2.64 -36.23 55.46
CA ALA G 231 -1.46 -36.52 54.65
C ALA G 231 -1.76 -36.31 53.17
N LEU G 232 -2.66 -37.15 52.62
CA LEU G 232 -3.12 -37.10 51.23
C LEU G 232 -3.55 -35.67 50.88
N GLY G 233 -4.00 -34.93 51.91
CA GLY G 233 -4.32 -33.52 51.80
C GLY G 233 -3.07 -32.72 51.45
N ASN G 234 -2.10 -32.72 52.38
CA ASN G 234 -0.81 -32.06 52.30
C ASN G 234 -0.07 -32.47 51.04
N CYS G 235 -0.13 -33.78 50.75
CA CYS G 235 0.55 -34.41 49.63
C CYS G 235 0.04 -33.85 48.30
N ALA G 236 -1.28 -33.64 48.23
CA ALA G 236 -1.95 -33.11 47.06
C ALA G 236 -1.62 -31.62 46.91
N LEU G 237 -1.54 -30.94 48.06
CA LEU G 237 -1.39 -29.49 48.07
C LEU G 237 0.06 -29.11 47.77
N HIS G 238 0.99 -29.65 48.58
CA HIS G 238 2.39 -29.23 48.62
C HIS G 238 3.19 -29.82 47.47
N GLY G 239 2.91 -31.07 47.11
CA GLY G 239 3.48 -31.74 45.96
C GLY G 239 3.11 -31.06 44.64
N GLY G 240 3.89 -31.38 43.59
CA GLY G 240 3.69 -30.79 42.26
C GLY G 240 2.63 -31.53 41.46
N GLN G 241 2.46 -31.09 40.20
CA GLN G 241 1.72 -31.78 39.15
C GLN G 241 2.00 -33.28 39.23
N ALA G 242 3.28 -33.61 39.26
CA ALA G 242 3.79 -34.96 39.14
C ALA G 242 3.26 -35.84 40.27
N VAL G 243 3.47 -35.37 41.51
CA VAL G 243 3.05 -35.99 42.75
C VAL G 243 1.56 -36.36 42.66
N GLN G 244 0.76 -35.36 42.25
CA GLN G 244 -0.70 -35.42 42.15
C GLN G 244 -1.12 -36.50 41.17
N ARG G 245 -0.63 -36.44 39.93
CA ARG G 245 -0.90 -37.46 38.92
C ARG G 245 -0.68 -38.85 39.52
N ARG G 246 0.44 -39.00 40.22
CA ARG G 246 0.82 -40.29 40.77
C ARG G 246 -0.23 -40.77 41.78
N MET G 247 -0.72 -39.85 42.63
CA MET G 247 -1.71 -40.18 43.65
C MET G 247 -2.99 -40.76 43.02
N VAL G 248 -3.51 -40.06 42.01
CA VAL G 248 -4.75 -40.40 41.34
C VAL G 248 -4.59 -41.72 40.60
N GLU G 249 -3.36 -41.98 40.10
CA GLU G 249 -3.02 -43.18 39.37
C GLU G 249 -2.69 -44.31 40.34
N LYS G 250 -2.51 -43.96 41.62
CA LYS G 250 -2.33 -44.94 42.68
C LYS G 250 -3.69 -45.36 43.24
N ARG G 251 -4.77 -44.76 42.68
CA ARG G 251 -6.18 -44.88 43.04
C ARG G 251 -6.40 -44.27 44.43
N ALA G 252 -5.95 -43.02 44.61
CA ALA G 252 -6.04 -42.33 45.88
C ALA G 252 -7.40 -41.66 46.05
N ALA G 253 -8.02 -41.24 44.93
CA ALA G 253 -9.31 -40.57 44.95
C ALA G 253 -10.38 -41.52 45.48
N GLU G 254 -10.36 -42.77 44.99
CA GLU G 254 -11.32 -43.82 45.33
C GLU G 254 -11.07 -44.33 46.74
N TRP G 255 -9.89 -44.01 47.30
CA TRP G 255 -9.51 -44.51 48.60
C TRP G 255 -9.89 -43.51 49.69
N LEU G 256 -10.18 -42.28 49.29
CA LEU G 256 -10.65 -41.25 50.21
C LEU G 256 -12.14 -41.44 50.50
N PHE G 257 -12.82 -42.27 49.67
CA PHE G 257 -14.25 -42.51 49.79
C PHE G 257 -14.59 -42.98 51.21
N PRO G 258 -14.01 -44.08 51.75
CA PRO G 258 -14.25 -44.48 53.14
C PRO G 258 -14.22 -43.33 54.13
N LEU G 259 -13.20 -42.47 54.05
CA LEU G 259 -13.06 -41.35 54.97
C LEU G 259 -14.19 -40.33 54.82
N ALA G 260 -14.55 -39.99 53.57
CA ALA G 260 -15.57 -38.98 53.33
C ALA G 260 -16.98 -39.56 53.55
N PHE G 261 -17.08 -40.90 53.59
CA PHE G 261 -18.35 -41.56 53.76
C PHE G 261 -18.43 -42.23 55.12
N SER G 262 -18.44 -41.39 56.17
CA SER G 262 -18.47 -41.87 57.54
C SER G 262 -19.05 -40.77 58.43
N LYS G 263 -20.39 -40.73 58.48
CA LYS G 263 -21.16 -39.76 59.24
C LYS G 263 -20.67 -39.68 60.69
N GLU G 264 -20.09 -40.79 61.15
CA GLU G 264 -19.54 -40.97 62.49
C GLU G 264 -18.57 -39.83 62.84
N ASP G 265 -17.64 -39.53 61.93
CA ASP G 265 -16.62 -38.50 62.15
C ASP G 265 -16.81 -37.38 61.13
N GLU G 266 -17.07 -36.16 61.64
CA GLU G 266 -17.40 -35.02 60.80
C GLU G 266 -16.13 -34.32 60.33
N LEU G 267 -15.13 -34.24 61.22
CA LEU G 267 -13.88 -33.55 60.95
C LEU G 267 -13.03 -34.35 59.96
N LEU G 268 -13.00 -35.69 60.15
CA LEU G 268 -12.36 -36.61 59.21
C LEU G 268 -12.85 -36.33 57.79
N ARG G 269 -14.18 -36.26 57.64
CA ARG G 269 -14.87 -36.03 56.38
C ARG G 269 -14.38 -34.74 55.75
N LEU G 270 -14.48 -33.63 56.49
CA LEU G 270 -14.08 -32.31 56.02
C LEU G 270 -12.65 -32.33 55.47
N HIS G 271 -11.75 -33.03 56.17
CA HIS G 271 -10.34 -33.15 55.81
C HIS G 271 -10.19 -33.98 54.53
N ALA G 272 -10.89 -35.12 54.52
CA ALA G 272 -10.94 -36.06 53.41
C ALA G 272 -11.43 -35.35 52.16
N CYS G 273 -12.41 -34.46 52.33
CA CYS G 273 -13.00 -33.79 51.20
C CYS G 273 -12.16 -32.61 50.74
N LEU G 274 -11.50 -31.91 51.68
CA LEU G 274 -10.58 -30.86 51.28
C LEU G 274 -9.51 -31.43 50.34
N ALA G 275 -9.11 -32.67 50.62
CA ALA G 275 -8.11 -33.38 49.85
C ALA G 275 -8.59 -33.66 48.42
N VAL G 276 -9.69 -34.43 48.28
CA VAL G 276 -10.25 -34.83 46.99
C VAL G 276 -10.64 -33.58 46.17
N ALA G 277 -11.05 -32.51 46.87
CA ALA G 277 -11.45 -31.27 46.23
C ALA G 277 -10.23 -30.63 45.54
N VAL G 278 -9.07 -30.67 46.19
CA VAL G 278 -7.89 -30.03 45.61
C VAL G 278 -7.40 -30.84 44.42
N LEU G 279 -7.58 -32.17 44.46
CA LEU G 279 -7.17 -33.00 43.33
C LEU G 279 -7.97 -32.68 42.08
N ALA G 280 -9.24 -32.26 42.24
CA ALA G 280 -10.15 -32.01 41.13
C ALA G 280 -9.88 -30.66 40.49
N THR G 281 -9.10 -29.81 41.17
CA THR G 281 -8.69 -28.54 40.60
C THR G 281 -7.66 -28.75 39.49
N ASN G 282 -6.86 -29.82 39.61
CA ASN G 282 -5.88 -30.29 38.63
C ASN G 282 -6.62 -30.80 37.39
N LYS G 283 -6.74 -29.93 36.38
CA LYS G 283 -7.63 -30.13 35.24
C LYS G 283 -7.29 -31.43 34.53
N GLU G 284 -5.98 -31.67 34.35
CA GLU G 284 -5.37 -32.88 33.82
C GLU G 284 -5.86 -34.16 34.51
N VAL G 285 -6.17 -34.12 35.79
CA VAL G 285 -6.61 -35.37 36.43
C VAL G 285 -8.07 -35.23 36.88
N GLU G 286 -8.74 -34.18 36.43
CA GLU G 286 -10.06 -33.83 36.94
C GLU G 286 -10.99 -35.04 36.85
N ARG G 287 -11.07 -35.63 35.64
CA ARG G 287 -12.06 -36.61 35.26
C ARG G 287 -11.95 -37.87 36.14
N GLU G 288 -10.70 -38.29 36.37
CA GLU G 288 -10.41 -39.49 37.14
C GLU G 288 -10.91 -39.35 38.58
N VAL G 289 -10.85 -38.11 39.11
CA VAL G 289 -11.30 -37.81 40.46
C VAL G 289 -12.82 -37.80 40.46
N GLU G 290 -13.41 -37.32 39.34
CA GLU G 290 -14.85 -37.16 39.19
C GLU G 290 -15.52 -38.54 39.15
N ARG G 291 -14.95 -39.45 38.36
CA ARG G 291 -15.49 -40.78 38.16
C ARG G 291 -15.25 -41.67 39.39
N SER G 292 -14.40 -41.20 40.31
CA SER G 292 -14.11 -41.94 41.53
C SER G 292 -15.35 -42.07 42.39
N GLY G 293 -16.22 -41.04 42.33
CA GLY G 293 -17.48 -40.99 43.07
C GLY G 293 -17.40 -40.09 44.30
N THR G 294 -16.19 -39.94 44.84
CA THR G 294 -15.95 -39.17 46.05
C THR G 294 -16.15 -37.68 45.79
N LEU G 295 -16.25 -37.30 44.52
CA LEU G 295 -16.37 -35.86 44.29
C LEU G 295 -17.80 -35.36 44.46
N ALA G 296 -18.78 -36.24 44.22
CA ALA G 296 -20.19 -35.91 44.41
C ALA G 296 -20.52 -35.76 45.90
N LEU G 297 -19.66 -36.35 46.73
CA LEU G 297 -19.91 -36.56 48.14
C LEU G 297 -19.53 -35.31 48.96
N VAL G 298 -19.07 -34.25 48.28
CA VAL G 298 -18.47 -33.10 48.95
C VAL G 298 -19.55 -32.12 49.38
N GLU G 299 -20.40 -31.72 48.42
CA GLU G 299 -21.33 -30.60 48.54
C GLU G 299 -22.31 -30.79 49.71
N PRO G 300 -23.04 -31.93 49.85
CA PRO G 300 -23.82 -32.22 51.05
C PRO G 300 -23.12 -31.91 52.38
N LEU G 301 -21.83 -32.27 52.47
CA LEU G 301 -21.06 -32.16 53.71
C LEU G 301 -20.89 -30.70 54.11
N VAL G 302 -20.57 -29.83 53.14
CA VAL G 302 -20.34 -28.42 53.44
C VAL G 302 -21.63 -27.77 53.94
N ALA G 303 -22.78 -28.34 53.54
CA ALA G 303 -24.08 -27.83 53.98
C ALA G 303 -24.32 -28.18 55.44
N SER G 304 -24.01 -29.42 55.81
CA SER G 304 -24.25 -29.96 57.15
C SER G 304 -23.60 -29.10 58.22
N LEU G 305 -22.27 -28.93 58.12
CA LEU G 305 -21.46 -28.28 59.15
C LEU G 305 -21.65 -26.77 59.10
N ASP G 306 -21.23 -26.09 60.17
CA ASP G 306 -21.20 -24.64 60.23
C ASP G 306 -19.76 -24.15 60.35
N PRO G 307 -19.30 -23.22 59.45
CA PRO G 307 -17.95 -22.65 59.52
C PRO G 307 -17.54 -22.14 60.89
N GLY G 308 -18.47 -21.45 61.58
CA GLY G 308 -18.28 -20.98 62.95
C GLY G 308 -17.90 -22.12 63.89
N ARG G 309 -18.69 -23.21 63.85
CA ARG G 309 -18.49 -24.38 64.69
C ARG G 309 -17.10 -24.98 64.47
N PHE G 310 -16.67 -25.08 63.21
CA PHE G 310 -15.36 -25.65 62.94
C PHE G 310 -14.24 -24.62 63.08
N ALA G 311 -14.62 -23.34 63.15
CA ALA G 311 -13.66 -22.27 63.42
C ALA G 311 -13.10 -22.42 64.83
N ARG G 312 -13.98 -22.78 65.78
CA ARG G 312 -13.61 -23.02 67.17
C ARG G 312 -12.66 -24.21 67.24
N CYS G 313 -12.95 -25.23 66.43
CA CYS G 313 -12.18 -26.46 66.34
C CYS G 313 -10.89 -26.23 65.54
N LEU G 314 -10.74 -25.02 64.97
CA LEU G 314 -9.56 -24.64 64.21
C LEU G 314 -8.64 -23.74 65.03
N VAL G 315 -9.19 -23.13 66.10
CA VAL G 315 -8.40 -22.41 67.09
C VAL G 315 -7.37 -23.35 67.70
N ASP G 316 -7.82 -24.56 68.07
CA ASP G 316 -7.00 -25.55 68.74
C ASP G 316 -6.57 -26.63 67.76
N ALA G 317 -6.14 -26.22 66.56
CA ALA G 317 -5.56 -27.12 65.57
C ALA G 317 -4.07 -27.33 65.87
N SER G 318 -3.54 -26.52 66.79
CA SER G 318 -2.15 -26.55 67.24
C SER G 318 -1.18 -26.33 66.09
N ASP G 319 -1.68 -25.79 64.97
CA ASP G 319 -0.95 -25.53 63.73
C ASP G 319 -0.22 -26.80 63.28
N THR G 320 -0.76 -27.96 63.70
CA THR G 320 -0.22 -29.28 63.37
C THR G 320 -1.15 -29.97 62.37
N SER G 321 -2.45 -29.76 62.54
CA SER G 321 -3.46 -30.26 61.61
C SER G 321 -3.66 -29.26 60.48
N GLN G 322 -4.41 -28.18 60.76
CA GLN G 322 -4.68 -27.11 59.81
C GLN G 322 -4.90 -25.81 60.60
N GLY G 323 -3.79 -25.28 61.14
CA GLY G 323 -3.79 -24.04 61.90
C GLY G 323 -3.92 -22.81 61.01
N ARG G 324 -4.61 -21.79 61.53
CA ARG G 324 -4.83 -20.51 60.85
C ARG G 324 -3.49 -19.87 60.50
N GLY G 325 -3.39 -19.39 59.25
CA GLY G 325 -2.17 -18.77 58.77
C GLY G 325 -2.30 -18.26 57.33
N PRO G 326 -1.59 -17.16 56.97
CA PRO G 326 -1.57 -16.62 55.60
C PRO G 326 -1.21 -17.61 54.49
N ASP G 327 -0.50 -18.69 54.86
CA ASP G 327 -0.15 -19.77 53.95
C ASP G 327 -1.42 -20.47 53.47
N ASP G 328 -2.20 -21.01 54.41
CA ASP G 328 -3.40 -21.80 54.12
C ASP G 328 -4.38 -20.99 53.28
N LEU G 329 -4.50 -19.69 53.60
CA LEU G 329 -5.40 -18.79 52.90
C LEU G 329 -5.01 -18.67 51.43
N GLN G 330 -3.72 -18.49 51.15
CA GLN G 330 -3.24 -18.33 49.79
C GLN G 330 -3.32 -19.66 49.02
N ARG G 331 -3.55 -20.75 49.75
CA ARG G 331 -3.66 -22.08 49.15
C ARG G 331 -5.11 -22.54 49.09
N LEU G 332 -6.03 -21.76 49.69
CA LEU G 332 -7.44 -22.02 49.51
C LEU G 332 -7.95 -21.24 48.32
N VAL G 333 -7.42 -20.02 48.11
CA VAL G 333 -7.92 -19.14 47.07
C VAL G 333 -8.03 -19.84 45.71
N PRO G 334 -7.02 -20.64 45.24
CA PRO G 334 -7.19 -21.57 44.13
C PRO G 334 -8.52 -22.32 43.99
N LEU G 335 -8.95 -22.97 45.08
CA LEU G 335 -10.22 -23.66 45.16
C LEU G 335 -11.37 -22.69 44.88
N LEU G 336 -11.46 -21.59 45.65
CA LEU G 336 -12.52 -20.60 45.51
C LEU G 336 -12.58 -20.10 44.08
N ASP G 337 -11.50 -20.36 43.34
CA ASP G 337 -11.32 -19.74 42.04
C ASP G 337 -11.31 -20.80 40.93
N SER G 338 -11.86 -22.00 41.20
CA SER G 338 -11.78 -23.11 40.27
C SER G 338 -13.01 -23.19 39.37
N ASN G 339 -13.10 -24.27 38.58
CA ASN G 339 -14.26 -24.62 37.79
C ASN G 339 -15.23 -25.42 38.65
N ARG G 340 -14.69 -26.46 39.31
CA ARG G 340 -15.45 -27.39 40.11
C ARG G 340 -16.14 -26.64 41.24
N LEU G 341 -17.43 -26.88 41.42
CA LEU G 341 -18.17 -26.23 42.49
C LEU G 341 -18.06 -27.04 43.77
N GLU G 342 -17.54 -28.28 43.66
CA GLU G 342 -17.23 -29.11 44.81
C GLU G 342 -16.00 -28.55 45.53
N ALA G 343 -15.17 -27.84 44.77
CA ALA G 343 -13.95 -27.20 45.24
C ALA G 343 -14.28 -25.82 45.78
N GLN G 344 -15.13 -25.07 45.05
CA GLN G 344 -15.57 -23.73 45.41
C GLN G 344 -16.44 -23.75 46.66
N CYS G 345 -17.01 -24.93 46.99
CA CYS G 345 -17.73 -25.15 48.24
C CYS G 345 -16.75 -25.34 49.39
N ILE G 346 -15.87 -26.34 49.27
CA ILE G 346 -14.83 -26.61 50.26
C ILE G 346 -13.96 -25.35 50.42
N GLY G 347 -13.66 -24.68 49.30
CA GLY G 347 -13.06 -23.35 49.26
C GLY G 347 -13.72 -22.39 50.25
N ALA G 348 -14.95 -21.98 49.95
CA ALA G 348 -15.69 -21.03 50.77
C ALA G 348 -15.81 -21.50 52.21
N PHE G 349 -16.16 -22.77 52.43
CA PHE G 349 -16.39 -23.29 53.78
C PHE G 349 -15.22 -22.95 54.70
N TYR G 350 -14.01 -23.29 54.25
CA TYR G 350 -12.76 -23.13 54.98
C TYR G 350 -12.40 -21.65 55.12
N LEU G 351 -12.42 -20.91 54.00
CA LEU G 351 -12.06 -19.50 54.00
C LEU G 351 -13.03 -18.69 54.88
N CYS G 352 -14.24 -19.25 55.10
CA CYS G 352 -15.26 -18.71 55.99
C CYS G 352 -14.95 -19.04 57.46
N ALA G 353 -14.46 -20.27 57.74
CA ALA G 353 -14.01 -20.68 59.07
C ALA G 353 -12.89 -19.77 59.57
N GLU G 354 -12.03 -19.32 58.64
CA GLU G 354 -10.95 -18.42 58.96
C GLU G 354 -11.44 -16.97 59.03
N ALA G 355 -12.43 -16.61 58.20
CA ALA G 355 -13.02 -15.28 58.23
C ALA G 355 -13.60 -14.99 59.61
N ALA G 356 -13.90 -16.06 60.37
CA ALA G 356 -14.34 -15.96 61.76
C ALA G 356 -13.16 -15.61 62.67
N ILE G 357 -12.20 -16.54 62.80
CA ILE G 357 -11.05 -16.42 63.69
C ILE G 357 -10.29 -15.10 63.42
N LYS G 358 -10.01 -14.82 62.15
CA LYS G 358 -9.10 -13.74 61.78
C LYS G 358 -9.71 -12.37 62.10
N SER G 359 -11.04 -12.28 62.06
CA SER G 359 -11.75 -11.06 62.46
C SER G 359 -11.78 -10.94 63.99
N LEU G 360 -11.81 -12.08 64.69
CA LEU G 360 -11.73 -12.13 66.15
C LEU G 360 -10.35 -11.69 66.64
N GLN G 361 -9.32 -11.96 65.83
CA GLN G 361 -7.95 -11.59 66.13
C GLN G 361 -7.64 -10.20 65.59
N GLY G 362 -8.64 -9.58 64.94
CA GLY G 362 -8.52 -8.26 64.33
C GLY G 362 -7.37 -8.17 63.33
N LYS G 363 -7.27 -9.18 62.45
CA LYS G 363 -6.29 -9.21 61.37
C LYS G 363 -6.97 -9.62 60.07
N THR G 364 -7.79 -8.71 59.54
CA THR G 364 -8.62 -8.93 58.37
C THR G 364 -7.79 -8.69 57.11
N LYS G 365 -6.76 -7.84 57.25
CA LYS G 365 -5.92 -7.35 56.16
C LYS G 365 -5.34 -8.51 55.34
N VAL G 366 -5.25 -9.69 55.97
CA VAL G 366 -4.72 -10.92 55.38
C VAL G 366 -5.50 -11.25 54.10
N PHE G 367 -6.81 -11.42 54.24
CA PHE G 367 -7.70 -11.89 53.18
C PHE G 367 -7.62 -10.97 51.97
N SER G 368 -7.65 -9.65 52.24
CA SER G 368 -7.63 -8.63 51.20
C SER G 368 -6.41 -8.83 50.30
N ASP G 369 -5.26 -9.08 50.94
CA ASP G 369 -3.95 -9.23 50.31
C ASP G 369 -3.79 -10.61 49.69
N ILE G 370 -4.48 -11.61 50.26
CA ILE G 370 -4.39 -12.99 49.77
C ILE G 370 -5.13 -13.10 48.44
N GLY G 371 -6.03 -12.13 48.20
CA GLY G 371 -6.85 -12.03 47.00
C GLY G 371 -8.10 -12.89 47.10
N ALA G 372 -8.68 -12.91 48.31
CA ALA G 372 -9.78 -13.77 48.73
C ALA G 372 -11.11 -13.03 48.60
N ILE G 373 -11.10 -11.73 48.96
CA ILE G 373 -12.31 -10.94 48.98
C ILE G 373 -12.91 -10.85 47.57
N GLN G 374 -12.12 -10.47 46.56
CA GLN G 374 -12.70 -10.33 45.23
C GLN G 374 -13.18 -11.69 44.70
N SER G 375 -12.44 -12.77 45.01
CA SER G 375 -12.82 -14.12 44.64
C SER G 375 -14.18 -14.52 45.22
N LEU G 376 -14.39 -14.20 46.51
CA LEU G 376 -15.63 -14.46 47.22
C LEU G 376 -16.78 -13.68 46.58
N LYS G 377 -16.51 -12.45 46.19
CA LYS G 377 -17.53 -11.62 45.56
C LYS G 377 -18.05 -12.30 44.30
N ARG G 378 -17.16 -12.86 43.48
CA ARG G 378 -17.58 -13.56 42.27
C ARG G 378 -18.45 -14.79 42.57
N LEU G 379 -18.18 -15.48 43.68
CA LEU G 379 -18.94 -16.66 44.07
C LEU G 379 -20.34 -16.26 44.51
N VAL G 380 -20.57 -14.95 44.66
CA VAL G 380 -21.83 -14.50 45.18
C VAL G 380 -22.53 -13.66 44.10
N SER G 381 -21.80 -13.36 43.02
CA SER G 381 -22.31 -12.56 41.92
C SER G 381 -22.89 -13.49 40.87
N TYR G 382 -22.06 -14.42 40.40
CA TYR G 382 -22.48 -15.36 39.37
C TYR G 382 -22.73 -16.73 40.00
N SER G 383 -23.62 -16.77 40.98
CA SER G 383 -23.88 -18.01 41.69
C SER G 383 -25.19 -18.62 41.24
N THR G 384 -25.29 -19.92 41.50
CA THR G 384 -26.43 -20.73 41.11
C THR G 384 -26.80 -21.58 42.33
N ASN G 385 -25.77 -22.26 42.87
CA ASN G 385 -25.86 -23.09 44.06
C ASN G 385 -26.12 -22.22 45.29
N GLY G 386 -27.04 -22.69 46.14
CA GLY G 386 -27.42 -22.05 47.38
C GLY G 386 -26.28 -22.04 48.40
N THR G 387 -25.67 -23.22 48.61
CA THR G 387 -24.66 -23.45 49.64
C THR G 387 -23.43 -22.57 49.39
N LYS G 388 -22.74 -22.81 48.27
CA LYS G 388 -21.57 -22.06 47.85
C LYS G 388 -21.82 -20.54 47.90
N SER G 389 -23.09 -20.13 47.95
CA SER G 389 -23.41 -18.70 47.93
C SER G 389 -23.74 -18.21 49.34
N ALA G 390 -24.45 -19.03 50.11
CA ALA G 390 -24.65 -18.80 51.53
C ALA G 390 -23.29 -18.55 52.19
N LEU G 391 -22.36 -19.49 51.97
CA LEU G 391 -21.02 -19.49 52.54
C LEU G 391 -20.30 -18.19 52.18
N ALA G 392 -20.40 -17.81 50.89
CA ALA G 392 -19.76 -16.62 50.36
C ALA G 392 -20.27 -15.36 51.06
N LYS G 393 -21.60 -15.27 51.18
CA LYS G 393 -22.25 -14.16 51.84
C LYS G 393 -21.73 -14.07 53.27
N ARG G 394 -21.76 -15.20 53.98
CA ARG G 394 -21.33 -15.26 55.37
C ARG G 394 -19.91 -14.72 55.49
N ALA G 395 -18.99 -15.29 54.70
CA ALA G 395 -17.59 -14.93 54.76
C ALA G 395 -17.42 -13.43 54.57
N LEU G 396 -18.06 -12.84 53.56
CA LEU G 396 -17.87 -11.43 53.26
C LEU G 396 -18.36 -10.57 54.43
N ARG G 397 -19.45 -11.01 55.08
CA ARG G 397 -20.01 -10.34 56.25
C ARG G 397 -19.07 -10.47 57.43
N LEU G 398 -18.45 -11.66 57.59
CA LEU G 398 -17.54 -11.94 58.69
C LEU G 398 -16.28 -11.09 58.58
N LEU G 399 -15.88 -10.77 57.34
CA LEU G 399 -14.77 -9.85 57.08
C LEU G 399 -15.26 -8.41 57.19
N GLY G 400 -16.58 -8.21 57.03
CA GLY G 400 -17.22 -6.93 57.25
C GLY G 400 -17.54 -6.21 55.94
N GLU G 401 -16.73 -6.53 54.91
CA GLU G 401 -16.92 -6.05 53.56
C GLU G 401 -18.35 -6.37 53.11
N GLU G 402 -19.01 -5.38 52.50
CA GLU G 402 -20.40 -5.49 52.06
C GLU G 402 -20.56 -6.71 51.17
N VAL G 403 -21.71 -7.37 51.29
CA VAL G 403 -21.94 -8.54 50.46
C VAL G 403 -22.69 -8.13 49.19
N PRO G 404 -22.10 -8.37 47.99
CA PRO G 404 -22.77 -8.08 46.71
C PRO G 404 -24.00 -8.93 46.51
N ARG G 405 -25.07 -8.28 46.03
CA ARG G 405 -26.28 -8.95 45.59
C ARG G 405 -25.95 -9.72 44.32
N PRO G 406 -26.54 -10.92 44.08
CA PRO G 406 -26.31 -11.65 42.84
C PRO G 406 -26.80 -10.84 41.64
N ILE G 407 -26.20 -11.12 40.49
CA ILE G 407 -26.49 -10.48 39.22
C ILE G 407 -27.66 -11.23 38.59
N LEU G 408 -28.65 -10.49 38.04
CA LEU G 408 -29.66 -11.07 37.16
C LEU G 408 -28.99 -11.57 35.88
N PRO G 409 -29.21 -12.80 35.41
CA PRO G 409 -28.32 -13.38 34.40
C PRO G 409 -28.77 -12.99 33.00
N SER G 410 -30.00 -12.49 32.88
CA SER G 410 -30.54 -12.12 31.59
C SER G 410 -29.88 -10.83 31.10
N VAL G 411 -28.66 -10.91 30.62
CA VAL G 411 -27.93 -9.68 30.49
C VAL G 411 -28.61 -8.82 29.46
N PRO G 412 -29.01 -9.35 28.31
CA PRO G 412 -29.28 -8.48 27.17
C PRO G 412 -30.53 -7.67 27.44
N SER G 413 -31.30 -8.12 28.43
CA SER G 413 -32.38 -7.26 28.81
C SER G 413 -32.06 -6.39 30.04
N TRP G 414 -30.83 -5.89 30.19
CA TRP G 414 -30.45 -5.15 31.38
C TRP G 414 -30.57 -3.68 31.07
N LYS G 415 -30.99 -2.88 32.05
CA LYS G 415 -31.04 -1.46 31.84
C LYS G 415 -29.73 -0.80 32.30
N GLU G 416 -29.61 0.50 32.12
CA GLU G 416 -28.41 1.16 32.60
C GLU G 416 -28.19 0.92 34.09
N ALA G 417 -29.26 0.80 34.87
CA ALA G 417 -29.06 0.49 36.28
C ALA G 417 -28.27 -0.79 36.56
N GLU G 418 -28.59 -1.89 35.86
CA GLU G 418 -27.89 -3.13 36.13
C GLU G 418 -26.50 -3.04 35.56
N VAL G 419 -26.26 -2.17 34.58
CA VAL G 419 -24.89 -2.18 34.19
C VAL G 419 -24.09 -1.49 35.26
N GLN G 420 -24.70 -0.55 35.95
CA GLN G 420 -23.86 0.08 36.94
C GLN G 420 -23.67 -0.89 38.07
N THR G 421 -24.62 -1.78 38.28
CA THR G 421 -24.33 -2.56 39.45
C THR G 421 -23.17 -3.52 39.22
N TRP G 422 -23.11 -4.11 38.05
CA TRP G 422 -22.07 -5.06 37.76
C TRP G 422 -20.76 -4.31 37.62
N LEU G 423 -20.73 -3.15 36.97
CA LEU G 423 -19.49 -2.39 37.04
C LEU G 423 -18.97 -2.25 38.47
N GLN G 424 -19.83 -2.28 39.48
CA GLN G 424 -19.30 -2.11 40.81
C GLN G 424 -18.87 -3.42 41.44
N GLN G 425 -19.28 -4.54 40.88
CA GLN G 425 -19.05 -5.74 41.66
C GLN G 425 -17.87 -6.45 41.03
N ILE G 426 -17.30 -5.82 40.02
CA ILE G 426 -16.15 -6.43 39.38
C ILE G 426 -15.06 -5.40 39.57
N GLY G 427 -15.39 -4.48 40.49
CA GLY G 427 -14.66 -3.27 40.78
C GLY G 427 -14.04 -2.59 39.56
N PHE G 428 -14.91 -2.03 38.76
CA PHE G 428 -14.43 -0.96 37.93
C PHE G 428 -15.19 0.31 38.21
N SER G 429 -15.34 0.66 39.48
CA SER G 429 -16.14 1.85 39.78
C SER G 429 -15.56 3.13 39.18
N LYS G 430 -14.24 3.21 39.02
CA LYS G 430 -13.70 4.39 38.36
C LYS G 430 -14.52 4.70 37.13
N TYR G 431 -15.17 3.69 36.57
CA TYR G 431 -15.67 3.91 35.24
C TYR G 431 -17.17 4.07 35.22
N CYS G 432 -17.81 3.89 36.38
CA CYS G 432 -19.25 3.90 36.39
C CYS G 432 -19.73 5.21 35.78
N GLU G 433 -19.08 6.31 36.14
CA GLU G 433 -19.61 7.57 35.64
C GLU G 433 -19.63 7.55 34.12
N SER G 434 -18.50 7.27 33.47
CA SER G 434 -18.52 7.28 32.02
C SER G 434 -19.57 6.31 31.48
N PHE G 435 -19.76 5.18 32.13
CA PHE G 435 -20.78 4.31 31.59
C PHE G 435 -22.15 4.95 31.72
N ARG G 436 -22.44 5.71 32.80
CA ARG G 436 -23.76 6.34 32.84
C ARG G 436 -23.90 7.49 31.84
N GLU G 437 -22.80 8.20 31.61
CA GLU G 437 -22.94 9.36 30.78
C GLU G 437 -23.17 8.84 29.37
N GLN G 438 -22.62 7.69 29.02
CA GLN G 438 -22.91 7.25 27.67
C GLN G 438 -24.08 6.30 27.59
N GLN G 439 -24.83 6.23 28.70
CA GLN G 439 -25.96 5.34 28.91
C GLN G 439 -25.81 3.98 28.24
N VAL G 440 -24.70 3.29 28.48
CA VAL G 440 -24.55 1.89 28.12
C VAL G 440 -25.56 1.08 28.93
N ASP G 441 -26.34 0.25 28.23
CA ASP G 441 -27.22 -0.70 28.89
C ASP G 441 -26.79 -2.10 28.47
N GLY G 442 -27.66 -3.08 28.79
CA GLY G 442 -27.43 -4.48 28.48
C GLY G 442 -26.94 -4.77 27.06
N ASP G 443 -27.68 -4.29 26.05
CA ASP G 443 -27.33 -4.70 24.70
C ASP G 443 -25.97 -4.12 24.38
N LEU G 444 -25.71 -2.90 24.81
CA LEU G 444 -24.51 -2.29 24.32
C LEU G 444 -23.31 -2.92 24.99
N LEU G 445 -23.51 -3.27 26.25
CA LEU G 445 -22.44 -3.83 27.04
C LEU G 445 -21.95 -5.05 26.31
N LEU G 446 -22.85 -6.00 26.01
CA LEU G 446 -22.49 -7.24 25.34
C LEU G 446 -21.84 -7.01 24.00
N ARG G 447 -21.79 -5.77 23.53
CA ARG G 447 -21.29 -5.60 22.18
C ARG G 447 -20.09 -4.66 22.15
N LEU G 448 -19.49 -4.38 23.32
CA LEU G 448 -18.49 -3.32 23.36
C LEU G 448 -17.28 -3.76 22.60
N THR G 449 -16.65 -2.82 21.91
CA THR G 449 -15.42 -3.17 21.21
C THR G 449 -14.28 -2.56 21.98
N GLU G 450 -13.03 -2.92 21.62
CA GLU G 450 -11.89 -2.28 22.25
C GLU G 450 -11.92 -0.77 22.01
N GLU G 451 -12.23 -0.39 20.78
CA GLU G 451 -12.21 1.01 20.37
C GLU G 451 -13.17 1.84 21.22
N GLU G 452 -14.40 1.35 21.39
CA GLU G 452 -15.39 2.10 22.15
C GLU G 452 -14.92 2.24 23.58
N LEU G 453 -14.27 1.19 24.05
CA LEU G 453 -13.88 1.12 25.44
C LEU G 453 -12.80 2.16 25.64
N GLN G 454 -11.88 2.21 24.68
CA GLN G 454 -10.76 3.12 24.76
C GLN G 454 -11.25 4.56 24.65
N THR G 455 -11.89 4.84 23.51
CA THR G 455 -12.19 6.20 23.12
C THR G 455 -13.36 6.75 23.91
N ASP G 456 -14.47 6.04 23.91
CA ASP G 456 -15.75 6.64 24.23
C ASP G 456 -15.97 6.52 25.72
N LEU G 457 -15.50 5.40 26.23
CA LEU G 457 -15.71 5.13 27.62
C LEU G 457 -14.50 5.55 28.43
N GLY G 458 -13.38 5.79 27.72
CA GLY G 458 -12.21 6.40 28.35
C GLY G 458 -11.36 5.50 29.26
N MET G 459 -11.21 4.24 28.89
CA MET G 459 -10.28 3.31 29.50
C MET G 459 -8.95 3.36 28.74
N LYS G 460 -8.07 4.26 29.18
CA LYS G 460 -6.79 4.51 28.52
C LYS G 460 -6.00 3.20 28.35
N SER G 461 -5.72 2.49 29.45
CA SER G 461 -4.73 1.40 29.55
C SER G 461 -5.11 0.12 28.80
N GLY G 462 -4.29 -0.27 27.84
CA GLY G 462 -4.44 -1.62 27.30
C GLY G 462 -4.58 -2.71 28.37
N ILE G 463 -3.80 -2.62 29.43
CA ILE G 463 -3.86 -3.69 30.39
C ILE G 463 -5.21 -3.61 31.05
N THR G 464 -5.68 -2.39 31.25
CA THR G 464 -6.98 -2.34 31.89
C THR G 464 -8.09 -2.82 30.97
N ARG G 465 -8.09 -2.32 29.72
CA ARG G 465 -9.01 -2.94 28.80
C ARG G 465 -9.01 -4.46 28.92
N LYS G 466 -7.82 -5.04 28.85
CA LYS G 466 -7.71 -6.47 28.98
C LYS G 466 -8.33 -6.95 30.30
N ARG G 467 -8.20 -6.25 31.42
CA ARG G 467 -8.82 -6.93 32.54
C ARG G 467 -10.32 -6.78 32.43
N PHE G 468 -10.78 -5.71 31.77
CA PHE G 468 -12.21 -5.47 31.63
C PHE G 468 -12.78 -6.63 30.84
N PHE G 469 -12.22 -6.82 29.65
CA PHE G 469 -12.77 -7.82 28.77
C PHE G 469 -12.79 -9.17 29.45
N ARG G 470 -11.78 -9.46 30.22
CA ARG G 470 -11.77 -10.72 30.91
C ARG G 470 -13.00 -10.81 31.81
N GLU G 471 -13.44 -9.69 32.39
CA GLU G 471 -14.54 -9.80 33.32
C GLU G 471 -15.83 -9.93 32.54
N LEU G 472 -15.80 -9.30 31.37
CA LEU G 472 -16.97 -9.30 30.53
C LEU G 472 -17.25 -10.70 30.00
N THR G 473 -16.22 -11.32 29.45
CA THR G 473 -16.31 -12.69 29.01
C THR G 473 -16.85 -13.58 30.10
N GLU G 474 -16.45 -13.39 31.35
CA GLU G 474 -17.12 -14.23 32.32
C GLU G 474 -18.63 -13.96 32.33
N LEU G 475 -19.05 -12.70 32.17
CA LEU G 475 -20.48 -12.39 32.19
C LEU G 475 -21.15 -13.11 31.05
N LYS G 476 -20.66 -12.83 29.84
CA LYS G 476 -21.24 -13.33 28.60
C LYS G 476 -21.43 -14.82 28.71
N THR G 477 -20.56 -15.47 29.47
CA THR G 477 -20.68 -16.91 29.59
C THR G 477 -21.75 -17.30 30.60
N PHE G 478 -22.08 -16.44 31.55
CA PHE G 478 -23.07 -16.85 32.50
C PHE G 478 -24.44 -16.46 31.98
N ALA G 479 -24.47 -15.56 31.01
CA ALA G 479 -25.72 -14.94 30.57
C ALA G 479 -26.85 -15.91 30.26
N ASN G 480 -28.08 -15.49 30.52
CA ASN G 480 -29.21 -16.23 30.02
C ASN G 480 -29.70 -15.59 28.72
N TYR G 481 -29.49 -16.26 27.61
CA TYR G 481 -29.83 -15.54 26.40
C TYR G 481 -31.21 -15.88 25.82
N SER G 482 -32.18 -16.25 26.66
CA SER G 482 -33.40 -16.88 26.17
C SER G 482 -34.24 -15.95 25.31
N THR G 483 -34.35 -14.71 25.76
CA THR G 483 -35.10 -13.73 25.04
C THR G 483 -34.52 -13.51 23.65
N CYS G 484 -33.27 -13.86 23.40
CA CYS G 484 -32.82 -13.44 22.09
C CYS G 484 -32.41 -14.61 21.20
N ASP G 485 -32.55 -15.84 21.68
CA ASP G 485 -31.92 -16.95 20.96
C ASP G 485 -32.94 -18.06 20.69
N ARG G 486 -33.48 -18.09 19.47
CA ARG G 486 -34.63 -18.95 19.29
C ARG G 486 -34.20 -20.40 19.04
N SER G 487 -32.91 -20.62 18.77
CA SER G 487 -32.48 -21.89 18.22
C SER G 487 -31.52 -22.59 19.18
N ASN G 488 -31.46 -22.07 20.41
CA ASN G 488 -30.51 -22.47 21.43
C ASN G 488 -29.10 -22.57 20.87
N LEU G 489 -28.70 -21.57 20.13
CA LEU G 489 -27.35 -21.54 19.63
C LEU G 489 -26.38 -21.53 20.81
N ALA G 490 -26.83 -20.97 21.92
CA ALA G 490 -26.00 -20.99 23.12
C ALA G 490 -25.59 -22.41 23.43
N ASP G 491 -26.54 -23.35 23.42
CA ASP G 491 -26.13 -24.67 23.89
C ASP G 491 -25.28 -25.36 22.85
N TRP G 492 -25.55 -25.07 21.59
CA TRP G 492 -24.70 -25.67 20.59
C TRP G 492 -23.28 -25.17 20.78
N LEU G 493 -23.10 -23.86 20.78
CA LEU G 493 -21.74 -23.38 20.89
C LEU G 493 -21.15 -23.95 22.16
N GLY G 494 -21.98 -24.08 23.19
CA GLY G 494 -21.49 -24.55 24.46
C GLY G 494 -21.09 -26.02 24.40
N SER G 495 -21.61 -26.74 23.43
CA SER G 495 -21.14 -28.11 23.35
C SER G 495 -19.76 -28.20 22.72
N LEU G 496 -19.51 -27.54 21.58
CA LEU G 496 -18.13 -27.51 21.12
C LEU G 496 -17.16 -27.40 22.28
N ASP G 497 -17.40 -26.44 23.17
CA ASP G 497 -16.44 -26.04 24.17
C ASP G 497 -17.07 -24.97 25.03
N PRO G 498 -17.26 -25.20 26.34
CA PRO G 498 -17.89 -24.23 27.25
C PRO G 498 -17.39 -22.80 27.17
N ARG G 499 -16.19 -22.62 26.64
CA ARG G 499 -15.70 -21.28 26.54
C ARG G 499 -16.29 -20.58 25.33
N PHE G 500 -17.17 -21.25 24.58
CA PHE G 500 -17.56 -20.67 23.30
C PHE G 500 -18.89 -20.00 23.48
N ARG G 501 -19.53 -20.41 24.56
CA ARG G 501 -20.85 -19.93 24.83
C ARG G 501 -20.86 -18.43 24.85
N GLN G 502 -19.69 -17.84 25.05
CA GLN G 502 -19.57 -16.41 25.18
C GLN G 502 -19.86 -15.77 23.82
N TYR G 503 -19.76 -16.52 22.74
CA TYR G 503 -20.03 -15.87 21.48
C TYR G 503 -21.52 -15.88 21.14
N THR G 504 -22.35 -16.34 22.05
CA THR G 504 -23.73 -16.46 21.63
C THR G 504 -24.27 -15.15 21.08
N TYR G 505 -24.25 -14.12 21.91
CA TYR G 505 -24.96 -12.92 21.52
C TYR G 505 -24.42 -12.37 20.20
N GLY G 506 -23.11 -12.36 20.06
CA GLY G 506 -22.57 -11.92 18.79
C GLY G 506 -23.09 -12.67 17.57
N LEU G 507 -23.44 -13.94 17.74
CA LEU G 507 -23.93 -14.68 16.60
C LEU G 507 -25.41 -14.45 16.47
N VAL G 508 -26.15 -14.36 17.57
CA VAL G 508 -27.57 -14.19 17.34
C VAL G 508 -27.91 -12.78 16.88
N SER G 509 -26.93 -11.90 16.88
CA SER G 509 -27.20 -10.55 16.46
C SER G 509 -27.03 -10.41 14.95
N CYS G 510 -26.01 -11.05 14.38
CA CYS G 510 -25.94 -11.20 12.93
C CYS G 510 -27.06 -12.12 12.43
N GLY G 511 -27.93 -12.53 13.36
CA GLY G 511 -29.13 -13.22 12.92
C GLY G 511 -28.95 -14.70 12.63
N LEU G 512 -27.71 -15.18 12.43
CA LEU G 512 -27.46 -16.61 12.34
C LEU G 512 -28.27 -17.35 13.40
N ASP G 513 -28.78 -18.49 12.99
CA ASP G 513 -29.40 -19.41 13.90
C ASP G 513 -28.81 -20.76 13.53
N ARG G 514 -29.30 -21.81 14.17
CA ARG G 514 -28.75 -23.14 13.95
C ARG G 514 -28.85 -23.52 12.48
N SER G 515 -30.00 -23.29 11.86
CA SER G 515 -30.17 -23.67 10.47
C SER G 515 -29.25 -22.89 9.53
N LEU G 516 -28.79 -21.70 9.91
CA LEU G 516 -28.06 -20.95 8.89
C LEU G 516 -26.58 -21.18 9.06
N LEU G 517 -26.24 -21.92 10.10
CA LEU G 517 -24.89 -21.80 10.58
C LEU G 517 -23.97 -22.45 9.58
N HIS G 518 -24.50 -23.51 8.93
CA HIS G 518 -23.76 -24.31 7.97
C HIS G 518 -23.21 -23.50 6.79
N ARG G 519 -23.53 -22.21 6.71
CA ARG G 519 -23.25 -21.45 5.51
C ARG G 519 -22.29 -20.29 5.76
N VAL G 520 -21.89 -20.06 7.01
CA VAL G 520 -21.19 -18.83 7.36
C VAL G 520 -19.74 -18.98 6.91
N SER G 521 -19.05 -17.85 6.71
CA SER G 521 -17.67 -17.90 6.29
C SER G 521 -16.78 -17.51 7.45
N GLU G 522 -15.48 -17.82 7.37
CA GLU G 522 -14.50 -17.35 8.33
C GLU G 522 -14.58 -15.84 8.44
N GLN G 523 -14.78 -15.17 7.31
CA GLN G 523 -14.74 -13.73 7.36
C GLN G 523 -15.91 -13.19 8.17
N GLN G 524 -17.12 -13.65 7.84
CA GLN G 524 -18.28 -13.28 8.63
C GLN G 524 -18.00 -13.47 10.13
N LEU G 525 -17.60 -14.68 10.54
CA LEU G 525 -17.40 -14.91 11.96
C LEU G 525 -16.50 -13.84 12.53
N LEU G 526 -15.53 -13.40 11.74
CA LEU G 526 -14.56 -12.47 12.29
C LEU G 526 -15.19 -11.10 12.42
N GLU G 527 -15.72 -10.57 11.31
CA GLU G 527 -16.13 -9.17 11.28
C GLU G 527 -17.51 -9.02 11.90
N ASP G 528 -18.49 -9.68 11.29
CA ASP G 528 -19.85 -9.62 11.78
C ASP G 528 -19.90 -9.98 13.25
N CYS G 529 -19.52 -11.21 13.61
CA CYS G 529 -19.94 -11.73 14.91
C CYS G 529 -18.88 -11.45 15.97
N GLY G 530 -17.77 -10.88 15.51
CA GLY G 530 -16.68 -10.44 16.37
C GLY G 530 -16.00 -11.57 17.13
N ILE G 531 -15.92 -12.76 16.54
CA ILE G 531 -15.05 -13.76 17.12
C ILE G 531 -13.62 -13.46 16.68
N HIS G 532 -12.72 -13.26 17.66
CA HIS G 532 -11.45 -12.62 17.34
C HIS G 532 -10.33 -13.62 17.18
N LEU G 533 -10.32 -14.63 18.03
CA LEU G 533 -9.36 -15.71 18.00
C LEU G 533 -9.58 -16.63 16.81
N GLY G 534 -8.68 -16.54 15.81
CA GLY G 534 -8.68 -17.47 14.68
C GLY G 534 -8.95 -18.91 15.09
N VAL G 535 -8.38 -19.33 16.22
CA VAL G 535 -8.38 -20.74 16.53
C VAL G 535 -9.83 -21.07 16.80
N HIS G 536 -10.48 -20.13 17.48
CA HIS G 536 -11.84 -20.34 17.91
C HIS G 536 -12.73 -20.33 16.69
N ARG G 537 -12.49 -19.37 15.76
CA ARG G 537 -13.30 -19.29 14.55
C ARG G 537 -13.32 -20.66 13.90
N ALA G 538 -12.13 -21.03 13.48
CA ALA G 538 -11.86 -22.31 12.91
C ALA G 538 -12.60 -23.43 13.64
N ARG G 539 -12.59 -23.54 14.97
CA ARG G 539 -13.32 -24.68 15.47
C ARG G 539 -14.81 -24.53 15.25
N ILE G 540 -15.36 -23.30 15.34
CA ILE G 540 -16.80 -23.13 15.29
C ILE G 540 -17.21 -23.50 13.88
N LEU G 541 -16.42 -22.97 12.96
CA LEU G 541 -16.73 -23.03 11.55
C LEU G 541 -16.80 -24.47 11.09
N THR G 542 -15.74 -25.21 11.37
CA THR G 542 -15.73 -26.65 11.25
C THR G 542 -16.94 -27.35 11.85
N ALA G 543 -17.32 -27.01 13.07
CA ALA G 543 -18.39 -27.83 13.57
C ALA G 543 -19.68 -27.41 12.90
N ALA G 544 -19.68 -26.19 12.37
CA ALA G 544 -20.82 -25.75 11.60
C ALA G 544 -21.00 -26.66 10.40
N ARG G 545 -19.90 -26.92 9.70
CA ARG G 545 -19.98 -27.64 8.44
C ARG G 545 -20.32 -29.10 8.66
N GLU G 546 -20.14 -29.61 9.88
CA GLU G 546 -20.60 -30.94 10.23
C GLU G 546 -22.10 -30.91 10.54
N MET G 547 -22.64 -29.70 10.72
CA MET G 547 -24.06 -29.49 10.94
C MET G 547 -24.77 -29.31 9.59
N LEU G 548 -24.01 -29.36 8.49
CA LEU G 548 -24.59 -29.30 7.16
C LEU G 548 -25.52 -30.50 6.98
N HIS G 549 -25.00 -31.69 7.32
CA HIS G 549 -25.73 -32.94 7.25
C HIS G 549 -26.44 -33.23 8.56
N SER G 550 -26.15 -32.43 9.60
CA SER G 550 -26.81 -32.54 10.90
C SER G 550 -27.48 -31.23 11.31
N PRO G 551 -28.51 -30.72 10.58
CA PRO G 551 -29.11 -29.41 10.89
C PRO G 551 -29.99 -29.46 12.15
N ASP G 562 -61.17 -24.39 7.70
CA ASP G 562 -62.61 -24.66 7.98
C ASP G 562 -62.80 -26.09 8.49
N THR G 563 -61.72 -26.88 8.49
CA THR G 563 -61.76 -28.30 8.83
C THR G 563 -60.88 -28.61 10.05
N PRO G 564 -61.36 -28.39 11.30
CA PRO G 564 -60.79 -29.04 12.47
C PRO G 564 -61.33 -30.46 12.57
N ASP G 565 -60.58 -31.32 13.28
CA ASP G 565 -60.99 -32.70 13.52
C ASP G 565 -62.31 -32.71 14.29
N VAL G 566 -62.38 -31.88 15.34
CA VAL G 566 -63.52 -31.83 16.25
C VAL G 566 -63.99 -30.38 16.38
N PHE G 567 -65.28 -30.21 16.72
CA PHE G 567 -65.83 -28.95 17.20
C PHE G 567 -66.62 -29.19 18.48
N ILE G 568 -66.38 -28.33 19.48
CA ILE G 568 -67.11 -28.33 20.73
C ILE G 568 -68.06 -27.14 20.77
N SER G 569 -69.37 -27.44 20.79
CA SER G 569 -70.44 -26.46 20.92
C SER G 569 -71.08 -26.57 22.30
N TYR G 570 -71.35 -25.42 22.93
CA TYR G 570 -71.71 -25.35 24.34
C TYR G 570 -72.14 -23.93 24.71
N ARG G 571 -72.79 -23.80 25.87
CA ARG G 571 -73.19 -22.54 26.46
C ARG G 571 -72.01 -21.92 27.19
N ARG G 572 -71.61 -20.71 26.78
CA ARG G 572 -70.45 -20.04 27.36
C ARG G 572 -70.68 -19.78 28.86
N ASN G 573 -71.94 -19.71 29.27
CA ASN G 573 -72.30 -19.40 30.64
C ASN G 573 -72.20 -20.64 31.53
N SER G 574 -72.40 -21.84 30.96
CA SER G 574 -72.53 -23.05 31.76
C SER G 574 -71.47 -24.10 31.44
N GLY G 575 -71.27 -24.37 30.14
CA GLY G 575 -70.41 -25.45 29.68
C GLY G 575 -69.01 -24.99 29.27
N SER G 576 -68.69 -23.72 29.54
CA SER G 576 -67.41 -23.10 29.22
C SER G 576 -66.25 -23.91 29.78
N GLN G 577 -66.43 -24.43 31.00
CA GLN G 577 -65.44 -25.21 31.71
C GLN G 577 -65.12 -26.48 30.93
N LEU G 578 -66.14 -27.34 30.77
CA LEU G 578 -65.99 -28.64 30.13
C LEU G 578 -65.40 -28.48 28.73
N ALA G 579 -65.85 -27.45 27.99
CA ALA G 579 -65.43 -27.15 26.64
C ALA G 579 -63.90 -27.14 26.53
N SER G 580 -63.26 -26.22 27.26
CA SER G 580 -61.82 -26.05 27.30
C SER G 580 -61.14 -27.36 27.66
N LEU G 581 -61.56 -27.93 28.79
CA LEU G 581 -61.05 -29.17 29.37
C LEU G 581 -60.92 -30.26 28.30
N LEU G 582 -62.01 -30.49 27.55
CA LEU G 582 -62.08 -31.46 26.47
C LEU G 582 -61.05 -31.13 25.39
N LYS G 583 -61.09 -29.89 24.88
CA LYS G 583 -60.19 -29.41 23.85
C LYS G 583 -58.75 -29.79 24.19
N VAL G 584 -58.29 -29.38 25.39
CA VAL G 584 -56.96 -29.67 25.91
C VAL G 584 -56.68 -31.17 25.76
N HIS G 585 -57.51 -31.97 26.44
CA HIS G 585 -57.39 -33.42 26.50
C HIS G 585 -57.29 -34.02 25.10
N LEU G 586 -58.17 -33.56 24.20
CA LEU G 586 -58.23 -34.09 22.86
C LEU G 586 -57.02 -33.64 22.04
N GLN G 587 -56.51 -32.43 22.32
CA GLN G 587 -55.37 -31.88 21.61
C GLN G 587 -54.10 -32.66 21.97
N LEU G 588 -53.97 -33.00 23.26
CA LEU G 588 -52.94 -33.92 23.75
C LEU G 588 -52.99 -35.22 22.95
N HIS G 589 -54.22 -35.68 22.66
CA HIS G 589 -54.45 -36.99 22.06
C HIS G 589 -54.52 -36.93 20.54
N GLY G 590 -54.10 -35.78 19.97
CA GLY G 590 -53.83 -35.66 18.55
C GLY G 590 -55.05 -35.29 17.71
N PHE G 591 -56.08 -34.71 18.34
CA PHE G 591 -57.19 -34.08 17.64
C PHE G 591 -57.01 -32.56 17.68
N SER G 592 -57.06 -31.95 16.49
CA SER G 592 -57.20 -30.51 16.37
C SER G 592 -58.67 -30.16 16.61
N VAL G 593 -58.90 -29.31 17.62
CA VAL G 593 -60.26 -29.02 18.05
C VAL G 593 -60.57 -27.54 17.76
N PHE G 594 -61.88 -27.25 17.74
CA PHE G 594 -62.40 -25.90 17.64
C PHE G 594 -63.45 -25.69 18.73
N ILE G 595 -63.56 -24.44 19.19
CA ILE G 595 -64.38 -24.08 20.33
C ILE G 595 -65.40 -23.04 19.90
N ASP G 596 -66.57 -23.07 20.55
CA ASP G 596 -67.69 -22.20 20.31
C ASP G 596 -67.44 -20.84 20.96
N VAL G 597 -66.51 -20.06 20.37
CA VAL G 597 -66.24 -18.71 20.83
C VAL G 597 -67.46 -17.86 20.48
N GLU G 598 -68.41 -17.82 21.42
CA GLU G 598 -69.68 -17.12 21.26
C GLU G 598 -69.49 -15.66 21.70
N LYS G 599 -69.21 -14.79 20.73
CA LYS G 599 -69.00 -13.36 20.96
C LYS G 599 -69.32 -12.57 19.69
N LEU G 600 -69.46 -13.29 18.56
CA LEU G 600 -69.45 -12.71 17.23
C LEU G 600 -70.77 -12.97 16.50
N GLU G 601 -71.30 -11.91 15.87
CA GLU G 601 -72.60 -11.91 15.21
C GLU G 601 -72.47 -11.42 13.76
N ALA G 602 -71.35 -10.75 13.47
CA ALA G 602 -71.12 -10.08 12.19
C ALA G 602 -70.56 -11.07 11.15
N GLY G 603 -70.62 -10.66 9.88
CA GLY G 603 -70.14 -11.44 8.75
C GLY G 603 -71.16 -12.47 8.30
N LYS G 604 -72.30 -11.95 7.81
CA LYS G 604 -73.45 -12.71 7.33
C LYS G 604 -73.89 -13.72 8.39
N PHE G 605 -74.45 -13.20 9.49
CA PHE G 605 -74.89 -13.96 10.65
C PHE G 605 -73.88 -15.07 11.00
N GLU G 606 -72.60 -14.67 11.15
CA GLU G 606 -71.49 -15.56 11.46
C GLU G 606 -71.53 -16.84 10.61
N ASP G 607 -71.30 -16.69 9.30
CA ASP G 607 -71.22 -17.85 8.42
C ASP G 607 -69.88 -18.57 8.61
N LYS G 608 -68.86 -17.82 9.05
CA LYS G 608 -67.53 -18.34 9.31
C LYS G 608 -67.57 -19.33 10.47
N LEU G 609 -68.43 -19.05 11.47
CA LEU G 609 -68.68 -19.91 12.60
C LEU G 609 -69.01 -21.32 12.12
N ILE G 610 -69.93 -21.41 11.16
CA ILE G 610 -70.40 -22.71 10.72
C ILE G 610 -69.49 -23.34 9.68
N GLN G 611 -68.75 -22.53 8.92
CA GLN G 611 -67.74 -23.11 8.03
C GLN G 611 -66.89 -24.11 8.82
N SER G 612 -66.56 -23.73 10.06
CA SER G 612 -65.80 -24.58 10.97
C SER G 612 -66.59 -25.84 11.35
N VAL G 613 -67.87 -25.68 11.72
CA VAL G 613 -68.71 -26.79 12.19
C VAL G 613 -68.99 -27.76 11.05
N MET G 614 -69.48 -27.23 9.91
CA MET G 614 -69.78 -27.96 8.69
C MET G 614 -68.55 -28.76 8.24
N GLY G 615 -67.36 -28.22 8.52
CA GLY G 615 -66.09 -28.87 8.19
C GLY G 615 -65.59 -29.80 9.29
N ALA G 616 -65.99 -29.52 10.55
CA ALA G 616 -65.57 -30.31 11.69
C ALA G 616 -66.16 -31.72 11.60
N ARG G 617 -65.31 -32.70 11.29
CA ARG G 617 -65.74 -34.08 11.10
C ARG G 617 -66.53 -34.55 12.32
N ASN G 618 -65.92 -34.38 13.50
CA ASN G 618 -66.50 -34.74 14.77
C ASN G 618 -67.10 -33.50 15.43
N PHE G 619 -68.25 -33.71 16.07
CA PHE G 619 -68.97 -32.66 16.78
C PHE G 619 -69.22 -33.12 18.22
N VAL G 620 -68.48 -32.52 19.16
CA VAL G 620 -68.79 -32.68 20.57
C VAL G 620 -69.80 -31.61 20.96
N LEU G 621 -70.90 -32.07 21.58
CA LEU G 621 -71.87 -31.18 22.20
C LEU G 621 -71.76 -31.33 23.71
N VAL G 622 -71.44 -30.23 24.39
CA VAL G 622 -71.39 -30.20 25.84
C VAL G 622 -72.80 -29.96 26.36
N LEU G 623 -73.37 -31.03 26.94
CA LEU G 623 -74.70 -30.97 27.51
C LEU G 623 -74.60 -30.87 29.02
N SER G 624 -74.52 -29.61 29.46
CA SER G 624 -74.68 -29.16 30.84
C SER G 624 -76.17 -29.15 31.18
N PRO G 625 -76.58 -29.03 32.47
CA PRO G 625 -77.99 -28.90 32.82
C PRO G 625 -78.63 -27.71 32.10
N GLY G 626 -79.43 -28.01 31.07
CA GLY G 626 -80.09 -27.02 30.24
C GLY G 626 -79.10 -26.22 29.39
N ALA G 627 -78.47 -26.91 28.43
CA ALA G 627 -77.54 -26.30 27.50
C ALA G 627 -78.24 -25.92 26.19
N LEU G 628 -79.55 -26.20 26.10
CA LEU G 628 -80.31 -26.08 24.86
C LEU G 628 -81.40 -25.01 24.96
N ASP G 629 -81.19 -24.01 25.84
CA ASP G 629 -82.19 -23.00 26.15
C ASP G 629 -82.52 -22.15 24.94
N LYS G 630 -81.49 -21.48 24.37
CA LYS G 630 -81.67 -20.58 23.23
C LYS G 630 -81.95 -21.38 21.96
N CYS G 631 -81.49 -22.65 21.94
CA CYS G 631 -81.76 -23.57 20.85
C CYS G 631 -83.24 -23.93 20.83
N MET G 632 -83.83 -24.08 22.03
CA MET G 632 -85.24 -24.38 22.20
C MET G 632 -86.08 -23.35 21.44
N GLN G 633 -86.80 -23.86 20.43
CA GLN G 633 -87.71 -23.13 19.57
C GLN G 633 -87.01 -21.93 18.91
N ASP G 634 -85.78 -22.15 18.44
CA ASP G 634 -85.03 -21.12 17.71
C ASP G 634 -85.30 -21.26 16.21
N HIS G 635 -86.39 -20.64 15.78
CA HIS G 635 -86.92 -20.82 14.42
C HIS G 635 -86.20 -19.89 13.44
N ASP G 636 -85.59 -18.82 13.97
CA ASP G 636 -84.79 -17.90 13.16
C ASP G 636 -83.40 -18.49 12.93
N CYS G 637 -83.09 -19.60 13.61
CA CYS G 637 -81.79 -20.27 13.57
C CYS G 637 -80.68 -19.23 13.76
N LYS G 638 -80.75 -18.54 14.90
CA LYS G 638 -79.88 -17.41 15.18
C LYS G 638 -78.93 -17.69 16.34
N ASP G 639 -79.38 -18.50 17.31
CA ASP G 639 -78.52 -18.96 18.39
C ASP G 639 -77.44 -19.88 17.82
N TRP G 640 -76.18 -19.54 18.09
CA TRP G 640 -74.98 -20.20 17.58
C TRP G 640 -74.96 -21.70 17.86
N VAL G 641 -75.45 -22.11 19.04
CA VAL G 641 -75.49 -23.49 19.45
C VAL G 641 -76.50 -24.21 18.56
N HIS G 642 -77.72 -23.67 18.49
CA HIS G 642 -78.80 -24.20 17.66
C HIS G 642 -78.31 -24.43 16.23
N LYS G 643 -77.94 -23.33 15.58
CA LYS G 643 -77.26 -23.23 14.29
C LYS G 643 -76.29 -24.40 14.07
N GLN G 644 -75.29 -24.53 14.95
CA GLN G 644 -74.22 -25.51 14.84
C GLN G 644 -74.79 -26.94 14.80
N ILE G 645 -75.66 -27.25 15.77
CA ILE G 645 -76.34 -28.53 15.87
C ILE G 645 -76.89 -28.90 14.50
N VAL G 646 -77.68 -27.97 13.93
CA VAL G 646 -78.37 -28.11 12.66
C VAL G 646 -77.37 -28.42 11.55
N THR G 647 -76.32 -27.59 11.43
CA THR G 647 -75.34 -27.64 10.34
C THR G 647 -74.52 -28.92 10.40
N ALA G 648 -74.18 -29.36 11.63
CA ALA G 648 -73.52 -30.63 11.87
C ALA G 648 -74.42 -31.78 11.40
N LEU G 649 -75.67 -31.81 11.90
CA LEU G 649 -76.69 -32.76 11.49
C LEU G 649 -76.86 -32.77 9.97
N SER G 650 -76.88 -31.55 9.38
CA SER G 650 -76.97 -31.34 7.94
C SER G 650 -75.86 -32.07 7.21
N CYS G 651 -74.61 -31.87 7.67
CA CYS G 651 -73.43 -32.42 7.04
C CYS G 651 -73.23 -33.88 7.42
N GLY G 652 -74.11 -34.40 8.29
CA GLY G 652 -74.04 -35.76 8.81
C GLY G 652 -72.75 -35.98 9.60
N LYS G 653 -72.53 -35.14 10.60
CA LYS G 653 -71.28 -35.15 11.36
C LYS G 653 -71.42 -36.03 12.59
N ASN G 654 -70.28 -36.58 13.02
CA ASN G 654 -70.18 -37.48 14.16
C ASN G 654 -70.43 -36.69 15.44
N ILE G 655 -71.66 -36.84 15.96
CA ILE G 655 -72.10 -36.08 17.13
C ILE G 655 -71.96 -36.95 18.37
N VAL G 656 -71.16 -36.46 19.32
CA VAL G 656 -70.94 -37.09 20.61
C VAL G 656 -71.35 -36.11 21.72
N PRO G 657 -72.58 -36.24 22.25
CA PRO G 657 -73.00 -35.48 23.44
C PRO G 657 -72.23 -35.91 24.68
N ILE G 658 -71.77 -34.91 25.46
CA ILE G 658 -71.07 -35.18 26.71
C ILE G 658 -71.95 -34.71 27.87
N ILE G 659 -72.30 -35.69 28.71
CA ILE G 659 -73.40 -35.56 29.68
C ILE G 659 -72.80 -35.26 31.05
N ASP G 660 -73.12 -34.05 31.54
CA ASP G 660 -72.66 -33.54 32.81
C ASP G 660 -73.79 -32.74 33.45
N GLY G 661 -74.84 -33.47 33.87
CA GLY G 661 -75.99 -32.90 34.56
C GLY G 661 -77.17 -32.63 33.64
N PHE G 662 -77.06 -33.02 32.37
CA PHE G 662 -78.09 -32.80 31.37
C PHE G 662 -79.30 -33.70 31.63
N GLU G 663 -80.47 -33.07 31.77
CA GLU G 663 -81.75 -33.74 31.72
C GLU G 663 -82.30 -33.63 30.30
N TRP G 664 -82.62 -34.79 29.71
CA TRP G 664 -83.05 -34.90 28.32
C TRP G 664 -84.47 -34.37 28.15
N PRO G 665 -84.68 -33.34 27.29
CA PRO G 665 -86.00 -32.75 27.07
C PRO G 665 -86.86 -33.52 26.07
N GLU G 666 -88.08 -33.02 25.84
CA GLU G 666 -88.91 -33.44 24.73
C GLU G 666 -88.29 -32.91 23.43
N PRO G 667 -88.12 -33.76 22.39
CA PRO G 667 -87.64 -33.30 21.08
C PRO G 667 -88.49 -32.19 20.49
N GLN G 668 -89.80 -32.24 20.77
CA GLN G 668 -90.79 -31.28 20.28
C GLN G 668 -90.49 -29.86 20.76
N VAL G 669 -89.78 -29.72 21.89
CA VAL G 669 -89.41 -28.43 22.43
C VAL G 669 -88.24 -27.83 21.63
N LEU G 670 -87.51 -28.69 20.90
CA LEU G 670 -86.48 -28.27 19.96
C LEU G 670 -87.10 -28.09 18.58
N PRO G 671 -86.55 -27.18 17.72
CA PRO G 671 -86.88 -27.18 16.30
C PRO G 671 -86.46 -28.50 15.65
N GLU G 672 -87.25 -28.94 14.67
CA GLU G 672 -87.17 -30.25 14.04
C GLU G 672 -85.77 -30.50 13.48
N ASP G 673 -85.17 -29.41 12.96
CA ASP G 673 -83.86 -29.40 12.33
C ASP G 673 -82.76 -29.87 13.29
N MET G 674 -83.07 -29.94 14.59
CA MET G 674 -82.06 -30.19 15.61
C MET G 674 -82.54 -31.20 16.67
N GLN G 675 -83.80 -31.66 16.55
CA GLN G 675 -84.43 -32.58 17.48
C GLN G 675 -83.65 -33.89 17.61
N ALA G 676 -83.09 -34.34 16.47
CA ALA G 676 -82.46 -35.65 16.34
C ALA G 676 -81.11 -35.72 17.05
N VAL G 677 -80.62 -34.56 17.53
CA VAL G 677 -79.36 -34.51 18.27
C VAL G 677 -79.50 -35.23 19.61
N LEU G 678 -80.75 -35.36 20.10
CA LEU G 678 -81.08 -36.08 21.32
C LEU G 678 -80.97 -37.59 21.10
N THR G 679 -80.86 -38.01 19.83
CA THR G 679 -80.90 -39.41 19.44
C THR G 679 -79.48 -39.92 19.20
N PHE G 680 -78.48 -39.14 19.65
CA PHE G 680 -77.08 -39.56 19.67
C PHE G 680 -76.70 -40.01 21.08
N ASN G 681 -76.04 -41.18 21.15
CA ASN G 681 -75.63 -41.79 22.40
C ASN G 681 -74.46 -41.00 22.99
N GLY G 682 -74.66 -40.50 24.21
CA GLY G 682 -73.73 -39.59 24.87
C GLY G 682 -72.86 -40.28 25.92
N ILE G 683 -71.82 -39.56 26.37
CA ILE G 683 -70.88 -40.10 27.33
C ILE G 683 -70.96 -39.29 28.63
N LYS G 684 -71.11 -40.02 29.74
CA LYS G 684 -71.13 -39.49 31.10
C LYS G 684 -69.77 -38.89 31.43
N TRP G 685 -69.78 -37.58 31.75
CA TRP G 685 -68.59 -36.88 32.19
C TRP G 685 -68.34 -37.14 33.67
N SER G 686 -67.07 -37.42 34.00
CA SER G 686 -66.58 -37.49 35.35
C SER G 686 -65.24 -36.77 35.45
N HIS G 687 -65.16 -35.79 36.35
CA HIS G 687 -63.95 -35.06 36.66
C HIS G 687 -62.97 -35.97 37.42
N GLU G 688 -63.54 -36.91 38.18
CA GLU G 688 -62.82 -37.81 39.06
C GLU G 688 -61.95 -38.78 38.25
N TYR G 689 -62.56 -39.48 37.29
CA TYR G 689 -61.83 -40.32 36.36
C TYR G 689 -61.83 -39.66 34.98
N GLN G 690 -61.22 -38.47 34.92
CA GLN G 690 -61.20 -37.61 33.75
C GLN G 690 -60.64 -38.34 32.53
N GLU G 691 -59.47 -38.97 32.72
CA GLU G 691 -58.68 -39.58 31.66
C GLU G 691 -59.45 -40.74 31.04
N ALA G 692 -60.10 -41.56 31.88
CA ALA G 692 -60.88 -42.71 31.46
C ALA G 692 -62.02 -42.28 30.56
N THR G 693 -62.70 -41.21 30.97
CA THR G 693 -63.81 -40.60 30.24
C THR G 693 -63.32 -40.13 28.87
N ILE G 694 -62.12 -39.54 28.85
CA ILE G 694 -61.48 -38.96 27.68
C ILE G 694 -61.25 -40.03 26.62
N GLU G 695 -60.74 -41.19 27.05
CA GLU G 695 -60.42 -42.32 26.18
C GLU G 695 -61.66 -42.83 25.47
N LYS G 696 -62.78 -42.90 26.21
CA LYS G 696 -64.07 -43.32 25.69
C LYS G 696 -64.57 -42.31 24.65
N ILE G 697 -64.39 -41.02 24.93
CA ILE G 697 -64.84 -39.95 24.05
C ILE G 697 -64.08 -40.03 22.73
N ILE G 698 -62.75 -40.23 22.82
CA ILE G 698 -61.85 -40.41 21.69
C ILE G 698 -62.31 -41.60 20.83
N ARG G 699 -62.73 -42.68 21.51
CA ARG G 699 -63.23 -43.90 20.87
C ARG G 699 -64.44 -43.59 20.00
N PHE G 700 -65.26 -42.64 20.46
CA PHE G 700 -66.51 -42.27 19.82
C PHE G 700 -66.25 -41.32 18.65
N LEU G 701 -65.09 -40.65 18.69
CA LEU G 701 -64.67 -39.75 17.62
C LEU G 701 -64.17 -40.55 16.43
N GLN G 702 -64.38 -39.99 15.23
CA GLN G 702 -64.13 -40.66 13.96
C GLN G 702 -63.25 -39.77 13.07
N GLY H 58 56.20 -2.51 57.20
CA GLY H 58 56.09 -3.64 58.16
C GLY H 58 56.31 -5.00 57.49
N ALA H 59 55.57 -5.22 56.39
CA ALA H 59 55.70 -6.44 55.59
C ALA H 59 56.96 -6.36 54.75
N GLY H 60 57.11 -5.28 53.98
CA GLY H 60 58.26 -5.03 53.12
C GLY H 60 59.58 -5.16 53.87
N THR H 61 59.64 -4.59 55.08
CA THR H 61 60.81 -4.61 55.93
C THR H 61 61.32 -6.04 56.13
N GLU H 62 60.36 -6.98 56.25
CA GLU H 62 60.63 -8.39 56.47
C GLU H 62 61.01 -9.07 55.16
N VAL H 63 60.32 -8.70 54.07
CA VAL H 63 60.59 -9.20 52.72
C VAL H 63 62.03 -8.82 52.34
N GLN H 64 62.37 -7.54 52.56
CA GLN H 64 63.71 -7.01 52.35
C GLN H 64 64.70 -7.82 53.18
N ASP H 65 64.41 -7.93 54.49
CA ASP H 65 65.18 -8.69 55.47
C ASP H 65 65.44 -10.11 54.95
N ALA H 66 64.37 -10.75 54.46
CA ALA H 66 64.44 -12.08 53.86
C ALA H 66 65.45 -12.09 52.71
N LEU H 67 65.22 -11.23 51.71
CA LEU H 67 66.02 -11.16 50.49
C LEU H 67 67.50 -10.95 50.81
N GLU H 68 67.78 -10.23 51.90
CA GLU H 68 69.13 -9.95 52.39
C GLU H 68 69.83 -11.24 52.82
N ARG H 69 69.04 -12.22 53.28
CA ARG H 69 69.62 -13.52 53.59
C ARG H 69 69.46 -14.44 52.37
N ALA H 70 68.26 -14.44 51.78
CA ALA H 70 67.80 -15.40 50.79
C ALA H 70 68.54 -15.30 49.46
N LEU H 71 68.78 -14.08 48.98
CA LEU H 71 69.47 -13.88 47.70
C LEU H 71 70.90 -14.41 47.77
N PRO H 72 71.75 -14.03 48.76
CA PRO H 72 73.06 -14.66 48.95
C PRO H 72 73.00 -16.17 49.22
N GLU H 73 71.88 -16.63 49.77
CA GLU H 73 71.61 -18.06 50.01
C GLU H 73 71.31 -18.74 48.68
N LEU H 74 70.61 -18.02 47.78
CA LEU H 74 70.37 -18.46 46.42
C LEU H 74 71.69 -18.49 45.66
N GLN H 75 72.62 -17.59 46.04
CA GLN H 75 73.96 -17.53 45.47
C GLN H 75 74.82 -18.65 46.05
N GLN H 76 74.62 -18.95 47.34
CA GLN H 76 75.22 -20.10 48.01
C GLN H 76 74.78 -21.38 47.28
N ALA H 77 73.52 -21.39 46.85
CA ALA H 77 72.96 -22.43 46.02
C ALA H 77 73.52 -22.34 44.60
N LEU H 78 73.71 -21.11 44.08
CA LEU H 78 74.14 -20.96 42.69
C LEU H 78 75.55 -21.54 42.49
N SER H 79 76.36 -21.44 43.55
CA SER H 79 77.67 -22.08 43.60
C SER H 79 77.52 -23.59 43.43
N ALA H 80 76.60 -24.19 44.20
CA ALA H 80 76.32 -25.61 44.17
C ALA H 80 75.62 -26.00 42.88
N LEU H 81 74.76 -25.09 42.37
CA LEU H 81 73.98 -25.28 41.15
C LEU H 81 74.88 -25.62 39.97
N LYS H 82 76.17 -25.27 40.09
CA LYS H 82 77.16 -25.45 39.04
C LYS H 82 77.50 -26.93 38.84
N GLN H 83 77.45 -27.72 39.93
CA GLN H 83 77.81 -29.13 39.89
C GLN H 83 76.55 -30.00 39.82
N ALA H 84 76.76 -31.32 39.96
CA ALA H 84 75.72 -32.33 39.88
C ALA H 84 75.39 -32.88 41.27
N GLY H 85 74.38 -33.75 41.34
CA GLY H 85 73.90 -34.31 42.60
C GLY H 85 74.38 -35.74 42.83
N GLY H 86 75.25 -36.24 41.94
CA GLY H 86 75.94 -37.50 42.10
C GLY H 86 76.66 -37.60 43.44
N ALA H 87 77.45 -36.56 43.75
CA ALA H 87 78.18 -36.46 45.00
C ALA H 87 77.49 -35.49 45.96
N ARG H 88 76.19 -35.26 45.72
CA ARG H 88 75.32 -34.36 46.48
C ARG H 88 75.92 -32.95 46.56
N ALA H 89 76.70 -32.57 45.52
CA ALA H 89 77.23 -31.22 45.41
C ALA H 89 76.07 -30.24 45.21
N VAL H 90 75.22 -30.52 44.21
CA VAL H 90 73.97 -29.79 44.05
C VAL H 90 72.91 -30.36 45.00
N GLY H 91 73.01 -31.66 45.30
CA GLY H 91 72.10 -32.37 46.18
C GLY H 91 71.84 -31.63 47.49
N ALA H 92 72.92 -31.30 48.20
CA ALA H 92 72.87 -30.51 49.41
C ALA H 92 72.31 -29.12 49.10
N GLY H 93 72.90 -28.47 48.09
CA GLY H 93 72.51 -27.15 47.63
C GLY H 93 71.01 -27.04 47.35
N LEU H 94 70.46 -28.08 46.70
CA LEU H 94 69.04 -28.19 46.40
C LEU H 94 68.25 -28.32 47.70
N ALA H 95 68.62 -29.31 48.52
CA ALA H 95 68.03 -29.54 49.83
C ALA H 95 68.03 -28.26 50.66
N GLU H 96 69.08 -27.44 50.49
CA GLU H 96 69.22 -26.16 51.15
C GLU H 96 68.18 -25.18 50.61
N VAL H 97 68.31 -24.81 49.32
CA VAL H 97 67.53 -23.73 48.73
C VAL H 97 66.04 -24.10 48.66
N PHE H 98 65.73 -25.38 48.40
CA PHE H 98 64.36 -25.87 48.44
C PHE H 98 63.74 -25.58 49.81
N GLN H 99 64.49 -25.92 50.88
CA GLN H 99 64.03 -25.72 52.24
C GLN H 99 64.16 -24.25 52.64
N LEU H 100 65.04 -23.50 51.96
CA LEU H 100 65.21 -22.09 52.22
C LEU H 100 64.01 -21.30 51.70
N VAL H 101 63.49 -21.70 50.53
CA VAL H 101 62.29 -21.10 49.98
C VAL H 101 61.05 -21.75 50.62
N GLU H 102 61.25 -22.86 51.35
CA GLU H 102 60.19 -23.47 52.13
C GLU H 102 60.09 -22.77 53.49
N GLU H 103 61.24 -22.34 54.02
CA GLU H 103 61.30 -21.48 55.19
C GLU H 103 60.74 -20.11 54.82
N ALA H 104 60.95 -19.71 53.57
CA ALA H 104 60.43 -18.46 53.02
C ALA H 104 59.00 -18.66 52.47
N TRP H 105 58.55 -19.92 52.38
CA TRP H 105 57.18 -20.22 52.01
C TRP H 105 56.25 -19.98 53.19
N LEU H 106 56.83 -19.92 54.39
CA LEU H 106 56.13 -19.56 55.62
C LEU H 106 55.83 -18.06 55.63
N LEU H 107 56.53 -17.30 54.77
CA LEU H 107 56.44 -15.85 54.74
C LEU H 107 55.13 -15.36 54.13
N PRO H 108 54.63 -15.89 52.98
CA PRO H 108 53.26 -15.61 52.52
C PRO H 108 52.20 -15.69 53.61
N ALA H 109 52.37 -16.64 54.55
CA ALA H 109 51.52 -16.78 55.72
C ALA H 109 51.84 -15.69 56.74
N VAL H 110 53.14 -15.51 57.03
CA VAL H 110 53.63 -14.49 57.96
C VAL H 110 53.11 -13.12 57.52
N GLY H 111 53.29 -12.81 56.23
CA GLY H 111 52.77 -11.59 55.64
C GLY H 111 51.53 -11.86 54.79
N ARG H 112 51.60 -11.48 53.52
CA ARG H 112 50.60 -11.81 52.51
C ARG H 112 51.27 -11.93 51.14
N GLU H 113 51.62 -13.18 50.79
CA GLU H 113 52.15 -13.60 49.49
C GLU H 113 53.54 -13.00 49.25
N VAL H 114 54.46 -13.27 50.18
CA VAL H 114 55.87 -12.90 50.07
C VAL H 114 56.50 -13.74 48.96
N ALA H 115 55.79 -14.80 48.55
CA ALA H 115 56.13 -15.71 47.46
C ALA H 115 56.83 -15.00 46.32
N GLN H 116 56.28 -13.85 45.90
CA GLN H 116 56.76 -13.08 44.76
C GLN H 116 58.25 -12.75 44.93
N GLY H 117 58.59 -12.09 46.04
CA GLY H 117 59.95 -11.67 46.36
C GLY H 117 60.99 -12.76 46.10
N LEU H 118 60.86 -13.88 46.84
CA LEU H 118 61.79 -15.00 46.77
C LEU H 118 61.85 -15.58 45.36
N CYS H 119 60.69 -15.64 44.68
CA CYS H 119 60.53 -16.22 43.36
C CYS H 119 61.28 -15.39 42.31
N ASP H 120 61.03 -14.08 42.32
CA ASP H 120 61.62 -13.12 41.39
C ASP H 120 63.13 -13.25 41.41
N ALA H 121 63.70 -13.44 42.60
CA ALA H 121 65.13 -13.68 42.78
C ALA H 121 65.58 -14.86 41.92
N ILE H 122 64.87 -16.00 42.02
CA ILE H 122 65.32 -17.19 41.32
C ILE H 122 65.11 -17.03 39.80
N ARG H 123 64.15 -16.19 39.40
CA ARG H 123 63.69 -16.02 38.03
C ARG H 123 64.61 -15.12 37.19
N LEU H 124 64.63 -13.82 37.52
CA LEU H 124 65.24 -12.78 36.71
C LEU H 124 66.70 -13.15 36.38
N ASP H 125 67.48 -13.44 37.43
CA ASP H 125 68.89 -13.75 37.27
C ASP H 125 69.24 -15.05 37.99
N GLY H 126 68.28 -15.60 38.75
CA GLY H 126 68.55 -16.81 39.50
C GLY H 126 68.67 -18.03 38.59
N GLY H 127 69.14 -19.14 39.15
CA GLY H 127 69.37 -20.36 38.39
C GLY H 127 68.07 -21.07 38.01
N LEU H 128 67.03 -20.29 37.68
CA LEU H 128 65.75 -20.83 37.24
C LEU H 128 65.97 -21.79 36.08
N ASP H 129 66.70 -21.30 35.07
CA ASP H 129 67.02 -22.06 33.87
C ASP H 129 68.00 -23.19 34.20
N LEU H 130 68.83 -22.97 35.23
CA LEU H 130 69.81 -23.95 35.67
C LEU H 130 69.11 -25.14 36.33
N LEU H 131 67.96 -24.87 36.99
CA LEU H 131 67.14 -25.89 37.60
C LEU H 131 66.37 -26.67 36.54
N LEU H 132 66.02 -25.98 35.45
CA LEU H 132 65.38 -26.60 34.31
C LEU H 132 66.35 -27.55 33.63
N ARG H 133 67.63 -27.15 33.57
CA ARG H 133 68.71 -27.97 33.03
C ARG H 133 69.08 -29.08 34.02
N LEU H 134 68.83 -28.83 35.32
CA LEU H 134 69.06 -29.80 36.39
C LEU H 134 68.08 -30.97 36.23
N LEU H 135 66.85 -30.66 35.80
CA LEU H 135 65.85 -31.67 35.49
C LEU H 135 66.39 -32.60 34.40
N GLN H 136 66.91 -31.99 33.32
CA GLN H 136 67.49 -32.69 32.18
C GLN H 136 68.68 -33.54 32.63
N ALA H 137 69.47 -33.00 33.58
CA ALA H 137 70.65 -33.66 34.14
C ALA H 137 70.27 -35.04 34.67
N PRO H 138 71.01 -36.11 34.29
CA PRO H 138 70.65 -37.50 34.64
C PRO H 138 70.81 -37.86 36.11
N GLU H 139 70.88 -36.83 36.97
CA GLU H 139 70.89 -36.99 38.41
C GLU H 139 69.44 -37.04 38.92
N LEU H 140 68.77 -38.16 38.61
CA LEU H 140 67.35 -38.37 38.90
C LEU H 140 67.04 -38.10 40.37
N GLU H 141 67.96 -38.55 41.25
CA GLU H 141 67.84 -38.40 42.69
C GLU H 141 67.65 -36.93 43.05
N THR H 142 68.35 -36.04 42.35
CA THR H 142 68.32 -34.61 42.64
C THR H 142 67.43 -33.88 41.65
N ARG H 143 67.07 -34.53 40.54
CA ARG H 143 66.20 -33.88 39.56
C ARG H 143 64.78 -33.75 40.12
N VAL H 144 64.39 -34.67 41.02
CA VAL H 144 63.15 -34.56 41.77
C VAL H 144 63.26 -33.42 42.80
N GLN H 145 64.47 -33.22 43.35
CA GLN H 145 64.70 -32.15 44.31
C GLN H 145 64.55 -30.79 43.62
N ALA H 146 65.08 -30.70 42.40
CA ALA H 146 64.91 -29.52 41.55
C ALA H 146 63.42 -29.29 41.29
N ALA H 147 62.72 -30.36 40.89
CA ALA H 147 61.29 -30.35 40.61
C ALA H 147 60.51 -29.86 41.83
N ARG H 148 60.84 -30.42 43.00
CA ARG H 148 60.25 -30.03 44.28
C ARG H 148 60.37 -28.52 44.45
N LEU H 149 61.58 -28.00 44.20
CA LEU H 149 61.90 -26.60 44.35
C LEU H 149 61.16 -25.77 43.28
N LEU H 150 61.17 -26.24 42.04
CA LEU H 150 60.51 -25.56 40.93
C LEU H 150 59.01 -25.44 41.20
N GLU H 151 58.41 -26.54 41.70
CA GLU H 151 57.00 -26.58 42.06
C GLU H 151 56.69 -25.46 43.05
N GLN H 152 57.57 -25.27 44.03
CA GLN H 152 57.45 -24.22 45.02
C GLN H 152 57.53 -22.86 44.32
N ILE H 153 58.72 -22.54 43.78
CA ILE H 153 58.99 -21.25 43.15
C ILE H 153 58.31 -21.20 41.77
N LEU H 154 57.00 -20.93 41.77
CA LEU H 154 56.24 -20.97 40.53
C LEU H 154 55.06 -20.00 40.58
N VAL H 155 55.37 -18.72 40.84
CA VAL H 155 54.39 -17.65 40.72
C VAL H 155 54.22 -17.30 39.25
N ALA H 156 53.20 -16.48 38.95
CA ALA H 156 52.81 -16.08 37.60
C ALA H 156 54.02 -15.67 36.76
N GLU H 157 54.96 -14.95 37.40
CA GLU H 157 56.22 -14.52 36.80
C GLU H 157 56.96 -15.73 36.22
N ASN H 158 57.31 -16.68 37.09
CA ASN H 158 58.05 -17.88 36.74
C ASN H 158 57.27 -18.69 35.68
N ARG H 159 55.95 -18.75 35.86
CA ARG H 159 55.08 -19.56 35.01
C ARG H 159 55.22 -19.14 33.55
N ASP H 160 55.08 -17.82 33.30
CA ASP H 160 55.19 -17.27 31.96
C ASP H 160 56.55 -17.60 31.37
N ARG H 161 57.61 -17.35 32.16
CA ARG H 161 58.99 -17.58 31.73
C ARG H 161 59.20 -19.04 31.38
N VAL H 162 58.73 -19.96 32.23
CA VAL H 162 58.97 -21.38 32.00
C VAL H 162 58.03 -21.90 30.91
N ALA H 163 56.98 -21.13 30.58
CA ALA H 163 56.11 -21.45 29.45
C ALA H 163 56.89 -21.30 28.14
N ARG H 164 57.91 -20.44 28.16
CA ARG H 164 58.71 -20.18 26.97
C ARG H 164 59.81 -21.24 26.86
N ILE H 165 60.42 -21.59 28.00
CA ILE H 165 61.58 -22.49 27.98
C ILE H 165 61.21 -23.81 28.65
N GLY H 166 60.94 -23.75 29.96
CA GLY H 166 60.76 -24.91 30.81
C GLY H 166 59.74 -25.91 30.26
N LEU H 167 58.71 -25.39 29.58
CA LEU H 167 57.59 -26.14 29.05
C LEU H 167 58.07 -27.44 28.40
N GLY H 168 59.00 -27.31 27.45
CA GLY H 168 59.57 -28.44 26.72
C GLY H 168 60.19 -29.48 27.66
N VAL H 169 61.03 -29.00 28.59
CA VAL H 169 61.78 -29.86 29.50
C VAL H 169 60.82 -30.48 30.52
N ILE H 170 59.79 -29.73 30.92
CA ILE H 170 58.77 -30.17 31.86
C ILE H 170 58.09 -31.42 31.29
N LEU H 171 57.70 -31.36 30.01
CA LEU H 171 57.01 -32.43 29.32
C LEU H 171 57.96 -33.60 29.05
N ASN H 172 59.22 -33.27 28.75
CA ASN H 172 60.28 -34.25 28.52
C ASN H 172 60.50 -35.07 29.79
N LEU H 173 60.20 -34.45 30.94
CA LEU H 173 60.36 -35.03 32.27
C LEU H 173 59.05 -35.70 32.70
N ALA H 174 57.94 -35.28 32.08
CA ALA H 174 56.62 -35.81 32.36
C ALA H 174 56.49 -37.24 31.85
N LYS H 175 57.16 -37.54 30.73
CA LYS H 175 57.15 -38.86 30.11
C LYS H 175 57.73 -39.90 31.08
N GLU H 176 58.50 -39.42 32.07
CA GLU H 176 58.96 -40.24 33.18
C GLU H 176 57.82 -40.35 34.20
N ARG H 177 57.44 -41.59 34.51
CA ARG H 177 56.17 -41.85 35.18
C ARG H 177 56.38 -42.61 36.49
N GLU H 178 57.11 -43.74 36.42
CA GLU H 178 57.21 -44.70 37.52
C GLU H 178 57.62 -44.05 38.84
N PRO H 179 58.72 -43.26 38.92
CA PRO H 179 59.10 -42.61 40.19
C PRO H 179 57.98 -41.74 40.75
N VAL H 180 57.39 -42.19 41.86
CA VAL H 180 56.14 -41.66 42.41
C VAL H 180 56.37 -40.24 42.92
N GLU H 181 57.44 -40.08 43.73
CA GLU H 181 57.80 -38.80 44.35
C GLU H 181 58.02 -37.76 43.25
N LEU H 182 58.73 -38.17 42.20
CA LEU H 182 58.95 -37.33 41.02
C LEU H 182 57.60 -36.94 40.42
N ALA H 183 56.78 -37.95 40.10
CA ALA H 183 55.48 -37.80 39.46
C ALA H 183 54.62 -36.79 40.23
N ARG H 184 54.58 -36.93 41.56
CA ARG H 184 53.89 -36.01 42.45
C ARG H 184 54.27 -34.57 42.12
N SER H 185 55.58 -34.31 42.03
CA SER H 185 56.11 -32.97 41.79
C SER H 185 55.92 -32.55 40.33
N VAL H 186 55.86 -33.54 39.42
CA VAL H 186 55.69 -33.28 37.99
C VAL H 186 54.24 -32.93 37.70
N ALA H 187 53.31 -33.78 38.15
CA ALA H 187 51.89 -33.48 38.13
C ALA H 187 51.64 -32.11 38.77
N GLY H 188 52.46 -31.82 39.80
CA GLY H 188 52.47 -30.56 40.53
C GLY H 188 52.75 -29.36 39.63
N ILE H 189 53.83 -29.43 38.84
CA ILE H 189 54.24 -28.32 37.99
C ILE H 189 53.25 -28.15 36.83
N LEU H 190 52.72 -29.29 36.35
CA LEU H 190 51.69 -29.39 35.33
C LEU H 190 50.41 -28.68 35.78
N GLU H 191 50.07 -28.85 37.06
CA GLU H 191 48.90 -28.25 37.68
C GLU H 191 49.00 -26.72 37.61
N HIS H 192 50.18 -26.18 37.94
CA HIS H 192 50.41 -24.74 37.87
C HIS H 192 50.47 -24.30 36.41
N MET H 193 51.07 -25.16 35.57
CA MET H 193 51.29 -24.87 34.16
C MET H 193 49.95 -24.70 33.44
N PHE H 194 49.03 -25.64 33.70
CA PHE H 194 47.74 -25.69 33.04
C PHE H 194 46.96 -24.40 33.26
N LYS H 195 47.18 -23.77 34.42
CA LYS H 195 46.39 -22.60 34.80
C LYS H 195 47.07 -21.32 34.30
N HIS H 196 47.82 -21.42 33.19
CA HIS H 196 48.61 -20.29 32.72
C HIS H 196 47.89 -19.53 31.60
N SER H 197 47.58 -20.22 30.51
CA SER H 197 47.06 -19.58 29.31
C SER H 197 46.31 -20.58 28.45
N GLU H 198 45.46 -20.07 27.56
CA GLU H 198 44.67 -20.87 26.63
C GLU H 198 45.61 -21.84 25.90
N GLU H 199 46.69 -21.27 25.34
CA GLU H 199 47.66 -21.92 24.47
C GLU H 199 48.56 -22.87 25.26
N THR H 200 48.76 -22.57 26.55
CA THR H 200 49.59 -23.40 27.41
C THR H 200 48.89 -24.75 27.65
N CYS H 201 47.59 -24.72 27.93
CA CYS H 201 46.79 -25.94 27.97
C CYS H 201 46.86 -26.62 26.61
N GLN H 202 46.47 -25.88 25.56
CA GLN H 202 46.35 -26.39 24.20
C GLN H 202 47.61 -27.16 23.83
N ARG H 203 48.73 -26.73 24.42
CA ARG H 203 50.04 -27.34 24.26
C ARG H 203 50.07 -28.67 25.01
N LEU H 204 50.00 -28.56 26.34
CA LEU H 204 50.24 -29.67 27.26
C LEU H 204 49.32 -30.83 26.93
N VAL H 205 48.02 -30.52 26.76
CA VAL H 205 46.98 -31.46 26.38
C VAL H 205 47.47 -32.32 25.21
N ALA H 206 47.80 -31.66 24.10
CA ALA H 206 48.15 -32.31 22.84
C ALA H 206 49.49 -33.03 22.96
N ALA H 207 50.35 -32.57 23.87
CA ALA H 207 51.72 -33.04 23.96
C ALA H 207 51.84 -34.24 24.91
N GLY H 208 50.73 -34.61 25.56
CA GLY H 208 50.71 -35.73 26.48
C GLY H 208 50.90 -35.31 27.94
N GLY H 209 50.76 -34.00 28.19
CA GLY H 209 50.66 -33.43 29.53
C GLY H 209 49.40 -33.90 30.23
N LEU H 210 48.27 -33.85 29.50
CA LEU H 210 47.01 -34.42 29.97
C LEU H 210 47.18 -35.93 30.17
N ASP H 211 47.82 -36.58 29.21
CA ASP H 211 48.00 -38.03 29.23
C ASP H 211 48.87 -38.45 30.40
N ALA H 212 49.69 -37.53 30.91
CA ALA H 212 50.51 -37.75 32.10
C ALA H 212 49.62 -37.77 33.35
N VAL H 213 48.81 -36.72 33.53
CA VAL H 213 47.96 -36.56 34.71
C VAL H 213 46.86 -37.63 34.74
N LEU H 214 46.44 -38.08 33.55
CA LEU H 214 45.44 -39.13 33.45
C LEU H 214 46.04 -40.49 33.79
N TYR H 215 47.30 -40.74 33.38
CA TYR H 215 47.97 -41.99 33.73
C TYR H 215 48.37 -41.99 35.20
N TRP H 216 48.43 -40.80 35.82
CA TRP H 216 48.78 -40.69 37.23
C TRP H 216 47.53 -40.63 38.11
N CYS H 217 46.36 -40.64 37.45
CA CYS H 217 45.05 -40.65 38.07
C CYS H 217 44.62 -42.09 38.39
N ARG H 218 45.41 -43.07 37.91
CA ARG H 218 45.16 -44.47 38.20
C ARG H 218 46.20 -44.97 39.21
N ARG H 219 46.79 -44.03 39.95
CA ARG H 219 47.75 -44.36 41.00
C ARG H 219 47.11 -44.12 42.36
N THR H 220 47.90 -44.35 43.42
CA THR H 220 47.44 -44.35 44.81
C THR H 220 48.41 -43.53 45.68
N ASP H 221 48.22 -42.20 45.66
CA ASP H 221 49.04 -41.26 46.42
C ASP H 221 48.28 -39.95 46.58
N PRO H 222 47.95 -39.52 47.82
CA PRO H 222 47.14 -38.33 48.06
C PRO H 222 47.56 -37.12 47.22
N ALA H 223 48.83 -36.71 47.39
CA ALA H 223 49.39 -35.54 46.73
C ALA H 223 49.35 -35.68 45.21
N LEU H 224 49.80 -36.84 44.70
CA LEU H 224 49.70 -37.14 43.28
C LEU H 224 48.26 -36.95 42.81
N LEU H 225 47.32 -37.60 43.51
CA LEU H 225 45.91 -37.60 43.13
C LEU H 225 45.32 -36.20 43.25
N ARG H 226 45.60 -35.51 44.36
CA ARG H 226 45.13 -34.16 44.60
C ARG H 226 45.57 -33.28 43.42
N HIS H 227 46.86 -33.39 43.07
CA HIS H 227 47.45 -32.63 41.99
C HIS H 227 46.75 -32.93 40.67
N CYS H 228 46.61 -34.22 40.33
CA CYS H 228 45.97 -34.61 39.10
C CYS H 228 44.59 -33.98 38.99
N ALA H 229 43.83 -34.03 40.08
CA ALA H 229 42.47 -33.49 40.16
C ALA H 229 42.49 -31.99 39.89
N LEU H 230 43.40 -31.28 40.57
CA LEU H 230 43.53 -29.84 40.44
C LEU H 230 43.90 -29.47 39.01
N ALA H 231 44.76 -30.29 38.38
CA ALA H 231 45.23 -30.11 37.02
C ALA H 231 44.06 -30.14 36.05
N LEU H 232 43.40 -31.33 35.93
CA LEU H 232 42.23 -31.55 35.09
C LEU H 232 41.19 -30.47 35.35
N GLY H 233 41.19 -29.92 36.58
CA GLY H 233 40.38 -28.79 36.97
C GLY H 233 40.75 -27.55 36.14
N ASN H 234 41.99 -27.10 36.35
CA ASN H 234 42.62 -25.95 35.70
C ASN H 234 42.54 -26.09 34.18
N CYS H 235 42.82 -27.32 33.71
CA CYS H 235 42.87 -27.67 32.30
C CYS H 235 41.51 -27.47 31.64
N ALA H 236 40.44 -27.85 32.37
CA ALA H 236 39.07 -27.72 31.93
C ALA H 236 38.67 -26.25 31.94
N LEU H 237 39.14 -25.53 32.94
CA LEU H 237 38.72 -24.16 33.17
C LEU H 237 39.42 -23.22 32.19
N HIS H 238 40.77 -23.25 32.20
CA HIS H 238 41.64 -22.28 31.53
C HIS H 238 41.74 -22.54 30.03
N GLY H 239 41.79 -23.82 29.66
CA GLY H 239 41.77 -24.26 28.26
C GLY H 239 40.46 -23.89 27.56
N GLY H 240 40.50 -23.91 26.22
CA GLY H 240 39.36 -23.55 25.39
C GLY H 240 38.40 -24.72 25.19
N GLN H 241 37.37 -24.47 24.38
CA GLN H 241 36.47 -25.47 23.81
C GLN H 241 37.27 -26.71 23.40
N ALA H 242 38.34 -26.46 22.62
CA ALA H 242 39.13 -27.48 21.97
C ALA H 242 39.76 -28.42 22.98
N VAL H 243 40.47 -27.83 23.96
CA VAL H 243 41.14 -28.49 25.07
C VAL H 243 40.17 -29.45 25.75
N GLN H 244 38.98 -28.93 26.07
CA GLN H 244 37.91 -29.60 26.81
C GLN H 244 37.43 -30.82 26.05
N ARG H 245 37.01 -30.63 24.79
CA ARG H 245 36.60 -31.73 23.91
C ARG H 245 37.64 -32.85 23.98
N ARG H 246 38.92 -32.47 23.89
CA ARG H 246 39.99 -33.45 23.84
C ARG H 246 40.02 -34.25 25.14
N MET H 247 39.84 -33.58 26.30
CA MET H 247 39.87 -34.23 27.60
C MET H 247 38.82 -35.33 27.68
N VAL H 248 37.58 -34.99 27.32
CA VAL H 248 36.42 -35.85 27.41
C VAL H 248 36.60 -37.03 26.45
N GLU H 249 37.26 -36.78 25.32
CA GLU H 249 37.51 -37.77 24.29
C GLU H 249 38.75 -38.58 24.64
N LYS H 250 39.52 -38.11 25.64
CA LYS H 250 40.64 -38.86 26.19
C LYS H 250 40.16 -39.77 27.32
N ARG H 251 38.84 -39.72 27.59
CA ARG H 251 38.10 -40.40 28.65
C ARG H 251 38.53 -39.86 30.02
N ALA H 252 38.49 -38.53 30.15
CA ALA H 252 38.94 -37.86 31.37
C ALA H 252 37.82 -37.82 32.41
N ALA H 253 36.56 -37.78 31.95
CA ALA H 253 35.39 -37.72 32.83
C ALA H 253 35.30 -39.00 33.67
N GLU H 254 35.49 -40.15 33.00
CA GLU H 254 35.40 -41.48 33.60
C GLU H 254 36.62 -41.75 34.48
N TRP H 255 37.66 -40.92 34.32
CA TRP H 255 38.90 -41.13 35.06
C TRP H 255 38.91 -40.32 36.34
N LEU H 256 38.00 -39.35 36.44
CA LEU H 256 37.83 -38.56 37.66
C LEU H 256 37.02 -39.36 38.68
N PHE H 257 36.35 -40.43 38.23
CA PHE H 257 35.50 -41.24 39.09
C PHE H 257 36.27 -41.73 40.32
N PRO H 258 37.42 -42.45 40.19
CA PRO H 258 38.23 -42.81 41.35
C PRO H 258 38.41 -41.70 42.37
N LEU H 259 38.76 -40.49 41.90
CA LEU H 259 39.00 -39.36 42.80
C LEU H 259 37.71 -38.94 43.52
N ALA H 260 36.59 -38.86 42.80
CA ALA H 260 35.34 -38.39 43.39
C ALA H 260 34.70 -39.50 44.24
N PHE H 261 35.15 -40.74 44.05
CA PHE H 261 34.58 -41.88 44.76
C PHE H 261 35.60 -42.42 45.75
N SER H 262 35.91 -41.61 46.77
CA SER H 262 36.88 -41.96 47.80
C SER H 262 36.58 -41.16 49.07
N LYS H 263 35.64 -41.70 49.86
CA LYS H 263 35.18 -41.08 51.11
C LYS H 263 36.37 -40.72 52.01
N GLU H 264 37.49 -41.45 51.81
CA GLU H 264 38.74 -41.29 52.53
C GLU H 264 39.21 -39.84 52.51
N ASP H 265 39.21 -39.21 51.33
CA ASP H 265 39.67 -37.84 51.14
C ASP H 265 38.51 -36.97 50.67
N GLU H 266 38.18 -35.95 51.46
CA GLU H 266 37.01 -35.11 51.22
C GLU H 266 37.37 -33.97 50.28
N LEU H 267 38.59 -33.42 50.44
CA LEU H 267 39.05 -32.29 49.66
C LEU H 267 39.37 -32.72 48.22
N LEU H 268 40.00 -33.90 48.08
CA LEU H 268 40.24 -34.51 46.78
C LEU H 268 38.94 -34.55 45.98
N ARG H 269 37.88 -35.08 46.62
CA ARG H 269 36.55 -35.24 46.04
C ARG H 269 36.04 -33.90 45.53
N LEU H 270 36.00 -32.89 46.41
CA LEU H 270 35.51 -31.56 46.09
C LEU H 270 36.19 -31.01 44.84
N HIS H 271 37.51 -31.21 44.74
CA HIS H 271 38.35 -30.76 43.64
C HIS H 271 38.01 -31.52 42.36
N ALA H 272 37.93 -32.85 42.50
CA ALA H 272 37.58 -33.80 41.46
C ALA H 272 36.22 -33.44 40.87
N CYS H 273 35.30 -33.03 41.75
CA CYS H 273 33.95 -32.76 41.31
C CYS H 273 33.84 -31.36 40.71
N LEU H 274 34.60 -30.39 41.25
CA LEU H 274 34.64 -29.07 40.62
C LEU H 274 35.03 -29.19 39.15
N ALA H 275 35.95 -30.13 38.89
CA ALA H 275 36.47 -30.40 37.56
C ALA H 275 35.38 -30.95 36.64
N VAL H 276 34.80 -32.11 36.98
CA VAL H 276 33.78 -32.79 36.18
C VAL H 276 32.55 -31.89 36.01
N ALA H 277 32.28 -31.04 37.01
CA ALA H 277 31.15 -30.13 36.97
C ALA H 277 31.35 -29.09 35.88
N VAL H 278 32.59 -28.59 35.74
CA VAL H 278 32.84 -27.55 34.75
C VAL H 278 32.78 -28.15 33.35
N LEU H 279 33.17 -29.42 33.21
CA LEU H 279 33.11 -30.08 31.91
C LEU H 279 31.67 -30.20 31.41
N ALA H 280 30.72 -30.36 32.35
CA ALA H 280 29.31 -30.58 32.03
C ALA H 280 28.61 -29.29 31.63
N THR H 281 29.25 -28.15 31.91
CA THR H 281 28.72 -26.86 31.49
C THR H 281 28.88 -26.69 29.98
N ASN H 282 29.93 -27.31 29.40
CA ASN H 282 30.21 -27.38 27.96
C ASN H 282 29.13 -28.24 27.29
N LYS H 283 28.12 -27.56 26.72
CA LYS H 283 26.89 -28.19 26.28
C LYS H 283 27.20 -29.27 25.24
N GLU H 284 28.10 -28.94 24.31
CA GLU H 284 28.68 -29.81 23.30
C GLU H 284 29.22 -31.14 23.85
N VAL H 285 29.75 -31.15 25.08
CA VAL H 285 30.27 -32.42 25.57
C VAL H 285 29.48 -32.88 26.78
N GLU H 286 28.33 -32.25 27.02
CA GLU H 286 27.57 -32.47 28.23
C GLU H 286 27.30 -33.96 28.44
N ARG H 287 26.75 -34.60 27.39
CA ARG H 287 26.19 -35.94 27.43
C ARG H 287 27.26 -36.96 27.81
N GLU H 288 28.45 -36.80 27.23
CA GLU H 288 29.57 -37.70 27.42
C GLU H 288 30.02 -37.69 28.89
N VAL H 289 29.90 -36.52 29.55
CA VAL H 289 30.27 -36.35 30.94
C VAL H 289 29.18 -36.98 31.80
N GLU H 290 27.93 -36.88 31.33
CA GLU H 290 26.75 -37.36 32.04
C GLU H 290 26.77 -38.89 32.11
N ARG H 291 27.05 -39.51 30.96
CA ARG H 291 27.04 -40.96 30.82
C ARG H 291 28.27 -41.58 31.49
N SER H 292 29.25 -40.74 31.86
CA SER H 292 30.46 -41.21 32.51
C SER H 292 30.14 -41.80 33.89
N GLY H 293 29.11 -41.24 34.53
CA GLY H 293 28.62 -41.67 35.84
C GLY H 293 29.07 -40.75 36.96
N THR H 294 30.20 -40.07 36.75
CA THR H 294 30.81 -39.19 37.74
C THR H 294 29.95 -37.95 37.95
N LEU H 295 28.98 -37.72 37.07
CA LEU H 295 28.22 -36.49 37.24
C LEU H 295 27.12 -36.64 38.29
N ALA H 296 26.61 -37.86 38.47
CA ALA H 296 25.59 -38.15 39.48
C ALA H 296 26.19 -38.06 40.89
N LEU H 297 27.52 -38.17 40.96
CA LEU H 297 28.27 -38.37 42.18
C LEU H 297 28.55 -37.03 42.88
N VAL H 298 28.09 -35.93 42.29
CA VAL H 298 28.47 -34.58 42.72
C VAL H 298 27.59 -34.13 43.89
N GLU H 299 26.26 -34.19 43.68
CA GLU H 299 25.25 -33.57 44.53
C GLU H 299 25.33 -34.08 45.98
N PRO H 300 25.31 -35.41 46.27
CA PRO H 300 25.60 -35.93 47.61
C PRO H 300 26.77 -35.26 48.33
N LEU H 301 27.87 -35.04 47.61
CA LEU H 301 29.11 -34.53 48.18
C LEU H 301 28.92 -33.11 48.72
N VAL H 302 28.24 -32.26 47.94
CA VAL H 302 28.07 -30.86 48.34
C VAL H 302 27.21 -30.80 49.60
N ALA H 303 26.36 -31.82 49.81
CA ALA H 303 25.51 -31.88 51.00
C ALA H 303 26.34 -32.20 52.23
N SER H 304 27.25 -33.17 52.10
CA SER H 304 28.08 -33.68 53.20
C SER H 304 28.85 -32.54 53.86
N LEU H 305 29.68 -31.84 53.07
CA LEU H 305 30.62 -30.85 53.57
C LEU H 305 29.88 -29.57 53.95
N ASP H 306 30.58 -28.70 54.71
CA ASP H 306 30.09 -27.38 55.05
C ASP H 306 30.99 -26.32 54.43
N PRO H 307 30.44 -25.35 53.65
CA PRO H 307 31.22 -24.25 53.06
C PRO H 307 32.13 -23.52 54.04
N GLY H 308 31.63 -23.25 55.25
CA GLY H 308 32.40 -22.66 56.33
C GLY H 308 33.67 -23.46 56.64
N ARG H 309 33.49 -24.78 56.83
CA ARG H 309 34.56 -25.72 57.14
C ARG H 309 35.64 -25.67 56.07
N PHE H 310 35.24 -25.66 54.79
CA PHE H 310 36.22 -25.65 53.72
C PHE H 310 36.71 -24.24 53.41
N ALA H 311 36.01 -23.22 53.94
CA ALA H 311 36.44 -21.84 53.85
C ALA H 311 37.73 -21.64 54.63
N ARG H 312 37.82 -22.28 55.81
CA ARG H 312 39.00 -22.25 56.67
C ARG H 312 40.17 -22.92 55.94
N CYS H 313 39.85 -24.02 55.25
CA CYS H 313 40.81 -24.81 54.48
C CYS H 313 41.16 -24.11 53.17
N LEU H 314 40.48 -22.99 52.89
CA LEU H 314 40.71 -22.20 51.68
C LEU H 314 41.52 -20.94 52.01
N VAL H 315 41.54 -20.55 53.30
CA VAL H 315 42.41 -19.49 53.79
C VAL H 315 43.87 -19.87 53.52
N ASP H 316 44.22 -21.13 53.81
CA ASP H 316 45.58 -21.64 53.69
C ASP H 316 45.71 -22.51 52.43
N ALA H 317 45.14 -22.02 51.31
CA ALA H 317 45.30 -22.64 50.01
C ALA H 317 46.61 -22.20 49.36
N SER H 318 47.24 -21.18 49.96
CA SER H 318 48.50 -20.59 49.55
C SER H 318 48.43 -20.05 48.11
N ASP H 319 47.19 -19.84 47.62
CA ASP H 319 46.88 -19.38 46.28
C ASP H 319 47.60 -20.25 45.24
N THR H 320 47.92 -21.49 45.64
CA THR H 320 48.59 -22.48 44.80
C THR H 320 47.60 -23.56 44.37
N SER H 321 46.68 -23.92 45.29
CA SER H 321 45.61 -24.86 45.01
C SER H 321 44.41 -24.11 44.43
N GLN H 322 43.65 -23.44 45.29
CA GLN H 322 42.49 -22.64 44.90
C GLN H 322 42.32 -21.50 45.93
N GLY H 323 43.23 -20.52 45.85
CA GLY H 323 43.21 -19.35 46.71
C GLY H 323 42.12 -18.36 46.32
N ARG H 324 41.56 -17.69 47.34
CA ARG H 324 40.52 -16.68 47.20
C ARG H 324 41.03 -15.55 46.29
N GLY H 325 40.17 -15.15 45.33
CA GLY H 325 40.52 -14.11 44.39
C GLY H 325 39.38 -13.80 43.40
N PRO H 326 39.26 -12.52 42.95
CA PRO H 326 38.25 -12.13 41.96
C PRO H 326 38.22 -12.93 40.65
N ASP H 327 39.35 -13.58 40.34
CA ASP H 327 39.46 -14.47 39.19
C ASP H 327 38.52 -15.66 39.37
N ASP H 328 38.74 -16.43 40.45
CA ASP H 328 38.01 -17.66 40.73
C ASP H 328 36.51 -17.40 40.77
N LEU H 329 36.13 -16.26 41.37
CA LEU H 329 34.74 -15.88 41.49
C LEU H 329 34.10 -15.69 40.13
N GLN H 330 34.78 -15.00 39.21
CA GLN H 330 34.23 -14.74 37.88
C GLN H 330 34.22 -16.02 37.04
N ARG H 331 34.91 -17.06 37.52
CA ARG H 331 34.97 -18.34 36.84
C ARG H 331 34.07 -19.38 37.51
N LEU H 332 33.49 -19.02 38.66
CA LEU H 332 32.48 -19.87 39.27
C LEU H 332 31.11 -19.46 38.76
N VAL H 333 30.91 -18.15 38.54
CA VAL H 333 29.60 -17.62 38.18
C VAL H 333 28.97 -18.40 37.00
N PRO H 334 29.71 -18.72 35.91
CA PRO H 334 29.27 -19.70 34.91
C PRO H 334 28.54 -20.95 35.39
N LEU H 335 29.13 -21.65 36.37
CA LEU H 335 28.52 -22.80 37.01
C LEU H 335 27.18 -22.44 37.63
N LEU H 336 27.17 -21.44 38.53
CA LEU H 336 25.96 -21.00 39.22
C LEU H 336 24.87 -20.66 38.20
N ASP H 337 25.29 -20.48 36.95
CA ASP H 337 24.42 -19.94 35.94
C ASP H 337 24.17 -20.96 34.83
N SER H 338 24.39 -22.25 35.10
CA SER H 338 24.30 -23.29 34.08
C SER H 338 22.91 -23.94 34.05
N ASN H 339 22.79 -25.00 33.23
CA ASN H 339 21.63 -25.86 33.19
C ASN H 339 21.75 -26.94 34.25
N ARG H 340 22.92 -27.61 34.26
CA ARG H 340 23.20 -28.72 35.14
C ARG H 340 23.11 -28.25 36.58
N LEU H 341 22.39 -29.02 37.41
CA LEU H 341 22.25 -28.67 38.81
C LEU H 341 23.40 -29.27 39.61
N GLU H 342 24.16 -30.18 38.97
CA GLU H 342 25.39 -30.73 39.55
C GLU H 342 26.48 -29.66 39.54
N ALA H 343 26.34 -28.71 38.61
CA ALA H 343 27.25 -27.59 38.44
C ALA H 343 26.82 -26.43 39.34
N GLN H 344 25.50 -26.17 39.39
CA GLN H 344 24.90 -25.12 40.20
C GLN H 344 25.04 -25.43 41.69
N CYS H 345 25.28 -26.71 42.02
CA CYS H 345 25.58 -27.13 43.39
C CYS H 345 27.04 -26.82 43.72
N ILE H 346 27.97 -27.37 42.92
CA ILE H 346 29.40 -27.09 43.07
C ILE H 346 29.64 -25.59 42.97
N GLY H 347 28.95 -24.92 42.05
CA GLY H 347 28.84 -23.47 41.96
C GLY H 347 28.60 -22.82 43.31
N ALA H 348 27.39 -22.99 43.86
CA ALA H 348 27.00 -22.38 45.12
C ALA H 348 27.95 -22.78 46.24
N PHE H 349 28.31 -24.07 46.35
CA PHE H 349 29.15 -24.53 47.45
C PHE H 349 30.39 -23.67 47.61
N TYR H 350 31.11 -23.49 46.49
CA TYR H 350 32.38 -22.77 46.41
C TYR H 350 32.15 -21.27 46.63
N LEU H 351 31.20 -20.69 45.89
CA LEU H 351 30.92 -19.27 45.99
C LEU H 351 30.46 -18.89 47.41
N CYS H 352 29.94 -19.88 48.14
CA CYS H 352 29.55 -19.77 49.53
C CYS H 352 30.76 -19.85 50.46
N ALA H 353 31.74 -20.73 50.16
CA ALA H 353 33.00 -20.83 50.88
C ALA H 353 33.77 -19.50 50.85
N GLU H 354 33.65 -18.79 49.72
CA GLU H 354 34.27 -17.49 49.54
C GLU H 354 33.41 -16.39 50.19
N ALA H 355 32.08 -16.53 50.14
CA ALA H 355 31.19 -15.58 50.79
C ALA H 355 31.48 -15.47 52.27
N ALA H 356 32.13 -16.52 52.83
CA ALA H 356 32.61 -16.53 54.20
C ALA H 356 33.86 -15.66 54.34
N ILE H 357 34.96 -16.08 53.72
CA ILE H 357 36.26 -15.42 53.80
C ILE H 357 36.14 -13.94 53.43
N LYS H 358 35.48 -13.64 52.32
CA LYS H 358 35.51 -12.30 51.74
C LYS H 358 34.76 -11.31 52.62
N SER H 359 33.73 -11.79 53.34
CA SER H 359 33.03 -10.97 54.32
C SER H 359 33.87 -10.77 55.59
N LEU H 360 34.70 -11.76 55.93
CA LEU H 360 35.63 -11.68 57.05
C LEU H 360 36.75 -10.68 56.75
N GLN H 361 37.10 -10.54 55.46
CA GLN H 361 38.11 -9.59 55.01
C GLN H 361 37.49 -8.24 54.69
N GLY H 362 36.16 -8.14 54.87
CA GLY H 362 35.39 -6.94 54.59
C GLY H 362 35.57 -6.44 53.15
N LYS H 363 35.50 -7.36 52.18
CA LYS H 363 35.56 -7.05 50.76
C LYS H 363 34.45 -7.80 50.01
N THR H 364 33.22 -7.35 50.26
CA THR H 364 32.01 -7.98 49.74
C THR H 364 31.75 -7.49 48.30
N LYS H 365 32.25 -6.27 48.01
CA LYS H 365 32.03 -5.54 46.77
C LYS H 365 32.39 -6.39 45.54
N VAL H 366 33.26 -7.39 45.75
CA VAL H 366 33.75 -8.31 44.73
C VAL H 366 32.56 -9.01 44.07
N PHE H 367 31.77 -9.73 44.89
CA PHE H 367 30.69 -10.59 44.44
C PHE H 367 29.67 -9.80 43.62
N SER H 368 29.31 -8.60 44.13
CA SER H 368 28.33 -7.74 43.49
C SER H 368 28.73 -7.46 42.04
N ASP H 369 30.03 -7.17 41.86
CA ASP H 369 30.63 -6.78 40.59
C ASP H 369 30.90 -8.00 39.72
N ILE H 370 31.13 -9.16 40.35
CA ILE H 370 31.41 -10.40 39.63
C ILE H 370 30.14 -10.90 38.96
N GLY H 371 28.99 -10.42 39.47
CA GLY H 371 27.66 -10.75 38.99
C GLY H 371 27.15 -12.06 39.60
N ALA H 372 27.47 -12.24 40.89
CA ALA H 372 27.26 -13.46 41.67
C ALA H 372 25.96 -13.36 42.47
N ILE H 373 25.70 -12.16 43.01
CA ILE H 373 24.55 -11.95 43.87
C ILE H 373 23.25 -12.22 43.10
N GLN H 374 23.06 -11.61 41.93
CA GLN H 374 21.81 -11.81 41.21
C GLN H 374 21.66 -13.28 40.78
N SER H 375 22.77 -13.92 40.40
CA SER H 375 22.79 -15.32 40.02
C SER H 375 22.32 -16.22 41.17
N LEU H 376 22.82 -15.93 42.39
CA LEU H 376 22.46 -16.66 43.61
C LEU H 376 20.98 -16.48 43.91
N LYS H 377 20.47 -15.27 43.69
CA LYS H 377 19.06 -14.99 43.93
C LYS H 377 18.20 -15.91 43.08
N ARG H 378 18.55 -16.11 41.79
CA ARG H 378 17.79 -16.99 40.92
C ARG H 378 17.81 -18.44 41.40
N LEU H 379 18.92 -18.88 42.00
CA LEU H 379 19.06 -20.24 42.49
C LEU H 379 18.18 -20.45 43.71
N VAL H 380 17.61 -19.35 44.22
CA VAL H 380 16.85 -19.44 45.45
C VAL H 380 15.40 -19.05 45.16
N SER H 381 15.17 -18.54 43.94
CA SER H 381 13.85 -18.11 43.51
C SER H 381 13.16 -19.26 42.81
N TYR H 382 13.81 -19.78 41.77
CA TYR H 382 13.25 -20.87 40.99
C TYR H 382 13.97 -22.17 41.35
N SER H 383 13.94 -22.53 42.63
CA SER H 383 14.64 -23.71 43.08
C SER H 383 13.67 -24.85 43.33
N THR H 384 14.23 -26.05 43.34
CA THR H 384 13.50 -27.29 43.50
C THR H 384 14.29 -28.13 44.50
N ASN H 385 15.60 -28.28 44.21
CA ASN H 385 16.56 -28.98 45.05
C ASN H 385 16.78 -28.23 46.36
N GLY H 386 16.80 -28.99 47.45
CA GLY H 386 17.03 -28.49 48.80
C GLY H 386 18.44 -27.94 48.97
N THR H 387 19.44 -28.73 48.54
CA THR H 387 20.86 -28.45 48.76
C THR H 387 21.25 -27.15 48.06
N LYS H 388 21.18 -27.14 46.72
CA LYS H 388 21.47 -26.00 45.88
C LYS H 388 20.76 -24.73 46.38
N SER H 389 19.73 -24.89 47.22
CA SER H 389 18.95 -23.75 47.67
C SER H 389 19.36 -23.33 49.08
N ALA H 390 19.64 -24.33 49.93
CA ALA H 390 20.25 -24.11 51.22
C ALA H 390 21.52 -23.28 51.04
N LEU H 391 22.40 -23.75 50.15
CA LEU H 391 23.69 -23.14 49.85
C LEU H 391 23.50 -21.70 49.42
N ALA H 392 22.52 -21.46 48.54
CA ALA H 392 22.22 -20.16 47.99
C ALA H 392 21.79 -19.20 49.10
N LYS H 393 20.88 -19.66 49.96
CA LYS H 393 20.41 -18.89 51.09
C LYS H 393 21.59 -18.49 51.96
N ARG H 394 22.42 -19.48 52.30
CA ARG H 394 23.58 -19.28 53.16
C ARG H 394 24.45 -18.16 52.58
N ALA H 395 24.84 -18.34 51.31
CA ALA H 395 25.74 -17.42 50.65
C ALA H 395 25.19 -16.01 50.71
N LEU H 396 23.90 -15.81 50.38
CA LEU H 396 23.33 -14.47 50.33
C LEU H 396 23.36 -13.84 51.72
N ARG H 397 23.13 -14.65 52.76
CA ARG H 397 23.19 -14.21 54.15
C ARG H 397 24.62 -13.85 54.54
N LEU H 398 25.58 -14.65 54.08
CA LEU H 398 27.00 -14.45 54.38
C LEU H 398 27.51 -13.15 53.76
N LEU H 399 26.94 -12.78 52.61
CA LEU H 399 27.22 -11.49 51.97
C LEU H 399 26.39 -10.40 52.62
N GLY H 400 25.30 -10.79 53.28
CA GLY H 400 24.48 -9.88 54.08
C GLY H 400 23.22 -9.45 53.36
N GLU H 401 23.28 -9.46 52.02
CA GLU H 401 22.17 -9.19 51.13
C GLU H 401 21.01 -10.11 51.52
N GLU H 402 19.81 -9.54 51.61
CA GLU H 402 18.60 -10.25 52.01
C GLU H 402 18.41 -11.49 51.15
N VAL H 403 17.91 -12.56 51.75
CA VAL H 403 17.70 -13.77 50.97
C VAL H 403 16.25 -13.79 50.46
N PRO H 404 16.04 -13.85 49.12
CA PRO H 404 14.71 -13.95 48.53
C PRO H 404 14.02 -15.25 48.89
N ARG H 405 12.73 -15.14 49.24
CA ARG H 405 11.86 -16.29 49.43
C ARG H 405 11.63 -16.94 48.06
N PRO H 406 11.52 -18.28 47.97
CA PRO H 406 11.21 -18.92 46.69
C PRO H 406 9.85 -18.47 46.17
N ILE H 407 9.70 -18.54 44.85
CA ILE H 407 8.50 -18.17 44.13
C ILE H 407 7.56 -19.38 44.13
N LEU H 408 6.26 -19.16 44.40
CA LEU H 408 5.23 -20.18 44.14
C LEU H 408 5.13 -20.42 42.63
N PRO H 409 5.17 -21.67 42.13
CA PRO H 409 5.40 -21.87 40.70
C PRO H 409 4.10 -21.80 39.91
N SER H 410 2.97 -21.87 40.62
CA SER H 410 1.68 -21.85 39.96
C SER H 410 1.37 -20.44 39.48
N VAL H 411 1.99 -20.03 38.38
CA VAL H 411 1.97 -18.61 38.11
C VAL H 411 0.56 -18.20 37.85
N PRO H 412 -0.23 -18.91 37.05
CA PRO H 412 -1.41 -18.32 36.46
C PRO H 412 -2.45 -18.10 37.56
N SER H 413 -2.25 -18.77 38.68
CA SER H 413 -3.11 -18.42 39.79
C SER H 413 -2.47 -17.43 40.76
N TRP H 414 -1.70 -16.44 40.29
CA TRP H 414 -0.99 -15.53 41.19
C TRP H 414 -1.82 -14.28 41.30
N LYS H 415 -1.82 -13.67 42.50
CA LYS H 415 -2.52 -12.41 42.64
C LYS H 415 -1.57 -11.24 42.42
N GLU H 416 -2.07 -10.03 42.48
CA GLU H 416 -1.18 -8.88 42.33
C GLU H 416 -0.05 -8.92 43.34
N ALA H 417 -0.29 -9.43 44.54
CA ALA H 417 0.80 -9.53 45.50
C ALA H 417 2.01 -10.34 45.00
N GLU H 418 1.77 -11.51 44.40
CA GLU H 418 2.91 -12.33 43.97
C GLU H 418 3.51 -11.69 42.74
N VAL H 419 2.78 -10.86 42.01
CA VAL H 419 3.52 -10.31 40.91
C VAL H 419 4.47 -9.28 41.47
N GLN H 420 4.09 -8.65 42.57
CA GLN H 420 5.04 -7.66 43.02
C GLN H 420 6.22 -8.38 43.61
N THR H 421 6.00 -9.58 44.12
CA THR H 421 7.20 -10.09 44.74
C THR H 421 8.25 -10.47 43.70
N TRP H 422 7.80 -11.05 42.61
CA TRP H 422 8.73 -11.49 41.60
C TRP H 422 9.30 -10.26 40.90
N LEU H 423 8.49 -9.26 40.61
CA LEU H 423 9.13 -8.04 40.13
C LEU H 423 10.30 -7.60 41.00
N GLN H 424 10.29 -7.92 42.28
CA GLN H 424 11.40 -7.46 43.09
C GLN H 424 12.58 -8.43 43.08
N GLN H 425 12.37 -9.65 42.64
CA GLN H 425 13.45 -10.58 42.88
C GLN H 425 14.19 -10.76 41.56
N ILE H 426 13.74 -10.02 40.56
CA ILE H 426 14.41 -10.12 39.28
C ILE H 426 14.91 -8.72 39.04
N GLY H 427 14.87 -7.97 40.15
CA GLY H 427 15.12 -6.54 40.21
C GLY H 427 14.57 -5.74 39.03
N PHE H 428 13.27 -5.66 39.00
CA PHE H 428 12.72 -4.55 38.28
C PHE H 428 11.87 -3.69 39.20
N SER H 429 12.39 -3.36 40.38
CA SER H 429 11.57 -2.61 41.31
C SER H 429 11.12 -1.25 40.76
N LYS H 430 11.93 -0.63 39.91
CA LYS H 430 11.49 0.62 39.31
C LYS H 430 10.04 0.48 38.86
N TYR H 431 9.63 -0.74 38.57
CA TYR H 431 8.40 -0.84 37.84
C TYR H 431 7.27 -1.33 38.70
N CYS H 432 7.57 -1.69 39.94
CA CYS H 432 6.54 -2.29 40.76
C CYS H 432 5.36 -1.35 40.82
N GLU H 433 5.61 -0.06 40.97
CA GLU H 433 4.48 0.82 41.12
C GLU H 433 3.56 0.71 39.91
N SER H 434 4.07 0.89 38.71
CA SER H 434 3.19 0.79 37.56
C SER H 434 2.49 -0.56 37.51
N PHE H 435 3.17 -1.62 37.91
CA PHE H 435 2.46 -2.88 37.87
C PHE H 435 1.32 -2.87 38.88
N ARG H 436 1.47 -2.24 40.06
CA ARG H 436 0.32 -2.22 40.97
C ARG H 436 -0.80 -1.31 40.47
N GLU H 437 -0.43 -0.22 39.83
CA GLU H 437 -1.46 0.72 39.48
C GLU H 437 -2.27 0.06 38.37
N GLN H 438 -1.65 -0.76 37.54
CA GLN H 438 -2.50 -1.36 36.53
C GLN H 438 -3.01 -2.74 36.94
N GLN H 439 -2.86 -3.04 38.23
CA GLN H 439 -3.21 -4.31 38.85
C GLN H 439 -2.99 -5.53 37.95
N VAL H 440 -1.80 -5.66 37.37
CA VAL H 440 -1.39 -6.88 36.71
C VAL H 440 -1.32 -7.99 37.75
N ASP H 441 -1.98 -9.11 37.47
CA ASP H 441 -1.84 -10.30 38.29
C ASP H 441 -1.27 -11.42 37.43
N GLY H 442 -1.32 -12.65 37.97
CA GLY H 442 -0.84 -13.84 37.30
C GLY H 442 -1.22 -13.99 35.83
N ASP H 443 -2.52 -13.92 35.53
CA ASP H 443 -2.92 -14.24 34.18
C ASP H 443 -2.36 -13.15 33.27
N LEU H 444 -2.39 -11.91 33.72
CA LEU H 444 -2.06 -10.88 32.78
C LEU H 444 -0.57 -10.90 32.51
N LEU H 445 0.19 -11.23 33.57
CA LEU H 445 1.62 -11.23 33.48
C LEU H 445 2.00 -12.16 32.37
N LEU H 446 1.52 -13.43 32.44
CA LEU H 446 1.85 -14.44 31.45
C LEU H 446 1.43 -14.04 30.06
N ARG H 447 0.70 -12.93 29.90
CA ARG H 447 0.20 -12.65 28.57
C ARG H 447 0.68 -11.30 28.07
N LEU H 448 1.70 -10.71 28.72
CA LEU H 448 2.04 -9.33 28.43
C LEU H 448 2.61 -9.26 27.03
N THR H 449 2.30 -8.19 26.32
CA THR H 449 2.88 -8.03 25.00
C THR H 449 3.93 -6.95 25.10
N GLU H 450 4.73 -6.77 24.04
CA GLU H 450 5.68 -5.67 24.03
C GLU H 450 4.94 -4.33 24.17
N GLU H 451 3.83 -4.19 23.43
CA GLU H 451 3.09 -2.95 23.38
C GLU H 451 2.61 -2.56 24.79
N GLU H 452 2.02 -3.50 25.50
CA GLU H 452 1.48 -3.20 26.82
C GLU H 452 2.61 -2.79 27.74
N LEU H 453 3.76 -3.42 27.52
CA LEU H 453 4.88 -3.23 28.40
C LEU H 453 5.38 -1.82 28.17
N GLN H 454 5.44 -1.44 26.90
CA GLN H 454 5.94 -0.14 26.52
C GLN H 454 4.99 0.94 27.01
N THR H 455 3.76 0.85 26.51
CA THR H 455 2.80 1.92 26.65
C THR H 455 2.23 1.99 28.06
N ASP H 456 1.71 0.85 28.53
CA ASP H 456 0.76 0.89 29.62
C ASP H 456 1.54 0.78 30.91
N LEU H 457 2.59 0.00 30.83
CA LEU H 457 3.37 -0.25 32.01
C LEU H 457 4.56 0.70 32.05
N GLY H 458 4.85 1.34 30.91
CA GLY H 458 5.82 2.43 30.89
C GLY H 458 7.30 2.04 30.96
N MET H 459 7.67 0.94 30.31
CA MET H 459 9.04 0.53 30.09
C MET H 459 9.51 1.09 28.75
N LYS H 460 10.06 2.31 28.78
CA LYS H 460 10.48 3.03 27.58
C LYS H 460 11.43 2.17 26.73
N SER H 461 12.56 1.72 27.31
CA SER H 461 13.72 1.16 26.60
C SER H 461 13.48 -0.20 25.96
N GLY H 462 13.65 -0.27 24.64
CA GLY H 462 13.72 -1.59 24.02
C GLY H 462 14.67 -2.56 24.73
N ILE H 463 15.83 -2.08 25.16
CA ILE H 463 16.75 -3.02 25.73
C ILE H 463 16.17 -3.47 27.05
N THR H 464 15.49 -2.56 27.72
CA THR H 464 14.92 -3.03 28.97
C THR H 464 13.77 -3.98 28.75
N ARG H 465 12.84 -3.62 27.86
CA ARG H 465 11.86 -4.62 27.51
C ARG H 465 12.51 -5.99 27.30
N LYS H 466 13.52 -6.01 26.45
CA LYS H 466 14.22 -7.26 26.20
C LYS H 466 14.74 -7.87 27.49
N ARG H 467 15.24 -7.10 28.47
CA ARG H 467 15.73 -7.91 29.57
C ARG H 467 14.54 -8.42 30.36
N PHE H 468 13.41 -7.69 30.32
CA PHE H 468 12.24 -8.08 31.06
C PHE H 468 11.79 -9.43 30.51
N PHE H 469 11.54 -9.43 29.20
CA PHE H 469 11.02 -10.63 28.60
C PHE H 469 11.91 -11.82 28.87
N ARG H 470 13.20 -11.59 28.87
CA ARG H 470 14.09 -12.70 29.16
C ARG H 470 13.77 -13.23 30.54
N GLU H 471 13.39 -12.37 31.48
CA GLU H 471 13.21 -12.87 32.82
C GLU H 471 11.88 -13.58 32.90
N LEU H 472 10.95 -13.08 32.08
CA LEU H 472 9.62 -13.62 32.06
C LEU H 472 9.64 -15.05 31.51
N THR H 473 10.28 -15.20 30.36
CA THR H 473 10.47 -16.51 29.78
C THR H 473 11.08 -17.48 30.77
N GLU H 474 12.02 -17.06 31.58
CA GLU H 474 12.44 -18.03 32.57
C GLU H 474 11.26 -18.43 33.48
N LEU H 475 10.40 -17.48 33.84
CA LEU H 475 9.30 -17.81 34.74
C LEU H 475 8.40 -18.81 34.05
N LYS H 476 7.92 -18.43 32.85
CA LYS H 476 6.96 -19.21 32.10
C LYS H 476 7.46 -20.62 31.97
N THR H 477 8.77 -20.79 31.95
CA THR H 477 9.28 -22.13 31.82
C THR H 477 9.27 -22.89 33.16
N PHE H 478 9.29 -22.18 34.27
CA PHE H 478 9.31 -22.92 35.52
C PHE H 478 7.87 -23.17 35.95
N ALA H 479 6.94 -22.44 35.37
CA ALA H 479 5.56 -22.42 35.85
C ALA H 479 4.94 -23.81 36.03
N ASN H 480 4.06 -23.93 37.02
CA ASN H 480 3.22 -25.11 37.11
C ASN H 480 1.88 -24.82 36.47
N TYR H 481 1.61 -25.40 35.33
CA TYR H 481 0.38 -24.98 34.71
C TYR H 481 -0.82 -25.91 34.94
N SER H 482 -0.86 -26.59 36.08
CA SER H 482 -1.79 -27.72 36.25
C SER H 482 -3.24 -27.29 36.22
N THR H 483 -3.52 -26.18 36.90
CA THR H 483 -4.86 -25.66 36.96
C THR H 483 -5.35 -25.30 35.56
N CYS H 484 -4.49 -25.11 34.58
CA CYS H 484 -5.10 -24.62 33.36
C CYS H 484 -4.90 -25.57 32.18
N ASP H 485 -4.25 -26.71 32.39
CA ASP H 485 -3.81 -27.49 31.23
C ASP H 485 -4.29 -28.94 31.35
N ARG H 486 -5.40 -29.27 30.69
CA ARG H 486 -5.99 -30.55 30.99
C ARG H 486 -5.28 -31.70 30.26
N SER H 487 -4.45 -31.36 29.28
CA SER H 487 -3.99 -32.37 28.33
C SER H 487 -2.47 -32.53 28.42
N ASN H 488 -1.90 -31.96 29.47
CA ASN H 488 -0.46 -31.85 29.68
C ASN H 488 0.24 -31.38 28.41
N LEU H 489 -0.29 -30.35 27.80
CA LEU H 489 0.36 -29.79 26.65
C LEU H 489 1.75 -29.29 27.04
N ALA H 490 1.88 -28.91 28.31
CA ALA H 490 3.18 -28.49 28.80
C ALA H 490 4.20 -29.59 28.52
N ASP H 491 3.87 -30.83 28.84
CA ASP H 491 4.94 -31.82 28.73
C ASP H 491 5.18 -32.16 27.28
N TRP H 492 4.14 -32.09 26.48
CA TRP H 492 4.36 -32.33 25.07
C TRP H 492 5.29 -31.26 24.53
N LEU H 493 4.93 -30.00 24.70
CA LEU H 493 5.78 -28.99 24.12
C LEU H 493 7.18 -29.17 24.68
N GLY H 494 7.24 -29.57 25.94
CA GLY H 494 8.52 -29.72 26.59
C GLY H 494 9.33 -30.87 26.02
N SER H 495 8.65 -31.81 25.38
CA SER H 495 9.45 -32.85 24.78
C SER H 495 10.08 -32.39 23.48
N LEU H 496 9.34 -31.76 22.56
CA LEU H 496 10.03 -31.18 21.42
C LEU H 496 11.37 -30.60 21.82
N ASP H 497 11.37 -29.77 22.87
CA ASP H 497 12.50 -28.93 23.20
C ASP H 497 12.16 -28.18 24.48
N PRO H 498 12.90 -28.39 25.59
CA PRO H 498 12.63 -27.72 26.86
C PRO H 498 12.40 -26.22 26.82
N ARG H 499 12.86 -25.58 25.76
CA ARG H 499 12.64 -24.17 25.67
C ARG H 499 11.24 -23.87 25.19
N PHE H 500 10.43 -24.89 24.94
CA PHE H 500 9.17 -24.62 24.26
C PHE H 500 8.08 -24.56 25.29
N ARG H 501 8.43 -25.14 26.43
CA ARG H 501 7.47 -25.25 27.49
C ARG H 501 6.91 -23.89 27.82
N GLN H 502 7.64 -22.85 27.43
CA GLN H 502 7.27 -21.49 27.77
C GLN H 502 6.02 -21.13 26.98
N TYR H 503 5.72 -21.84 25.90
CA TYR H 503 4.53 -21.44 25.18
C TYR H 503 3.28 -22.10 25.75
N THR H 504 3.39 -22.82 26.86
CA THR H 504 2.21 -23.53 27.26
C THR H 504 1.01 -22.62 27.39
N TYR H 505 1.13 -21.62 28.26
CA TYR H 505 -0.06 -20.86 28.60
C TYR H 505 -0.66 -20.22 27.35
N GLY H 506 0.18 -19.67 26.50
CA GLY H 506 -0.36 -19.12 25.28
C GLY H 506 -1.18 -20.10 24.43
N LEU H 507 -0.85 -21.39 24.51
CA LEU H 507 -1.59 -22.33 23.71
C LEU H 507 -2.82 -22.75 24.49
N VAL H 508 -2.71 -22.92 25.81
CA VAL H 508 -3.93 -23.39 26.46
C VAL H 508 -4.96 -22.28 26.57
N SER H 509 -4.60 -21.07 26.21
CA SER H 509 -5.55 -19.99 26.29
C SER H 509 -6.38 -19.89 25.02
N CYS H 510 -5.76 -20.08 23.86
CA CYS H 510 -6.52 -20.27 22.63
C CYS H 510 -7.26 -21.62 22.67
N GLY H 511 -7.18 -22.29 23.81
CA GLY H 511 -8.03 -23.45 23.99
C GLY H 511 -7.51 -24.73 23.35
N LEU H 512 -6.57 -24.65 22.40
CA LEU H 512 -5.91 -25.85 21.90
C LEU H 512 -5.58 -26.79 23.04
N ASP H 513 -5.75 -28.06 22.76
CA ASP H 513 -5.31 -29.10 23.65
C ASP H 513 -4.61 -30.08 22.74
N ARG H 514 -4.17 -31.21 23.32
CA ARG H 514 -3.42 -32.19 22.56
C ARG H 514 -4.22 -32.67 21.36
N SER H 515 -5.50 -32.99 21.56
CA SER H 515 -6.31 -33.49 20.46
C SER H 515 -6.49 -32.46 19.35
N LEU H 516 -6.40 -31.16 19.63
CA LEU H 516 -6.77 -30.24 18.57
C LEU H 516 -5.53 -29.82 17.83
N LEU H 517 -4.39 -30.28 18.32
CA LEU H 517 -3.19 -29.56 17.97
C LEU H 517 -2.89 -29.82 16.51
N HIS H 518 -3.25 -31.05 16.07
CA HIS H 518 -3.00 -31.52 14.72
C HIS H 518 -3.61 -30.63 13.63
N ARG H 519 -4.38 -29.61 14.02
CA ARG H 519 -5.18 -28.88 13.05
C ARG H 519 -4.78 -27.40 12.95
N VAL H 520 -3.84 -26.95 13.78
CA VAL H 520 -3.59 -25.52 13.92
C VAL H 520 -2.79 -25.06 12.70
N SER H 521 -2.83 -23.77 12.40
CA SER H 521 -2.08 -23.26 11.27
C SER H 521 -0.90 -22.45 11.79
N GLU H 522 0.08 -22.18 10.92
CA GLU H 522 1.18 -21.28 11.24
C GLU H 522 0.63 -19.94 11.68
N GLN H 523 -0.45 -19.50 11.03
CA GLN H 523 -0.94 -18.17 11.34
C GLN H 523 -1.48 -18.13 12.77
N GLN H 524 -2.37 -19.08 13.09
CA GLN H 524 -2.85 -19.18 14.45
C GLN H 524 -1.70 -19.14 15.45
N LEU H 525 -0.71 -20.04 15.30
CA LEU H 525 0.37 -20.07 16.28
C LEU H 525 0.95 -18.69 16.45
N LEU H 526 0.99 -17.93 15.37
CA LEU H 526 1.66 -16.65 15.45
C LEU H 526 0.78 -15.66 16.19
N GLU H 527 -0.46 -15.48 15.71
CA GLU H 527 -1.29 -14.39 16.21
C GLU H 527 -1.95 -14.81 17.51
N ASP H 528 -2.76 -15.85 17.44
CA ASP H 528 -3.47 -16.34 18.61
C ASP H 528 -2.49 -16.59 19.74
N CYS H 529 -1.55 -17.52 19.56
CA CYS H 529 -0.87 -18.08 20.73
C CYS H 529 0.40 -17.32 21.04
N GLY H 530 0.71 -16.36 20.16
CA GLY H 530 1.82 -15.44 20.33
C GLY H 530 3.19 -16.13 20.32
N ILE H 531 3.34 -17.20 19.55
CA ILE H 531 4.68 -17.71 19.33
C ILE H 531 5.32 -16.86 18.24
N HIS H 532 6.46 -16.23 18.55
CA HIS H 532 6.93 -15.14 17.72
C HIS H 532 8.00 -15.57 16.74
N LEU H 533 8.90 -16.44 17.22
CA LEU H 533 9.97 -17.00 16.42
C LEU H 533 9.45 -18.00 15.40
N GLY H 534 9.46 -17.60 14.12
CA GLY H 534 9.13 -18.51 13.03
C GLY H 534 9.74 -19.92 13.21
N VAL H 535 10.97 -19.97 13.71
CA VAL H 535 11.67 -21.23 13.66
C VAL H 535 10.93 -22.13 14.62
N HIS H 536 10.54 -21.51 15.73
CA HIS H 536 9.90 -22.24 16.79
C HIS H 536 8.53 -22.68 16.32
N ARG H 537 7.79 -21.78 15.64
CA ARG H 537 6.46 -22.13 15.14
C ARG H 537 6.58 -23.42 14.35
N ALA H 538 7.31 -23.27 13.26
CA ALA H 538 7.63 -24.37 12.39
C ALA H 538 7.97 -25.63 13.16
N ARG H 539 8.81 -25.63 14.19
CA ARG H 539 9.02 -26.95 14.78
C ARG H 539 7.78 -27.46 15.47
N ILE H 540 6.98 -26.57 16.10
CA ILE H 540 5.85 -27.03 16.91
C ILE H 540 4.86 -27.63 15.94
N LEU H 541 4.68 -26.88 14.86
CA LEU H 541 3.65 -27.15 13.90
C LEU H 541 3.86 -28.51 13.26
N THR H 542 5.06 -28.72 12.75
CA THR H 542 5.53 -30.02 12.34
C THR H 542 5.29 -31.12 13.36
N ALA H 543 5.63 -30.91 14.62
CA ALA H 543 5.47 -32.06 15.46
C ALA H 543 4.00 -32.27 15.72
N ALA H 544 3.22 -31.20 15.55
CA ALA H 544 1.79 -31.34 15.67
C ALA H 544 1.28 -32.32 14.63
N ARG H 545 1.75 -32.13 13.39
CA ARG H 545 1.20 -32.89 12.28
C ARG H 545 1.65 -34.34 12.34
N GLU H 546 2.70 -34.65 13.12
CA GLU H 546 3.06 -36.03 13.38
C GLU H 546 2.18 -36.61 14.47
N MET H 547 1.46 -35.74 15.18
CA MET H 547 0.49 -36.14 16.20
C MET H 547 -0.88 -36.36 15.56
N LEU H 548 -0.98 -36.16 14.24
CA LEU H 548 -2.21 -36.42 13.52
C LEU H 548 -2.52 -37.92 13.63
N HIS H 549 -1.51 -38.75 13.36
CA HIS H 549 -1.59 -40.20 13.47
C HIS H 549 -1.22 -40.68 14.87
N SER H 550 -0.69 -39.75 15.70
CA SER H 550 -0.33 -40.06 17.08
C SER H 550 -1.07 -39.13 18.06
N PRO H 551 -2.42 -39.15 18.16
CA PRO H 551 -3.14 -38.21 19.02
C PRO H 551 -3.01 -38.54 20.50
N ASP H 562 -29.70 -47.45 35.54
CA ASP H 562 -30.45 -48.29 36.51
C ASP H 562 -29.75 -49.62 36.73
N THR H 563 -28.67 -49.88 35.96
CA THR H 563 -27.97 -51.16 35.97
C THR H 563 -26.50 -50.99 36.38
N PRO H 564 -26.18 -50.91 37.69
CA PRO H 564 -24.84 -51.18 38.17
C PRO H 564 -24.62 -52.69 38.26
N ASP H 565 -23.35 -53.10 38.23
CA ASP H 565 -22.98 -54.51 38.37
C ASP H 565 -23.46 -55.03 39.73
N VAL H 566 -23.20 -54.24 40.78
CA VAL H 566 -23.48 -54.62 42.16
C VAL H 566 -24.29 -53.50 42.83
N PHE H 567 -25.06 -53.87 43.86
CA PHE H 567 -25.63 -52.93 44.81
C PHE H 567 -25.35 -53.40 46.24
N ILE H 568 -24.90 -52.46 47.07
CA ILE H 568 -24.68 -52.69 48.49
C ILE H 568 -25.78 -52.01 49.31
N SER H 569 -26.58 -52.83 49.99
CA SER H 569 -27.62 -52.40 50.91
C SER H 569 -27.21 -52.68 52.35
N TYR H 570 -27.46 -51.71 53.25
CA TYR H 570 -26.91 -51.72 54.59
C TYR H 570 -27.52 -50.58 55.41
N ARG H 571 -27.35 -50.67 56.74
CA ARG H 571 -27.75 -49.66 57.70
C ARG H 571 -26.70 -48.56 57.74
N ARG H 572 -27.12 -47.32 57.44
CA ARG H 572 -26.21 -46.18 57.40
C ARG H 572 -25.57 -45.94 58.77
N ASN H 573 -26.25 -46.40 59.83
CA ASN H 573 -25.80 -46.19 61.20
C ASN H 573 -24.73 -47.20 61.59
N SER H 574 -24.77 -48.42 61.00
CA SER H 574 -23.93 -49.51 61.47
C SER H 574 -22.97 -50.02 60.39
N GLY H 575 -23.50 -50.27 59.18
CA GLY H 575 -22.76 -50.91 58.10
C GLY H 575 -22.19 -49.93 57.08
N SER H 576 -22.27 -48.62 57.39
CA SER H 576 -21.79 -47.54 56.53
C SER H 576 -20.32 -47.75 56.16
N GLN H 577 -19.54 -48.22 57.14
CA GLN H 577 -18.11 -48.45 56.98
C GLN H 577 -17.88 -49.52 55.92
N LEU H 578 -18.38 -50.74 56.19
CA LEU H 578 -18.16 -51.89 55.33
C LEU H 578 -18.63 -51.59 53.90
N ALA H 579 -19.77 -50.90 53.78
CA ALA H 579 -20.40 -50.51 52.52
C ALA H 579 -19.38 -49.88 51.58
N SER H 580 -18.84 -48.73 52.00
CA SER H 580 -17.86 -47.96 51.24
C SER H 580 -16.67 -48.84 50.88
N LEU H 581 -16.08 -49.46 51.90
CA LEU H 581 -14.91 -50.33 51.82
C LEU H 581 -15.04 -51.32 50.67
N LEU H 582 -16.18 -52.04 50.64
CA LEU H 582 -16.51 -53.02 49.61
C LEU H 582 -16.55 -52.36 48.24
N LYS H 583 -17.34 -51.28 48.11
CA LYS H 583 -17.49 -50.53 46.87
C LYS H 583 -16.13 -50.25 46.25
N VAL H 584 -15.24 -49.61 47.04
CA VAL H 584 -13.88 -49.27 46.64
C VAL H 584 -13.22 -50.51 46.07
N HIS H 585 -13.09 -51.55 46.90
CA HIS H 585 -12.42 -52.80 46.59
C HIS H 585 -12.97 -53.39 45.29
N LEU H 586 -14.30 -53.40 45.16
CA LEU H 586 -14.95 -54.00 44.00
C LEU H 586 -14.73 -53.13 42.76
N GLN H 587 -14.66 -51.80 42.95
CA GLN H 587 -14.48 -50.87 41.84
C GLN H 587 -13.07 -51.01 41.27
N LEU H 588 -12.08 -51.18 42.16
CA LEU H 588 -10.72 -51.54 41.78
C LEU H 588 -10.74 -52.79 40.91
N HIS H 589 -11.61 -53.75 41.27
CA HIS H 589 -11.64 -55.07 40.65
C HIS H 589 -12.62 -55.13 39.47
N GLY H 590 -13.09 -53.96 39.02
CA GLY H 590 -13.80 -53.83 37.75
C GLY H 590 -15.31 -54.06 37.85
N PHE H 591 -15.87 -53.94 39.05
CA PHE H 591 -17.31 -53.88 39.25
C PHE H 591 -17.73 -52.43 39.49
N SER H 592 -18.70 -51.97 38.70
CA SER H 592 -19.43 -50.74 38.97
C SER H 592 -20.45 -51.03 40.06
N VAL H 593 -20.33 -50.30 41.18
CA VAL H 593 -21.15 -50.58 42.35
C VAL H 593 -22.09 -49.40 42.61
N PHE H 594 -23.14 -49.69 43.38
CA PHE H 594 -24.09 -48.70 43.87
C PHE H 594 -24.26 -48.89 45.38
N ILE H 595 -24.53 -47.77 46.07
CA ILE H 595 -24.56 -47.72 47.51
C ILE H 595 -25.94 -47.24 47.95
N ASP H 596 -26.37 -47.72 49.13
CA ASP H 596 -27.64 -47.42 49.75
C ASP H 596 -27.58 -46.04 50.40
N VAL H 597 -27.56 -44.99 49.57
CA VAL H 597 -27.60 -43.62 50.07
C VAL H 597 -29.00 -43.40 50.65
N GLU H 598 -29.13 -43.70 51.95
CA GLU H 598 -30.38 -43.61 52.68
C GLU H 598 -30.53 -42.18 53.22
N LYS H 599 -31.25 -41.35 52.48
CA LYS H 599 -31.49 -39.95 52.83
C LYS H 599 -32.77 -39.45 52.15
N LEU H 600 -33.28 -40.24 51.19
CA LEU H 600 -34.28 -39.79 50.23
C LEU H 600 -35.56 -40.63 50.35
N GLU H 601 -36.70 -39.94 50.36
CA GLU H 601 -38.02 -40.53 50.55
C GLU H 601 -38.98 -40.13 49.43
N ALA H 602 -38.61 -39.06 48.70
CA ALA H 602 -39.45 -38.45 47.68
C ALA H 602 -39.29 -39.16 46.34
N GLY H 603 -40.26 -38.90 45.44
CA GLY H 603 -40.28 -39.47 44.11
C GLY H 603 -40.91 -40.87 44.10
N LYS H 604 -42.21 -40.92 44.46
CA LYS H 604 -43.02 -42.13 44.57
C LYS H 604 -42.32 -43.15 45.45
N PHE H 605 -42.27 -42.85 46.75
CA PHE H 605 -41.59 -43.63 47.77
C PHE H 605 -40.26 -44.19 47.26
N GLU H 606 -39.41 -43.29 46.74
CA GLU H 606 -38.10 -43.59 46.17
C GLU H 606 -38.15 -44.82 45.25
N ASP H 607 -38.82 -44.68 44.10
CA ASP H 607 -38.85 -45.75 43.12
C ASP H 607 -37.52 -45.83 42.36
N LYS H 608 -36.82 -44.68 42.30
CA LYS H 608 -35.52 -44.58 41.65
C LYS H 608 -34.48 -45.41 42.40
N LEU H 609 -34.62 -45.46 43.73
CA LEU H 609 -33.79 -46.27 44.60
C LEU H 609 -33.79 -47.71 44.11
N ILE H 610 -34.98 -48.25 43.85
CA ILE H 610 -35.08 -49.66 43.50
C ILE H 610 -34.83 -49.90 42.01
N GLN H 611 -35.05 -48.90 41.16
CA GLN H 611 -34.65 -49.06 39.75
C GLN H 611 -33.20 -49.55 39.71
N SER H 612 -32.36 -48.98 40.59
CA SER H 612 -30.96 -49.37 40.72
C SER H 612 -30.83 -50.82 41.20
N VAL H 613 -31.57 -51.19 42.25
CA VAL H 613 -31.48 -52.52 42.87
C VAL H 613 -31.99 -53.59 41.91
N MET H 614 -33.22 -53.38 41.40
CA MET H 614 -33.88 -54.25 40.43
C MET H 614 -32.97 -54.49 39.21
N GLY H 615 -32.17 -53.48 38.87
CA GLY H 615 -31.23 -53.55 37.77
C GLY H 615 -29.87 -54.11 38.18
N ALA H 616 -29.50 -53.94 39.46
CA ALA H 616 -28.22 -54.41 39.98
C ALA H 616 -28.18 -55.94 39.95
N ARG H 617 -27.39 -56.49 39.02
CA ARG H 617 -27.28 -57.93 38.83
C ARG H 617 -26.94 -58.60 40.15
N ASN H 618 -25.87 -58.11 40.78
CA ASN H 618 -25.38 -58.61 42.06
C ASN H 618 -25.89 -57.70 43.17
N PHE H 619 -26.25 -58.33 44.29
CA PHE H 619 -26.72 -57.64 45.48
C PHE H 619 -25.87 -58.07 46.68
N VAL H 620 -25.02 -57.16 47.14
CA VAL H 620 -24.32 -57.34 48.41
C VAL H 620 -25.21 -56.77 49.51
N LEU H 621 -25.46 -57.60 50.53
CA LEU H 621 -26.11 -57.18 51.75
C LEU H 621 -25.07 -57.18 52.87
N VAL H 622 -24.86 -56.00 53.47
CA VAL H 622 -23.96 -55.87 54.60
C VAL H 622 -24.75 -56.21 55.86
N LEU H 623 -24.41 -57.38 56.42
CA LEU H 623 -25.03 -57.86 57.64
C LEU H 623 -24.10 -57.62 58.82
N SER H 624 -24.26 -56.42 59.39
CA SER H 624 -23.71 -56.01 60.67
C SER H 624 -24.58 -56.60 61.79
N PRO H 625 -24.14 -56.57 63.07
CA PRO H 625 -24.99 -57.03 64.18
C PRO H 625 -26.32 -56.27 64.19
N GLY H 626 -27.37 -56.96 63.77
CA GLY H 626 -28.71 -56.39 63.68
C GLY H 626 -28.82 -55.31 62.61
N ALA H 627 -28.69 -55.72 61.34
CA ALA H 627 -28.81 -54.83 60.19
C ALA H 627 -30.22 -54.87 59.62
N LEU H 628 -31.11 -55.68 60.23
CA LEU H 628 -32.42 -55.97 59.68
C LEU H 628 -33.54 -55.46 60.60
N ASP H 629 -33.25 -54.42 61.39
CA ASP H 629 -34.14 -53.91 62.42
C ASP H 629 -35.43 -53.35 61.81
N LYS H 630 -35.28 -52.36 60.91
CA LYS H 630 -36.42 -51.69 60.29
C LYS H 630 -37.08 -52.61 59.27
N CYS H 631 -36.30 -53.56 58.72
CA CYS H 631 -36.79 -54.58 57.80
C CYS H 631 -37.72 -55.54 58.56
N MET H 632 -37.36 -55.85 59.81
CA MET H 632 -38.15 -56.71 60.68
C MET H 632 -39.58 -56.18 60.76
N GLN H 633 -40.50 -57.01 60.25
CA GLN H 633 -41.95 -56.79 60.23
C GLN H 633 -42.29 -55.45 59.55
N ASP H 634 -41.61 -55.15 58.43
CA ASP H 634 -41.90 -53.96 57.65
C ASP H 634 -42.93 -54.29 56.57
N HIS H 635 -44.20 -54.23 56.96
CA HIS H 635 -45.31 -54.69 56.15
C HIS H 635 -45.74 -53.61 55.15
N ASP H 636 -45.39 -52.36 55.43
CA ASP H 636 -45.64 -51.24 54.54
C ASP H 636 -44.58 -51.19 53.44
N CYS H 637 -43.53 -52.03 53.59
CA CYS H 637 -42.39 -52.09 52.68
C CYS H 637 -41.88 -50.67 52.43
N LYS H 638 -41.51 -49.98 53.53
CA LYS H 638 -41.15 -48.57 53.49
C LYS H 638 -39.67 -48.36 53.83
N ASP H 639 -39.11 -49.22 54.69
CA ASP H 639 -37.69 -49.21 54.99
C ASP H 639 -36.91 -49.62 53.73
N TRP H 640 -35.97 -48.75 53.30
CA TRP H 640 -35.19 -48.88 52.08
C TRP H 640 -34.45 -50.21 51.98
N VAL H 641 -33.93 -50.69 53.12
CA VAL H 641 -33.20 -51.95 53.19
C VAL H 641 -34.18 -53.08 52.89
N HIS H 642 -35.29 -53.12 53.64
CA HIS H 642 -36.36 -54.10 53.47
C HIS H 642 -36.77 -54.19 51.99
N LYS H 643 -37.31 -53.09 51.49
CA LYS H 643 -37.63 -52.80 50.10
C LYS H 643 -36.63 -53.45 49.14
N GLN H 644 -35.34 -53.09 49.26
CA GLN H 644 -34.29 -53.53 48.36
C GLN H 644 -34.18 -55.05 48.35
N ILE H 645 -34.10 -55.64 49.55
CA ILE H 645 -34.04 -57.09 49.75
C ILE H 645 -35.12 -57.75 48.89
N VAL H 646 -36.36 -57.28 49.07
CA VAL H 646 -37.57 -57.77 48.42
C VAL H 646 -37.39 -57.71 46.89
N THR H 647 -37.02 -56.52 46.39
CA THR H 647 -36.97 -56.22 44.95
C THR H 647 -35.86 -57.02 44.27
N ALA H 648 -34.74 -57.20 44.98
CA ALA H 648 -33.64 -58.06 44.54
C ALA H 648 -34.13 -59.50 44.42
N LEU H 649 -34.70 -60.03 45.51
CA LEU H 649 -35.32 -61.34 45.57
C LEU H 649 -36.34 -61.51 44.45
N SER H 650 -37.16 -60.47 44.24
CA SER H 650 -38.17 -60.41 43.18
C SER H 650 -37.53 -60.65 41.82
N CYS H 651 -36.45 -59.91 41.53
CA CYS H 651 -35.79 -59.94 40.25
C CYS H 651 -34.87 -61.15 40.13
N GLY H 652 -34.78 -61.94 41.21
CA GLY H 652 -33.91 -63.10 41.31
C GLY H 652 -32.44 -62.71 41.17
N LYS H 653 -32.00 -61.78 42.02
CA LYS H 653 -30.66 -61.22 41.92
C LYS H 653 -29.69 -61.99 42.81
N ASN H 654 -28.42 -61.98 42.40
CA ASN H 654 -27.33 -62.68 43.06
C ASN H 654 -27.04 -61.99 44.39
N ILE H 655 -27.55 -62.61 45.47
CA ILE H 655 -27.45 -62.03 46.81
C ILE H 655 -26.29 -62.68 47.55
N VAL H 656 -25.34 -61.84 47.96
CA VAL H 656 -24.18 -62.24 48.74
C VAL H 656 -24.18 -61.45 50.06
N PRO H 657 -24.69 -62.06 51.15
CA PRO H 657 -24.56 -61.47 52.49
C PRO H 657 -23.11 -61.45 52.96
N ILE H 658 -22.69 -60.31 53.54
CA ILE H 658 -21.35 -60.17 54.09
C ILE H 658 -21.46 -60.05 55.61
N ILE H 659 -20.85 -61.03 56.29
CA ILE H 659 -21.09 -61.31 57.69
C ILE H 659 -19.97 -60.70 58.52
N ASP H 660 -20.35 -59.71 59.35
CA ASP H 660 -19.45 -58.97 60.20
C ASP H 660 -20.18 -58.69 61.52
N GLY H 661 -20.40 -59.76 62.29
CA GLY H 661 -21.01 -59.68 63.61
C GLY H 661 -22.51 -60.01 63.60
N PHE H 662 -23.04 -60.39 62.43
CA PHE H 662 -24.46 -60.69 62.27
C PHE H 662 -24.81 -62.00 62.96
N GLU H 663 -25.81 -61.92 63.86
CA GLU H 663 -26.49 -63.08 64.41
C GLU H 663 -27.77 -63.30 63.61
N TRP H 664 -27.92 -64.52 63.08
CA TRP H 664 -29.00 -64.89 62.18
C TRP H 664 -30.32 -65.02 62.95
N PRO H 665 -31.37 -64.23 62.58
CA PRO H 665 -32.65 -64.28 63.29
C PRO H 665 -33.57 -65.40 62.81
N GLU H 666 -34.75 -65.47 63.41
CA GLU H 666 -35.85 -66.28 62.90
C GLU H 666 -36.38 -65.62 61.62
N PRO H 667 -36.57 -66.39 60.51
CA PRO H 667 -37.16 -65.85 59.29
C PRO H 667 -38.55 -65.25 59.53
N GLN H 668 -39.30 -65.82 60.48
CA GLN H 668 -40.64 -65.41 60.84
C GLN H 668 -40.68 -63.96 61.34
N VAL H 669 -39.56 -63.47 61.89
CA VAL H 669 -39.46 -62.10 62.38
C VAL H 669 -39.32 -61.13 61.20
N LEU H 670 -38.92 -61.64 60.03
CA LEU H 670 -38.91 -60.88 58.79
C LEU H 670 -40.24 -61.08 58.06
N PRO H 671 -40.70 -60.08 57.25
CA PRO H 671 -41.79 -60.31 56.30
C PRO H 671 -41.37 -61.36 55.28
N GLU H 672 -42.35 -62.16 54.85
CA GLU H 672 -42.18 -63.35 54.02
C GLU H 672 -41.43 -63.02 52.74
N ASP H 673 -41.71 -61.82 52.21
CA ASP H 673 -41.16 -61.29 50.97
C ASP H 673 -39.63 -61.18 51.01
N MET H 674 -39.06 -61.29 52.22
CA MET H 674 -37.63 -61.03 52.42
C MET H 674 -36.97 -62.08 53.32
N GLN H 675 -37.77 -63.04 53.84
CA GLN H 675 -37.31 -64.07 54.76
C GLN H 675 -36.19 -64.91 54.14
N ALA H 676 -36.30 -65.17 52.83
CA ALA H 676 -35.45 -66.08 52.09
C ALA H 676 -34.04 -65.53 51.90
N VAL H 677 -33.83 -64.24 52.23
CA VAL H 677 -32.52 -63.61 52.13
C VAL H 677 -31.55 -64.24 53.14
N LEU H 678 -32.09 -64.86 54.20
CA LEU H 678 -31.33 -65.57 55.22
C LEU H 678 -30.82 -66.90 54.67
N THR H 679 -31.35 -67.31 53.50
CA THR H 679 -31.07 -68.62 52.93
C THR H 679 -30.01 -68.50 51.83
N PHE H 680 -29.33 -67.34 51.79
CA PHE H 680 -28.17 -67.13 50.93
C PHE H 680 -26.90 -67.28 51.75
N ASN H 681 -25.95 -68.05 51.20
CA ASN H 681 -24.67 -68.35 51.83
C ASN H 681 -23.79 -67.10 51.81
N GLY H 682 -23.40 -66.66 53.01
CA GLY H 682 -22.68 -65.41 53.21
C GLY H 682 -21.18 -65.59 53.40
N ILE H 683 -20.44 -64.48 53.33
CA ILE H 683 -18.99 -64.49 53.46
C ILE H 683 -18.58 -63.71 54.71
N LYS H 684 -17.75 -64.37 55.54
CA LYS H 684 -17.16 -63.81 56.74
C LYS H 684 -16.23 -62.67 56.37
N TRP H 685 -16.54 -61.47 56.90
CA TRP H 685 -15.69 -60.30 56.72
C TRP H 685 -14.53 -60.34 57.72
N SER H 686 -13.33 -60.03 57.20
CA SER H 686 -12.14 -59.80 58.01
C SER H 686 -11.40 -58.57 57.47
N HIS H 687 -11.18 -57.60 58.36
CA HIS H 687 -10.41 -56.40 58.08
C HIS H 687 -8.93 -56.76 57.94
N GLU H 688 -8.52 -57.81 58.68
CA GLU H 688 -7.14 -58.26 58.79
C GLU H 688 -6.65 -58.82 57.45
N TYR H 689 -7.39 -59.77 56.88
CA TYR H 689 -7.12 -60.28 55.55
C TYR H 689 -8.18 -59.78 54.58
N GLN H 690 -8.24 -58.45 54.44
CA GLN H 690 -9.25 -57.73 53.67
C GLN H 690 -9.29 -58.24 52.23
N GLU H 691 -8.11 -58.29 51.59
CA GLU H 691 -7.96 -58.58 50.17
C GLU H 691 -8.43 -59.99 49.86
N ALA H 692 -8.08 -60.96 50.73
CA ALA H 692 -8.45 -62.35 50.60
C ALA H 692 -9.97 -62.50 50.61
N THR H 693 -10.61 -61.80 51.54
CA THR H 693 -12.06 -61.77 51.72
C THR H 693 -12.71 -61.22 50.44
N ILE H 694 -12.08 -60.19 49.87
CA ILE H 694 -12.55 -59.46 48.69
C ILE H 694 -12.61 -60.40 47.48
N GLU H 695 -11.56 -61.22 47.31
CA GLU H 695 -11.42 -62.15 46.20
C GLU H 695 -12.55 -63.18 46.22
N LYS H 696 -12.86 -63.67 47.43
CA LYS H 696 -13.93 -64.62 47.64
C LYS H 696 -15.28 -64.00 47.31
N ILE H 697 -15.48 -62.73 47.70
CA ILE H 697 -16.72 -62.01 47.47
C ILE H 697 -16.94 -61.85 45.96
N ILE H 698 -15.87 -61.47 45.25
CA ILE H 698 -15.84 -61.31 43.80
C ILE H 698 -16.22 -62.63 43.13
N ARG H 699 -15.71 -63.75 43.68
CA ARG H 699 -15.99 -65.10 43.20
C ARG H 699 -17.49 -65.40 43.25
N PHE H 700 -18.16 -64.85 44.28
CA PHE H 700 -19.56 -65.09 44.54
C PHE H 700 -20.43 -64.19 43.66
N LEU H 701 -19.84 -63.10 43.17
CA LEU H 701 -20.51 -62.17 42.27
C LEU H 701 -20.56 -62.76 40.86
N GLN H 702 -21.64 -62.42 40.14
CA GLN H 702 -21.97 -63.00 38.84
C GLN H 702 -22.20 -61.89 37.82
C12 S1N I . 51.35 -16.03 27.23
C1 S1N I . 51.18 -10.44 29.82
C2 S1N I . 49.75 -10.69 29.47
C3 S1N I . 48.57 -10.04 30.19
C4 S1N I . 48.70 -8.57 30.63
C5 S1N I . 47.91 -7.66 29.74
C8 S1N I . 49.42 -11.57 28.48
C9 S1N I . 50.41 -12.33 27.64
C10 S1N I . 50.24 -13.84 27.81
C11 S1N I . 51.57 -14.59 27.68
O6 S1N I . 48.05 -6.44 29.77
O13 S1N I . 52.29 -16.75 26.90
C12 S1N J . 35.26 12.29 19.64
C1 S1N J . 29.02 12.07 20.86
C2 S1N J . 29.31 13.00 19.75
C3 S1N J . 28.25 13.24 18.69
C4 S1N J . 27.14 14.21 19.15
C5 S1N J . 26.22 13.69 20.25
C8 S1N J . 30.52 13.58 19.64
C9 S1N J . 31.66 13.40 20.63
C10 S1N J . 32.79 12.56 20.00
C11 S1N J . 34.19 13.00 20.46
O13 S1N J . 36.28 12.88 19.29
C12 S1N K . 58.74 9.03 -10.42
C1 S1N K . 58.03 14.16 -7.08
C2 S1N K . 56.89 13.30 -6.61
C3 S1N K . 56.24 13.44 -5.24
C4 S1N K . 56.06 14.84 -4.65
C5 S1N K . 54.61 15.28 -4.74
C8 S1N K . 56.41 12.30 -7.40
C9 S1N K . 56.91 11.98 -8.79
C10 S1N K . 57.46 10.57 -8.87
C11 S1N K . 58.61 10.45 -9.89
O6 S1N K . 54.27 16.44 -4.53
O13 S1N K . 59.47 8.77 -11.37
C12 S1N L . 32.20 27.25 -1.52
C1 S1N L . 28.51 24.54 2.87
C2 S1N L . 27.71 25.43 2.01
C3 S1N L . 26.22 25.13 1.81
C4 S1N L . 25.35 25.56 3.00
C5 S1N L . 25.55 24.77 4.28
C8 S1N L . 28.28 26.46 1.35
C9 S1N L . 29.75 26.85 1.47
C10 S1N L . 30.50 26.51 0.17
C11 S1N L . 31.60 27.53 -0.16
O13 S1N L . 32.51 28.16 -2.26
C12 S1N M . 32.10 32.34 -39.48
C1 S1N M . 31.67 36.91 -35.38
C2 S1N M . 31.47 35.69 -34.54
C3 S1N M . 31.78 35.62 -33.05
C4 S1N M . 31.46 36.85 -32.18
C5 S1N M . 30.23 36.63 -31.35
C8 S1N M . 31.03 34.53 -35.10
C9 S1N M . 30.67 34.36 -36.57
C10 S1N M . 31.55 33.29 -37.23
C11 S1N M . 31.80 33.60 -38.70
O6 S1N M . 29.68 37.54 -30.75
O13 S1N M . 32.17 32.33 -40.71
C12 S1N N . 11.63 38.18 -13.68
C1 S1N N . 12.75 34.43 -8.67
C2 S1N N . 11.33 34.83 -8.73
C3 S1N N . 10.27 33.93 -8.12
C4 S1N N . 10.20 34.03 -6.58
C5 S1N N . 11.40 33.48 -5.82
C8 S1N N . 10.97 35.97 -9.35
C9 S1N N . 11.93 36.95 -10.01
C10 S1N N . 11.80 36.90 -11.54
C11 S1N N . 12.00 38.25 -12.21
O13 S1N N . 11.04 39.10 -14.24
C12 S1N O . -12.89 40.31 -43.00
C1 S1N O . -12.44 44.50 -38.51
C2 S1N O . -11.63 43.36 -37.98
C3 S1N O . -10.49 43.52 -36.97
C4 S1N O . -10.66 44.55 -35.85
C5 S1N O . -10.96 43.88 -34.52
C8 S1N O . -11.84 42.09 -38.42
C9 S1N O . -12.90 41.69 -39.43
C10 S1N O . -12.28 41.07 -40.67
C11 S1N O . -13.10 41.37 -41.94
O6 S1N O . -11.34 44.52 -33.55
O13 S1N O . -13.58 40.26 -44.01
C12 S1N P . -14.15 38.57 -9.67
C1 S1N P . -9.03 35.96 -6.99
C2 S1N P . -10.22 35.72 -6.15
C3 S1N P . -10.27 34.49 -5.26
C4 S1N P . -9.44 34.64 -3.97
C5 S1N P . -7.93 34.71 -4.16
C8 S1N P . -11.29 36.55 -6.22
C9 S1N P . -11.36 37.80 -7.08
C10 S1N P . -12.33 37.59 -8.26
C11 S1N P . -13.08 38.87 -8.63
O13 S1N P . -15.24 39.12 -9.63
C12 S1N Q . -49.85 28.19 -18.85
C1 S1N Q . -48.47 32.47 -14.64
C2 S1N Q . -47.15 31.82 -14.90
C3 S1N Q . -45.80 32.51 -14.70
C4 S1N Q . -45.64 33.45 -13.48
C5 S1N Q . -44.81 32.79 -12.40
C8 S1N Q . -47.08 30.55 -15.39
C9 S1N Q . -48.28 29.67 -15.68
C10 S1N Q . -48.34 29.29 -17.16
C11 S1N Q . -49.78 29.13 -17.65
O6 S1N Q . -44.75 33.27 -11.28
O13 S1N Q . -50.93 27.79 -19.29
C12 S1N R . -30.28 28.19 8.28
C1 S1N R . -24.06 28.22 6.92
C2 S1N R . -24.32 27.55 8.20
C3 S1N R . -23.37 26.48 8.70
C4 S1N R . -22.07 27.05 9.30
C5 S1N R . -21.13 27.74 8.31
C8 S1N R . -25.43 27.85 8.92
C9 S1N R . -26.46 28.89 8.53
C10 S1N R . -27.78 28.21 8.11
C11 S1N R . -29.02 29.01 8.50
O13 S1N R . -31.21 28.23 9.07
C12 S1N S . -57.24 3.15 18.82
C1 S1N S . -55.32 7.87 22.26
C2 S1N S . -54.29 7.82 21.18
C3 S1N S . -53.48 9.03 20.73
C4 S1N S . -53.00 10.02 21.79
C5 S1N S . -51.51 9.86 22.07
C8 S1N S . -54.08 6.67 20.48
C9 S1N S . -54.78 5.36 20.75
C10 S1N S . -55.56 4.89 19.53
C11 S1N S . -56.82 4.10 19.92
O6 S1N S . -50.97 10.39 23.02
O13 S1N S . -58.11 2.30 18.99
C12 S1N T . -27.22 13.22 29.43
C1 S1N T . -23.55 15.75 24.91
C2 S1N T . -22.72 15.13 25.95
C3 S1N T . -21.35 14.59 25.58
C4 S1N T . -20.28 15.70 25.45
C5 S1N T . -20.46 16.65 24.28
C8 S1N T . -23.19 14.96 27.21
C9 S1N T . -24.54 15.45 27.69
C10 S1N T . -25.49 14.25 27.94
C11 S1N T . -26.44 14.49 29.11
O13 S1N T . -27.47 12.90 30.58
C12 S1N U . -30.61 -20.17 47.87
C1 S1N U . -28.97 -14.88 50.57
C2 S1N U . -28.88 -14.56 49.10
C3 S1N U . -29.01 -13.15 48.54
C4 S1N U . -28.40 -11.98 49.33
C5 S1N U . -27.14 -11.49 48.68
C8 S1N U . -28.69 -15.55 48.19
C9 S1N U . -28.54 -17.01 48.52
C10 S1N U . -29.65 -17.85 47.87
C11 S1N U . -30.02 -19.06 48.73
O6 S1N U . -26.38 -10.72 49.25
O13 S1N U . -30.81 -21.30 48.32
C12 S1N V . -6.65 2.31 41.60
C1 S1N V . -7.79 5.86 36.44
C2 S1N V . -6.34 5.71 36.67
C3 S1N V . -5.39 5.79 35.50
C4 S1N V . -5.12 7.23 35.03
C5 S1N V . -6.31 7.94 34.38
C8 S1N V . -5.87 5.46 37.91
C9 S1N V . -6.73 5.34 39.16
C10 S1N V . -6.79 3.88 39.64
C11 S1N V . -6.83 3.76 41.18
O13 S1N V . -5.99 2.01 42.59
C12 S1N W . 14.39 -28.13 51.40
C1 S1N W . 15.15 -22.46 53.70
C2 S1N W . 14.23 -22.23 52.54
C3 S1N W . 13.26 -21.05 52.46
C4 S1N W . 13.72 -19.69 52.99
C5 S1N W . 14.06 -18.74 51.85
C8 S1N W . 14.18 -23.11 51.51
C9 S1N W . 15.04 -24.35 51.39
C10 S1N W . 14.18 -25.61 51.33
C11 S1N W . 14.90 -26.81 51.97
O6 S1N W . 14.64 -17.69 52.05
O13 S1N W . 14.94 -29.19 51.64
C12 S1N X . 19.12 1.90 37.58
C1 S1N X . 13.98 4.34 34.77
C2 S1N X . 15.21 4.83 34.11
C3 S1N X . 15.16 5.23 32.65
C4 S1N X . 14.52 6.62 32.41
C5 S1N X . 13.03 6.71 32.71
C8 S1N X . 16.38 4.88 34.77
C9 S1N X . 16.56 4.50 36.24
C10 S1N X . 17.34 3.18 36.37
C11 S1N X . 18.25 3.14 37.60
O13 S1N X . 20.28 1.95 37.96
#